data_6SFX
#
_entry.id   6SFX
#
_cell.length_a   1.00
_cell.length_b   1.00
_cell.length_c   1.00
_cell.angle_alpha   90.00
_cell.angle_beta   90.00
_cell.angle_gamma   90.00
#
_symmetry.space_group_name_H-M   'P 1'
#
loop_
_entity.id
_entity.type
_entity.pdbx_description
1 polymer 'ATP-dependent Clp protease proteolytic subunit'
2 polymer 'ATP-dependent Clp protease proteolytic subunit'
#
loop_
_entity_poly.entity_id
_entity_poly.type
_entity_poly.pdbx_seq_one_letter_code
_entity_poly.pdbx_strand_id
1 'polypeptide(L)'
;MTENTKNENITNILTQKLIDTRTVLIYGEINQELAEDVSKQLLLLESISNDPITIFINSQGGHVEAGDTIHDMIKFIKPT
VKVVGTGWVAAAGITIYLAAEKENRFSLPNTRYMIHQPAGGVQGQSTEIEIEAKEIIRMRERINRLIAEATGQSYEQISK
DTDRNFWLSVNEAKDYGIVNEIIENRDGLK
;
A,B,C,D,E,F,G
2 'polypeptide(L)'
;MNLIPTVIEQTSRGERAYDIYSRLLKDRIIMLGSAIDDNVANSIVSQLLFLDAQDPEKDIFLYINSPGGSISAGMAIYDT
MNFVKADVQTIGMGMAAAMGSFLLTAGANGKRFALPNAEIMIHQPLGGAQGQATEIEIAARHILKIKERMNTIMAEKTGQ
PYEVIARDTDRDNFMTAQEAKDYGLIDDIIINKSGLKG
;
H,I,J,K,L,M,N
#
# COMPACT_ATOMS: atom_id res chain seq x y z
N ILE A 10 8.61 -45.42 -0.49
CA ILE A 10 9.95 -45.98 -0.24
C ILE A 10 10.95 -44.83 -0.06
N THR A 11 10.60 -43.65 -0.58
CA THR A 11 11.44 -42.46 -0.36
C THR A 11 11.63 -42.18 1.13
N ASN A 12 10.70 -42.64 1.97
CA ASN A 12 10.89 -42.59 3.41
C ASN A 12 12.05 -43.47 3.83
N ILE A 13 12.11 -44.69 3.30
CA ILE A 13 13.28 -45.53 3.50
C ILE A 13 14.51 -44.84 2.92
N LEU A 14 14.34 -44.13 1.80
CA LEU A 14 15.45 -43.37 1.25
C LEU A 14 15.74 -42.14 2.10
N THR A 15 14.71 -41.51 2.65
CA THR A 15 14.95 -40.42 3.59
C THR A 15 15.56 -40.94 4.87
N GLN A 16 15.28 -42.20 5.22
CA GLN A 16 16.00 -42.86 6.30
C GLN A 16 17.43 -43.20 5.88
N LYS A 17 17.66 -43.32 4.57
CA LYS A 17 19.03 -43.53 4.08
C LYS A 17 19.86 -42.26 4.15
N LEU A 18 19.22 -41.10 4.27
CA LEU A 18 19.99 -39.90 4.54
C LEU A 18 20.52 -39.90 5.95
N ILE A 19 19.72 -40.42 6.88
CA ILE A 19 20.19 -40.62 8.24
C ILE A 19 21.34 -41.61 8.26
N ASP A 20 21.31 -42.61 7.39
CA ASP A 20 22.42 -43.55 7.28
C ASP A 20 23.71 -42.83 6.94
N THR A 21 23.62 -41.73 6.20
CA THR A 21 24.80 -40.93 5.89
C THR A 21 25.24 -40.13 7.09
N ARG A 22 24.30 -39.81 7.99
CA ARG A 22 24.53 -38.89 9.09
C ARG A 22 24.86 -37.48 8.60
N THR A 23 24.41 -37.19 7.39
CA THR A 23 24.45 -35.84 6.85
C THR A 23 23.54 -34.92 7.64
N VAL A 24 23.99 -33.69 7.82
CA VAL A 24 23.13 -32.60 8.25
C VAL A 24 23.49 -31.36 7.45
N LEU A 25 22.47 -30.59 7.08
CA LEU A 25 22.62 -29.40 6.26
C LEU A 25 22.07 -28.22 7.05
N ILE A 26 22.85 -27.15 7.09
CA ILE A 26 22.37 -25.85 7.53
C ILE A 26 22.57 -24.90 6.38
N TYR A 27 21.54 -24.76 5.57
CA TYR A 27 21.55 -23.92 4.39
C TYR A 27 20.65 -22.73 4.63
N GLY A 28 21.24 -21.58 4.89
CA GLY A 28 20.54 -20.32 4.92
C GLY A 28 20.48 -19.68 6.27
N GLU A 29 19.39 -18.96 6.48
CA GLU A 29 19.25 -18.07 7.62
C GLU A 29 19.23 -18.88 8.90
N ILE A 30 20.10 -18.50 9.83
CA ILE A 30 20.03 -19.04 11.18
C ILE A 30 18.88 -18.34 11.90
N ASN A 31 17.77 -19.05 12.03
CA ASN A 31 16.63 -18.51 12.73
C ASN A 31 15.83 -19.66 13.31
N GLN A 32 14.97 -19.30 14.26
CA GLN A 32 14.32 -20.27 15.12
C GLN A 32 13.29 -21.12 14.38
N GLU A 33 13.06 -20.87 13.09
CA GLU A 33 12.34 -21.84 12.27
C GLU A 33 13.22 -23.01 11.93
N LEU A 34 14.54 -22.82 12.00
CA LEU A 34 15.49 -23.80 11.50
C LEU A 34 16.19 -24.54 12.61
N ALA A 35 16.47 -23.86 13.71
CA ALA A 35 17.05 -24.52 14.87
C ALA A 35 16.22 -25.73 15.27
N GLU A 36 14.90 -25.56 15.31
CA GLU A 36 14.03 -26.66 15.66
C GLU A 36 14.03 -27.73 14.57
N ASP A 37 14.36 -27.34 13.34
CA ASP A 37 14.47 -28.32 12.27
C ASP A 37 15.80 -29.05 12.33
N VAL A 38 16.79 -28.45 12.99
CA VAL A 38 18.12 -29.02 13.07
C VAL A 38 18.32 -29.73 14.38
N SER A 39 18.08 -29.02 15.48
CA SER A 39 18.24 -29.61 16.80
C SER A 39 17.43 -30.90 16.92
N LYS A 40 16.29 -30.96 16.25
CA LYS A 40 15.60 -32.23 16.06
C LYS A 40 16.51 -33.22 15.34
N GLN A 41 16.99 -32.85 14.15
CA GLN A 41 17.86 -33.72 13.36
C GLN A 41 19.06 -34.18 14.16
N LEU A 42 19.63 -33.30 14.95
CA LEU A 42 20.80 -33.66 15.72
C LEU A 42 20.45 -34.69 16.78
N LEU A 43 19.38 -34.45 17.52
CA LEU A 43 19.00 -35.36 18.57
C LEU A 43 18.67 -36.73 18.01
N LEU A 44 18.24 -36.78 16.75
CA LEU A 44 18.06 -38.06 16.11
C LEU A 44 19.38 -38.80 16.04
N LEU A 45 20.39 -38.16 15.45
CA LEU A 45 21.69 -38.80 15.29
C LEU A 45 22.40 -38.94 16.62
N GLU A 46 21.91 -38.27 17.66
CA GLU A 46 22.36 -38.56 19.00
C GLU A 46 21.81 -39.90 19.47
N SER A 47 20.51 -40.10 19.29
CA SER A 47 19.86 -41.35 19.70
C SER A 47 20.42 -42.56 19.00
N ILE A 48 21.04 -42.41 17.84
CA ILE A 48 21.57 -43.54 17.10
C ILE A 48 22.88 -44.00 17.72
N SER A 49 23.90 -43.15 17.67
CA SER A 49 25.25 -43.63 17.86
C SER A 49 26.17 -42.46 18.17
N ASN A 50 27.47 -42.75 18.12
CA ASN A 50 28.53 -41.79 18.36
C ASN A 50 29.42 -41.56 17.14
N ASP A 51 29.15 -42.22 16.03
CA ASP A 51 29.93 -42.01 14.83
C ASP A 51 29.66 -40.60 14.30
N PRO A 52 30.55 -40.06 13.45
CA PRO A 52 30.56 -38.62 13.26
C PRO A 52 29.35 -38.07 12.56
N ILE A 53 28.59 -37.22 13.25
CA ILE A 53 27.69 -36.33 12.57
C ILE A 53 28.51 -35.53 11.57
N THR A 54 27.90 -35.21 10.44
CA THR A 54 28.57 -34.46 9.38
C THR A 54 27.67 -33.28 8.99
N ILE A 55 28.01 -32.10 9.49
CA ILE A 55 27.27 -30.88 9.19
C ILE A 55 27.91 -30.22 7.99
N PHE A 56 27.07 -29.81 7.06
CA PHE A 56 27.45 -28.93 5.98
C PHE A 56 26.90 -27.55 6.29
N ILE A 57 27.50 -26.52 5.69
CA ILE A 57 26.99 -25.16 5.85
C ILE A 57 27.15 -24.39 4.54
N ASN A 58 26.12 -23.63 4.24
CA ASN A 58 26.23 -22.41 3.44
C ASN A 58 25.23 -21.43 4.05
N SER A 59 25.70 -20.63 5.00
CA SER A 59 24.84 -19.78 5.79
C SER A 59 25.28 -18.32 5.80
N GLN A 60 24.35 -17.43 5.48
CA GLN A 60 24.60 -16.00 5.48
C GLN A 60 24.35 -15.38 6.85
N GLY A 61 24.22 -16.21 7.88
CA GLY A 61 23.99 -15.68 9.21
C GLY A 61 22.53 -15.34 9.43
N GLY A 62 22.22 -15.00 10.66
CA GLY A 62 20.90 -14.62 11.06
C GLY A 62 20.90 -14.27 12.53
N HIS A 63 19.79 -14.57 13.18
CA HIS A 63 19.66 -14.29 14.60
C HIS A 63 20.71 -15.10 15.34
N VAL A 64 21.75 -14.42 15.81
CA VAL A 64 22.89 -15.10 16.40
C VAL A 64 22.48 -15.84 17.65
N GLU A 65 21.76 -15.17 18.54
CA GLU A 65 21.59 -15.64 19.91
C GLU A 65 20.86 -16.98 19.99
N ALA A 66 20.21 -17.42 18.90
CA ALA A 66 19.66 -18.76 18.83
C ALA A 66 20.57 -19.65 18.01
N GLY A 67 21.32 -19.05 17.09
CA GLY A 67 22.42 -19.76 16.45
C GLY A 67 23.37 -20.38 17.45
N ASP A 68 23.56 -19.74 18.60
CA ASP A 68 24.44 -20.31 19.59
C ASP A 68 23.86 -21.55 20.26
N THR A 69 22.55 -21.76 20.18
CA THR A 69 22.01 -23.01 20.71
C THR A 69 22.54 -24.18 19.93
N ILE A 70 22.73 -23.99 18.63
CA ILE A 70 23.39 -25.00 17.84
C ILE A 70 24.80 -25.22 18.34
N HIS A 71 25.55 -24.13 18.50
CA HIS A 71 26.90 -24.19 19.05
C HIS A 71 26.88 -24.87 20.41
N ASP A 72 25.88 -24.57 21.21
CA ASP A 72 25.72 -25.21 22.50
C ASP A 72 25.53 -26.70 22.36
N MET A 73 24.78 -27.11 21.33
CA MET A 73 24.34 -28.50 21.25
C MET A 73 25.46 -29.39 20.73
N ILE A 74 26.30 -28.85 19.85
CA ILE A 74 27.52 -29.51 19.46
C ILE A 74 28.30 -29.95 20.69
N LYS A 75 28.53 -29.03 21.62
CA LYS A 75 29.14 -29.41 22.88
C LYS A 75 28.31 -30.43 23.61
N PHE A 76 27.00 -30.26 23.57
CA PHE A 76 26.09 -31.10 24.31
C PHE A 76 26.20 -32.56 23.89
N ILE A 77 26.19 -32.82 22.60
CA ILE A 77 26.01 -34.18 22.13
C ILE A 77 27.33 -34.91 22.10
N LYS A 78 27.24 -36.23 22.16
CA LYS A 78 28.35 -37.15 22.29
C LYS A 78 29.24 -37.17 21.05
N PRO A 79 28.71 -37.40 19.86
CA PRO A 79 29.56 -37.81 18.73
C PRO A 79 30.60 -36.76 18.34
N THR A 80 31.62 -37.25 17.64
CA THR A 80 32.49 -36.35 16.89
C THR A 80 31.66 -35.66 15.83
N VAL A 81 32.13 -34.51 15.38
CA VAL A 81 31.43 -33.81 14.30
C VAL A 81 32.41 -33.23 13.30
N LYS A 82 32.56 -33.90 12.18
CA LYS A 82 33.12 -33.24 11.02
C LYS A 82 32.16 -32.14 10.59
N VAL A 83 32.70 -30.97 10.30
CA VAL A 83 31.91 -29.82 9.88
C VAL A 83 32.58 -29.17 8.69
N VAL A 84 31.75 -28.63 7.83
CA VAL A 84 32.15 -28.29 6.49
C VAL A 84 31.52 -26.96 6.13
N GLY A 85 32.36 -25.92 6.08
CA GLY A 85 31.90 -24.63 5.65
C GLY A 85 32.06 -24.51 4.16
N THR A 86 30.96 -24.25 3.46
CA THR A 86 30.88 -24.43 2.02
C THR A 86 30.33 -23.18 1.39
N GLY A 87 31.12 -22.53 0.55
CA GLY A 87 30.68 -21.34 -0.13
C GLY A 87 30.66 -20.09 0.73
N TRP A 88 30.05 -20.16 1.91
CA TRP A 88 29.81 -18.95 2.68
C TRP A 88 29.43 -19.29 4.10
N VAL A 89 29.92 -18.50 5.05
CA VAL A 89 29.50 -18.54 6.43
C VAL A 89 29.42 -17.10 6.91
N ALA A 90 28.79 -16.89 8.06
CA ALA A 90 28.67 -15.56 8.64
C ALA A 90 28.75 -15.65 10.15
N ALA A 91 28.45 -14.54 10.81
CA ALA A 91 28.56 -14.39 12.26
C ALA A 91 27.80 -15.46 13.00
N ALA A 92 26.50 -15.54 12.76
CA ALA A 92 25.69 -16.56 13.40
C ALA A 92 26.04 -17.95 12.91
N GLY A 93 26.67 -18.06 11.74
CA GLY A 93 26.99 -19.34 11.16
C GLY A 93 28.36 -19.83 11.53
N ILE A 94 29.29 -18.89 11.73
CA ILE A 94 30.67 -19.27 11.94
C ILE A 94 30.88 -19.71 13.36
N THR A 95 30.14 -19.13 14.31
CA THR A 95 30.18 -19.59 15.69
C THR A 95 29.77 -21.05 15.77
N ILE A 96 28.87 -21.47 14.89
CA ILE A 96 28.46 -22.86 14.84
C ILE A 96 29.58 -23.71 14.27
N TYR A 97 30.14 -23.28 13.15
CA TYR A 97 31.33 -23.92 12.61
C TYR A 97 32.41 -24.02 13.65
N LEU A 98 32.75 -22.90 14.27
CA LEU A 98 33.74 -22.89 15.34
C LEU A 98 33.20 -23.41 16.67
N ALA A 99 31.98 -23.92 16.70
CA ALA A 99 31.57 -24.75 17.81
C ALA A 99 32.26 -26.11 17.75
N ALA A 100 32.90 -26.43 16.63
CA ALA A 100 33.62 -27.68 16.48
C ALA A 100 35.06 -27.52 16.92
N GLU A 101 35.69 -28.64 17.26
CA GLU A 101 37.12 -28.65 17.46
C GLU A 101 37.81 -28.54 16.12
N LYS A 102 38.86 -27.73 16.09
CA LYS A 102 39.57 -27.37 14.85
C LYS A 102 39.84 -28.57 13.98
N GLU A 103 40.33 -29.65 14.58
CA GLU A 103 40.74 -30.84 13.87
C GLU A 103 39.61 -31.41 13.01
N ASN A 104 38.37 -31.21 13.45
CA ASN A 104 37.21 -31.62 12.71
C ASN A 104 36.70 -30.57 11.73
N ARG A 105 37.28 -29.38 11.71
CA ARG A 105 36.71 -28.25 10.99
C ARG A 105 37.33 -28.16 9.60
N PHE A 106 36.64 -28.74 8.65
CA PHE A 106 37.03 -28.74 7.25
C PHE A 106 36.18 -27.76 6.47
N SER A 107 36.51 -27.59 5.20
CA SER A 107 35.85 -26.62 4.36
C SER A 107 36.37 -26.73 2.94
N LEU A 108 35.85 -25.87 2.08
CA LEU A 108 36.05 -25.98 0.65
C LEU A 108 36.98 -24.88 0.12
N PRO A 109 37.55 -25.07 -1.07
CA PRO A 109 38.49 -24.08 -1.61
C PRO A 109 37.86 -22.75 -1.92
N ASN A 110 36.62 -22.76 -2.38
CA ASN A 110 35.99 -21.58 -2.95
C ASN A 110 35.25 -20.73 -1.93
N THR A 111 34.98 -21.27 -0.75
CA THR A 111 34.27 -20.54 0.27
C THR A 111 34.95 -19.22 0.59
N ARG A 112 34.14 -18.23 0.94
CA ARG A 112 34.62 -17.01 1.58
C ARG A 112 33.91 -16.86 2.91
N TYR A 113 34.65 -17.00 3.98
CA TYR A 113 34.10 -16.80 5.30
C TYR A 113 33.99 -15.32 5.59
N MET A 114 33.13 -15.00 6.55
CA MET A 114 33.03 -13.66 7.07
C MET A 114 32.74 -13.76 8.54
N ILE A 115 33.39 -12.89 9.29
CA ILE A 115 32.98 -12.59 10.65
C ILE A 115 32.69 -11.10 10.73
N HIS A 116 31.66 -10.77 11.50
CA HIS A 116 31.42 -9.40 11.88
C HIS A 116 30.83 -9.42 13.28
N GLN A 117 30.83 -8.26 13.88
CA GLN A 117 30.28 -8.13 15.22
C GLN A 117 28.80 -8.38 15.20
N PRO A 118 28.18 -8.40 16.35
CA PRO A 118 26.72 -8.44 16.39
C PRO A 118 26.07 -7.20 15.83
N ALA A 119 24.75 -7.18 15.92
CA ALA A 119 23.94 -6.06 15.46
C ALA A 119 22.76 -5.94 16.41
N GLY A 120 22.28 -4.72 16.55
CA GLY A 120 21.19 -4.45 17.46
C GLY A 120 20.16 -3.54 16.83
N GLY A 121 18.98 -3.53 17.43
CA GLY A 121 17.85 -2.79 16.90
C GLY A 121 17.07 -2.12 18.01
N VAL A 122 17.76 -1.70 19.05
CA VAL A 122 17.09 -1.17 20.24
C VAL A 122 16.34 0.11 19.93
N GLN A 123 15.30 0.36 20.71
CA GLN A 123 14.53 1.59 20.68
C GLN A 123 14.11 1.92 22.09
N GLY A 124 13.56 3.12 22.25
CA GLY A 124 12.87 3.48 23.47
C GLY A 124 13.64 4.44 24.34
N GLN A 125 13.50 4.25 25.64
CA GLN A 125 14.12 5.14 26.61
C GLN A 125 15.64 5.04 26.56
N SER A 126 16.30 6.13 26.93
CA SER A 126 17.74 6.14 27.05
C SER A 126 18.24 4.99 27.89
N THR A 127 17.67 4.83 29.09
CA THR A 127 18.14 3.81 30.00
C THR A 127 17.96 2.42 29.40
N GLU A 128 16.80 2.20 28.78
CA GLU A 128 16.52 0.89 28.22
C GLU A 128 17.36 0.63 26.99
N ILE A 129 17.97 1.67 26.42
CA ILE A 129 18.93 1.44 25.34
C ILE A 129 20.27 0.99 25.92
N GLU A 130 20.65 1.56 27.06
CA GLU A 130 21.92 1.21 27.66
C GLU A 130 21.90 -0.22 28.16
N ILE A 131 20.76 -0.63 28.72
CA ILE A 131 20.59 -2.01 29.19
C ILE A 131 20.88 -2.98 28.06
N GLU A 132 20.09 -2.90 26.99
CA GLU A 132 20.27 -3.79 25.87
C GLU A 132 21.49 -3.45 25.04
N ALA A 133 22.15 -2.33 25.32
CA ALA A 133 23.49 -2.10 24.80
C ALA A 133 24.55 -2.61 25.76
N LYS A 134 24.20 -2.79 27.02
CA LYS A 134 25.18 -3.27 27.99
C LYS A 134 25.54 -4.73 27.72
N GLU A 135 24.59 -5.48 27.17
CA GLU A 135 24.75 -6.93 27.10
C GLU A 135 25.25 -7.35 25.73
N ILE A 136 24.78 -6.68 24.68
CA ILE A 136 25.34 -6.86 23.34
C ILE A 136 26.84 -6.59 23.37
N ILE A 137 27.27 -5.67 24.21
CA ILE A 137 28.69 -5.50 24.49
C ILE A 137 29.29 -6.83 24.95
N ARG A 138 28.73 -7.39 26.02
CA ARG A 138 29.20 -8.69 26.50
C ARG A 138 29.07 -9.72 25.41
N MET A 139 28.02 -9.65 24.62
CA MET A 139 27.89 -10.52 23.47
C MET A 139 29.00 -10.25 22.47
N ARG A 140 29.35 -8.98 22.29
CA ARG A 140 30.41 -8.64 21.37
C ARG A 140 31.74 -9.17 21.87
N GLU A 141 31.88 -9.27 23.18
CA GLU A 141 33.02 -9.95 23.77
C GLU A 141 32.86 -11.45 23.64
N ARG A 142 31.74 -11.96 24.13
CA ARG A 142 31.54 -13.37 24.34
C ARG A 142 31.74 -14.16 23.06
N ILE A 143 31.12 -13.72 21.97
CA ILE A 143 31.28 -14.41 20.70
C ILE A 143 32.72 -14.33 20.25
N ASN A 144 33.35 -13.17 20.42
CA ASN A 144 34.73 -13.03 20.00
C ASN A 144 35.65 -13.89 20.85
N ARG A 145 35.25 -14.20 22.08
CA ARG A 145 35.99 -15.19 22.85
C ARG A 145 35.93 -16.54 22.17
N LEU A 146 34.71 -16.99 21.87
CA LEU A 146 34.48 -18.33 21.34
C LEU A 146 35.21 -18.52 20.02
N ILE A 147 35.20 -17.49 19.18
CA ILE A 147 35.95 -17.56 17.94
C ILE A 147 37.43 -17.62 18.22
N ALA A 148 37.90 -16.74 19.10
CA ALA A 148 39.32 -16.61 19.35
C ALA A 148 39.88 -17.88 19.94
N GLU A 149 39.21 -18.42 20.93
CA GLU A 149 39.71 -19.61 21.60
C GLU A 149 39.72 -20.80 20.65
N ALA A 150 38.79 -20.82 19.70
CA ALA A 150 38.57 -22.04 18.92
C ALA A 150 39.38 -22.05 17.65
N THR A 151 39.79 -20.86 17.18
CA THR A 151 40.76 -20.77 16.10
C THR A 151 42.18 -20.54 16.60
N GLY A 152 42.37 -20.50 17.91
CA GLY A 152 43.70 -20.38 18.48
C GLY A 152 44.29 -19.03 18.15
N GLN A 153 43.73 -17.98 18.74
CA GLN A 153 44.10 -16.64 18.36
C GLN A 153 43.67 -15.70 19.47
N SER A 154 44.18 -14.47 19.40
CA SER A 154 43.97 -13.51 20.48
C SER A 154 42.56 -12.95 20.42
N TYR A 155 41.97 -12.78 21.61
CA TYR A 155 40.70 -12.08 21.71
C TYR A 155 40.79 -10.71 21.06
N GLU A 156 41.90 -10.02 21.29
CA GLU A 156 42.11 -8.71 20.68
C GLU A 156 42.08 -8.80 19.17
N GLN A 157 42.94 -9.66 18.60
CA GLN A 157 43.13 -9.71 17.16
C GLN A 157 41.83 -10.04 16.44
N ILE A 158 40.96 -10.77 17.12
CA ILE A 158 39.62 -11.01 16.59
C ILE A 158 38.79 -9.76 16.75
N SER A 159 38.82 -9.16 17.94
CA SER A 159 38.02 -7.98 18.21
C SER A 159 38.38 -6.84 17.28
N LYS A 160 39.67 -6.63 17.04
CA LYS A 160 40.12 -5.52 16.23
C LYS A 160 39.67 -5.69 14.78
N ASP A 161 39.87 -6.86 14.21
CA ASP A 161 39.50 -7.07 12.82
C ASP A 161 37.99 -6.99 12.65
N THR A 162 37.25 -7.44 13.66
CA THR A 162 35.80 -7.43 13.61
C THR A 162 35.21 -6.04 13.74
N ASP A 163 36.03 -4.99 13.84
CA ASP A 163 35.52 -3.62 13.75
C ASP A 163 34.63 -3.42 12.53
N ARG A 164 34.89 -4.15 11.46
CA ARG A 164 34.07 -4.11 10.27
C ARG A 164 33.83 -5.56 9.84
N ASN A 165 33.22 -5.72 8.68
CA ASN A 165 32.97 -7.03 8.11
C ASN A 165 34.28 -7.61 7.61
N PHE A 166 35.16 -8.01 8.53
CA PHE A 166 36.43 -8.59 8.13
C PHE A 166 36.15 -9.89 7.41
N TRP A 167 36.39 -9.89 6.11
CA TRP A 167 36.16 -11.08 5.31
C TRP A 167 37.38 -11.98 5.31
N LEU A 168 37.17 -13.20 4.85
CA LEU A 168 38.22 -14.18 4.70
C LEU A 168 37.97 -15.02 3.47
N SER A 169 39.05 -15.35 2.79
CA SER A 169 39.03 -16.51 1.93
C SER A 169 39.17 -17.75 2.79
N VAL A 170 39.46 -18.86 2.14
CA VAL A 170 39.64 -20.10 2.88
C VAL A 170 41.02 -20.16 3.52
N ASN A 171 42.04 -19.69 2.82
CA ASN A 171 43.41 -19.89 3.28
C ASN A 171 43.67 -19.08 4.53
N GLU A 172 43.20 -17.84 4.54
CA GLU A 172 43.29 -17.01 5.73
C GLU A 172 42.59 -17.66 6.90
N ALA A 173 41.53 -18.43 6.62
CA ALA A 173 40.85 -19.14 7.68
C ALA A 173 41.71 -20.29 8.19
N LYS A 174 42.54 -20.86 7.31
CA LYS A 174 43.50 -21.85 7.77
C LYS A 174 44.72 -21.19 8.38
N ASP A 175 45.08 -20.01 7.88
CA ASP A 175 46.11 -19.22 8.56
C ASP A 175 45.62 -18.80 9.94
N TYR A 176 44.38 -18.33 10.02
CA TYR A 176 43.75 -18.10 11.30
C TYR A 176 43.56 -19.39 12.09
N GLY A 177 43.53 -20.52 11.41
CA GLY A 177 43.27 -21.79 12.06
C GLY A 177 41.81 -22.09 12.22
N ILE A 178 40.93 -21.25 11.67
CA ILE A 178 39.52 -21.58 11.58
C ILE A 178 39.33 -22.94 10.91
N VAL A 179 40.21 -23.26 9.98
CA VAL A 179 40.13 -24.50 9.21
C VAL A 179 41.25 -25.45 9.60
N ASN A 180 40.99 -26.74 9.43
CA ASN A 180 41.99 -27.79 9.47
C ASN A 180 42.38 -28.30 8.11
N GLU A 181 41.46 -28.28 7.15
CA GLU A 181 41.77 -28.81 5.83
C GLU A 181 40.81 -28.23 4.81
N ILE A 182 41.31 -27.96 3.62
CA ILE A 182 40.39 -27.44 2.57
C ILE A 182 39.87 -28.65 1.81
N ILE A 183 39.20 -29.54 2.52
CA ILE A 183 38.61 -30.75 1.91
C ILE A 183 38.18 -30.41 0.50
N GLU A 184 38.80 -31.04 -0.50
CA GLU A 184 38.30 -30.73 -1.86
C GLU A 184 37.54 -31.93 -2.44
N ASN A 185 37.82 -33.15 -1.95
CA ASN A 185 37.12 -34.36 -2.46
C ASN A 185 36.62 -35.15 -1.26
N ARG A 186 35.72 -36.11 -1.49
CA ARG A 186 35.26 -36.99 -0.37
C ARG A 186 36.42 -37.86 0.09
N ASP A 187 37.59 -37.71 -0.57
CA ASP A 187 38.70 -38.69 -0.44
C ASP A 187 39.51 -38.37 0.81
N ILE B 10 8.19 -44.32 6.92
CA ILE B 10 9.42 -44.53 7.72
C ILE B 10 9.92 -43.18 8.22
N THR B 11 9.66 -42.11 7.45
CA THR B 11 9.98 -40.76 7.89
C THR B 11 9.34 -40.43 9.22
N ASN B 12 8.16 -40.99 9.47
CA ASN B 12 7.39 -40.62 10.66
C ASN B 12 7.76 -41.50 11.85
N ILE B 13 8.19 -42.74 11.62
CA ILE B 13 8.64 -43.54 12.75
C ILE B 13 10.03 -43.10 13.19
N LEU B 14 10.86 -42.64 12.25
CA LEU B 14 12.10 -41.98 12.65
C LEU B 14 11.80 -40.68 13.38
N THR B 15 10.78 -39.94 12.93
CA THR B 15 10.29 -38.80 13.70
C THR B 15 9.84 -39.23 15.08
N GLN B 16 9.34 -40.46 15.19
CA GLN B 16 8.94 -41.00 16.48
C GLN B 16 10.15 -41.22 17.38
N LYS B 17 11.29 -41.56 16.80
CA LYS B 17 12.48 -41.86 17.60
C LYS B 17 12.90 -40.66 18.43
N LEU B 18 12.67 -39.46 17.91
CA LEU B 18 12.79 -38.28 18.75
C LEU B 18 11.89 -38.41 19.96
N ILE B 19 10.68 -38.90 19.75
CA ILE B 19 9.71 -39.03 20.83
C ILE B 19 10.08 -40.20 21.72
N ASP B 20 10.93 -41.09 21.21
CA ASP B 20 11.56 -42.07 22.08
C ASP B 20 12.47 -41.38 23.09
N THR B 21 12.95 -40.18 22.78
CA THR B 21 13.81 -39.44 23.70
C THR B 21 13.01 -38.60 24.69
N ARG B 22 11.72 -38.38 24.42
CA ARG B 22 10.88 -37.55 25.26
C ARG B 22 11.42 -36.12 25.31
N THR B 23 11.94 -35.66 24.18
CA THR B 23 12.55 -34.35 24.07
C THR B 23 11.64 -33.42 23.29
N VAL B 24 11.68 -32.13 23.65
CA VAL B 24 10.77 -31.13 23.12
C VAL B 24 11.58 -29.94 22.64
N LEU B 25 11.08 -29.28 21.60
CA LEU B 25 11.77 -28.18 20.93
C LEU B 25 10.83 -26.99 20.85
N ILE B 26 10.86 -26.17 21.89
CA ILE B 26 10.24 -24.85 21.87
C ILE B 26 11.32 -23.84 21.50
N TYR B 27 11.25 -23.32 20.27
CA TYR B 27 12.19 -22.33 19.79
C TYR B 27 11.46 -21.10 19.29
N GLY B 28 11.82 -19.95 19.86
CA GLY B 28 11.42 -18.65 19.40
C GLY B 28 10.20 -18.03 20.02
N GLU B 29 9.02 -18.50 19.70
CA GLU B 29 7.81 -17.69 19.87
C GLU B 29 6.77 -18.45 20.68
N ILE B 30 6.52 -17.96 21.87
CA ILE B 30 5.55 -18.56 22.77
C ILE B 30 4.18 -17.96 22.45
N ASN B 31 3.50 -18.52 21.46
CA ASN B 31 2.17 -18.07 21.06
C ASN B 31 1.17 -19.21 21.17
N GLN B 32 -0.10 -18.82 21.15
CA GLN B 32 -1.19 -19.78 21.35
C GLN B 32 -1.16 -20.89 20.32
N GLU B 33 -0.67 -20.59 19.12
CA GLU B 33 -0.54 -21.60 18.08
C GLU B 33 0.61 -22.56 18.36
N LEU B 34 1.70 -22.09 18.96
CA LEU B 34 2.77 -23.00 19.35
C LEU B 34 2.33 -23.84 20.53
N ALA B 35 1.88 -23.17 21.59
CA ALA B 35 1.54 -23.85 22.83
C ALA B 35 0.52 -24.96 22.60
N GLU B 36 -0.27 -24.83 21.55
CA GLU B 36 -1.12 -25.94 21.13
C GLU B 36 -0.25 -27.13 20.73
N ASP B 37 0.71 -26.90 19.86
CA ASP B 37 1.43 -28.02 19.28
C ASP B 37 2.32 -28.69 20.31
N VAL B 38 2.93 -27.91 21.20
CA VAL B 38 3.71 -28.52 22.27
C VAL B 38 2.79 -29.28 23.21
N SER B 39 1.61 -28.73 23.48
CA SER B 39 0.70 -29.39 24.39
C SER B 39 0.16 -30.68 23.80
N LYS B 40 0.18 -30.80 22.46
CA LYS B 40 -0.01 -32.10 21.86
C LYS B 40 1.09 -33.04 22.32
N GLN B 41 2.34 -32.57 22.23
CA GLN B 41 3.47 -33.43 22.47
C GLN B 41 3.51 -33.90 23.91
N LEU B 42 3.27 -32.99 24.84
CA LEU B 42 3.45 -33.33 26.25
C LEU B 42 2.44 -34.38 26.69
N LEU B 43 1.17 -34.15 26.39
CA LEU B 43 0.18 -35.15 26.77
C LEU B 43 0.39 -36.45 26.04
N LEU B 44 0.93 -36.37 24.82
CA LEU B 44 1.40 -37.59 24.19
C LEU B 44 2.54 -38.21 25.00
N LEU B 45 3.50 -37.38 25.42
CA LEU B 45 4.59 -37.92 26.22
C LEU B 45 4.08 -38.43 27.56
N GLU B 46 3.09 -37.78 28.13
CA GLU B 46 2.58 -38.23 29.41
C GLU B 46 1.97 -39.62 29.28
N SER B 47 1.29 -39.87 28.17
CA SER B 47 0.66 -41.17 27.98
C SER B 47 1.68 -42.25 27.73
N ILE B 48 2.75 -41.92 27.01
CA ILE B 48 3.78 -42.90 26.67
C ILE B 48 4.43 -43.44 27.94
N SER B 49 4.75 -42.56 28.88
CA SER B 49 5.38 -42.98 30.12
C SER B 49 5.42 -41.80 31.07
N ASN B 50 5.65 -42.12 32.35
CA ASN B 50 6.03 -41.13 33.33
C ASN B 50 7.54 -40.99 33.43
N ASP B 51 8.27 -41.28 32.35
CA ASP B 51 9.71 -41.14 32.34
C ASP B 51 10.10 -39.66 32.34
N PRO B 52 11.38 -39.36 32.57
CA PRO B 52 11.80 -37.96 32.53
C PRO B 52 11.70 -37.33 31.16
N ILE B 53 11.48 -36.02 31.17
CA ILE B 53 11.38 -35.20 29.98
C ILE B 53 12.50 -34.18 29.96
N THR B 54 12.91 -33.79 28.76
CA THR B 54 13.82 -32.67 28.58
C THR B 54 13.24 -31.73 27.55
N ILE B 55 13.60 -30.46 27.68
CA ILE B 55 13.01 -29.36 26.93
C ILE B 55 14.12 -28.45 26.49
N PHE B 56 14.12 -28.10 25.21
CA PHE B 56 15.07 -27.17 24.64
C PHE B 56 14.39 -25.85 24.36
N ILE B 57 14.68 -24.86 25.19
CA ILE B 57 14.06 -23.55 25.11
C ILE B 57 14.99 -22.64 24.38
N ASN B 58 14.41 -21.89 23.46
CA ASN B 58 14.95 -20.65 22.95
C ASN B 58 13.76 -19.78 22.68
N SER B 59 13.78 -18.52 23.13
CA SER B 59 12.60 -17.72 22.85
C SER B 59 12.87 -16.23 22.99
N GLN B 60 11.84 -15.49 22.62
CA GLN B 60 11.72 -14.05 22.76
C GLN B 60 10.50 -13.68 23.58
N GLY B 61 9.92 -14.63 24.30
CA GLY B 61 8.62 -14.36 24.86
C GLY B 61 7.57 -14.23 23.78
N GLY B 62 6.42 -13.73 24.20
CA GLY B 62 5.29 -13.54 23.32
C GLY B 62 4.11 -13.16 24.17
N HIS B 63 3.05 -13.94 24.11
CA HIS B 63 2.01 -13.84 25.12
C HIS B 63 2.53 -14.45 26.39
N VAL B 64 3.07 -13.60 27.27
CA VAL B 64 3.49 -14.05 28.61
C VAL B 64 2.31 -14.59 29.41
N GLU B 65 1.09 -14.37 28.95
CA GLU B 65 -0.03 -15.17 29.47
C GLU B 65 -0.04 -16.59 28.92
N ALA B 66 0.40 -16.80 27.67
CA ALA B 66 0.44 -18.13 27.10
C ALA B 66 1.56 -18.98 27.66
N GLY B 67 2.60 -18.35 28.16
CA GLY B 67 3.58 -19.11 28.88
C GLY B 67 3.00 -19.74 30.12
N ASP B 68 2.03 -19.08 30.76
CA ASP B 68 1.45 -19.59 31.99
C ASP B 68 0.76 -20.92 31.77
N THR B 69 0.12 -21.08 30.62
CA THR B 69 -0.38 -22.39 30.23
C THR B 69 0.72 -23.43 30.29
N ILE B 70 1.85 -23.13 29.67
CA ILE B 70 2.91 -24.12 29.58
C ILE B 70 3.52 -24.37 30.93
N HIS B 71 3.68 -23.33 31.74
CA HIS B 71 4.00 -23.54 33.14
C HIS B 71 2.98 -24.44 33.81
N ASP B 72 1.71 -24.16 33.57
CA ASP B 72 0.65 -24.91 34.22
C ASP B 72 0.64 -26.37 33.82
N MET B 73 1.03 -26.69 32.59
CA MET B 73 1.02 -28.08 32.16
C MET B 73 2.18 -28.84 32.75
N ILE B 74 3.39 -28.32 32.53
CA ILE B 74 4.61 -28.90 33.05
C ILE B 74 4.49 -29.17 34.55
N LYS B 75 4.03 -28.17 35.29
CA LYS B 75 3.61 -28.41 36.67
C LYS B 75 2.62 -29.56 36.72
N PHE B 76 1.58 -29.50 35.88
CA PHE B 76 0.45 -30.40 36.06
C PHE B 76 0.83 -31.83 35.79
N ILE B 77 1.60 -32.06 34.72
CA ILE B 77 1.84 -33.43 34.32
C ILE B 77 2.75 -34.13 35.33
N LYS B 78 2.53 -35.40 35.48
CA LYS B 78 3.16 -36.27 36.45
C LYS B 78 4.63 -36.50 36.14
N PRO B 79 5.03 -36.73 34.87
CA PRO B 79 6.46 -36.95 34.58
C PRO B 79 7.37 -35.84 35.06
N THR B 80 8.61 -36.21 35.34
CA THR B 80 9.63 -35.26 35.75
C THR B 80 10.32 -34.67 34.53
N VAL B 81 11.09 -33.61 34.76
CA VAL B 81 11.51 -32.70 33.70
C VAL B 81 12.97 -32.34 33.89
N LYS B 82 13.68 -32.17 32.76
CA LYS B 82 15.03 -31.67 32.73
C LYS B 82 15.16 -30.66 31.59
N VAL B 83 14.77 -29.41 31.85
CA VAL B 83 14.65 -28.40 30.81
C VAL B 83 16.03 -27.97 30.37
N VAL B 84 16.09 -27.35 29.20
CA VAL B 84 17.34 -26.86 28.63
C VAL B 84 17.12 -25.48 28.04
N GLY B 85 17.45 -24.45 28.82
CA GLY B 85 17.36 -23.09 28.32
C GLY B 85 18.66 -22.71 27.64
N THR B 86 18.62 -22.63 26.31
CA THR B 86 19.81 -22.41 25.51
C THR B 86 19.72 -21.09 24.80
N GLY B 87 20.87 -20.44 24.65
CA GLY B 87 20.97 -19.27 23.82
C GLY B 87 20.46 -18.06 24.55
N TRP B 88 19.16 -18.03 24.77
CA TRP B 88 18.55 -16.87 25.39
C TRP B 88 17.07 -17.14 25.60
N VAL B 89 16.56 -16.55 26.67
CA VAL B 89 15.17 -16.65 27.05
C VAL B 89 14.69 -15.25 27.37
N ALA B 90 13.39 -15.02 27.22
CA ALA B 90 12.84 -13.69 27.38
C ALA B 90 11.38 -13.74 27.80
N ALA B 91 11.14 -13.63 29.10
CA ALA B 91 9.90 -13.11 29.68
C ALA B 91 8.68 -14.02 29.57
N ALA B 92 8.73 -15.04 28.73
CA ALA B 92 7.71 -16.07 28.76
C ALA B 92 8.35 -17.45 28.78
N GLY B 93 9.44 -17.61 28.05
CA GLY B 93 10.24 -18.81 28.19
C GLY B 93 10.76 -18.96 29.61
N ILE B 94 10.94 -17.85 30.29
CA ILE B 94 11.33 -17.89 31.68
C ILE B 94 10.28 -18.59 32.53
N THR B 95 9.01 -18.25 32.30
CA THR B 95 7.94 -18.82 33.11
C THR B 95 7.94 -20.34 33.03
N ILE B 96 8.24 -20.87 31.86
CA ILE B 96 8.24 -22.32 31.67
C ILE B 96 9.54 -22.90 32.17
N TYR B 97 10.64 -22.15 32.03
CA TYR B 97 11.87 -22.56 32.67
C TYR B 97 11.68 -22.64 34.16
N LEU B 98 11.17 -21.58 34.74
CA LEU B 98 10.96 -21.55 36.17
C LEU B 98 9.75 -22.36 36.58
N ALA B 99 8.97 -22.85 35.63
CA ALA B 99 8.00 -23.87 35.95
C ALA B 99 8.69 -25.14 36.44
N ALA B 100 9.85 -25.45 35.89
CA ALA B 100 10.61 -26.59 36.35
C ALA B 100 11.06 -26.40 37.78
N GLU B 101 11.14 -27.50 38.51
CA GLU B 101 11.72 -27.45 39.84
C GLU B 101 13.17 -27.04 39.73
N LYS B 102 13.69 -26.44 40.81
CA LYS B 102 14.98 -25.75 40.75
C LYS B 102 16.11 -26.68 40.34
N GLU B 103 15.97 -27.97 40.58
CA GLU B 103 17.12 -28.86 40.52
C GLU B 103 17.48 -29.22 39.09
N ASN B 104 16.52 -29.68 38.31
CA ASN B 104 16.79 -30.33 37.03
C ASN B 104 16.98 -29.35 35.89
N ARG B 105 17.09 -28.07 36.18
CA ARG B 105 17.11 -27.05 35.15
C ARG B 105 18.56 -26.81 34.75
N PHE B 106 18.87 -27.17 33.50
CA PHE B 106 20.25 -27.19 33.01
C PHE B 106 20.36 -26.34 31.77
N SER B 107 20.81 -25.11 31.97
CA SER B 107 21.04 -24.22 30.85
C SER B 107 22.32 -24.56 30.14
N LEU B 108 22.65 -23.74 29.15
CA LEU B 108 23.84 -23.91 28.36
C LEU B 108 24.76 -22.71 28.55
N PRO B 109 26.07 -22.92 28.38
CA PRO B 109 27.05 -21.96 28.88
C PRO B 109 27.08 -20.63 28.14
N ASN B 110 26.37 -20.50 27.03
CA ASN B 110 26.30 -19.25 26.28
C ASN B 110 24.95 -18.58 26.38
N THR B 111 24.13 -18.97 27.33
CA THR B 111 22.76 -18.53 27.34
C THR B 111 22.69 -17.07 27.77
N ARG B 112 21.60 -16.40 27.39
CA ARG B 112 21.39 -15.00 27.71
C ARG B 112 19.96 -14.82 28.16
N TYR B 113 19.72 -14.99 29.46
CA TYR B 113 18.38 -14.89 29.98
C TYR B 113 17.91 -13.45 29.99
N MET B 114 16.60 -13.28 29.87
CA MET B 114 15.97 -11.98 29.98
C MET B 114 14.66 -12.14 30.70
N ILE B 115 14.37 -11.20 31.59
CA ILE B 115 13.05 -11.03 32.16
C ILE B 115 12.64 -9.61 31.91
N HIS B 116 11.35 -9.41 31.72
CA HIS B 116 10.81 -8.07 31.69
C HIS B 116 9.36 -8.13 32.09
N GLN B 117 8.92 -7.06 32.71
CA GLN B 117 7.53 -6.95 33.10
C GLN B 117 6.64 -7.11 31.87
N PRO B 118 5.42 -7.56 32.05
CA PRO B 118 4.57 -7.82 30.90
C PRO B 118 4.26 -6.58 30.10
N ALA B 119 4.38 -6.70 28.78
CA ALA B 119 3.97 -5.64 27.89
C ALA B 119 2.46 -5.69 27.77
N GLY B 120 1.91 -4.60 27.25
CA GLY B 120 0.49 -4.52 27.04
C GLY B 120 0.15 -3.61 25.89
N GLY B 121 -1.12 -3.44 25.61
CA GLY B 121 -1.56 -2.59 24.55
C GLY B 121 -3.06 -2.45 24.55
N VAL B 122 -3.56 -1.22 24.44
CA VAL B 122 -4.99 -1.00 24.56
C VAL B 122 -5.35 0.38 24.03
N GLN B 123 -6.54 0.46 23.44
CA GLN B 123 -7.11 1.69 22.94
C GLN B 123 -8.59 1.70 23.26
N GLY B 124 -8.95 2.31 24.39
CA GLY B 124 -10.34 2.40 24.77
C GLY B 124 -10.56 3.46 25.82
N GLN B 125 -11.80 3.50 26.29
CA GLN B 125 -12.20 4.46 27.29
C GLN B 125 -11.47 4.20 28.60
N SER B 126 -11.67 5.11 29.54
CA SER B 126 -10.93 5.13 30.80
C SER B 126 -11.09 3.82 31.56
N THR B 127 -12.33 3.47 31.90
CA THR B 127 -12.55 2.32 32.77
C THR B 127 -12.07 1.03 32.12
N GLU B 128 -12.09 0.97 30.78
CA GLU B 128 -11.47 -0.16 30.11
C GLU B 128 -9.98 -0.20 30.34
N ILE B 129 -9.34 0.96 30.32
CA ILE B 129 -7.91 1.03 30.50
C ILE B 129 -7.53 0.60 31.91
N GLU B 130 -8.02 1.33 32.91
CA GLU B 130 -7.65 1.07 34.29
C GLU B 130 -7.97 -0.35 34.71
N ILE B 131 -9.04 -0.91 34.17
CA ILE B 131 -9.32 -2.33 34.38
C ILE B 131 -8.19 -3.16 33.79
N GLU B 132 -7.91 -2.95 32.52
CA GLU B 132 -6.80 -3.67 31.91
C GLU B 132 -5.47 -3.22 32.47
N ALA B 133 -5.46 -2.10 33.19
CA ALA B 133 -4.29 -1.71 33.97
C ALA B 133 -4.31 -2.35 35.35
N LYS B 134 -5.50 -2.70 35.82
CA LYS B 134 -5.63 -3.18 37.20
C LYS B 134 -5.20 -4.63 37.32
N GLU B 135 -5.57 -5.46 36.34
CA GLU B 135 -5.25 -6.88 36.40
C GLU B 135 -3.92 -7.19 35.76
N ILE B 136 -3.51 -6.40 34.79
CA ILE B 136 -2.15 -6.54 34.28
C ILE B 136 -1.15 -6.28 35.39
N ILE B 137 -1.51 -5.47 36.37
CA ILE B 137 -0.73 -5.39 37.60
C ILE B 137 -0.71 -6.75 38.28
N ARG B 138 -1.89 -7.37 38.44
CA ARG B 138 -1.93 -8.71 38.99
C ARG B 138 -1.12 -9.65 38.12
N MET B 139 -1.07 -9.37 36.82
CA MET B 139 -0.23 -10.16 35.93
C MET B 139 1.24 -9.92 36.26
N ARG B 140 1.69 -8.67 36.24
CA ARG B 140 3.08 -8.37 36.55
C ARG B 140 3.42 -8.83 37.95
N GLU B 141 2.42 -8.80 38.84
CA GLU B 141 2.63 -9.22 40.21
C GLU B 141 2.72 -10.74 40.28
N ARG B 142 1.68 -11.42 39.81
CA ARG B 142 1.60 -12.87 39.91
C ARG B 142 2.80 -13.52 39.26
N ILE B 143 3.14 -13.11 38.05
CA ILE B 143 4.30 -13.64 37.36
C ILE B 143 5.57 -13.40 38.15
N ASN B 144 5.56 -12.39 39.02
CA ASN B 144 6.71 -12.17 39.88
C ASN B 144 6.56 -12.93 41.20
N ARG B 145 5.36 -13.40 41.52
CA ARG B 145 5.25 -14.40 42.57
C ARG B 145 5.88 -15.70 42.11
N LEU B 146 5.69 -16.01 40.82
CA LEU B 146 6.24 -17.21 40.23
C LEU B 146 7.75 -17.22 40.33
N ILE B 147 8.37 -16.18 39.80
CA ILE B 147 9.82 -16.17 39.63
C ILE B 147 10.51 -16.25 40.99
N ALA B 148 10.14 -15.34 41.89
CA ALA B 148 10.77 -15.28 43.20
C ALA B 148 10.64 -16.61 43.91
N GLU B 149 9.43 -17.15 43.95
CA GLU B 149 9.21 -18.47 44.51
C GLU B 149 10.04 -19.50 43.78
N ALA B 150 10.05 -19.43 42.45
CA ALA B 150 10.70 -20.47 41.68
C ALA B 150 12.22 -20.30 41.62
N THR B 151 12.75 -19.26 42.27
CA THR B 151 14.19 -19.07 42.36
C THR B 151 14.66 -18.79 43.78
N GLY B 152 13.74 -18.68 44.74
CA GLY B 152 14.10 -18.41 46.10
C GLY B 152 14.35 -16.96 46.41
N GLN B 153 14.58 -16.12 45.41
CA GLN B 153 14.87 -14.72 45.64
C GLN B 153 13.69 -14.03 46.29
N SER B 154 13.95 -12.85 46.83
CA SER B 154 12.87 -12.05 47.40
C SER B 154 12.11 -11.37 46.28
N TYR B 155 10.80 -11.23 46.51
CA TYR B 155 9.89 -10.74 45.47
C TYR B 155 10.27 -9.34 45.02
N GLU B 156 10.24 -8.39 45.97
CA GLU B 156 10.58 -7.01 45.68
C GLU B 156 11.91 -6.88 44.97
N GLN B 157 12.88 -7.75 45.30
CA GLN B 157 14.14 -7.74 44.58
C GLN B 157 13.93 -8.12 43.13
N ILE B 158 12.87 -8.86 42.83
CA ILE B 158 12.53 -9.14 41.44
C ILE B 158 11.72 -8.01 40.86
N SER B 159 10.81 -7.44 41.67
CA SER B 159 10.12 -6.23 41.26
C SER B 159 11.13 -5.12 40.99
N LYS B 160 12.18 -5.08 41.82
CA LYS B 160 13.30 -4.20 41.60
C LYS B 160 13.93 -4.41 40.22
N ASP B 161 13.92 -5.65 39.76
CA ASP B 161 14.63 -6.01 38.54
C ASP B 161 13.73 -5.88 37.32
N THR B 162 12.51 -6.40 37.41
CA THR B 162 11.59 -6.45 36.28
C THR B 162 11.17 -5.08 35.80
N ASP B 163 11.47 -4.02 36.56
CA ASP B 163 11.21 -2.66 36.12
C ASP B 163 11.75 -2.40 34.72
N ARG B 164 12.85 -3.05 34.36
CA ARG B 164 13.40 -2.98 33.02
C ARG B 164 13.75 -4.38 32.57
N ASN B 165 14.22 -4.50 31.34
CA ASN B 165 14.59 -5.77 30.75
C ASN B 165 15.87 -6.24 31.40
N PHE B 166 15.72 -6.96 32.51
CA PHE B 166 16.86 -7.40 33.31
C PHE B 166 17.46 -8.60 32.63
N TRP B 167 18.26 -8.33 31.62
CA TRP B 167 19.01 -9.39 30.97
C TRP B 167 19.93 -10.04 31.97
N LEU B 168 20.34 -11.25 31.66
CA LEU B 168 21.12 -12.05 32.57
C LEU B 168 22.05 -12.95 31.79
N SER B 169 23.33 -12.85 32.10
CA SER B 169 24.24 -13.87 31.63
C SER B 169 23.96 -15.15 32.38
N VAL B 170 24.43 -16.25 31.80
CA VAL B 170 24.07 -17.56 32.31
C VAL B 170 24.68 -17.80 33.67
N ASN B 171 25.97 -17.47 33.84
CA ASN B 171 26.64 -17.71 35.12
C ASN B 171 26.00 -16.87 36.22
N GLU B 172 25.57 -15.67 35.86
CA GLU B 172 24.80 -14.85 36.79
C GLU B 172 23.51 -15.56 37.17
N ALA B 173 22.92 -16.29 36.23
CA ALA B 173 21.67 -16.97 36.50
C ALA B 173 21.84 -18.03 37.57
N LYS B 174 22.95 -18.77 37.50
CA LYS B 174 23.22 -19.76 38.54
C LYS B 174 23.37 -19.09 39.88
N ASP B 175 23.90 -17.87 39.89
CA ASP B 175 24.05 -17.16 41.14
C ASP B 175 22.69 -16.78 41.72
N TYR B 176 21.65 -16.75 40.88
CA TYR B 176 20.31 -16.40 41.33
C TYR B 176 19.42 -17.61 41.51
N GLY B 177 19.92 -18.81 41.25
CA GLY B 177 19.10 -19.99 41.36
C GLY B 177 18.13 -20.20 40.22
N ILE B 178 18.18 -19.34 39.21
CA ILE B 178 17.48 -19.63 37.96
C ILE B 178 17.94 -20.98 37.42
N VAL B 179 19.22 -21.10 37.15
CA VAL B 179 19.82 -22.37 36.79
C VAL B 179 20.42 -23.03 38.03
N ASN B 180 20.27 -24.34 38.10
CA ASN B 180 21.03 -25.15 39.04
C ASN B 180 22.45 -25.33 38.54
N GLU B 181 22.59 -25.81 37.31
CA GLU B 181 23.87 -26.18 36.75
C GLU B 181 23.90 -25.91 35.26
N ILE B 182 25.09 -25.60 34.75
CA ILE B 182 25.32 -25.46 33.33
C ILE B 182 25.83 -26.78 32.80
N ILE B 183 24.80 -27.50 32.23
CA ILE B 183 25.12 -28.69 31.40
C ILE B 183 25.82 -28.22 30.12
N GLU B 184 27.09 -28.56 29.97
CA GLU B 184 27.82 -28.19 28.73
C GLU B 184 27.89 -29.39 27.78
N ASN B 185 27.78 -30.62 28.29
CA ASN B 185 27.83 -31.84 27.44
C ASN B 185 26.65 -32.73 27.80
N ARG B 186 26.34 -33.71 26.96
CA ARG B 186 25.26 -34.67 27.30
C ARG B 186 25.69 -35.51 28.48
N ASP B 187 26.91 -35.27 28.98
CA ASP B 187 27.59 -36.19 29.93
C ASP B 187 27.10 -35.90 31.36
N ILE C 10 3.44 -46.65 11.08
CA ILE C 10 3.18 -46.98 12.52
C ILE C 10 2.88 -45.69 13.28
N THR C 11 3.71 -44.66 13.03
CA THR C 11 3.59 -43.38 13.75
C THR C 11 2.17 -42.84 13.72
N ASN C 12 1.46 -42.98 12.60
CA ASN C 12 0.09 -42.50 12.55
C ASN C 12 -0.84 -43.37 13.39
N ILE C 13 -0.36 -44.53 13.84
CA ILE C 13 -1.02 -45.26 14.93
C ILE C 13 -0.58 -44.66 16.27
N LEU C 14 0.62 -44.09 16.32
CA LEU C 14 1.10 -43.45 17.53
C LEU C 14 0.60 -42.02 17.65
N THR C 15 0.09 -41.44 16.55
CA THR C 15 -0.73 -40.24 16.66
C THR C 15 -2.20 -40.60 16.78
N GLN C 16 -2.53 -41.90 16.76
CA GLN C 16 -3.76 -42.38 17.36
C GLN C 16 -3.57 -42.67 18.83
N LYS C 17 -2.33 -42.99 19.25
CA LYS C 17 -2.05 -43.20 20.67
C LYS C 17 -2.28 -41.93 21.48
N LEU C 18 -2.10 -40.76 20.87
CA LEU C 18 -2.48 -39.53 21.57
C LEU C 18 -3.98 -39.41 21.64
N ILE C 19 -4.67 -39.82 20.57
CA ILE C 19 -6.13 -39.80 20.59
C ILE C 19 -6.66 -40.85 21.56
N ASP C 20 -5.85 -41.85 21.87
CA ASP C 20 -6.19 -42.81 22.89
C ASP C 20 -6.43 -42.13 24.24
N THR C 21 -5.71 -41.04 24.51
CA THR C 21 -5.88 -40.35 25.79
C THR C 21 -7.25 -39.73 25.90
N ARG C 22 -7.90 -39.47 24.76
CA ARG C 22 -9.17 -38.78 24.70
C ARG C 22 -9.07 -37.38 25.27
N THR C 23 -8.28 -36.54 24.62
CA THR C 23 -8.30 -35.11 24.89
C THR C 23 -8.25 -34.35 23.57
N VAL C 24 -8.81 -33.15 23.59
CA VAL C 24 -8.64 -32.19 22.52
C VAL C 24 -8.54 -30.80 23.13
N LEU C 25 -7.64 -30.00 22.59
CA LEU C 25 -7.28 -28.73 23.18
C LEU C 25 -8.02 -27.62 22.44
N ILE C 26 -8.15 -26.48 23.10
CA ILE C 26 -8.68 -25.29 22.47
C ILE C 26 -7.67 -24.18 22.71
N TYR C 27 -6.74 -24.07 21.79
CA TYR C 27 -5.74 -23.04 21.82
C TYR C 27 -5.99 -22.10 20.65
N GLY C 28 -5.72 -20.83 20.88
CA GLY C 28 -6.02 -19.84 19.88
C GLY C 28 -7.44 -19.38 19.97
N GLU C 29 -7.72 -18.36 19.19
CA GLU C 29 -9.00 -17.69 19.28
C GLU C 29 -10.07 -18.52 18.59
N ILE C 30 -11.30 -18.27 18.99
CA ILE C 30 -12.42 -19.08 18.50
C ILE C 30 -12.85 -18.55 17.16
N ASN C 31 -13.04 -19.46 16.23
CA ASN C 31 -13.37 -19.11 14.88
C ASN C 31 -13.94 -20.36 14.23
N GLN C 32 -14.69 -20.17 13.15
CA GLN C 32 -15.36 -21.30 12.53
C GLN C 32 -14.35 -22.30 11.97
N GLU C 33 -13.12 -21.84 11.72
CA GLU C 33 -12.11 -22.66 11.10
C GLU C 33 -11.48 -23.62 12.08
N LEU C 34 -11.28 -23.20 13.31
CA LEU C 34 -10.91 -24.14 14.36
C LEU C 34 -12.08 -25.06 14.68
N ALA C 35 -13.23 -24.48 15.00
CA ALA C 35 -14.38 -25.25 15.45
C ALA C 35 -14.77 -26.31 14.44
N GLU C 36 -14.46 -26.09 13.17
CA GLU C 36 -14.48 -27.18 12.20
C GLU C 36 -13.68 -28.37 12.70
N ASP C 37 -12.44 -28.11 13.15
CA ASP C 37 -11.58 -29.19 13.60
C ASP C 37 -12.15 -29.83 14.85
N VAL C 38 -12.44 -29.02 15.85
CA VAL C 38 -12.77 -29.54 17.16
C VAL C 38 -14.07 -30.32 17.10
N SER C 39 -15.01 -29.86 16.29
CA SER C 39 -16.21 -30.63 16.07
C SER C 39 -15.87 -31.99 15.48
N LYS C 40 -15.00 -31.98 14.47
CA LYS C 40 -14.54 -33.24 13.89
C LYS C 40 -13.86 -34.10 14.94
N GLN C 41 -12.89 -33.53 15.65
CA GLN C 41 -12.16 -34.31 16.65
C GLN C 41 -13.08 -34.76 17.77
N LEU C 42 -14.13 -33.99 18.05
CA LEU C 42 -14.99 -34.34 19.16
C LEU C 42 -15.86 -35.53 18.83
N LEU C 43 -16.69 -35.39 17.80
CA LEU C 43 -17.59 -36.45 17.41
C LEU C 43 -16.84 -37.72 17.09
N LEU C 44 -15.60 -37.57 16.64
CA LEU C 44 -14.70 -38.70 16.58
C LEU C 44 -14.56 -39.34 17.95
N LEU C 45 -14.20 -38.55 18.95
CA LEU C 45 -14.03 -39.09 20.28
C LEU C 45 -15.35 -39.50 20.90
N GLU C 46 -16.47 -39.10 20.31
CA GLU C 46 -17.73 -39.78 20.59
C GLU C 46 -17.76 -41.12 19.88
N SER C 47 -17.32 -41.16 18.62
CA SER C 47 -17.39 -42.38 17.83
C SER C 47 -16.54 -43.48 18.46
N ILE C 48 -15.50 -43.10 19.18
CA ILE C 48 -14.69 -44.11 19.86
C ILE C 48 -15.48 -44.78 20.96
N SER C 49 -16.06 -43.98 21.85
CA SER C 49 -16.45 -44.50 23.14
C SER C 49 -17.35 -43.50 23.85
N ASN C 50 -17.63 -43.80 25.10
CA ASN C 50 -18.39 -42.97 26.01
C ASN C 50 -17.54 -42.43 27.14
N ASP C 51 -16.24 -42.24 26.89
CA ASP C 51 -15.29 -42.00 27.96
C ASP C 51 -15.13 -40.50 28.21
N PRO C 52 -14.51 -40.13 29.33
CA PRO C 52 -14.35 -38.70 29.63
C PRO C 52 -13.34 -38.03 28.73
N ILE C 53 -13.79 -37.00 28.03
CA ILE C 53 -12.87 -36.17 27.28
C ILE C 53 -12.29 -35.10 28.19
N THR C 54 -10.98 -34.96 28.13
CA THR C 54 -10.25 -33.97 28.90
C THR C 54 -9.94 -32.81 27.97
N ILE C 55 -10.47 -31.64 28.29
CA ILE C 55 -10.54 -30.51 27.38
C ILE C 55 -9.81 -29.32 27.98
N PHE C 56 -8.97 -28.69 27.17
CA PHE C 56 -8.12 -27.60 27.59
C PHE C 56 -8.45 -26.38 26.75
N ILE C 57 -8.58 -25.23 27.39
CA ILE C 57 -8.93 -23.99 26.72
C ILE C 57 -7.82 -22.98 26.94
N ASN C 58 -7.53 -22.22 25.89
CA ASN C 58 -6.64 -21.06 25.97
C ASN C 58 -7.06 -20.13 24.85
N SER C 59 -7.87 -19.13 25.19
CA SER C 59 -8.55 -18.35 24.18
C SER C 59 -8.79 -16.94 24.65
N GLN C 60 -8.71 -16.03 23.71
CA GLN C 60 -9.19 -14.68 23.86
C GLN C 60 -10.63 -14.55 23.39
N GLY C 61 -11.39 -15.62 23.50
CA GLY C 61 -12.63 -15.65 22.79
C GLY C 61 -12.34 -15.69 21.30
N GLY C 62 -13.07 -14.88 20.56
CA GLY C 62 -12.97 -14.86 19.11
C GLY C 62 -14.32 -14.60 18.50
N HIS C 63 -14.78 -15.49 17.63
CA HIS C 63 -16.15 -15.44 17.17
C HIS C 63 -17.03 -16.09 18.22
N VAL C 64 -18.20 -15.49 18.47
CA VAL C 64 -18.98 -15.86 19.64
C VAL C 64 -19.89 -17.04 19.33
N GLU C 65 -20.59 -16.99 18.21
CA GLU C 65 -21.65 -17.96 18.00
C GLU C 65 -21.09 -19.32 17.62
N ALA C 66 -20.01 -19.34 16.83
CA ALA C 66 -19.29 -20.58 16.64
C ALA C 66 -18.58 -21.03 17.91
N GLY C 67 -18.56 -20.18 18.94
CA GLY C 67 -18.26 -20.67 20.27
C GLY C 67 -19.45 -21.36 20.89
N ASP C 68 -20.64 -20.81 20.68
CA ASP C 68 -21.83 -21.45 21.21
C ASP C 68 -22.11 -22.78 20.52
N THR C 69 -21.60 -22.94 19.30
CA THR C 69 -21.60 -24.24 18.64
C THR C 69 -21.07 -25.30 19.58
N ILE C 70 -19.89 -25.04 20.11
CA ILE C 70 -19.21 -26.03 20.93
C ILE C 70 -19.96 -26.27 22.22
N HIS C 71 -20.79 -25.32 22.64
CA HIS C 71 -21.50 -25.48 23.90
C HIS C 71 -22.59 -26.52 23.77
N ASP C 72 -23.51 -26.31 22.83
CA ASP C 72 -24.63 -27.21 22.67
C ASP C 72 -24.19 -28.59 22.23
N MET C 73 -23.09 -28.68 21.49
CA MET C 73 -22.53 -29.97 21.15
C MET C 73 -22.20 -30.75 22.40
N ILE C 74 -21.38 -30.15 23.26
CA ILE C 74 -21.01 -30.72 24.54
C ILE C 74 -22.23 -31.19 25.32
N LYS C 75 -23.34 -30.44 25.25
CA LYS C 75 -24.59 -30.94 25.80
C LYS C 75 -25.21 -31.99 24.90
N PHE C 76 -25.05 -31.85 23.59
CA PHE C 76 -25.59 -32.83 22.67
C PHE C 76 -24.92 -34.18 22.87
N ILE C 77 -23.60 -34.19 22.84
CA ILE C 77 -22.88 -35.44 22.80
C ILE C 77 -22.99 -36.16 24.14
N LYS C 78 -23.13 -37.49 24.06
CA LYS C 78 -23.23 -38.38 25.20
C LYS C 78 -21.94 -38.53 26.02
N PRO C 79 -20.75 -38.50 25.41
CA PRO C 79 -19.54 -38.62 26.22
C PRO C 79 -19.43 -37.60 27.33
N THR C 80 -18.97 -38.08 28.49
CA THR C 80 -18.50 -37.17 29.53
C THR C 80 -17.37 -36.32 28.98
N VAL C 81 -17.32 -35.08 29.46
CA VAL C 81 -16.35 -34.11 28.98
C VAL C 81 -15.86 -33.29 30.14
N LYS C 82 -14.66 -33.59 30.63
CA LYS C 82 -14.04 -32.80 31.67
C LYS C 82 -13.17 -31.73 31.02
N VAL C 83 -13.16 -30.55 31.65
CA VAL C 83 -12.49 -29.39 31.07
C VAL C 83 -11.53 -28.80 32.08
N VAL C 84 -10.61 -28.00 31.55
CA VAL C 84 -9.63 -27.29 32.34
C VAL C 84 -9.28 -26.00 31.62
N GLY C 85 -9.20 -24.92 32.36
CA GLY C 85 -8.90 -23.63 31.79
C GLY C 85 -7.47 -23.25 32.00
N THR C 86 -6.69 -23.29 30.92
CA THR C 86 -5.26 -23.03 30.99
C THR C 86 -4.95 -21.66 30.38
N GLY C 87 -4.19 -20.85 31.13
CA GLY C 87 -3.58 -19.64 30.64
C GLY C 87 -4.43 -18.41 30.75
N TRP C 88 -5.49 -18.28 29.93
CA TRP C 88 -6.52 -17.29 30.19
C TRP C 88 -7.69 -17.56 29.29
N VAL C 89 -8.84 -17.07 29.72
CA VAL C 89 -10.11 -17.36 29.05
C VAL C 89 -10.94 -16.09 28.97
N ALA C 90 -11.74 -16.01 27.92
CA ALA C 90 -12.57 -14.86 27.64
C ALA C 90 -13.89 -15.33 27.04
N ALA C 91 -14.64 -14.37 26.51
CA ALA C 91 -16.06 -14.53 26.22
C ALA C 91 -16.39 -15.68 25.28
N ALA C 92 -15.82 -15.68 24.09
CA ALA C 92 -16.15 -16.72 23.13
C ALA C 92 -15.66 -18.09 23.58
N GLY C 93 -14.69 -18.13 24.49
CA GLY C 93 -14.16 -19.38 24.98
C GLY C 93 -14.68 -19.75 26.34
N ILE C 94 -15.07 -18.77 27.14
CA ILE C 94 -15.51 -19.08 28.50
C ILE C 94 -16.83 -19.85 28.45
N THR C 95 -17.69 -19.50 27.51
CA THR C 95 -18.96 -20.17 27.39
C THR C 95 -18.76 -21.65 27.05
N ILE C 96 -17.69 -21.95 26.33
CA ILE C 96 -17.34 -23.33 26.07
C ILE C 96 -16.90 -23.99 27.37
N TYR C 97 -15.98 -23.36 28.08
CA TYR C 97 -15.62 -23.81 29.41
C TYR C 97 -16.86 -23.94 30.28
N LEU C 98 -17.77 -22.98 30.19
CA LEU C 98 -18.98 -23.04 30.99
C LEU C 98 -19.99 -24.01 30.43
N ALA C 99 -19.81 -24.45 29.20
CA ALA C 99 -20.69 -25.49 28.68
C ALA C 99 -20.49 -26.79 29.43
N ALA C 100 -19.39 -26.91 30.16
CA ALA C 100 -19.15 -28.05 31.02
C ALA C 100 -19.96 -27.98 32.29
N GLU C 101 -20.14 -29.14 32.92
CA GLU C 101 -20.75 -29.23 34.23
C GLU C 101 -19.81 -28.64 35.28
N LYS C 102 -20.41 -28.17 36.37
CA LYS C 102 -19.68 -27.55 37.47
C LYS C 102 -18.51 -28.39 37.93
N GLU C 103 -18.79 -29.61 38.38
CA GLU C 103 -17.76 -30.52 38.84
C GLU C 103 -16.64 -30.67 37.82
N ASN C 104 -17.00 -30.67 36.54
CA ASN C 104 -16.04 -30.83 35.48
C ASN C 104 -15.24 -29.57 35.20
N ARG C 105 -15.64 -28.42 35.72
CA ARG C 105 -14.98 -27.17 35.40
C ARG C 105 -13.81 -26.99 36.36
N PHE C 106 -12.78 -27.79 36.11
CA PHE C 106 -11.50 -27.65 36.77
C PHE C 106 -10.74 -26.49 36.14
N SER C 107 -9.58 -26.18 36.70
CA SER C 107 -8.81 -25.04 36.25
C SER C 107 -7.38 -25.17 36.72
N LEU C 108 -6.59 -24.19 36.33
CA LEU C 108 -5.17 -24.11 36.61
C LEU C 108 -4.89 -22.93 37.52
N PRO C 109 -3.71 -22.82 38.12
CA PRO C 109 -3.48 -21.76 39.09
C PRO C 109 -3.30 -20.39 38.44
N ASN C 110 -2.89 -20.38 37.18
CA ASN C 110 -2.41 -19.18 36.54
C ASN C 110 -3.37 -18.64 35.48
N THR C 111 -4.62 -19.09 35.47
CA THR C 111 -5.50 -18.78 34.36
C THR C 111 -6.34 -17.56 34.66
N ARG C 112 -6.24 -16.55 33.81
CA ARG C 112 -7.06 -15.36 33.95
C ARG C 112 -8.39 -15.56 33.27
N TYR C 113 -9.45 -15.50 34.06
CA TYR C 113 -10.81 -15.66 33.56
C TYR C 113 -11.45 -14.30 33.43
N MET C 114 -12.18 -14.13 32.34
CA MET C 114 -12.80 -12.85 32.05
C MET C 114 -14.04 -13.10 31.23
N ILE C 115 -14.97 -12.17 31.34
CA ILE C 115 -16.16 -12.14 30.51
C ILE C 115 -16.33 -10.74 29.99
N HIS C 116 -16.71 -10.64 28.72
CA HIS C 116 -17.23 -9.40 28.18
C HIS C 116 -18.46 -9.72 27.37
N GLN C 117 -19.37 -8.76 27.31
CA GLN C 117 -20.58 -8.92 26.56
C GLN C 117 -20.24 -9.15 25.09
N PRO C 118 -21.20 -9.62 24.30
CA PRO C 118 -20.91 -9.82 22.88
C PRO C 118 -20.54 -8.50 22.23
N ALA C 119 -19.74 -8.59 21.19
CA ALA C 119 -19.16 -7.41 20.59
C ALA C 119 -19.21 -7.56 19.09
N GLY C 120 -19.43 -6.44 18.42
CA GLY C 120 -19.55 -6.46 16.98
C GLY C 120 -19.74 -5.08 16.41
N GLY C 121 -20.21 -5.04 15.17
CA GLY C 121 -20.36 -3.81 14.45
C GLY C 121 -21.40 -3.94 13.36
N VAL C 122 -22.11 -2.85 13.11
CA VAL C 122 -23.20 -2.83 12.16
C VAL C 122 -23.16 -1.52 11.42
N GLN C 123 -23.38 -1.59 10.11
CA GLN C 123 -23.35 -0.41 9.26
C GLN C 123 -24.50 -0.52 8.27
N GLY C 124 -25.06 0.64 7.94
CA GLY C 124 -26.10 0.73 6.95
C GLY C 124 -27.28 1.52 7.44
N GLN C 125 -28.43 1.27 6.84
CA GLN C 125 -29.64 1.98 7.23
C GLN C 125 -30.00 1.60 8.65
N SER C 126 -30.52 2.58 9.38
CA SER C 126 -30.66 2.50 10.83
C SER C 126 -31.47 1.29 11.26
N THR C 127 -32.52 0.97 10.51
CA THR C 127 -33.40 -0.12 10.90
C THR C 127 -32.65 -1.44 10.95
N GLU C 128 -31.72 -1.64 10.02
CA GLU C 128 -30.79 -2.76 10.15
C GLU C 128 -30.04 -2.64 11.45
N ILE C 129 -29.52 -1.46 11.74
CA ILE C 129 -28.75 -1.23 12.95
C ILE C 129 -29.66 -1.32 14.16
N GLU C 130 -30.95 -1.04 13.97
CA GLU C 130 -31.89 -1.22 15.07
C GLU C 130 -32.07 -2.69 15.37
N ILE C 131 -32.35 -3.48 14.34
CA ILE C 131 -32.73 -4.87 14.57
C ILE C 131 -31.50 -5.71 14.87
N GLU C 132 -30.40 -5.47 14.15
CA GLU C 132 -29.20 -6.23 14.37
C GLU C 132 -28.52 -5.85 15.67
N ALA C 133 -28.85 -4.69 16.22
CA ALA C 133 -28.54 -4.43 17.62
C ALA C 133 -29.51 -5.16 18.52
N LYS C 134 -30.75 -5.29 18.07
CA LYS C 134 -31.76 -5.93 18.90
C LYS C 134 -31.46 -7.40 19.10
N GLU C 135 -31.11 -8.09 18.01
CA GLU C 135 -30.79 -9.50 18.10
C GLU C 135 -29.62 -9.75 19.03
N ILE C 136 -28.55 -8.98 18.85
CA ILE C 136 -27.37 -9.17 19.68
C ILE C 136 -27.67 -8.89 21.14
N ILE C 137 -28.63 -8.01 21.42
CA ILE C 137 -29.02 -7.83 22.81
C ILE C 137 -29.73 -9.08 23.32
N ARG C 138 -30.62 -9.65 22.51
CA ARG C 138 -31.13 -10.97 22.86
C ARG C 138 -29.99 -11.97 22.99
N MET C 139 -28.99 -11.85 22.12
CA MET C 139 -27.82 -12.71 22.22
C MET C 139 -27.10 -12.47 23.54
N ARG C 140 -26.72 -11.22 23.79
CA ARG C 140 -26.10 -10.84 25.05
C ARG C 140 -26.93 -11.31 26.22
N GLU C 141 -28.24 -11.07 26.16
CA GLU C 141 -29.10 -11.45 27.26
C GLU C 141 -29.12 -12.96 27.41
N ARG C 142 -29.22 -13.66 26.29
CA ARG C 142 -29.14 -15.11 26.28
C ARG C 142 -27.81 -15.57 26.87
N ILE C 143 -26.72 -15.09 26.29
CA ILE C 143 -25.39 -15.55 26.66
C ILE C 143 -25.11 -15.23 28.11
N ASN C 144 -25.56 -14.06 28.55
CA ASN C 144 -25.31 -13.65 29.93
C ASN C 144 -26.12 -14.51 30.90
N ARG C 145 -27.39 -14.76 30.57
CA ARG C 145 -28.17 -15.70 31.35
C ARG C 145 -27.53 -17.08 31.34
N LEU C 146 -27.06 -17.50 30.17
CA LEU C 146 -26.43 -18.82 30.03
C LEU C 146 -25.29 -18.96 31.00
N ILE C 147 -24.45 -17.94 31.10
CA ILE C 147 -23.36 -17.95 32.06
C ILE C 147 -23.92 -18.04 33.47
N ALA C 148 -25.06 -17.38 33.68
CA ALA C 148 -25.60 -17.25 35.03
C ALA C 148 -26.04 -18.59 35.56
N GLU C 149 -26.89 -19.28 34.81
CA GLU C 149 -27.32 -20.61 35.22
C GLU C 149 -26.14 -21.57 35.23
N ALA C 150 -25.22 -21.40 34.28
CA ALA C 150 -24.05 -22.26 34.24
C ALA C 150 -23.20 -22.09 35.48
N THR C 151 -23.06 -20.85 35.93
CA THR C 151 -22.34 -20.55 37.16
C THR C 151 -23.28 -20.44 38.36
N GLY C 152 -24.59 -20.45 38.13
CA GLY C 152 -25.56 -20.44 39.20
C GLY C 152 -25.89 -19.08 39.77
N GLN C 153 -25.07 -18.06 39.52
CA GLN C 153 -25.32 -16.74 40.07
C GLN C 153 -26.59 -16.14 39.50
N SER C 154 -27.08 -15.11 40.19
CA SER C 154 -28.20 -14.34 39.66
C SER C 154 -27.79 -13.70 38.34
N TYR C 155 -28.74 -13.66 37.42
CA TYR C 155 -28.47 -13.14 36.09
C TYR C 155 -28.07 -11.68 36.13
N GLU C 156 -28.76 -10.90 36.97
CA GLU C 156 -28.47 -9.49 37.10
C GLU C 156 -27.00 -9.23 37.45
N GLN C 157 -26.41 -10.08 38.28
CA GLN C 157 -25.02 -9.93 38.67
C GLN C 157 -24.12 -9.93 37.45
N ILE C 158 -24.34 -10.88 36.55
CA ILE C 158 -23.62 -10.90 35.27
C ILE C 158 -23.81 -9.58 34.55
N SER C 159 -25.06 -9.15 34.44
CA SER C 159 -25.37 -7.97 33.65
C SER C 159 -24.77 -6.72 34.24
N LYS C 160 -24.32 -6.77 35.50
CA LYS C 160 -23.50 -5.71 36.04
C LYS C 160 -22.07 -5.84 35.55
N ASP C 161 -21.56 -7.06 35.52
CA ASP C 161 -20.15 -7.26 35.22
C ASP C 161 -19.86 -7.26 33.73
N THR C 162 -20.78 -7.79 32.92
CA THR C 162 -20.56 -7.77 31.48
C THR C 162 -20.78 -6.41 30.88
N ASP C 163 -21.09 -5.40 31.67
CA ASP C 163 -20.98 -4.04 31.19
C ASP C 163 -19.55 -3.74 30.74
N ARG C 164 -18.56 -4.40 31.33
CA ARG C 164 -17.18 -4.25 30.93
C ARG C 164 -16.53 -5.63 30.95
N ASN C 165 -15.24 -5.64 30.64
CA ASN C 165 -14.47 -6.87 30.64
C ASN C 165 -14.06 -7.23 32.06
N PHE C 166 -14.99 -7.79 32.83
CA PHE C 166 -14.70 -8.20 34.19
C PHE C 166 -13.70 -9.33 34.14
N TRP C 167 -12.45 -9.02 34.48
CA TRP C 167 -11.37 -10.00 34.56
C TRP C 167 -11.38 -10.64 35.95
N LEU C 168 -10.88 -11.87 36.02
CA LEU C 168 -10.77 -12.60 37.27
C LEU C 168 -9.42 -13.25 37.40
N SER C 169 -8.96 -13.38 38.63
CA SER C 169 -8.07 -14.46 38.97
C SER C 169 -8.87 -15.74 39.06
N VAL C 170 -8.22 -16.84 38.69
CA VAL C 170 -8.83 -18.15 38.76
C VAL C 170 -9.35 -18.45 40.16
N ASN C 171 -8.68 -17.93 41.19
CA ASN C 171 -9.13 -18.11 42.56
C ASN C 171 -10.55 -17.59 42.75
N GLU C 172 -10.80 -16.36 42.31
CA GLU C 172 -12.12 -15.77 42.49
C GLU C 172 -13.17 -16.53 41.71
N ALA C 173 -12.77 -17.15 40.61
CA ALA C 173 -13.73 -17.88 39.78
C ALA C 173 -14.35 -19.02 40.56
N LYS C 174 -13.55 -19.66 41.43
CA LYS C 174 -14.08 -20.68 42.32
C LYS C 174 -15.18 -20.12 43.21
N ASP C 175 -14.90 -18.97 43.85
CA ASP C 175 -15.94 -18.30 44.62
C ASP C 175 -17.05 -17.82 43.70
N TYR C 176 -16.71 -17.47 42.46
CA TYR C 176 -17.72 -16.97 41.54
C TYR C 176 -18.57 -18.07 40.95
N GLY C 177 -18.31 -19.32 41.29
CA GLY C 177 -19.14 -20.42 40.85
C GLY C 177 -18.76 -21.03 39.52
N ILE C 178 -17.77 -20.46 38.83
CA ILE C 178 -17.32 -21.09 37.60
C ILE C 178 -16.67 -22.43 37.91
N VAL C 179 -15.77 -22.47 38.88
CA VAL C 179 -14.78 -23.52 38.97
C VAL C 179 -15.14 -24.50 40.08
N ASN C 180 -14.91 -25.78 39.78
CA ASN C 180 -14.88 -26.82 40.80
C ASN C 180 -13.62 -26.69 41.61
N GLU C 181 -12.49 -26.75 40.90
CA GLU C 181 -11.19 -27.13 41.50
C GLU C 181 -10.03 -26.59 40.67
N ILE C 182 -9.02 -26.03 41.32
CA ILE C 182 -7.81 -25.58 40.58
C ILE C 182 -6.88 -26.78 40.47
N ILE C 183 -7.29 -27.75 39.66
CA ILE C 183 -6.44 -28.94 39.43
C ILE C 183 -5.02 -28.44 39.19
N GLU C 184 -4.11 -28.82 40.06
CA GLU C 184 -2.72 -28.34 39.86
C GLU C 184 -1.83 -29.49 39.34
N ASN C 185 -2.20 -30.74 39.58
CA ASN C 185 -1.42 -31.90 39.11
C ASN C 185 -2.35 -32.88 38.42
N ARG C 186 -1.81 -33.84 37.66
CA ARG C 186 -2.67 -34.88 37.03
C ARG C 186 -3.26 -35.76 38.13
N ASP C 187 -2.91 -35.47 39.38
CA ASP C 187 -3.17 -36.40 40.51
C ASP C 187 -4.61 -36.22 41.01
N ILE D 10 -2.40 -44.00 8.59
CA ILE D 10 -3.54 -44.14 9.54
C ILE D 10 -4.05 -42.76 9.99
N THR D 11 -3.35 -41.69 9.57
CA THR D 11 -3.72 -40.34 9.99
C THR D 11 -5.09 -39.93 9.45
N ASN D 12 -5.64 -40.69 8.50
CA ASN D 12 -6.98 -40.42 8.01
C ASN D 12 -8.01 -41.38 8.61
N ILE D 13 -7.60 -42.34 9.46
CA ILE D 13 -8.58 -43.26 10.01
C ILE D 13 -9.51 -42.50 10.95
N LEU D 14 -9.02 -41.42 11.55
CA LEU D 14 -9.87 -40.47 12.24
C LEU D 14 -11.00 -39.97 11.35
N THR D 15 -10.75 -39.90 10.04
CA THR D 15 -11.82 -39.60 9.09
C THR D 15 -12.57 -40.86 8.67
N GLN D 16 -11.89 -42.01 8.62
CA GLN D 16 -12.58 -43.26 8.32
C GLN D 16 -13.66 -43.54 9.34
N LYS D 17 -13.33 -43.45 10.62
CA LYS D 17 -14.33 -43.62 11.66
C LYS D 17 -15.45 -42.60 11.48
N LEU D 18 -15.10 -41.37 11.10
CA LEU D 18 -16.14 -40.38 10.89
C LEU D 18 -16.95 -40.68 9.65
N ILE D 19 -16.28 -41.20 8.61
CA ILE D 19 -17.01 -41.68 7.44
C ILE D 19 -18.00 -42.76 7.84
N ASP D 20 -17.58 -43.66 8.72
CA ASP D 20 -18.50 -44.65 9.25
C ASP D 20 -19.50 -44.03 10.22
N THR D 21 -19.12 -42.92 10.86
CA THR D 21 -20.03 -42.21 11.74
C THR D 21 -21.17 -41.55 10.98
N ARG D 22 -20.99 -41.29 9.69
CA ARG D 22 -22.00 -40.68 8.86
C ARG D 22 -22.37 -39.30 9.37
N THR D 23 -21.39 -38.41 9.28
CA THR D 23 -21.51 -37.03 9.72
C THR D 23 -20.70 -36.15 8.78
N VAL D 24 -21.13 -34.90 8.63
CA VAL D 24 -20.44 -33.91 7.84
C VAL D 24 -20.47 -32.59 8.59
N LEU D 25 -19.48 -31.74 8.34
CA LEU D 25 -19.28 -30.49 9.04
C LEU D 25 -19.16 -29.38 8.01
N ILE D 26 -20.28 -28.68 7.78
CA ILE D 26 -20.26 -27.47 6.97
C ILE D 26 -20.12 -26.29 7.92
N TYR D 27 -18.88 -25.97 8.23
CA TYR D 27 -18.53 -24.82 9.04
C TYR D 27 -17.79 -23.83 8.15
N GLY D 28 -18.12 -22.55 8.30
CA GLY D 28 -17.46 -21.50 7.57
C GLY D 28 -18.29 -20.89 6.44
N GLU D 29 -17.61 -20.35 5.44
CA GLU D 29 -18.28 -19.63 4.38
C GLU D 29 -18.73 -20.57 3.28
N ILE D 30 -20.01 -20.46 2.93
CA ILE D 30 -20.57 -21.26 1.85
C ILE D 30 -20.14 -20.65 0.53
N ASN D 31 -19.11 -21.21 -0.07
CA ASN D 31 -18.59 -20.76 -1.33
C ASN D 31 -18.24 -21.98 -2.16
N GLN D 32 -17.81 -21.73 -3.39
CA GLN D 32 -17.83 -22.80 -4.37
C GLN D 32 -16.73 -23.83 -4.13
N GLU D 33 -15.83 -23.59 -3.17
CA GLU D 33 -14.90 -24.64 -2.77
C GLU D 33 -15.45 -25.48 -1.64
N LEU D 34 -16.16 -24.87 -0.70
CA LEU D 34 -16.63 -25.59 0.47
C LEU D 34 -17.62 -26.67 0.07
N ALA D 35 -18.44 -26.37 -0.93
CA ALA D 35 -19.34 -27.37 -1.45
C ALA D 35 -18.57 -28.53 -2.06
N GLU D 36 -17.46 -28.22 -2.72
CA GLU D 36 -16.69 -29.26 -3.39
C GLU D 36 -16.12 -30.24 -2.38
N ASP D 37 -15.56 -29.72 -1.28
CA ASP D 37 -15.09 -30.58 -0.22
C ASP D 37 -16.24 -31.35 0.41
N VAL D 38 -17.46 -30.83 0.33
CA VAL D 38 -18.62 -31.47 0.93
C VAL D 38 -19.22 -32.49 -0.01
N SER D 39 -19.55 -32.06 -1.22
CA SER D 39 -20.09 -32.95 -2.25
C SER D 39 -19.23 -34.19 -2.45
N LYS D 40 -17.93 -34.06 -2.22
CA LYS D 40 -17.08 -35.22 -2.01
C LYS D 40 -17.71 -36.15 -0.98
N GLN D 41 -18.04 -35.60 0.18
CA GLN D 41 -18.44 -36.42 1.31
C GLN D 41 -19.78 -37.09 1.08
N LEU D 42 -20.75 -36.34 0.55
CA LEU D 42 -22.08 -36.91 0.37
C LEU D 42 -22.05 -38.08 -0.59
N LEU D 43 -21.41 -37.91 -1.74
CA LEU D 43 -21.26 -39.02 -2.67
C LEU D 43 -20.45 -40.13 -2.05
N LEU D 44 -19.51 -39.78 -1.17
CA LEU D 44 -18.79 -40.80 -0.44
C LEU D 44 -19.73 -41.55 0.47
N LEU D 45 -20.51 -40.83 1.25
CA LEU D 45 -21.49 -41.47 2.11
C LEU D 45 -22.53 -42.20 1.29
N GLU D 46 -22.87 -41.64 0.13
CA GLU D 46 -23.89 -42.26 -0.70
C GLU D 46 -23.40 -43.57 -1.28
N SER D 47 -22.26 -43.54 -1.98
CA SER D 47 -21.70 -44.76 -2.56
C SER D 47 -21.41 -45.79 -1.50
N ILE D 48 -21.05 -45.34 -0.29
CA ILE D 48 -20.79 -46.28 0.79
C ILE D 48 -22.09 -46.94 1.23
N SER D 49 -23.16 -46.17 1.30
CA SER D 49 -24.40 -46.70 1.85
C SER D 49 -25.53 -45.72 1.62
N ASN D 50 -26.73 -46.19 1.93
CA ASN D 50 -27.92 -45.38 1.95
C ASN D 50 -28.41 -45.10 3.36
N ASP D 51 -27.54 -45.22 4.35
CA ASP D 51 -27.94 -45.01 5.73
C ASP D 51 -28.17 -43.53 5.99
N PRO D 52 -28.84 -43.20 7.09
CA PRO D 52 -29.07 -41.79 7.41
C PRO D 52 -27.76 -41.06 7.63
N ILE D 53 -27.80 -39.76 7.39
CA ILE D 53 -26.63 -38.92 7.39
C ILE D 53 -26.89 -37.75 8.32
N THR D 54 -25.88 -37.43 9.13
CA THR D 54 -25.91 -36.24 9.95
C THR D 54 -25.25 -35.11 9.18
N ILE D 55 -25.71 -33.89 9.43
CA ILE D 55 -25.01 -32.70 8.99
C ILE D 55 -25.14 -31.67 10.09
N PHE D 56 -24.02 -31.02 10.39
CA PHE D 56 -23.94 -29.97 11.39
C PHE D 56 -23.58 -28.68 10.69
N ILE D 57 -24.49 -27.71 10.75
CA ILE D 57 -24.33 -26.45 10.04
C ILE D 57 -24.00 -25.35 11.03
N ASN D 58 -22.97 -24.59 10.71
CA ASN D 58 -22.60 -23.40 11.44
C ASN D 58 -22.13 -22.41 10.40
N SER D 59 -23.01 -21.50 10.01
CA SER D 59 -22.79 -20.75 8.80
C SER D 59 -23.26 -19.32 8.94
N GLN D 60 -22.51 -18.43 8.34
CA GLN D 60 -23.00 -17.14 7.91
C GLN D 60 -23.42 -17.16 6.47
N GLY D 61 -23.61 -18.35 5.91
CA GLY D 61 -23.98 -18.46 4.52
C GLY D 61 -22.82 -18.10 3.65
N GLY D 62 -23.09 -17.27 2.65
CA GLY D 62 -22.08 -16.83 1.73
C GLY D 62 -22.62 -16.84 0.32
N HIS D 63 -21.84 -17.42 -0.58
CA HIS D 63 -22.20 -17.44 -1.99
C HIS D 63 -23.44 -18.30 -2.15
N VAL D 64 -24.58 -17.65 -2.38
CA VAL D 64 -25.86 -18.31 -2.20
C VAL D 64 -26.05 -19.42 -3.20
N GLU D 65 -25.40 -19.34 -4.35
CA GLU D 65 -25.66 -20.33 -5.37
C GLU D 65 -25.02 -21.67 -5.02
N ALA D 66 -23.77 -21.63 -4.54
CA ALA D 66 -23.19 -22.84 -3.98
C ALA D 66 -23.83 -23.20 -2.66
N GLY D 67 -24.66 -22.32 -2.11
CA GLY D 67 -25.57 -22.74 -1.07
C GLY D 67 -26.77 -23.45 -1.63
N ASP D 68 -27.18 -23.10 -2.85
CA ASP D 68 -28.32 -23.77 -3.47
C ASP D 68 -27.96 -25.17 -3.94
N THR D 69 -26.72 -25.37 -4.39
CA THR D 69 -26.36 -26.67 -4.91
C THR D 69 -26.31 -27.70 -3.79
N ILE D 70 -25.91 -27.29 -2.59
CA ILE D 70 -25.82 -28.25 -1.51
C ILE D 70 -27.22 -28.64 -1.04
N HIS D 71 -28.17 -27.72 -1.16
CA HIS D 71 -29.57 -28.12 -1.06
C HIS D 71 -29.84 -29.16 -2.12
N ASP D 72 -29.43 -28.87 -3.35
CA ASP D 72 -29.80 -29.68 -4.50
C ASP D 72 -29.23 -31.09 -4.37
N MET D 73 -27.93 -31.21 -4.16
CA MET D 73 -27.32 -32.53 -4.03
C MET D 73 -27.95 -33.30 -2.90
N ILE D 74 -28.36 -32.62 -1.84
CA ILE D 74 -29.02 -33.28 -0.73
C ILE D 74 -30.34 -33.87 -1.21
N LYS D 75 -31.08 -33.13 -2.03
CA LYS D 75 -32.31 -33.70 -2.58
C LYS D 75 -32.00 -34.71 -3.67
N PHE D 76 -30.82 -34.65 -4.26
CA PHE D 76 -30.48 -35.52 -5.37
C PHE D 76 -30.34 -36.96 -4.94
N ILE D 77 -30.05 -37.20 -3.67
CA ILE D 77 -29.49 -38.48 -3.26
C ILE D 77 -30.49 -39.31 -2.48
N LYS D 78 -30.25 -40.62 -2.52
CA LYS D 78 -31.09 -41.57 -1.81
C LYS D 78 -31.19 -41.32 -0.31
N PRO D 79 -30.10 -41.19 0.45
CA PRO D 79 -30.17 -41.43 1.90
C PRO D 79 -31.04 -40.45 2.66
N THR D 80 -31.54 -40.95 3.79
CA THR D 80 -32.12 -40.09 4.81
C THR D 80 -31.08 -39.07 5.25
N VAL D 81 -31.54 -37.88 5.61
CA VAL D 81 -30.68 -36.79 6.02
C VAL D 81 -31.27 -36.15 7.27
N LYS D 82 -30.49 -36.18 8.36
CA LYS D 82 -30.85 -35.52 9.60
C LYS D 82 -29.87 -34.39 9.86
N VAL D 83 -30.25 -33.18 9.48
CA VAL D 83 -29.35 -32.05 9.56
C VAL D 83 -29.40 -31.45 10.95
N VAL D 84 -28.40 -30.63 11.22
CA VAL D 84 -28.28 -29.90 12.46
C VAL D 84 -27.77 -28.52 12.13
N GLY D 85 -28.33 -27.51 12.77
CA GLY D 85 -27.87 -26.15 12.61
C GLY D 85 -27.45 -25.61 13.94
N THR D 86 -26.15 -25.39 14.10
CA THR D 86 -25.55 -25.04 15.37
C THR D 86 -24.90 -23.67 15.28
N GLY D 87 -25.11 -22.87 16.33
CA GLY D 87 -24.50 -21.56 16.44
C GLY D 87 -25.28 -20.49 15.71
N TRP D 88 -25.14 -20.40 14.40
CA TRP D 88 -25.99 -19.49 13.65
C TRP D 88 -25.94 -19.86 12.18
N VAL D 89 -27.01 -19.48 11.49
CA VAL D 89 -27.27 -19.88 10.11
C VAL D 89 -27.79 -18.65 9.38
N ALA D 90 -27.65 -18.65 8.05
CA ALA D 90 -27.87 -17.46 7.26
C ALA D 90 -28.47 -17.80 5.91
N ALA D 91 -28.56 -16.77 5.07
CA ALA D 91 -29.19 -16.79 3.75
C ALA D 91 -28.84 -18.02 2.93
N ALA D 92 -27.55 -18.32 2.86
CA ALA D 92 -27.09 -19.45 2.06
C ALA D 92 -26.95 -20.68 2.92
N GLY D 93 -26.65 -20.50 4.21
CA GLY D 93 -26.49 -21.63 5.10
C GLY D 93 -27.80 -22.25 5.51
N ILE D 94 -28.91 -21.53 5.31
CA ILE D 94 -30.22 -22.02 5.69
C ILE D 94 -30.91 -22.72 4.53
N THR D 95 -30.52 -22.41 3.31
CA THR D 95 -31.08 -23.06 2.13
C THR D 95 -30.94 -24.57 2.24
N ILE D 96 -29.74 -25.01 2.61
CA ILE D 96 -29.49 -26.42 2.86
C ILE D 96 -30.31 -26.94 4.02
N TYR D 97 -30.56 -26.10 5.02
CA TYR D 97 -31.26 -26.54 6.21
C TYR D 97 -32.67 -26.98 5.86
N LEU D 98 -33.38 -26.14 5.13
CA LEU D 98 -34.73 -26.45 4.71
C LEU D 98 -34.76 -27.51 3.63
N ALA D 99 -33.64 -27.78 2.97
CA ALA D 99 -33.59 -28.89 2.03
C ALA D 99 -33.94 -30.18 2.72
N ALA D 100 -33.56 -30.32 3.98
CA ALA D 100 -34.01 -31.44 4.76
C ALA D 100 -35.48 -31.30 5.06
N GLU D 101 -36.15 -32.45 5.18
CA GLU D 101 -37.56 -32.42 5.48
C GLU D 101 -37.80 -31.84 6.87
N LYS D 102 -38.98 -31.23 7.02
CA LYS D 102 -39.39 -30.60 8.26
C LYS D 102 -39.40 -31.58 9.43
N GLU D 103 -39.40 -32.88 9.15
CA GLU D 103 -39.31 -33.91 10.17
C GLU D 103 -37.88 -34.27 10.53
N ASN D 104 -36.91 -33.82 9.74
CA ASN D 104 -35.51 -34.11 9.97
C ASN D 104 -34.65 -32.87 10.20
N ARG D 105 -35.26 -31.71 10.42
CA ARG D 105 -34.51 -30.47 10.64
C ARG D 105 -34.30 -30.28 12.15
N PHE D 106 -33.13 -30.70 12.59
CA PHE D 106 -32.80 -30.58 13.99
C PHE D 106 -32.00 -29.31 14.26
N SER D 107 -32.10 -28.82 15.48
CA SER D 107 -31.44 -27.59 15.88
C SER D 107 -31.08 -27.67 17.35
N LEU D 108 -30.30 -26.70 17.80
CA LEU D 108 -29.84 -26.68 19.17
C LEU D 108 -30.44 -25.51 19.96
N PRO D 109 -30.40 -25.58 21.30
CA PRO D 109 -31.05 -24.55 22.10
C PRO D 109 -30.57 -23.12 21.90
N ASN D 110 -29.37 -22.92 21.34
CA ASN D 110 -28.77 -21.59 21.27
C ASN D 110 -28.37 -21.18 19.87
N THR D 111 -28.87 -21.86 18.85
CA THR D 111 -28.68 -21.36 17.49
C THR D 111 -29.53 -20.13 17.28
N ARG D 112 -29.10 -19.29 16.33
CA ARG D 112 -29.90 -18.17 15.86
C ARG D 112 -29.81 -18.12 14.35
N TYR D 113 -30.97 -18.27 13.72
CA TYR D 113 -31.10 -18.35 12.28
C TYR D 113 -31.27 -16.95 11.73
N MET D 114 -30.89 -16.74 10.48
CA MET D 114 -31.24 -15.54 9.77
C MET D 114 -31.81 -15.90 8.41
N ILE D 115 -32.91 -15.26 8.09
CA ILE D 115 -33.36 -15.09 6.72
C ILE D 115 -32.98 -13.68 6.31
N HIS D 116 -32.41 -13.55 5.13
CA HIS D 116 -32.15 -12.24 4.58
C HIS D 116 -32.02 -12.40 3.08
N GLN D 117 -32.56 -11.43 2.36
CA GLN D 117 -32.62 -11.54 0.93
C GLN D 117 -31.22 -11.53 0.36
N PRO D 118 -31.05 -12.00 -0.87
CA PRO D 118 -29.72 -12.02 -1.46
C PRO D 118 -29.08 -10.65 -1.50
N ALA D 119 -27.78 -10.66 -1.75
CA ALA D 119 -27.00 -9.45 -1.83
C ALA D 119 -26.08 -9.56 -3.02
N GLY D 120 -26.34 -8.70 -3.99
CA GLY D 120 -25.54 -8.64 -5.18
C GLY D 120 -25.12 -7.22 -5.42
N GLY D 121 -24.34 -7.03 -6.46
CA GLY D 121 -23.91 -5.69 -6.78
C GLY D 121 -23.17 -5.68 -8.09
N VAL D 122 -23.43 -4.64 -8.87
CA VAL D 122 -22.94 -4.53 -10.23
C VAL D 122 -22.41 -3.13 -10.48
N GLN D 123 -21.48 -3.04 -11.42
CA GLN D 123 -21.08 -1.79 -12.05
C GLN D 123 -21.08 -2.02 -13.54
N GLY D 124 -21.90 -1.28 -14.25
CA GLY D 124 -21.97 -1.42 -15.69
C GLY D 124 -23.04 -0.54 -16.27
N GLN D 125 -23.36 -0.82 -17.52
CA GLN D 125 -24.44 -0.10 -18.15
C GLN D 125 -25.76 -0.52 -17.53
N SER D 126 -26.77 0.33 -17.70
CA SER D 126 -28.03 0.12 -17.00
C SER D 126 -28.72 -1.15 -17.47
N THR D 127 -28.37 -1.63 -18.66
CA THR D 127 -28.90 -2.91 -19.10
C THR D 127 -28.38 -4.05 -18.28
N GLU D 128 -27.07 -4.11 -18.03
CA GLU D 128 -26.52 -5.14 -17.16
C GLU D 128 -27.13 -5.04 -15.78
N ILE D 129 -27.42 -3.82 -15.34
CA ILE D 129 -28.04 -3.61 -14.04
C ILE D 129 -29.41 -4.26 -13.99
N GLU D 130 -30.32 -3.82 -14.84
CA GLU D 130 -31.69 -4.31 -14.77
C GLU D 130 -31.76 -5.78 -15.11
N ILE D 131 -30.89 -6.24 -16.00
CA ILE D 131 -30.77 -7.66 -16.29
C ILE D 131 -30.50 -8.43 -15.00
N GLU D 132 -29.44 -8.06 -14.31
CA GLU D 132 -29.07 -8.73 -13.07
C GLU D 132 -30.15 -8.61 -12.01
N ALA D 133 -30.66 -7.39 -11.82
CA ALA D 133 -31.74 -7.17 -10.86
C ALA D 133 -32.94 -8.03 -11.20
N LYS D 134 -33.27 -8.12 -12.48
CA LYS D 134 -34.37 -8.97 -12.90
C LYS D 134 -34.13 -10.42 -12.53
N GLU D 135 -32.87 -10.83 -12.44
CA GLU D 135 -32.55 -12.20 -12.06
C GLU D 135 -32.49 -12.36 -10.56
N ILE D 136 -31.82 -11.41 -9.90
CA ILE D 136 -31.71 -11.45 -8.45
C ILE D 136 -33.08 -11.45 -7.81
N ILE D 137 -33.98 -10.62 -8.32
CA ILE D 137 -35.33 -10.62 -7.79
C ILE D 137 -36.01 -11.94 -8.09
N ARG D 138 -35.81 -12.48 -9.30
CA ARG D 138 -36.39 -13.78 -9.62
C ARG D 138 -35.78 -14.86 -8.76
N MET D 139 -34.49 -14.76 -8.50
CA MET D 139 -33.85 -15.65 -7.54
C MET D 139 -34.48 -15.48 -6.17
N ARG D 140 -34.51 -14.24 -5.69
CA ARG D 140 -35.11 -13.94 -4.39
C ARG D 140 -36.51 -14.49 -4.28
N GLU D 141 -37.27 -14.40 -5.36
CA GLU D 141 -38.59 -15.00 -5.40
C GLU D 141 -38.50 -16.51 -5.24
N ARG D 142 -37.60 -17.13 -6.00
CA ARG D 142 -37.43 -18.57 -5.94
C ARG D 142 -37.04 -19.03 -4.55
N ILE D 143 -36.07 -18.36 -3.95
CA ILE D 143 -35.61 -18.75 -2.63
C ILE D 143 -36.72 -18.63 -1.62
N ASN D 144 -37.48 -17.54 -1.70
CA ASN D 144 -38.65 -17.38 -0.84
C ASN D 144 -39.62 -18.52 -1.07
N ARG D 145 -39.88 -18.85 -2.32
CA ARG D 145 -40.75 -19.98 -2.63
C ARG D 145 -40.18 -21.26 -2.07
N LEU D 146 -38.93 -21.54 -2.40
CA LEU D 146 -38.24 -22.71 -1.88
C LEU D 146 -38.33 -22.78 -0.37
N ILE D 147 -38.26 -21.63 0.29
CA ILE D 147 -38.39 -21.61 1.74
C ILE D 147 -39.79 -22.06 2.13
N ALA D 148 -40.79 -21.48 1.50
CA ALA D 148 -42.16 -21.65 1.92
C ALA D 148 -42.61 -23.10 1.78
N GLU D 149 -42.05 -23.81 0.80
CA GLU D 149 -42.46 -25.17 0.55
C GLU D 149 -42.15 -26.08 1.73
N ALA D 150 -41.01 -25.87 2.38
CA ALA D 150 -40.60 -26.75 3.45
C ALA D 150 -41.12 -26.30 4.80
N THR D 151 -41.00 -25.01 5.09
CA THR D 151 -41.56 -24.45 6.32
C THR D 151 -43.06 -24.28 6.26
N GLY D 152 -43.66 -24.35 5.08
CA GLY D 152 -45.10 -24.26 4.94
C GLY D 152 -45.69 -22.88 5.05
N GLN D 153 -44.92 -21.90 5.51
CA GLN D 153 -45.42 -20.55 5.63
C GLN D 153 -45.71 -19.97 4.25
N SER D 154 -46.31 -18.79 4.25
CA SER D 154 -46.69 -18.15 3.00
C SER D 154 -45.48 -17.57 2.31
N TYR D 155 -45.50 -17.59 0.98
CA TYR D 155 -44.46 -16.93 0.21
C TYR D 155 -44.43 -15.44 0.51
N GLU D 156 -45.55 -14.87 0.92
CA GLU D 156 -45.64 -13.42 1.04
C GLU D 156 -44.99 -12.93 2.33
N GLN D 157 -45.45 -13.38 3.50
CA GLN D 157 -44.95 -12.80 4.73
C GLN D 157 -43.50 -13.15 4.95
N ILE D 158 -43.07 -14.29 4.43
CA ILE D 158 -41.65 -14.57 4.29
C ILE D 158 -40.98 -13.43 3.52
N SER D 159 -41.57 -13.04 2.40
CA SER D 159 -40.95 -12.04 1.55
C SER D 159 -40.79 -10.73 2.28
N LYS D 160 -41.81 -10.32 3.01
CA LYS D 160 -41.79 -9.07 3.74
C LYS D 160 -40.78 -9.06 4.87
N ASP D 161 -40.38 -10.24 5.36
CA ASP D 161 -39.29 -10.33 6.31
C ASP D 161 -37.94 -10.30 5.61
N THR D 162 -37.89 -10.84 4.39
CA THR D 162 -36.64 -10.89 3.66
C THR D 162 -36.13 -9.52 3.27
N ASP D 163 -37.00 -8.51 3.26
CA ASP D 163 -36.56 -7.19 2.85
C ASP D 163 -35.50 -6.63 3.78
N ARG D 164 -35.49 -7.08 5.03
CA ARG D 164 -34.45 -6.74 5.98
C ARG D 164 -33.78 -8.02 6.45
N ASN D 165 -32.69 -7.84 7.16
CA ASN D 165 -31.92 -8.96 7.68
C ASN D 165 -32.64 -9.51 8.90
N PHE D 166 -33.75 -10.18 8.62
CA PHE D 166 -34.63 -10.66 9.67
C PHE D 166 -33.94 -11.81 10.38
N TRP D 167 -33.65 -11.62 11.67
CA TRP D 167 -33.07 -12.67 12.47
C TRP D 167 -34.16 -13.47 13.18
N LEU D 168 -33.83 -14.71 13.47
CA LEU D 168 -34.67 -15.59 14.26
C LEU D 168 -33.81 -16.33 15.26
N SER D 169 -34.28 -16.40 16.50
CA SER D 169 -33.74 -17.37 17.41
C SER D 169 -34.40 -18.72 17.15
N VAL D 170 -33.83 -19.74 17.76
CA VAL D 170 -34.29 -21.11 17.56
C VAL D 170 -35.72 -21.27 18.06
N ASN D 171 -36.01 -20.70 19.23
CA ASN D 171 -37.27 -20.99 19.89
C ASN D 171 -38.43 -20.41 19.11
N GLU D 172 -38.18 -19.37 18.33
CA GLU D 172 -39.20 -18.80 17.48
C GLU D 172 -39.34 -19.61 16.20
N ALA D 173 -38.23 -20.10 15.67
CA ALA D 173 -38.23 -20.77 14.38
C ALA D 173 -39.09 -22.01 14.39
N LYS D 174 -39.23 -22.67 15.54
CA LYS D 174 -40.14 -23.79 15.64
C LYS D 174 -41.58 -23.33 15.47
N ASP D 175 -41.95 -22.26 16.19
CA ASP D 175 -43.27 -21.68 16.00
C ASP D 175 -43.45 -21.19 14.57
N TYR D 176 -42.51 -20.39 14.09
CA TYR D 176 -42.44 -20.03 12.69
C TYR D 176 -42.41 -21.25 11.79
N GLY D 177 -41.79 -22.34 12.25
CA GLY D 177 -41.86 -23.59 11.53
C GLY D 177 -40.71 -23.87 10.62
N ILE D 178 -39.47 -23.71 11.09
CA ILE D 178 -38.31 -24.25 10.39
C ILE D 178 -37.96 -25.62 10.94
N VAL D 179 -38.09 -25.80 12.23
CA VAL D 179 -37.38 -26.84 12.96
C VAL D 179 -38.37 -27.83 13.53
N ASN D 180 -37.93 -29.07 13.62
CA ASN D 180 -38.69 -30.14 14.26
C ASN D 180 -38.43 -30.15 15.76
N GLU D 181 -37.16 -30.00 16.12
CA GLU D 181 -36.84 -30.18 17.55
C GLU D 181 -35.57 -29.44 17.95
N ILE D 182 -35.58 -28.83 19.13
CA ILE D 182 -34.33 -28.21 19.64
C ILE D 182 -33.59 -29.35 20.29
N ILE D 183 -33.22 -30.32 19.47
CA ILE D 183 -32.45 -31.50 19.92
C ILE D 183 -31.35 -31.00 20.82
N GLU D 184 -31.32 -31.51 22.03
CA GLU D 184 -30.34 -30.95 22.97
C GLU D 184 -29.28 -31.99 23.34
N ASN D 185 -29.60 -33.29 23.21
CA ASN D 185 -28.63 -34.37 23.53
C ASN D 185 -28.59 -35.35 22.37
N ARG D 186 -27.58 -36.22 22.32
CA ARG D 186 -27.54 -37.26 21.27
C ARG D 186 -28.68 -38.24 21.49
N ASP D 187 -29.46 -38.02 22.55
CA ASP D 187 -30.42 -39.05 23.06
C ASP D 187 -31.71 -38.98 22.27
N ILE E 10 -4.42 -47.99 5.59
CA ILE E 10 -5.50 -48.60 4.76
C ILE E 10 -6.46 -47.51 4.28
N THR E 11 -6.45 -46.36 4.96
CA THR E 11 -7.57 -45.44 4.88
C THR E 11 -7.68 -44.76 3.51
N ASN E 12 -6.60 -44.71 2.73
CA ASN E 12 -6.65 -43.94 1.49
C ASN E 12 -7.43 -44.66 0.40
N ILE E 13 -7.60 -45.99 0.52
CA ILE E 13 -8.44 -46.72 -0.42
C ILE E 13 -9.89 -46.29 -0.28
N LEU E 14 -10.26 -45.73 0.86
CA LEU E 14 -11.62 -45.23 1.00
C LEU E 14 -11.80 -43.92 0.22
N THR E 15 -10.70 -43.19 0.00
CA THR E 15 -10.72 -42.08 -0.94
C THR E 15 -10.56 -42.55 -2.38
N GLN E 16 -10.21 -43.82 -2.59
CA GLN E 16 -10.18 -44.39 -3.93
C GLN E 16 -11.58 -44.70 -4.43
N LYS E 17 -12.52 -44.92 -3.51
CA LYS E 17 -13.86 -45.33 -3.91
C LYS E 17 -14.63 -44.18 -4.55
N LEU E 18 -14.34 -42.94 -4.13
CA LEU E 18 -15.04 -41.79 -4.70
C LEU E 18 -14.77 -41.65 -6.18
N ILE E 19 -13.67 -42.24 -6.65
CA ILE E 19 -13.37 -42.30 -8.07
C ILE E 19 -13.99 -43.54 -8.66
N ASP E 20 -14.09 -44.62 -7.88
CA ASP E 20 -14.78 -45.82 -8.34
C ASP E 20 -16.23 -45.52 -8.68
N THR E 21 -16.85 -44.57 -7.98
CA THR E 21 -18.20 -44.14 -8.32
C THR E 21 -18.20 -43.37 -9.65
N ARG E 22 -17.05 -42.90 -10.11
CA ARG E 22 -16.91 -42.18 -11.37
C ARG E 22 -17.67 -40.86 -11.30
N THR E 23 -17.39 -40.10 -10.26
CA THR E 23 -17.91 -38.76 -10.07
C THR E 23 -16.75 -37.80 -9.99
N VAL E 24 -16.85 -36.69 -10.72
CA VAL E 24 -15.91 -35.59 -10.61
C VAL E 24 -16.71 -34.33 -10.36
N LEU E 25 -16.01 -33.26 -10.03
CA LEU E 25 -16.62 -32.01 -9.63
C LEU E 25 -15.86 -30.86 -10.26
N ILE E 26 -16.56 -30.08 -11.05
CA ILE E 26 -16.06 -28.81 -11.56
C ILE E 26 -16.82 -27.75 -10.79
N TYR E 27 -16.20 -27.23 -9.76
CA TYR E 27 -16.80 -26.27 -8.86
C TYR E 27 -15.94 -25.03 -8.84
N GLY E 28 -16.59 -23.89 -8.76
CA GLY E 28 -15.88 -22.63 -8.74
C GLY E 28 -15.39 -22.25 -10.13
N GLU E 29 -14.39 -21.37 -10.12
CA GLU E 29 -13.93 -20.76 -11.35
C GLU E 29 -13.22 -21.78 -12.21
N ILE E 30 -13.34 -21.60 -13.51
CA ILE E 30 -12.60 -22.42 -14.47
C ILE E 30 -11.28 -21.73 -14.75
N ASN E 31 -10.21 -22.28 -14.21
CA ASN E 31 -8.86 -21.83 -14.46
C ASN E 31 -8.04 -23.04 -14.87
N GLN E 32 -6.86 -22.75 -15.41
CA GLN E 32 -6.00 -23.82 -15.89
C GLN E 32 -5.54 -24.73 -14.76
N GLU E 33 -5.36 -24.17 -13.58
CA GLU E 33 -4.85 -24.96 -12.46
C GLU E 33 -5.89 -25.94 -11.93
N LEU E 34 -7.17 -25.68 -12.20
CA LEU E 34 -8.19 -26.66 -11.87
C LEU E 34 -8.30 -27.72 -12.96
N ALA E 35 -8.38 -27.29 -14.22
CA ALA E 35 -8.48 -28.21 -15.34
C ALA E 35 -7.37 -29.25 -15.31
N GLU E 36 -6.17 -28.83 -14.89
CA GLU E 36 -5.07 -29.75 -14.71
C GLU E 36 -5.45 -30.88 -13.77
N ASP E 37 -6.07 -30.54 -12.64
CA ASP E 37 -6.45 -31.57 -11.69
C ASP E 37 -7.63 -32.38 -12.20
N VAL E 38 -8.29 -31.89 -13.25
CA VAL E 38 -9.45 -32.57 -13.80
C VAL E 38 -9.05 -33.51 -14.93
N SER E 39 -8.19 -33.04 -15.84
CA SER E 39 -7.62 -33.93 -16.82
C SER E 39 -6.89 -35.09 -16.14
N LYS E 40 -6.31 -34.83 -14.98
CA LYS E 40 -5.86 -35.93 -14.12
C LYS E 40 -7.01 -36.87 -13.79
N GLN E 41 -8.17 -36.29 -13.45
CA GLN E 41 -9.29 -37.12 -13.04
C GLN E 41 -9.86 -37.91 -14.21
N LEU E 42 -10.02 -37.27 -15.36
CA LEU E 42 -10.80 -37.89 -16.42
C LEU E 42 -10.06 -39.05 -17.04
N LEU E 43 -8.91 -38.77 -17.66
CA LEU E 43 -8.19 -39.78 -18.40
C LEU E 43 -7.79 -40.94 -17.53
N LEU E 44 -7.61 -40.69 -16.24
CA LEU E 44 -7.56 -41.75 -15.26
C LEU E 44 -8.78 -42.63 -15.39
N LEU E 45 -9.96 -42.03 -15.18
CA LEU E 45 -11.20 -42.78 -15.22
C LEU E 45 -11.41 -43.44 -16.58
N GLU E 46 -11.03 -42.75 -17.64
CA GLU E 46 -11.16 -43.33 -18.97
C GLU E 46 -10.19 -44.48 -19.15
N SER E 47 -8.91 -44.25 -18.85
CA SER E 47 -7.91 -45.31 -18.96
C SER E 47 -8.25 -46.48 -18.06
N ILE E 48 -8.90 -46.20 -16.94
CA ILE E 48 -9.47 -47.27 -16.12
C ILE E 48 -10.46 -48.07 -16.94
N SER E 49 -11.48 -47.41 -17.45
CA SER E 49 -12.59 -48.12 -18.05
C SER E 49 -13.33 -47.18 -18.98
N ASN E 50 -14.17 -47.77 -19.81
CA ASN E 50 -15.16 -47.02 -20.58
C ASN E 50 -16.45 -46.82 -19.79
N ASP E 51 -16.41 -47.08 -18.48
CA ASP E 51 -17.56 -46.97 -17.62
C ASP E 51 -18.13 -45.55 -17.66
N PRO E 52 -19.38 -45.37 -17.23
CA PRO E 52 -19.99 -44.04 -17.35
C PRO E 52 -19.41 -43.06 -16.37
N ILE E 53 -19.71 -41.79 -16.59
CA ILE E 53 -19.21 -40.70 -15.76
C ILE E 53 -20.33 -39.71 -15.51
N THR E 54 -20.39 -39.25 -14.27
CA THR E 54 -21.21 -38.12 -13.88
C THR E 54 -20.32 -36.91 -13.75
N ILE E 55 -20.90 -35.74 -13.91
CA ILE E 55 -20.26 -34.48 -13.64
C ILE E 55 -21.27 -33.59 -12.93
N PHE E 56 -20.81 -32.86 -11.93
CA PHE E 56 -21.64 -31.90 -11.21
C PHE E 56 -20.96 -30.54 -11.28
N ILE E 57 -21.55 -29.64 -12.06
CA ILE E 57 -21.00 -28.31 -12.28
C ILE E 57 -21.75 -27.31 -11.42
N ASN E 58 -21.02 -26.58 -10.62
CA ASN E 58 -21.48 -25.30 -10.09
C ASN E 58 -20.37 -24.31 -10.41
N SER E 59 -20.58 -23.53 -11.47
CA SER E 59 -19.57 -22.62 -11.97
C SER E 59 -20.11 -21.21 -11.94
N GLN E 60 -19.20 -20.27 -11.78
CA GLN E 60 -19.46 -18.87 -12.04
C GLN E 60 -18.88 -18.53 -13.38
N GLY E 61 -18.71 -19.55 -14.22
CA GLY E 61 -17.84 -19.39 -15.36
C GLY E 61 -16.42 -19.19 -14.88
N GLY E 62 -15.60 -18.63 -15.75
CA GLY E 62 -14.23 -18.35 -15.39
C GLY E 62 -13.38 -18.04 -16.59
N HIS E 63 -12.20 -18.63 -16.64
CA HIS E 63 -11.32 -18.51 -17.79
C HIS E 63 -11.98 -19.29 -18.91
N VAL E 64 -12.61 -18.58 -19.84
CA VAL E 64 -13.61 -19.22 -20.68
C VAL E 64 -12.95 -20.11 -21.74
N GLU E 65 -11.63 -20.07 -21.85
CA GLU E 65 -10.96 -20.71 -22.96
C GLU E 65 -10.31 -22.02 -22.55
N ALA E 66 -9.94 -22.15 -21.28
CA ALA E 66 -9.60 -23.47 -20.78
C ALA E 66 -10.84 -24.36 -20.73
N GLY E 67 -12.03 -23.79 -20.74
CA GLY E 67 -13.22 -24.60 -20.88
C GLY E 67 -13.26 -25.36 -22.19
N ASP E 68 -12.72 -24.76 -23.26
CA ASP E 68 -12.74 -25.44 -24.56
C ASP E 68 -11.91 -26.72 -24.51
N THR E 69 -10.83 -26.70 -23.74
CA THR E 69 -10.11 -27.93 -23.45
C THR E 69 -11.05 -28.94 -22.82
N ILE E 70 -11.77 -28.51 -21.80
CA ILE E 70 -12.68 -29.40 -21.10
C ILE E 70 -13.82 -29.82 -21.98
N HIS E 71 -14.28 -28.92 -22.86
CA HIS E 71 -15.29 -29.32 -23.84
C HIS E 71 -14.73 -30.39 -24.72
N ASP E 72 -13.61 -30.10 -25.38
CA ASP E 72 -13.02 -31.07 -26.28
C ASP E 72 -12.53 -32.31 -25.56
N MET E 73 -12.02 -32.15 -24.34
CA MET E 73 -11.50 -33.29 -23.60
C MET E 73 -12.58 -34.32 -23.34
N ILE E 74 -13.75 -33.87 -22.92
CA ILE E 74 -14.88 -34.78 -22.81
C ILE E 74 -15.22 -35.33 -24.18
N LYS E 75 -15.38 -34.44 -25.15
CA LYS E 75 -15.61 -34.86 -26.53
C LYS E 75 -14.51 -35.76 -27.04
N PHE E 76 -13.31 -35.61 -26.49
CA PHE E 76 -12.15 -36.38 -26.94
C PHE E 76 -12.24 -37.82 -26.46
N ILE E 77 -12.76 -38.02 -25.27
CA ILE E 77 -12.68 -39.33 -24.64
C ILE E 77 -13.81 -40.24 -25.09
N LYS E 78 -13.67 -41.50 -24.73
CA LYS E 78 -14.53 -42.61 -25.09
C LYS E 78 -15.86 -42.67 -24.31
N PRO E 79 -15.83 -42.69 -22.99
CA PRO E 79 -16.94 -43.26 -22.23
C PRO E 79 -18.21 -42.43 -22.28
N THR E 80 -19.24 -42.98 -21.63
CA THR E 80 -20.46 -42.24 -21.39
C THR E 80 -20.19 -41.11 -20.42
N VAL E 81 -20.85 -39.99 -20.65
CA VAL E 81 -20.73 -38.82 -19.80
C VAL E 81 -22.11 -38.29 -19.50
N LYS E 82 -22.36 -38.03 -18.22
CA LYS E 82 -23.58 -37.41 -17.76
C LYS E 82 -23.19 -36.16 -16.99
N VAL E 83 -23.85 -35.04 -17.30
CA VAL E 83 -23.52 -33.75 -16.73
C VAL E 83 -24.70 -33.25 -15.93
N VAL E 84 -24.41 -32.53 -14.86
CA VAL E 84 -25.38 -32.18 -13.85
C VAL E 84 -25.12 -30.74 -13.46
N GLY E 85 -25.86 -29.81 -14.05
CA GLY E 85 -25.78 -28.44 -13.60
C GLY E 85 -26.42 -28.31 -12.24
N THR E 86 -25.85 -27.43 -11.43
CA THR E 86 -26.28 -27.31 -10.04
C THR E 86 -25.77 -25.99 -9.49
N GLY E 87 -26.62 -25.32 -8.73
CA GLY E 87 -26.29 -24.02 -8.20
C GLY E 87 -26.44 -22.98 -9.28
N TRP E 88 -25.47 -22.93 -10.19
CA TRP E 88 -25.57 -22.10 -11.38
C TRP E 88 -24.39 -22.33 -12.30
N VAL E 89 -24.53 -21.79 -13.50
CA VAL E 89 -23.57 -21.96 -14.58
C VAL E 89 -23.44 -20.61 -15.29
N ALA E 90 -22.37 -20.46 -16.05
CA ALA E 90 -22.09 -19.28 -16.84
C ALA E 90 -21.41 -19.72 -18.13
N ALA E 91 -20.80 -18.75 -18.81
CA ALA E 91 -20.35 -18.96 -20.18
C ALA E 91 -19.21 -19.95 -20.25
N ALA E 92 -18.32 -19.92 -19.26
CA ALA E 92 -17.23 -20.89 -19.25
C ALA E 92 -17.70 -22.25 -18.82
N GLY E 93 -18.71 -22.32 -17.97
CA GLY E 93 -19.21 -23.58 -17.49
C GLY E 93 -20.20 -24.20 -18.45
N ILE E 94 -21.05 -23.38 -19.06
CA ILE E 94 -22.11 -23.94 -19.87
C ILE E 94 -21.56 -24.61 -21.13
N THR E 95 -20.48 -24.08 -21.69
CA THR E 95 -19.91 -24.68 -22.89
C THR E 95 -19.37 -26.08 -22.59
N ILE E 96 -18.90 -26.29 -21.37
CA ILE E 96 -18.54 -27.62 -20.94
C ILE E 96 -19.78 -28.49 -20.87
N TYR E 97 -20.74 -28.08 -20.05
CA TYR E 97 -22.05 -28.70 -19.95
C TYR E 97 -22.59 -29.05 -21.32
N LEU E 98 -22.45 -28.14 -22.27
CA LEU E 98 -22.88 -28.41 -23.63
C LEU E 98 -22.08 -29.49 -24.32
N ALA E 99 -20.84 -29.70 -23.90
CA ALA E 99 -20.03 -30.73 -24.52
C ALA E 99 -20.70 -32.09 -24.38
N ALA E 100 -21.45 -32.29 -23.30
CA ALA E 100 -22.21 -33.49 -23.12
C ALA E 100 -23.41 -33.49 -24.05
N GLU E 101 -23.92 -34.70 -24.31
CA GLU E 101 -25.03 -34.84 -25.24
C GLU E 101 -26.35 -34.52 -24.58
N LYS E 102 -27.25 -33.92 -25.35
CA LYS E 102 -28.56 -33.51 -24.84
C LYS E 102 -29.30 -34.68 -24.22
N GLU E 103 -29.03 -35.89 -24.70
CA GLU E 103 -29.61 -37.07 -24.08
C GLU E 103 -29.10 -37.29 -22.68
N ASN E 104 -28.01 -36.61 -22.28
CA ASN E 104 -27.42 -36.75 -20.96
C ASN E 104 -27.38 -35.43 -20.20
N ARG E 105 -27.59 -34.30 -20.88
CA ARG E 105 -27.49 -33.00 -20.23
C ARG E 105 -28.65 -32.83 -19.27
N PHE E 106 -28.42 -33.21 -18.02
CA PHE E 106 -29.40 -33.09 -16.97
C PHE E 106 -29.13 -31.80 -16.22
N SER E 107 -29.87 -31.59 -15.15
CA SER E 107 -29.80 -30.35 -14.40
C SER E 107 -30.56 -30.51 -13.11
N LEU E 108 -30.19 -29.69 -12.14
CA LEU E 108 -30.91 -29.63 -10.89
C LEU E 108 -32.00 -28.56 -10.99
N PRO E 109 -32.95 -28.59 -10.08
CA PRO E 109 -34.14 -27.76 -10.26
C PRO E 109 -34.02 -26.35 -9.70
N ASN E 110 -32.80 -25.91 -9.42
CA ASN E 110 -32.59 -24.55 -8.92
C ASN E 110 -31.41 -23.86 -9.57
N THR E 111 -31.04 -24.24 -10.78
CA THR E 111 -29.92 -23.62 -11.47
C THR E 111 -30.38 -22.43 -12.26
N ARG E 112 -29.85 -21.26 -11.93
CA ARG E 112 -29.85 -20.18 -12.90
C ARG E 112 -28.65 -20.33 -13.82
N TYR E 113 -28.89 -20.01 -15.08
CA TYR E 113 -27.94 -20.18 -16.16
C TYR E 113 -27.66 -18.83 -16.77
N MET E 114 -26.42 -18.59 -17.15
CA MET E 114 -26.02 -17.36 -17.79
C MET E 114 -25.18 -17.72 -19.00
N ILE E 115 -25.32 -16.90 -20.03
CA ILE E 115 -24.51 -17.03 -21.23
C ILE E 115 -24.10 -15.64 -21.66
N HIS E 116 -22.85 -15.50 -22.05
CA HIS E 116 -22.33 -14.24 -22.52
C HIS E 116 -21.13 -14.50 -23.38
N GLN E 117 -20.82 -13.54 -24.23
CA GLN E 117 -19.69 -13.68 -25.11
C GLN E 117 -18.43 -13.62 -24.27
N PRO E 118 -17.29 -14.00 -24.79
CA PRO E 118 -16.07 -13.96 -23.99
C PRO E 118 -15.68 -12.55 -23.57
N ALA E 119 -15.82 -12.28 -22.28
CA ALA E 119 -15.39 -11.02 -21.74
C ALA E 119 -13.88 -10.97 -21.77
N GLY E 120 -13.35 -10.36 -22.82
CA GLY E 120 -11.92 -10.35 -23.05
C GLY E 120 -11.20 -9.29 -22.26
N GLY E 121 -10.35 -8.55 -22.95
CA GLY E 121 -9.46 -7.61 -22.32
C GLY E 121 -8.18 -7.49 -23.10
N VAL E 122 -7.69 -6.27 -23.31
CA VAL E 122 -6.53 -6.04 -24.17
C VAL E 122 -6.00 -4.66 -23.90
N GLN E 123 -4.70 -4.49 -24.11
CA GLN E 123 -4.04 -3.20 -24.11
C GLN E 123 -3.03 -3.20 -25.24
N GLY E 124 -2.49 -2.00 -25.52
CA GLY E 124 -1.32 -1.86 -26.36
C GLY E 124 -1.60 -1.06 -27.62
N GLN E 125 -0.81 -1.31 -28.65
CA GLN E 125 -0.94 -0.60 -29.91
C GLN E 125 -2.21 -1.03 -30.63
N SER E 126 -2.54 -0.27 -31.68
CA SER E 126 -3.79 -0.50 -32.38
C SER E 126 -3.79 -1.83 -33.10
N THR E 127 -2.74 -2.10 -33.86
CA THR E 127 -2.69 -3.31 -34.66
C THR E 127 -2.68 -4.54 -33.75
N GLU E 128 -1.93 -4.46 -32.65
CA GLU E 128 -1.96 -5.53 -31.67
C GLU E 128 -3.32 -5.66 -31.03
N ILE E 129 -4.09 -4.57 -30.97
CA ILE E 129 -5.47 -4.68 -30.53
C ILE E 129 -6.33 -5.22 -31.64
N GLU E 130 -6.08 -4.78 -32.87
CA GLU E 130 -6.91 -5.19 -33.99
C GLU E 130 -6.86 -6.70 -34.18
N ILE E 131 -5.65 -7.26 -34.16
CA ILE E 131 -5.52 -8.70 -34.30
C ILE E 131 -6.22 -9.41 -33.16
N GLU E 132 -6.17 -8.84 -31.96
CA GLU E 132 -6.88 -9.40 -30.84
C GLU E 132 -8.38 -9.36 -31.06
N ALA E 133 -8.85 -8.44 -31.89
CA ALA E 133 -10.29 -8.28 -32.05
C ALA E 133 -10.85 -9.33 -32.98
N LYS E 134 -10.29 -9.43 -34.18
CA LYS E 134 -10.76 -10.44 -35.13
C LYS E 134 -10.68 -11.82 -34.51
N GLU E 135 -9.63 -12.07 -33.73
CA GLU E 135 -9.47 -13.37 -33.09
C GLU E 135 -10.51 -13.58 -32.00
N ILE E 136 -10.66 -12.62 -31.10
CA ILE E 136 -11.66 -12.78 -30.06
C ILE E 136 -13.06 -12.72 -30.65
N ILE E 137 -13.21 -12.15 -31.85
CA ILE E 137 -14.48 -12.26 -32.55
C ILE E 137 -14.70 -13.70 -32.99
N ARG E 138 -13.64 -14.36 -33.46
CA ARG E 138 -13.76 -15.78 -33.75
C ARG E 138 -14.12 -16.57 -32.51
N MET E 139 -13.71 -16.09 -31.34
CA MET E 139 -14.00 -16.80 -30.11
C MET E 139 -15.49 -16.82 -29.84
N ARG E 140 -16.13 -15.66 -29.83
CA ARG E 140 -17.57 -15.62 -29.66
C ARG E 140 -18.26 -16.33 -30.79
N GLU E 141 -17.73 -16.20 -32.00
CA GLU E 141 -18.27 -16.90 -33.15
C GLU E 141 -18.24 -18.39 -32.92
N ARG E 142 -17.04 -18.92 -32.70
CA ARG E 142 -16.85 -20.34 -32.43
C ARG E 142 -17.77 -20.80 -31.31
N ILE E 143 -17.83 -20.02 -30.23
CA ILE E 143 -18.63 -20.41 -29.10
C ILE E 143 -20.12 -20.32 -29.44
N ASN E 144 -20.51 -19.27 -30.14
CA ASN E 144 -21.92 -19.12 -30.48
C ASN E 144 -22.28 -20.04 -31.63
N ARG E 145 -21.33 -20.32 -32.51
CA ARG E 145 -21.51 -21.41 -33.47
C ARG E 145 -21.68 -22.71 -32.72
N LEU E 146 -20.89 -22.87 -31.67
CA LEU E 146 -20.84 -24.14 -30.95
C LEU E 146 -22.14 -24.43 -30.26
N ILE E 147 -22.76 -23.40 -29.70
CA ILE E 147 -23.88 -23.63 -28.80
C ILE E 147 -25.07 -24.19 -29.55
N ALA E 148 -25.39 -23.59 -30.70
CA ALA E 148 -26.47 -24.09 -31.54
C ALA E 148 -26.21 -25.53 -31.95
N GLU E 149 -24.94 -25.88 -32.13
CA GLU E 149 -24.60 -27.21 -32.59
C GLU E 149 -24.88 -28.26 -31.53
N ALA E 150 -25.08 -27.83 -30.28
CA ALA E 150 -25.28 -28.76 -29.17
C ALA E 150 -26.63 -28.60 -28.48
N THR E 151 -27.41 -27.57 -28.84
CA THR E 151 -28.66 -27.28 -28.16
C THR E 151 -29.89 -27.21 -29.04
N GLY E 152 -29.73 -26.96 -30.35
CA GLY E 152 -30.82 -26.94 -31.29
C GLY E 152 -31.20 -25.56 -31.81
N GLN E 153 -30.84 -24.51 -31.10
CA GLN E 153 -31.17 -23.16 -31.53
C GLN E 153 -30.31 -22.77 -32.73
N SER E 154 -30.41 -21.50 -33.12
CA SER E 154 -29.70 -20.97 -34.26
C SER E 154 -28.62 -19.97 -33.83
N TYR E 155 -27.59 -19.87 -34.67
CA TYR E 155 -26.48 -18.98 -34.39
C TYR E 155 -26.94 -17.54 -34.29
N GLU E 156 -28.03 -17.20 -34.97
CA GLU E 156 -28.54 -15.83 -34.93
C GLU E 156 -29.29 -15.57 -33.65
N GLN E 157 -30.23 -16.46 -33.29
CA GLN E 157 -30.99 -16.29 -32.07
C GLN E 157 -30.07 -16.29 -30.86
N ILE E 158 -28.98 -17.04 -30.93
CA ILE E 158 -28.00 -17.03 -29.85
C ILE E 158 -27.29 -15.70 -29.80
N SER E 159 -26.73 -15.30 -30.94
CA SER E 159 -25.95 -14.07 -31.00
C SER E 159 -26.79 -12.85 -30.62
N LYS E 160 -28.11 -12.97 -30.74
CA LYS E 160 -29.01 -11.93 -30.28
C LYS E 160 -29.31 -12.07 -28.81
N ASP E 161 -29.05 -13.25 -28.24
CA ASP E 161 -29.19 -13.44 -26.80
C ASP E 161 -27.90 -13.10 -26.08
N THR E 162 -26.76 -13.45 -26.67
CA THR E 162 -25.50 -13.34 -25.96
C THR E 162 -24.83 -11.98 -26.09
N ASP E 163 -25.30 -11.12 -26.99
CA ASP E 163 -24.75 -9.77 -27.07
C ASP E 163 -24.80 -9.06 -25.74
N ARG E 164 -25.85 -9.31 -24.97
CA ARG E 164 -25.92 -8.98 -23.56
C ARG E 164 -25.84 -10.29 -22.80
N ASN E 165 -25.43 -10.18 -21.54
CA ASN E 165 -25.25 -11.37 -20.74
C ASN E 165 -26.61 -11.99 -20.47
N PHE E 166 -26.97 -12.95 -21.30
CA PHE E 166 -28.24 -13.63 -21.21
C PHE E 166 -28.34 -14.39 -19.91
N TRP E 167 -29.55 -14.78 -19.58
CA TRP E 167 -29.81 -15.53 -18.37
C TRP E 167 -30.94 -16.50 -18.61
N LEU E 168 -30.96 -17.56 -17.82
CA LEU E 168 -31.97 -18.59 -17.93
C LEU E 168 -32.10 -19.28 -16.60
N SER E 169 -33.34 -19.45 -16.17
CA SER E 169 -33.63 -20.38 -15.09
C SER E 169 -33.65 -21.80 -15.64
N VAL E 170 -34.12 -22.72 -14.80
CA VAL E 170 -34.04 -24.14 -15.17
C VAL E 170 -34.99 -24.44 -16.32
N ASN E 171 -36.24 -24.00 -16.21
CA ASN E 171 -37.27 -24.48 -17.11
C ASN E 171 -37.17 -23.80 -18.46
N GLU E 172 -36.92 -22.49 -18.44
CA GLU E 172 -36.66 -21.76 -19.66
C GLU E 172 -35.53 -22.40 -20.44
N ALA E 173 -34.48 -22.81 -19.74
CA ALA E 173 -33.33 -23.43 -20.39
C ALA E 173 -33.71 -24.71 -21.08
N LYS E 174 -34.45 -25.58 -20.38
CA LYS E 174 -34.99 -26.77 -21.00
C LYS E 174 -35.84 -26.40 -22.21
N ASP E 175 -36.62 -25.33 -22.07
CA ASP E 175 -37.36 -24.82 -23.20
C ASP E 175 -36.40 -24.30 -24.25
N TYR E 176 -35.30 -23.71 -23.80
CA TYR E 176 -34.27 -23.24 -24.71
C TYR E 176 -33.54 -24.37 -25.40
N GLY E 177 -33.68 -25.60 -24.91
CA GLY E 177 -32.99 -26.74 -25.46
C GLY E 177 -31.70 -27.10 -24.78
N ILE E 178 -31.24 -26.29 -23.82
CA ILE E 178 -30.01 -26.57 -23.10
C ILE E 178 -30.08 -27.91 -22.39
N VAL E 179 -31.27 -28.26 -21.93
CA VAL E 179 -31.44 -29.31 -20.93
C VAL E 179 -32.54 -30.24 -21.40
N ASN E 180 -32.44 -31.48 -20.95
CA ASN E 180 -33.37 -32.55 -21.27
C ASN E 180 -34.20 -32.96 -20.06
N GLU E 181 -33.63 -32.81 -18.87
CA GLU E 181 -34.25 -33.31 -17.65
C GLU E 181 -33.99 -32.35 -16.51
N ILE E 182 -34.93 -32.17 -15.60
CA ILE E 182 -34.48 -31.52 -14.34
C ILE E 182 -34.31 -32.59 -13.28
N ILE E 183 -33.35 -33.48 -13.49
CA ILE E 183 -33.06 -34.56 -12.51
C ILE E 183 -33.20 -34.01 -11.10
N GLU E 184 -34.16 -34.51 -10.33
CA GLU E 184 -34.33 -33.95 -8.97
C GLU E 184 -33.87 -34.97 -7.91
N ASN E 185 -33.87 -36.26 -8.23
CA ASN E 185 -33.43 -37.31 -7.28
C ASN E 185 -32.43 -38.22 -7.98
N ARG E 186 -31.70 -39.04 -7.23
CA ARG E 186 -30.77 -40.01 -7.84
C ARG E 186 -31.59 -41.06 -8.59
N ASP E 187 -32.92 -40.93 -8.55
CA ASP E 187 -33.83 -42.04 -8.96
C ASP E 187 -34.02 -42.00 -10.48
N ILE F 10 -3.34 -45.17 -1.62
CA ILE F 10 -3.26 -46.03 -2.84
C ILE F 10 -3.70 -45.25 -4.08
N THR F 11 -4.39 -44.11 -3.86
CA THR F 11 -4.87 -43.32 -4.99
C THR F 11 -3.74 -42.76 -5.83
N ASN F 12 -2.56 -42.55 -5.25
CA ASN F 12 -1.43 -42.10 -6.04
C ASN F 12 -0.73 -43.25 -6.75
N ILE F 13 -1.02 -44.50 -6.33
CA ILE F 13 -0.73 -45.65 -7.17
C ILE F 13 -1.72 -45.70 -8.32
N LEU F 14 -2.81 -44.94 -8.23
CA LEU F 14 -3.69 -44.71 -9.36
C LEU F 14 -3.36 -43.40 -10.05
N THR F 15 -2.57 -42.53 -9.42
CA THR F 15 -1.82 -41.53 -10.16
C THR F 15 -0.64 -42.17 -10.87
N GLN F 16 -0.19 -43.33 -10.37
CA GLN F 16 0.76 -44.12 -11.15
C GLN F 16 0.10 -44.72 -12.39
N LYS F 17 -1.23 -44.86 -12.38
CA LYS F 17 -1.87 -45.28 -13.62
C LYS F 17 -1.71 -44.24 -14.71
N LEU F 18 -1.41 -42.99 -14.34
CA LEU F 18 -0.90 -42.03 -15.32
C LEU F 18 0.45 -42.48 -15.86
N ILE F 19 1.29 -43.02 -14.98
CA ILE F 19 2.61 -43.49 -15.39
C ILE F 19 2.49 -44.69 -16.32
N ASP F 20 1.37 -45.41 -16.26
CA ASP F 20 1.14 -46.50 -17.19
C ASP F 20 0.76 -45.99 -18.57
N THR F 21 -0.27 -45.15 -18.63
CA THR F 21 -0.73 -44.60 -19.90
C THR F 21 0.24 -43.59 -20.49
N ARG F 22 1.10 -42.99 -19.66
CA ARG F 22 2.14 -42.07 -20.12
C ARG F 22 1.55 -40.74 -20.56
N THR F 23 0.51 -40.29 -19.86
CA THR F 23 -0.17 -39.04 -20.18
C THR F 23 0.32 -37.95 -19.24
N VAL F 24 0.63 -36.80 -19.80
CA VAL F 24 1.29 -35.72 -19.09
C VAL F 24 0.57 -34.41 -19.36
N LEU F 25 0.68 -33.49 -18.41
CA LEU F 25 -0.07 -32.24 -18.41
C LEU F 25 0.86 -31.06 -18.22
N ILE F 26 1.07 -30.30 -19.29
CA ILE F 26 1.57 -28.95 -19.17
C ILE F 26 0.35 -28.05 -19.22
N TYR F 27 -0.22 -27.78 -18.06
CA TYR F 27 -1.35 -26.88 -17.92
C TYR F 27 -0.89 -25.66 -17.14
N GLY F 28 -0.66 -24.57 -17.85
CA GLY F 28 -0.42 -23.30 -17.23
C GLY F 28 0.81 -22.60 -17.77
N GLU F 29 1.17 -21.54 -17.06
CA GLU F 29 2.23 -20.66 -17.48
C GLU F 29 3.55 -21.40 -17.53
N ILE F 30 4.24 -21.27 -18.65
CA ILE F 30 5.56 -21.87 -18.77
C ILE F 30 6.52 -21.09 -17.90
N ASN F 31 7.10 -21.76 -16.93
CA ASN F 31 8.06 -21.18 -16.03
C ASN F 31 8.99 -22.28 -15.58
N GLN F 32 10.07 -21.88 -14.93
CA GLN F 32 11.14 -22.83 -14.69
C GLN F 32 10.73 -23.88 -13.67
N GLU F 33 9.95 -23.48 -12.66
CA GLU F 33 9.55 -24.46 -11.66
C GLU F 33 8.66 -25.52 -12.27
N LEU F 34 7.84 -25.14 -13.23
CA LEU F 34 7.00 -26.10 -13.92
C LEU F 34 7.85 -27.14 -14.62
N ALA F 35 8.90 -26.67 -15.30
CA ALA F 35 9.76 -27.56 -16.06
C ALA F 35 10.35 -28.64 -15.17
N GLU F 36 10.60 -28.31 -13.90
CA GLU F 36 11.01 -29.32 -12.95
C GLU F 36 9.91 -30.35 -12.77
N ASP F 37 8.66 -29.90 -12.75
CA ASP F 37 7.56 -30.80 -12.45
C ASP F 37 7.27 -31.73 -13.61
N VAL F 38 7.41 -31.22 -14.84
CA VAL F 38 7.24 -32.07 -16.01
C VAL F 38 8.48 -32.90 -16.25
N SER F 39 9.67 -32.30 -16.22
CA SER F 39 10.87 -33.06 -16.50
C SER F 39 11.19 -34.01 -15.37
N LYS F 40 10.61 -33.78 -14.20
CA LYS F 40 10.50 -34.86 -13.22
C LYS F 40 9.83 -36.04 -13.88
N GLN F 41 8.71 -35.78 -14.56
CA GLN F 41 7.92 -36.87 -15.09
C GLN F 41 8.53 -37.46 -16.35
N LEU F 42 9.21 -36.65 -17.15
CA LEU F 42 9.75 -37.19 -18.40
C LEU F 42 10.82 -38.22 -18.13
N LEU F 43 11.89 -37.80 -17.46
CA LEU F 43 12.98 -38.70 -17.14
C LEU F 43 12.48 -39.88 -16.32
N LEU F 44 11.47 -39.64 -15.50
CA LEU F 44 10.82 -40.73 -14.78
C LEU F 44 10.24 -41.74 -15.77
N LEU F 45 9.75 -41.26 -16.90
CA LEU F 45 8.96 -42.11 -17.77
C LEU F 45 9.80 -42.88 -18.78
N GLU F 46 10.86 -42.28 -19.31
CA GLU F 46 11.71 -43.06 -20.19
C GLU F 46 12.38 -44.19 -19.42
N SER F 47 12.62 -43.97 -18.12
CA SER F 47 13.14 -45.04 -17.27
C SER F 47 12.21 -46.23 -17.26
N ILE F 48 10.91 -46.01 -17.40
CA ILE F 48 9.96 -47.10 -17.44
C ILE F 48 10.01 -47.81 -18.78
N SER F 49 10.06 -47.04 -19.86
CA SER F 49 9.91 -47.66 -21.17
C SER F 49 10.37 -46.72 -22.26
N ASN F 50 10.17 -47.18 -23.49
CA ASN F 50 10.36 -46.39 -24.69
C ASN F 50 9.11 -46.33 -25.55
N ASP F 51 7.93 -46.30 -24.92
CA ASP F 51 6.66 -46.24 -25.62
C ASP F 51 6.27 -44.81 -25.97
N PRO F 52 5.27 -44.61 -26.84
CA PRO F 52 4.82 -43.24 -27.11
C PRO F 52 4.28 -42.57 -25.88
N ILE F 53 4.80 -41.41 -25.59
CA ILE F 53 4.36 -40.63 -24.45
C ILE F 53 3.31 -39.65 -24.93
N THR F 54 2.36 -39.34 -24.05
CA THR F 54 1.25 -38.46 -24.36
C THR F 54 1.34 -37.21 -23.51
N ILE F 55 1.15 -36.07 -24.15
CA ILE F 55 1.17 -34.78 -23.48
C ILE F 55 -0.07 -34.00 -23.89
N PHE F 56 -0.60 -33.25 -22.95
CA PHE F 56 -1.63 -32.26 -23.19
C PHE F 56 -1.06 -30.89 -22.87
N ILE F 57 -1.36 -29.91 -23.71
CA ILE F 57 -0.77 -28.58 -23.62
C ILE F 57 -1.88 -27.56 -23.56
N ASN F 58 -1.94 -26.83 -22.46
CA ASN F 58 -2.61 -25.54 -22.41
C ASN F 58 -1.64 -24.57 -21.77
N SER F 59 -1.47 -23.42 -22.40
CA SER F 59 -0.34 -22.57 -22.02
C SER F 59 -0.56 -21.14 -22.42
N GLN F 60 -0.40 -20.25 -21.45
CA GLN F 60 -0.14 -18.85 -21.76
C GLN F 60 1.28 -18.62 -22.22
N GLY F 61 2.10 -19.67 -22.29
CA GLY F 61 3.50 -19.46 -22.54
C GLY F 61 4.16 -18.96 -21.26
N GLY F 62 5.14 -18.08 -21.46
CA GLY F 62 5.81 -17.43 -20.36
C GLY F 62 7.28 -17.30 -20.65
N HIS F 63 8.10 -17.60 -19.65
CA HIS F 63 9.53 -17.63 -19.85
C HIS F 63 9.85 -18.68 -20.91
N VAL F 64 10.27 -18.19 -22.08
CA VAL F 64 10.33 -19.04 -23.28
C VAL F 64 11.33 -20.16 -23.10
N GLU F 65 12.37 -19.93 -22.31
CA GLU F 65 13.54 -20.77 -22.42
C GLU F 65 13.32 -22.07 -21.67
N ALA F 66 12.52 -22.01 -20.61
CA ALA F 66 11.93 -23.24 -20.08
C ALA F 66 11.10 -23.93 -21.14
N GLY F 67 10.40 -23.15 -21.95
CA GLY F 67 9.61 -23.67 -23.03
C GLY F 67 10.48 -24.36 -24.07
N ASP F 68 11.64 -23.78 -24.34
CA ASP F 68 12.51 -24.33 -25.36
C ASP F 68 13.47 -25.33 -24.77
N THR F 69 13.81 -25.17 -23.49
CA THR F 69 14.45 -26.24 -22.73
C THR F 69 13.74 -27.55 -22.96
N ILE F 70 12.45 -27.57 -22.66
CA ILE F 70 11.70 -28.81 -22.61
C ILE F 70 11.57 -29.40 -24.00
N HIS F 71 11.45 -28.54 -25.01
CA HIS F 71 11.50 -29.00 -26.39
C HIS F 71 12.76 -29.79 -26.65
N ASP F 72 13.90 -29.24 -26.24
CA ASP F 72 15.16 -29.93 -26.44
C ASP F 72 15.21 -31.18 -25.58
N MET F 73 14.64 -31.12 -24.39
CA MET F 73 14.64 -32.26 -23.50
C MET F 73 13.97 -33.46 -24.14
N ILE F 74 12.90 -33.21 -24.90
CA ILE F 74 12.03 -34.30 -25.31
C ILE F 74 12.41 -34.78 -26.67
N LYS F 75 13.01 -33.93 -27.50
CA LYS F 75 13.72 -34.41 -28.67
C LYS F 75 14.87 -35.31 -28.26
N PHE F 76 15.37 -35.14 -27.03
CA PHE F 76 16.58 -35.80 -26.58
C PHE F 76 16.30 -37.19 -25.99
N ILE F 77 15.12 -37.39 -25.42
CA ILE F 77 14.84 -38.70 -24.83
C ILE F 77 14.63 -39.75 -25.92
N LYS F 78 14.82 -41.02 -25.53
CA LYS F 78 14.60 -42.13 -26.45
C LYS F 78 13.19 -42.19 -27.01
N PRO F 79 12.13 -42.22 -26.20
CA PRO F 79 10.81 -42.53 -26.75
C PRO F 79 10.31 -41.44 -27.67
N THR F 80 9.28 -41.79 -28.43
CA THR F 80 8.52 -40.83 -29.21
C THR F 80 7.39 -40.29 -28.34
N VAL F 81 6.73 -39.26 -28.84
CA VAL F 81 5.69 -38.58 -28.09
C VAL F 81 4.55 -38.20 -29.01
N LYS F 82 3.33 -38.41 -28.52
CA LYS F 82 2.13 -37.82 -29.10
C LYS F 82 1.79 -36.63 -28.23
N VAL F 83 1.40 -35.53 -28.85
CA VAL F 83 1.06 -34.31 -28.14
C VAL F 83 -0.34 -33.87 -28.50
N VAL F 84 -0.99 -33.25 -27.54
CA VAL F 84 -2.38 -32.86 -27.64
C VAL F 84 -2.47 -31.38 -27.28
N GLY F 85 -2.42 -30.53 -28.29
CA GLY F 85 -2.47 -29.10 -28.05
C GLY F 85 -3.89 -28.65 -27.88
N THR F 86 -4.26 -28.36 -26.65
CA THR F 86 -5.64 -28.07 -26.30
C THR F 86 -5.79 -26.65 -25.74
N GLY F 87 -6.98 -26.09 -25.94
CA GLY F 87 -7.34 -24.84 -25.31
C GLY F 87 -6.67 -23.74 -26.07
N TRP F 88 -5.37 -23.58 -25.82
CA TRP F 88 -4.50 -23.01 -26.83
C TRP F 88 -3.06 -23.31 -26.47
N VAL F 89 -2.18 -22.79 -27.31
CA VAL F 89 -0.76 -22.73 -27.07
C VAL F 89 -0.31 -21.31 -27.31
N ALA F 90 0.74 -20.90 -26.61
CA ALA F 90 1.33 -19.60 -26.76
C ALA F 90 2.76 -19.72 -27.24
N ALA F 91 3.31 -18.56 -27.61
CA ALA F 91 4.63 -18.40 -28.21
C ALA F 91 5.71 -19.24 -27.54
N ALA F 92 5.69 -19.27 -26.22
CA ALA F 92 6.67 -20.04 -25.49
C ALA F 92 6.28 -21.51 -25.48
N GLY F 93 4.99 -21.77 -25.39
CA GLY F 93 4.53 -23.14 -25.31
C GLY F 93 4.44 -23.82 -26.66
N ILE F 94 4.70 -23.09 -27.74
CA ILE F 94 4.50 -23.67 -29.06
C ILE F 94 5.65 -24.59 -29.41
N THR F 95 6.85 -24.28 -28.93
CA THR F 95 8.00 -25.12 -29.20
C THR F 95 7.89 -26.44 -28.47
N ILE F 96 7.09 -26.47 -27.41
CA ILE F 96 6.70 -27.72 -26.79
C ILE F 96 5.96 -28.58 -27.79
N TYR F 97 5.06 -27.95 -28.54
CA TYR F 97 4.28 -28.69 -29.51
C TYR F 97 5.17 -29.21 -30.63
N LEU F 98 6.16 -28.43 -31.01
CA LEU F 98 6.99 -28.75 -32.15
C LEU F 98 8.19 -29.59 -31.80
N ALA F 99 8.25 -30.12 -30.59
CA ALA F 99 9.25 -31.13 -30.27
C ALA F 99 8.81 -32.48 -30.76
N ALA F 100 7.55 -32.82 -30.52
CA ALA F 100 6.97 -33.95 -31.19
C ALA F 100 6.97 -33.72 -32.70
N GLU F 101 7.18 -34.79 -33.45
CA GLU F 101 7.26 -34.67 -34.89
C GLU F 101 5.87 -34.75 -35.50
N LYS F 102 5.75 -34.22 -36.72
CA LYS F 102 4.47 -33.77 -37.24
C LYS F 102 3.47 -34.90 -37.32
N GLU F 103 3.91 -36.07 -37.76
CA GLU F 103 3.02 -37.21 -37.88
C GLU F 103 2.44 -37.65 -36.54
N ASN F 104 3.01 -37.21 -35.42
CA ASN F 104 2.60 -37.63 -34.09
C ASN F 104 1.89 -36.52 -33.33
N ARG F 105 2.03 -35.28 -33.77
CA ARG F 105 1.38 -34.17 -33.08
C ARG F 105 -0.10 -34.23 -33.38
N PHE F 106 -0.91 -33.97 -32.37
CA PHE F 106 -2.35 -34.01 -32.48
C PHE F 106 -2.94 -32.86 -31.68
N SER F 107 -4.19 -32.53 -31.98
CA SER F 107 -4.82 -31.41 -31.32
C SER F 107 -6.32 -31.60 -31.30
N LEU F 108 -6.99 -30.63 -30.72
CA LEU F 108 -8.42 -30.58 -30.57
C LEU F 108 -8.98 -29.39 -31.34
N PRO F 109 -10.27 -29.43 -31.72
CA PRO F 109 -10.79 -28.43 -32.66
C PRO F 109 -11.07 -27.07 -32.05
N ASN F 110 -11.43 -27.01 -30.78
CA ASN F 110 -11.74 -25.72 -30.16
C ASN F 110 -10.50 -24.96 -29.71
N THR F 111 -9.31 -25.37 -30.14
CA THR F 111 -8.09 -24.78 -29.63
C THR F 111 -7.74 -23.51 -30.39
N ARG F 112 -6.63 -22.92 -29.97
CA ARG F 112 -6.04 -21.79 -30.66
C ARG F 112 -4.53 -21.83 -30.46
N TYR F 113 -3.84 -20.86 -31.04
CA TYR F 113 -2.40 -20.79 -30.99
C TYR F 113 -1.96 -19.34 -30.99
N MET F 114 -0.75 -19.08 -30.50
CA MET F 114 -0.16 -17.76 -30.54
C MET F 114 1.35 -17.89 -30.58
N ILE F 115 1.94 -17.10 -31.47
CA ILE F 115 3.32 -17.30 -31.91
C ILE F 115 4.07 -15.98 -31.82
N HIS F 116 3.75 -15.18 -30.81
CA HIS F 116 4.35 -13.86 -30.72
C HIS F 116 5.86 -13.99 -30.56
N GLN F 117 6.58 -13.07 -31.16
CA GLN F 117 8.02 -13.08 -31.03
C GLN F 117 8.36 -12.75 -29.59
N PRO F 118 9.56 -13.09 -29.14
CA PRO F 118 9.87 -13.00 -27.71
C PRO F 118 9.70 -11.62 -27.09
N ALA F 119 8.84 -11.56 -26.10
CA ALA F 119 8.69 -10.38 -25.27
C ALA F 119 9.87 -10.32 -24.32
N GLY F 120 10.42 -9.12 -24.14
CA GLY F 120 11.63 -8.94 -23.38
C GLY F 120 11.57 -7.77 -22.45
N GLY F 121 12.64 -7.56 -21.70
CA GLY F 121 12.73 -6.47 -20.78
C GLY F 121 14.17 -6.23 -20.39
N VAL F 122 14.62 -4.98 -20.47
CA VAL F 122 16.00 -4.63 -20.19
C VAL F 122 16.04 -3.25 -19.58
N GLN F 123 17.20 -2.90 -19.03
CA GLN F 123 17.42 -1.62 -18.40
C GLN F 123 18.89 -1.52 -18.06
N GLY F 124 19.34 -0.29 -17.92
CA GLY F 124 20.71 0.00 -17.52
C GLY F 124 21.46 0.74 -18.59
N GLN F 125 22.75 0.47 -18.70
CA GLN F 125 23.55 1.12 -19.71
C GLN F 125 23.16 0.63 -21.09
N SER F 126 23.21 1.56 -22.04
CA SER F 126 22.78 1.25 -23.40
C SER F 126 23.65 0.18 -24.03
N THR F 127 24.94 0.19 -23.72
CA THR F 127 25.83 -0.87 -24.20
C THR F 127 25.36 -2.21 -23.70
N GLU F 128 25.11 -2.32 -22.40
CA GLU F 128 24.58 -3.54 -21.82
C GLU F 128 23.27 -3.93 -22.48
N ILE F 129 22.43 -2.94 -22.75
CA ILE F 129 21.16 -3.19 -23.42
C ILE F 129 21.40 -3.63 -24.84
N GLU F 130 22.49 -3.18 -25.46
CA GLU F 130 22.80 -3.63 -26.80
C GLU F 130 23.14 -5.10 -26.86
N ILE F 131 23.64 -5.66 -25.75
CA ILE F 131 24.01 -7.06 -25.75
C ILE F 131 22.76 -7.94 -25.75
N GLU F 132 21.83 -7.63 -24.85
CA GLU F 132 20.54 -8.29 -24.86
C GLU F 132 19.79 -8.03 -26.16
N ALA F 133 20.15 -6.97 -26.87
CA ALA F 133 19.61 -6.75 -28.19
C ALA F 133 19.94 -7.91 -29.11
N LYS F 134 21.20 -8.32 -29.11
CA LYS F 134 21.66 -9.34 -30.04
C LYS F 134 20.98 -10.67 -29.75
N GLU F 135 20.89 -11.02 -28.48
CA GLU F 135 20.57 -12.40 -28.14
C GLU F 135 19.09 -12.66 -28.14
N ILE F 136 18.29 -11.63 -27.90
CA ILE F 136 16.87 -11.80 -28.05
C ILE F 136 16.53 -11.92 -29.52
N ILE F 137 17.34 -11.31 -30.38
CA ILE F 137 17.16 -11.49 -31.82
C ILE F 137 17.55 -12.90 -32.21
N ARG F 138 18.71 -13.35 -31.73
CA ARG F 138 19.09 -14.75 -31.82
C ARG F 138 17.93 -15.65 -31.45
N MET F 139 17.38 -15.43 -30.27
CA MET F 139 16.20 -16.14 -29.83
C MET F 139 15.06 -15.96 -30.82
N ARG F 140 14.83 -14.71 -31.24
CA ARG F 140 13.75 -14.44 -32.19
C ARG F 140 13.96 -15.17 -33.48
N GLU F 141 15.22 -15.42 -33.84
CA GLU F 141 15.53 -16.18 -35.04
C GLU F 141 15.53 -17.67 -34.72
N ARG F 142 16.10 -18.02 -33.57
CA ARG F 142 16.25 -19.41 -33.19
C ARG F 142 14.90 -20.09 -33.07
N ILE F 143 13.99 -19.43 -32.38
CA ILE F 143 12.59 -19.82 -32.39
C ILE F 143 12.09 -19.95 -33.82
N ASN F 144 12.50 -19.02 -34.68
CA ASN F 144 12.02 -19.04 -36.05
C ASN F 144 12.77 -20.09 -36.87
N ARG F 145 14.01 -20.41 -36.47
CA ARG F 145 14.66 -21.57 -37.06
C ARG F 145 13.85 -22.81 -36.75
N LEU F 146 13.40 -22.89 -35.51
CA LEU F 146 12.80 -24.10 -35.00
C LEU F 146 11.47 -24.38 -35.68
N ILE F 147 10.60 -23.39 -35.71
CA ILE F 147 9.21 -23.62 -36.06
C ILE F 147 9.10 -23.98 -37.53
N ALA F 148 9.64 -23.13 -38.39
CA ALA F 148 9.54 -23.36 -39.83
C ALA F 148 10.28 -24.62 -40.24
N GLU F 149 11.19 -25.10 -39.39
CA GLU F 149 11.84 -26.37 -39.65
C GLU F 149 10.86 -27.53 -39.47
N ALA F 150 10.34 -27.68 -38.26
CA ALA F 150 9.46 -28.80 -37.95
C ALA F 150 8.13 -28.71 -38.67
N THR F 151 7.70 -27.51 -39.03
CA THR F 151 6.49 -27.32 -39.79
C THR F 151 6.71 -27.28 -41.30
N GLY F 152 7.96 -27.47 -41.75
CA GLY F 152 8.25 -27.41 -43.17
C GLY F 152 8.00 -26.08 -43.83
N GLN F 153 7.70 -25.04 -43.06
CA GLN F 153 7.42 -23.72 -43.60
C GLN F 153 8.75 -23.04 -43.89
N SER F 154 8.70 -21.73 -44.11
CA SER F 154 9.86 -20.95 -44.49
C SER F 154 10.15 -19.89 -43.43
N TYR F 155 11.39 -19.41 -43.41
CA TYR F 155 11.84 -18.49 -42.38
C TYR F 155 11.14 -17.15 -42.50
N GLU F 156 11.18 -16.59 -43.71
CA GLU F 156 10.57 -15.29 -43.97
C GLU F 156 9.08 -15.31 -43.65
N GLN F 157 8.41 -16.40 -44.00
CA GLN F 157 6.97 -16.45 -43.84
C GLN F 157 6.58 -16.32 -42.38
N ILE F 158 7.17 -17.16 -41.53
CA ILE F 158 6.85 -17.13 -40.13
C ILE F 158 7.29 -15.82 -39.52
N SER F 159 8.38 -15.25 -40.03
CA SER F 159 8.90 -14.03 -39.47
C SER F 159 7.92 -12.89 -39.63
N LYS F 160 7.10 -12.94 -40.67
CA LYS F 160 6.09 -11.92 -40.88
C LYS F 160 4.92 -12.08 -39.93
N ASP F 161 4.50 -13.33 -39.71
CA ASP F 161 3.46 -13.58 -38.73
C ASP F 161 3.94 -13.22 -37.33
N THR F 162 5.14 -13.62 -36.98
CA THR F 162 5.71 -13.25 -35.69
C THR F 162 6.14 -11.85 -35.63
N ASP F 163 5.84 -11.01 -36.60
CA ASP F 163 5.93 -9.58 -36.39
C ASP F 163 5.01 -9.12 -35.27
N ARG F 164 3.96 -9.90 -34.95
CA ARG F 164 2.99 -9.54 -33.95
C ARG F 164 2.57 -10.77 -33.16
N ASN F 165 1.55 -10.57 -32.34
CA ASN F 165 0.84 -11.65 -31.70
C ASN F 165 -0.04 -12.34 -32.74
N PHE F 166 0.57 -13.07 -33.65
CA PHE F 166 -0.17 -13.83 -34.64
C PHE F 166 -0.92 -14.95 -33.93
N TRP F 167 -2.08 -15.27 -34.45
CA TRP F 167 -2.92 -16.33 -33.92
C TRP F 167 -3.36 -17.24 -35.04
N LEU F 168 -3.66 -18.47 -34.66
CA LEU F 168 -4.39 -19.38 -35.52
C LEU F 168 -5.50 -20.03 -34.73
N SER F 169 -6.61 -20.23 -35.40
CA SER F 169 -7.50 -21.27 -34.95
C SER F 169 -6.90 -22.62 -35.30
N VAL F 170 -7.69 -23.66 -35.08
CA VAL F 170 -7.19 -25.02 -35.21
C VAL F 170 -6.76 -25.32 -36.64
N ASN F 171 -7.54 -24.86 -37.61
CA ASN F 171 -7.41 -25.41 -38.95
C ASN F 171 -6.27 -24.78 -39.72
N GLU F 172 -6.06 -23.48 -39.52
CA GLU F 172 -4.96 -22.82 -40.20
C GLU F 172 -3.63 -23.42 -39.78
N ALA F 173 -3.56 -23.92 -38.55
CA ALA F 173 -2.36 -24.58 -38.08
C ALA F 173 -2.10 -25.86 -38.84
N LYS F 174 -3.15 -26.64 -39.07
CA LYS F 174 -3.03 -27.81 -39.92
C LYS F 174 -2.74 -27.41 -41.35
N ASP F 175 -3.36 -26.32 -41.79
CA ASP F 175 -3.04 -25.78 -43.10
C ASP F 175 -1.61 -25.25 -43.12
N TYR F 176 -1.10 -24.83 -41.96
CA TYR F 176 0.31 -24.53 -41.80
C TYR F 176 1.13 -25.76 -41.46
N GLY F 177 0.49 -26.79 -40.92
CA GLY F 177 1.19 -28.03 -40.64
C GLY F 177 1.86 -28.04 -39.29
N ILE F 178 1.51 -27.13 -38.41
CA ILE F 178 1.82 -27.29 -37.00
C ILE F 178 1.22 -28.62 -36.58
N VAL F 179 -0.07 -28.73 -36.75
CA VAL F 179 -0.79 -29.95 -36.44
C VAL F 179 -0.84 -30.82 -37.68
N ASN F 180 -0.91 -32.13 -37.46
CA ASN F 180 -1.14 -33.08 -38.53
C ASN F 180 -2.55 -33.65 -38.50
N GLU F 181 -3.15 -33.78 -37.32
CA GLU F 181 -4.50 -34.30 -37.23
C GLU F 181 -5.19 -33.76 -35.99
N ILE F 182 -6.47 -33.41 -36.19
CA ILE F 182 -7.32 -32.76 -35.15
C ILE F 182 -8.07 -33.84 -34.42
N ILE F 183 -7.33 -34.69 -33.71
CA ILE F 183 -7.95 -35.77 -32.90
C ILE F 183 -9.13 -35.18 -32.13
N GLU F 184 -10.35 -35.60 -32.47
CA GLU F 184 -11.54 -35.13 -31.73
C GLU F 184 -11.99 -36.16 -30.69
N ASN F 185 -11.64 -37.45 -30.89
CA ASN F 185 -12.02 -38.51 -29.93
C ASN F 185 -10.78 -39.33 -29.60
N ARG F 186 -10.83 -40.14 -28.55
CA ARG F 186 -9.69 -41.04 -28.22
C ARG F 186 -9.56 -42.08 -29.31
N ASP F 187 -10.46 -42.04 -30.31
CA ASP F 187 -10.64 -43.16 -31.28
C ASP F 187 -9.59 -43.05 -32.39
N ILE G 10 2.19 -41.66 -1.32
CA ILE G 10 2.68 -42.81 -2.11
C ILE G 10 3.56 -42.31 -3.27
N THR G 11 3.63 -40.98 -3.45
CA THR G 11 4.74 -40.42 -4.22
C THR G 11 6.07 -40.68 -3.53
N ASN G 12 6.05 -41.09 -2.27
CA ASN G 12 7.22 -41.66 -1.62
C ASN G 12 7.77 -42.84 -2.41
N ILE G 13 6.89 -43.72 -2.91
CA ILE G 13 7.36 -44.83 -3.74
C ILE G 13 7.75 -44.33 -5.12
N LEU G 14 7.10 -43.26 -5.57
CA LEU G 14 7.37 -42.70 -6.89
C LEU G 14 8.83 -42.26 -7.03
N THR G 15 9.29 -41.42 -6.10
CA THR G 15 10.62 -40.83 -6.28
C THR G 15 11.72 -41.87 -6.14
N GLN G 16 11.43 -43.00 -5.49
CA GLN G 16 12.39 -44.09 -5.51
C GLN G 16 12.66 -44.55 -6.93
N LYS G 17 11.65 -44.45 -7.80
CA LYS G 17 11.89 -44.75 -9.21
C LYS G 17 12.68 -43.63 -9.86
N LEU G 18 12.49 -42.39 -9.37
CA LEU G 18 13.29 -41.27 -9.85
C LEU G 18 14.71 -41.35 -9.30
N ILE G 19 14.84 -41.80 -8.07
CA ILE G 19 16.14 -41.79 -7.43
C ILE G 19 17.01 -42.90 -8.00
N ASP G 20 16.38 -43.93 -8.57
CA ASP G 20 17.12 -44.94 -9.31
C ASP G 20 17.65 -44.39 -10.62
N THR G 21 17.20 -43.21 -11.04
CA THR G 21 17.74 -42.59 -12.25
C THR G 21 19.18 -42.18 -12.07
N ARG G 22 19.55 -41.77 -10.85
CA ARG G 22 20.78 -41.04 -10.59
C ARG G 22 20.81 -39.74 -11.38
N THR G 23 19.63 -39.16 -11.60
CA THR G 23 19.50 -38.00 -12.46
C THR G 23 18.84 -36.88 -11.71
N VAL G 24 19.20 -35.66 -12.08
CA VAL G 24 19.06 -34.49 -11.25
C VAL G 24 18.63 -33.32 -12.11
N LEU G 25 17.71 -32.52 -11.58
CA LEU G 25 17.25 -31.31 -12.22
C LEU G 25 17.54 -30.12 -11.33
N ILE G 26 18.19 -29.11 -11.89
CA ILE G 26 18.44 -27.87 -11.19
C ILE G 26 17.98 -26.74 -12.09
N TYR G 27 16.78 -26.25 -11.82
CA TYR G 27 16.08 -25.33 -12.69
C TYR G 27 15.67 -24.12 -11.88
N GLY G 28 15.99 -22.95 -12.40
CA GLY G 28 15.57 -21.70 -11.81
C GLY G 28 16.71 -20.99 -11.14
N GLU G 29 16.31 -20.09 -10.24
CA GLU G 29 17.26 -19.25 -9.57
C GLU G 29 18.02 -20.06 -8.54
N ILE G 30 19.33 -20.01 -8.63
CA ILE G 30 20.15 -20.60 -7.59
C ILE G 30 19.87 -19.88 -6.28
N ASN G 31 19.27 -20.61 -5.35
CA ASN G 31 18.96 -20.06 -4.04
C ASN G 31 19.15 -21.15 -3.01
N GLN G 32 19.27 -20.74 -1.76
CA GLN G 32 19.77 -21.64 -0.73
C GLN G 32 18.76 -22.72 -0.41
N GLU G 33 17.47 -22.38 -0.42
CA GLU G 33 16.44 -23.39 -0.16
C GLU G 33 16.22 -24.31 -1.34
N LEU G 34 17.02 -24.19 -2.41
CA LEU G 34 17.10 -25.19 -3.44
C LEU G 34 18.37 -26.01 -3.29
N ALA G 35 19.45 -25.35 -2.90
CA ALA G 35 20.70 -26.07 -2.71
C ALA G 35 20.58 -27.07 -1.58
N GLU G 36 19.72 -26.77 -0.60
CA GLU G 36 19.47 -27.73 0.46
C GLU G 36 18.96 -29.04 -0.10
N ASP G 37 17.98 -28.97 -1.00
CA ASP G 37 17.40 -30.18 -1.56
C ASP G 37 18.31 -30.82 -2.60
N VAL G 38 19.35 -30.12 -3.05
CA VAL G 38 20.31 -30.71 -3.96
C VAL G 38 21.41 -31.41 -3.19
N SER G 39 22.00 -30.73 -2.21
CA SER G 39 22.93 -31.39 -1.33
C SER G 39 22.26 -32.57 -0.64
N LYS G 40 20.97 -32.44 -0.37
CA LYS G 40 20.17 -33.59 0.01
C LYS G 40 20.25 -34.67 -1.06
N GLN G 41 20.08 -34.27 -2.33
CA GLN G 41 20.06 -35.23 -3.41
C GLN G 41 21.40 -35.93 -3.58
N LEU G 42 22.48 -35.15 -3.61
CA LEU G 42 23.73 -35.71 -4.08
C LEU G 42 24.34 -36.64 -3.06
N LEU G 43 24.39 -36.20 -1.81
CA LEU G 43 24.97 -37.02 -0.77
C LEU G 43 24.24 -38.34 -0.64
N LEU G 44 22.94 -38.34 -0.91
CA LEU G 44 22.20 -39.58 -1.04
C LEU G 44 22.75 -40.41 -2.18
N LEU G 45 23.04 -39.79 -3.31
CA LEU G 45 23.54 -40.53 -4.45
C LEU G 45 24.92 -41.09 -4.16
N GLU G 46 25.73 -40.33 -3.42
CA GLU G 46 27.01 -40.86 -2.97
C GLU G 46 26.81 -41.91 -1.90
N SER G 47 25.78 -41.76 -1.07
CA SER G 47 25.45 -42.82 -0.12
C SER G 47 25.10 -44.09 -0.85
N ILE G 48 24.43 -43.96 -1.99
CA ILE G 48 24.08 -45.13 -2.77
C ILE G 48 25.32 -45.72 -3.43
N SER G 49 25.96 -44.97 -4.32
CA SER G 49 26.92 -45.57 -5.22
C SER G 49 27.89 -44.52 -5.74
N ASN G 50 28.96 -45.01 -6.35
CA ASN G 50 29.83 -44.20 -7.19
C ASN G 50 29.40 -44.21 -8.65
N ASP G 51 28.18 -44.65 -8.92
CA ASP G 51 27.67 -44.72 -10.28
C ASP G 51 27.50 -43.32 -10.86
N PRO G 52 27.35 -43.20 -12.19
CA PRO G 52 27.30 -41.87 -12.80
C PRO G 52 26.09 -41.07 -12.35
N ILE G 53 26.15 -39.76 -12.60
CA ILE G 53 25.03 -38.87 -12.41
C ILE G 53 24.94 -37.93 -13.60
N THR G 54 23.71 -37.62 -13.98
CA THR G 54 23.42 -36.75 -15.10
C THR G 54 22.67 -35.53 -14.56
N ILE G 55 22.98 -34.36 -15.11
CA ILE G 55 22.37 -33.10 -14.71
C ILE G 55 21.72 -32.45 -15.92
N PHE G 56 20.63 -31.74 -15.66
CA PHE G 56 20.03 -30.83 -16.62
C PHE G 56 19.79 -29.52 -15.88
N ILE G 57 20.25 -28.42 -16.49
CA ILE G 57 20.22 -27.11 -15.84
C ILE G 57 19.47 -26.16 -16.74
N ASN G 58 18.66 -25.30 -16.12
CA ASN G 58 18.02 -24.16 -16.77
C ASN G 58 17.87 -23.07 -15.72
N SER G 59 18.75 -22.08 -15.77
CA SER G 59 18.84 -21.14 -14.68
C SER G 59 19.13 -19.73 -15.14
N GLN G 60 18.59 -18.76 -14.41
CA GLN G 60 18.94 -17.35 -14.57
C GLN G 60 20.06 -16.98 -13.62
N GLY G 61 20.85 -17.96 -13.21
CA GLY G 61 21.85 -17.72 -12.20
C GLY G 61 21.22 -17.39 -10.88
N GLY G 62 21.78 -16.37 -10.24
CA GLY G 62 21.29 -15.89 -8.97
C GLY G 62 22.36 -15.84 -7.91
N HIS G 63 22.02 -16.36 -6.76
CA HIS G 63 22.85 -16.33 -5.58
C HIS G 63 24.10 -17.16 -5.83
N VAL G 64 25.24 -16.50 -5.98
CA VAL G 64 26.49 -17.17 -6.30
C VAL G 64 26.87 -18.16 -5.21
N GLU G 65 26.63 -17.77 -3.96
CA GLU G 65 27.27 -18.46 -2.85
C GLU G 65 26.72 -19.85 -2.66
N ALA G 66 25.51 -20.09 -3.14
CA ALA G 66 25.00 -21.45 -3.26
C ALA G 66 25.59 -22.15 -4.47
N GLY G 67 25.66 -21.44 -5.59
CA GLY G 67 26.38 -21.91 -6.74
C GLY G 67 27.84 -22.19 -6.45
N ASP G 68 28.38 -21.54 -5.42
CA ASP G 68 29.75 -21.82 -5.05
C ASP G 68 29.88 -23.18 -4.41
N THR G 69 29.14 -23.43 -3.32
CA THR G 69 29.22 -24.71 -2.65
C THR G 69 28.84 -25.85 -3.58
N ILE G 70 27.83 -25.64 -4.40
CA ILE G 70 27.32 -26.75 -5.22
C ILE G 70 28.34 -27.11 -6.29
N HIS G 71 29.12 -26.12 -6.73
CA HIS G 71 30.30 -26.44 -7.54
C HIS G 71 31.19 -27.37 -6.76
N ASP G 72 31.43 -27.02 -5.51
CA ASP G 72 32.40 -27.74 -4.71
C ASP G 72 31.94 -29.15 -4.37
N MET G 73 30.64 -29.35 -4.20
CA MET G 73 30.13 -30.68 -3.89
C MET G 73 30.46 -31.64 -5.01
N ILE G 74 30.17 -31.25 -6.24
CA ILE G 74 30.53 -32.02 -7.42
C ILE G 74 32.00 -32.39 -7.39
N LYS G 75 32.84 -31.46 -7.01
CA LYS G 75 34.26 -31.75 -6.91
C LYS G 75 34.54 -32.58 -5.66
N PHE G 76 33.76 -32.36 -4.61
CA PHE G 76 34.00 -33.05 -3.34
C PHE G 76 33.82 -34.55 -3.49
N ILE G 77 32.85 -34.96 -4.29
CA ILE G 77 32.38 -36.33 -4.25
C ILE G 77 32.98 -37.15 -5.39
N LYS G 78 32.85 -38.47 -5.25
CA LYS G 78 33.45 -39.47 -6.13
C LYS G 78 32.79 -39.59 -7.50
N PRO G 79 31.45 -39.63 -7.61
CA PRO G 79 30.83 -39.97 -8.89
C PRO G 79 31.23 -39.07 -10.05
N THR G 80 31.27 -39.67 -11.23
CA THR G 80 31.59 -38.95 -12.47
C THR G 80 30.31 -38.32 -12.97
N VAL G 81 30.22 -37.00 -12.83
CA VAL G 81 28.96 -36.29 -13.02
C VAL G 81 28.95 -35.75 -14.43
N LYS G 82 28.25 -36.46 -15.30
CA LYS G 82 27.81 -35.89 -16.55
C LYS G 82 26.78 -34.81 -16.29
N VAL G 83 26.75 -33.79 -17.14
CA VAL G 83 25.79 -32.71 -17.03
C VAL G 83 25.38 -32.25 -18.41
N VAL G 84 24.29 -31.51 -18.45
CA VAL G 84 23.78 -30.93 -19.69
C VAL G 84 23.19 -29.58 -19.38
N GLY G 85 23.55 -28.59 -20.18
CA GLY G 85 22.92 -27.30 -20.10
C GLY G 85 21.73 -27.25 -21.04
N THR G 86 20.65 -26.67 -20.55
CA THR G 86 19.38 -26.69 -21.26
C THR G 86 18.86 -25.27 -21.35
N GLY G 87 18.52 -24.83 -22.56
CA GLY G 87 17.79 -23.61 -22.71
C GLY G 87 18.61 -22.39 -22.42
N TRP G 88 19.06 -22.22 -21.19
CA TRP G 88 19.96 -21.12 -20.88
C TRP G 88 20.56 -21.28 -19.50
N VAL G 89 21.75 -20.70 -19.35
CA VAL G 89 22.52 -20.75 -18.13
C VAL G 89 23.04 -19.35 -17.86
N ALA G 90 23.40 -19.08 -16.62
CA ALA G 90 23.89 -17.78 -16.21
C ALA G 90 25.01 -17.93 -15.21
N ALA G 91 25.48 -16.80 -14.69
CA ALA G 91 26.65 -16.71 -13.82
C ALA G 91 26.63 -17.70 -12.67
N ALA G 92 25.63 -17.58 -11.80
CA ALA G 92 25.63 -18.40 -10.59
C ALA G 92 25.21 -19.83 -10.86
N GLY G 93 24.81 -20.14 -12.08
CA GLY G 93 24.39 -21.47 -12.44
C GLY G 93 25.42 -22.16 -13.29
N ILE G 94 26.17 -21.40 -14.08
CA ILE G 94 27.13 -22.02 -14.98
C ILE G 94 28.27 -22.62 -14.18
N THR G 95 28.65 -22.00 -13.08
CA THR G 95 29.76 -22.50 -12.27
C THR G 95 29.48 -23.93 -11.80
N ILE G 96 28.21 -24.29 -11.68
CA ILE G 96 27.87 -25.68 -11.45
C ILE G 96 28.19 -26.50 -12.69
N TYR G 97 27.67 -26.07 -13.84
CA TYR G 97 27.93 -26.75 -15.10
C TYR G 97 29.42 -26.96 -15.30
N LEU G 98 30.20 -25.90 -15.11
CA LEU G 98 31.65 -26.01 -15.22
C LEU G 98 32.25 -26.90 -14.15
N ALA G 99 31.53 -27.13 -13.05
CA ALA G 99 32.07 -27.97 -11.99
C ALA G 99 32.24 -29.41 -12.43
N ALA G 100 31.61 -29.81 -13.52
CA ALA G 100 31.93 -31.09 -14.12
C ALA G 100 33.14 -30.95 -15.03
N GLU G 101 33.68 -32.10 -15.41
CA GLU G 101 34.86 -32.12 -16.26
C GLU G 101 34.45 -31.93 -17.71
N LYS G 102 35.27 -31.18 -18.46
CA LYS G 102 34.91 -30.76 -19.81
C LYS G 102 34.93 -31.89 -20.82
N GLU G 103 35.23 -33.10 -20.37
CA GLU G 103 34.91 -34.31 -21.10
C GLU G 103 33.55 -34.86 -20.73
N ASN G 104 32.83 -34.20 -19.82
CA ASN G 104 31.51 -34.60 -19.38
C ASN G 104 30.45 -33.55 -19.61
N ARG G 105 30.83 -32.28 -19.79
CA ARG G 105 29.86 -31.21 -19.94
C ARG G 105 29.29 -31.18 -21.33
N PHE G 106 28.12 -31.80 -21.50
CA PHE G 106 27.40 -31.76 -22.75
C PHE G 106 26.46 -30.57 -22.73
N SER G 107 25.56 -30.52 -23.71
CA SER G 107 24.62 -29.41 -23.78
C SER G 107 23.62 -29.68 -24.89
N LEU G 108 22.53 -29.10 -24.75
CA LEU G 108 21.46 -29.22 -25.71
C LEU G 108 21.64 -28.23 -26.85
N PRO G 109 21.08 -28.52 -28.03
CA PRO G 109 21.48 -27.77 -29.22
C PRO G 109 20.88 -26.39 -29.32
N ASN G 110 20.11 -25.96 -28.32
CA ASN G 110 19.43 -24.68 -28.36
C ASN G 110 19.65 -23.86 -27.10
N THR G 111 20.49 -24.32 -26.19
CA THR G 111 20.85 -23.55 -25.02
C THR G 111 21.58 -22.28 -25.43
N ARG G 112 21.51 -21.26 -24.57
CA ARG G 112 22.30 -20.05 -24.69
C ARG G 112 22.94 -19.71 -23.37
N TYR G 113 24.25 -19.59 -23.39
CA TYR G 113 25.03 -19.49 -22.17
C TYR G 113 25.43 -18.05 -21.94
N MET G 114 25.28 -17.62 -20.71
CA MET G 114 25.49 -16.26 -20.29
C MET G 114 26.43 -16.27 -19.10
N ILE G 115 27.34 -15.32 -19.09
CA ILE G 115 28.20 -15.11 -17.94
C ILE G 115 28.12 -13.65 -17.60
N HIS G 116 28.30 -13.36 -16.33
CA HIS G 116 28.38 -11.99 -15.89
C HIS G 116 29.06 -11.98 -14.54
N GLN G 117 29.92 -10.98 -14.36
CA GLN G 117 30.59 -10.78 -13.11
C GLN G 117 29.59 -10.72 -11.95
N PRO G 118 30.03 -11.00 -10.73
CA PRO G 118 29.10 -11.41 -9.67
C PRO G 118 28.01 -10.40 -9.36
N ALA G 119 26.99 -10.91 -8.68
CA ALA G 119 25.81 -10.14 -8.28
C ALA G 119 26.16 -9.31 -7.05
N GLY G 120 26.23 -7.99 -7.20
CA GLY G 120 26.63 -7.10 -6.14
C GLY G 120 25.53 -6.22 -5.61
N GLY G 121 25.63 -5.87 -4.33
CA GLY G 121 24.70 -4.95 -3.70
C GLY G 121 25.17 -4.53 -2.33
N VAL G 122 25.09 -3.24 -2.02
CA VAL G 122 25.56 -2.75 -0.72
C VAL G 122 25.10 -1.32 -0.48
N GLN G 123 24.82 -1.04 0.80
CA GLN G 123 24.86 0.32 1.33
C GLN G 123 25.66 0.26 2.61
N GLY G 124 25.85 1.44 3.22
CA GLY G 124 26.54 1.53 4.48
C GLY G 124 27.60 2.60 4.41
N GLN G 125 28.44 2.62 5.44
CA GLN G 125 29.51 3.58 5.51
C GLN G 125 30.53 3.30 4.42
N SER G 126 31.47 4.22 4.28
CA SER G 126 32.37 4.19 3.14
C SER G 126 33.32 3.01 3.20
N THR G 127 33.90 2.75 4.37
CA THR G 127 34.75 1.58 4.51
C THR G 127 33.97 0.31 4.22
N GLU G 128 32.70 0.26 4.60
CA GLU G 128 31.86 -0.88 4.27
C GLU G 128 31.63 -0.98 2.76
N ILE G 129 31.95 0.07 2.01
CA ILE G 129 32.13 -0.08 0.58
C ILE G 129 33.53 -0.62 0.31
N GLU G 130 34.51 -0.10 1.04
CA GLU G 130 35.90 -0.46 0.84
C GLU G 130 36.13 -1.93 1.12
N ILE G 131 35.34 -2.50 2.02
CA ILE G 131 35.51 -3.90 2.39
C ILE G 131 34.79 -4.80 1.38
N GLU G 132 33.49 -4.59 1.24
CA GLU G 132 32.66 -5.49 0.45
C GLU G 132 33.13 -5.50 -0.99
N ALA G 133 33.44 -4.33 -1.54
CA ALA G 133 33.94 -4.25 -2.90
C ALA G 133 35.23 -5.02 -3.05
N LYS G 134 36.03 -5.05 -2.00
CA LYS G 134 37.27 -5.81 -2.04
C LYS G 134 36.97 -7.28 -2.23
N GLU G 135 35.96 -7.77 -1.54
CA GLU G 135 35.64 -9.19 -1.62
C GLU G 135 34.90 -9.52 -2.90
N ILE G 136 34.21 -8.54 -3.46
CA ILE G 136 33.50 -8.77 -4.71
C ILE G 136 34.49 -9.01 -5.83
N ILE G 137 35.40 -8.07 -6.05
CA ILE G 137 36.37 -8.23 -7.12
C ILE G 137 37.26 -9.43 -6.82
N ARG G 138 37.50 -9.68 -5.53
CA ARG G 138 38.17 -10.90 -5.12
C ARG G 138 37.35 -12.12 -5.48
N MET G 139 36.05 -12.04 -5.29
CA MET G 139 35.18 -13.11 -5.76
C MET G 139 35.27 -13.22 -7.28
N ARG G 140 35.04 -12.10 -7.96
CA ARG G 140 35.05 -12.06 -9.42
C ARG G 140 36.30 -12.68 -9.99
N GLU G 141 37.46 -12.34 -9.42
CA GLU G 141 38.70 -12.87 -9.97
C GLU G 141 38.81 -14.35 -9.70
N ARG G 142 38.38 -14.79 -8.52
CA ARG G 142 38.35 -16.21 -8.23
C ARG G 142 37.42 -16.93 -9.19
N ILE G 143 36.21 -16.42 -9.33
CA ILE G 143 35.26 -17.03 -10.25
C ILE G 143 35.83 -17.02 -11.65
N ASN G 144 36.46 -15.92 -12.05
CA ASN G 144 37.03 -15.83 -13.38
C ASN G 144 38.18 -16.81 -13.54
N ARG G 145 38.92 -17.09 -12.46
CA ARG G 145 39.85 -18.20 -12.51
C ARG G 145 39.08 -19.50 -12.66
N LEU G 146 38.12 -19.70 -11.76
CA LEU G 146 37.32 -20.92 -11.70
C LEU G 146 36.73 -21.24 -13.05
N ILE G 147 36.24 -20.23 -13.75
CA ILE G 147 35.72 -20.42 -15.09
C ILE G 147 36.86 -20.72 -16.04
N ALA G 148 37.90 -19.91 -15.97
CA ALA G 148 39.02 -20.03 -16.90
C ALA G 148 39.66 -21.39 -16.81
N GLU G 149 39.74 -21.92 -15.60
CA GLU G 149 40.35 -23.22 -15.40
C GLU G 149 39.49 -24.31 -16.04
N ALA G 150 38.26 -24.44 -15.59
CA ALA G 150 37.39 -25.51 -16.09
C ALA G 150 37.01 -25.31 -17.55
N THR G 151 37.38 -24.18 -18.15
CA THR G 151 37.25 -23.99 -19.57
C THR G 151 38.52 -24.36 -20.31
N GLY G 152 39.67 -24.12 -19.71
CA GLY G 152 40.92 -24.11 -20.44
C GLY G 152 41.19 -22.80 -21.16
N GLN G 153 40.24 -21.88 -21.13
CA GLN G 153 40.38 -20.57 -21.75
C GLN G 153 41.32 -19.71 -20.92
N SER G 154 41.91 -18.72 -21.58
CA SER G 154 42.79 -17.78 -20.92
C SER G 154 42.01 -16.93 -19.93
N TYR G 155 42.68 -16.54 -18.84
CA TYR G 155 42.00 -15.84 -17.76
C TYR G 155 41.44 -14.51 -18.22
N GLU G 156 42.29 -13.66 -18.78
CA GLU G 156 41.87 -12.33 -19.18
C GLU G 156 40.70 -12.37 -20.15
N GLN G 157 40.70 -13.35 -21.05
CA GLN G 157 39.62 -13.46 -22.03
C GLN G 157 38.29 -13.71 -21.34
N ILE G 158 38.33 -14.33 -20.16
CA ILE G 158 37.13 -14.47 -19.35
C ILE G 158 36.79 -13.13 -18.72
N SER G 159 37.75 -12.58 -17.99
CA SER G 159 37.48 -11.39 -17.21
C SER G 159 37.31 -10.15 -18.07
N LYS G 160 37.58 -10.25 -19.37
CA LYS G 160 37.27 -9.16 -20.28
C LYS G 160 35.80 -9.18 -20.65
N ASP G 161 35.31 -10.33 -21.08
CA ASP G 161 33.94 -10.40 -21.57
C ASP G 161 32.94 -10.20 -20.43
N THR G 162 33.32 -10.58 -19.21
CA THR G 162 32.42 -10.39 -18.08
C THR G 162 32.41 -9.01 -17.57
N ASP G 163 32.94 -8.04 -18.29
CA ASP G 163 32.56 -6.66 -18.03
C ASP G 163 31.06 -6.50 -18.08
N ARG G 164 30.40 -7.17 -19.02
CA ARG G 164 28.96 -7.14 -19.16
C ARG G 164 28.41 -8.56 -19.21
N ASN G 165 27.10 -8.70 -19.39
CA ASN G 165 26.50 -10.02 -19.49
C ASN G 165 26.88 -10.61 -20.84
N PHE G 166 28.09 -11.13 -20.94
CA PHE G 166 28.46 -11.83 -22.16
C PHE G 166 27.63 -13.07 -22.32
N TRP G 167 27.04 -13.20 -23.49
CA TRP G 167 26.21 -14.36 -23.81
C TRP G 167 26.95 -15.20 -24.82
N LEU G 168 26.52 -16.45 -24.91
CA LEU G 168 27.12 -17.41 -25.81
C LEU G 168 26.05 -18.34 -26.33
N SER G 169 26.02 -18.54 -27.64
CA SER G 169 25.33 -19.70 -28.14
C SER G 169 26.09 -20.93 -27.70
N VAL G 170 25.34 -22.02 -27.53
CA VAL G 170 25.86 -23.27 -27.05
C VAL G 170 27.01 -23.74 -27.92
N ASN G 171 26.92 -23.48 -29.22
CA ASN G 171 27.99 -23.86 -30.15
C ASN G 171 29.21 -22.99 -29.94
N GLU G 172 28.99 -21.72 -29.63
CA GLU G 172 30.11 -20.83 -29.36
C GLU G 172 30.82 -21.26 -28.09
N ALA G 173 30.05 -21.50 -27.03
CA ALA G 173 30.63 -21.91 -25.75
C ALA G 173 31.42 -23.19 -25.90
N LYS G 174 30.99 -24.07 -26.79
CA LYS G 174 31.75 -25.27 -27.10
C LYS G 174 33.10 -24.89 -27.68
N ASP G 175 33.09 -24.10 -28.75
CA ASP G 175 34.34 -23.64 -29.34
C ASP G 175 35.11 -22.77 -28.36
N TYR G 176 34.41 -22.11 -27.45
CA TYR G 176 35.05 -21.41 -26.36
C TYR G 176 35.81 -22.37 -25.46
N GLY G 177 35.32 -23.60 -25.34
CA GLY G 177 35.88 -24.60 -24.46
C GLY G 177 35.00 -24.93 -23.28
N ILE G 178 33.84 -24.28 -23.17
CA ILE G 178 32.93 -24.55 -22.06
C ILE G 178 32.46 -25.99 -22.12
N VAL G 179 32.02 -26.41 -23.30
CA VAL G 179 31.23 -27.61 -23.49
C VAL G 179 32.12 -28.70 -24.06
N ASN G 180 31.69 -29.95 -23.88
CA ASN G 180 32.34 -31.06 -24.55
C ASN G 180 31.69 -31.33 -25.90
N GLU G 181 30.34 -31.40 -25.83
CA GLU G 181 29.49 -31.85 -26.96
C GLU G 181 28.05 -31.40 -26.79
N ILE G 182 27.39 -31.01 -27.88
CA ILE G 182 25.96 -30.60 -27.85
C ILE G 182 25.08 -31.83 -28.01
N ILE G 183 24.92 -32.60 -26.94
CA ILE G 183 24.07 -33.81 -26.97
C ILE G 183 22.70 -33.43 -27.52
N GLU G 184 22.10 -34.32 -28.31
CA GLU G 184 20.76 -33.96 -28.80
C GLU G 184 19.75 -35.08 -28.49
N ASN G 185 20.23 -36.32 -28.31
CA ASN G 185 19.33 -37.46 -28.00
C ASN G 185 19.89 -38.21 -26.80
N ARG G 186 19.10 -39.09 -26.18
CA ARG G 186 19.62 -39.91 -25.06
C ARG G 186 20.65 -40.89 -25.61
N ASP G 187 20.87 -40.85 -26.93
CA ASP G 187 21.61 -41.93 -27.64
C ASP G 187 23.12 -41.69 -27.52
N MET H 1 -5.37 22.58 3.65
CA MET H 1 -4.69 22.60 4.98
C MET H 1 -5.61 23.15 6.06
N ASN H 2 -5.12 23.16 7.30
CA ASN H 2 -5.85 23.76 8.40
C ASN H 2 -6.12 25.23 8.10
N LEU H 3 -7.20 25.76 8.69
CA LEU H 3 -7.61 27.11 8.39
C LEU H 3 -6.80 28.10 9.21
N ILE H 4 -6.25 29.09 8.52
CA ILE H 4 -5.63 30.24 9.16
C ILE H 4 -6.69 31.35 9.22
N PRO H 5 -6.90 31.99 10.36
CA PRO H 5 -7.69 33.21 10.35
C PRO H 5 -6.85 34.40 9.97
N THR H 6 -7.53 35.48 9.62
CA THR H 6 -6.89 36.72 9.24
C THR H 6 -7.63 37.87 9.89
N VAL H 7 -6.88 38.79 10.50
CA VAL H 7 -7.44 39.97 11.14
C VAL H 7 -7.03 41.18 10.32
N ILE H 8 -7.50 42.36 10.73
CA ILE H 8 -7.45 43.56 9.90
C ILE H 8 -6.86 44.75 10.64
N GLU H 9 -6.13 44.49 11.71
CA GLU H 9 -5.82 45.57 12.63
C GLU H 9 -4.77 46.51 12.06
N GLN H 10 -4.03 46.05 11.05
CA GLN H 10 -3.04 46.90 10.41
C GLN H 10 -3.58 47.50 9.11
N THR H 11 -4.52 46.83 8.46
CA THR H 11 -5.19 47.43 7.30
C THR H 11 -6.27 48.41 7.70
N ALA H 17 -3.91 43.23 5.52
CA ALA H 17 -4.85 42.28 6.12
C ALA H 17 -4.05 41.23 6.85
N TYR H 18 -4.17 41.21 8.17
CA TYR H 18 -3.14 40.69 9.06
C TYR H 18 -3.41 39.23 9.44
N ASP H 19 -2.36 38.42 9.38
CA ASP H 19 -2.44 37.04 9.86
C ASP H 19 -2.37 37.02 11.38
N ILE H 20 -3.05 36.06 11.99
CA ILE H 20 -3.27 36.12 13.42
C ILE H 20 -2.00 35.80 14.19
N TYR H 21 -1.26 34.77 13.78
CA TYR H 21 -0.12 34.35 14.56
C TYR H 21 0.95 35.43 14.56
N SER H 22 1.00 36.22 13.50
CA SER H 22 1.82 37.42 13.51
C SER H 22 1.33 38.43 14.54
N ARG H 23 0.03 38.45 14.80
CA ARG H 23 -0.49 39.40 15.77
C ARG H 23 -0.07 39.03 17.17
N LEU H 24 0.11 37.75 17.40
CA LEU H 24 0.70 37.34 18.67
C LEU H 24 2.18 37.63 18.66
N LEU H 25 2.79 37.56 17.48
CA LEU H 25 4.17 37.97 17.37
C LEU H 25 4.31 39.46 17.62
N LYS H 26 3.29 40.23 17.25
CA LYS H 26 3.37 41.67 17.43
C LYS H 26 3.36 42.03 18.90
N ASP H 27 2.62 41.31 19.72
CA ASP H 27 2.67 41.47 21.16
C ASP H 27 3.75 40.64 21.78
N ARG H 28 4.75 40.22 21.00
CA ARG H 28 5.90 39.47 21.49
C ARG H 28 5.50 38.11 22.04
N ILE H 29 4.36 37.59 21.61
CA ILE H 29 3.99 36.22 21.94
C ILE H 29 4.46 35.32 20.81
N ILE H 30 5.17 34.26 21.19
CA ILE H 30 5.57 33.21 20.26
C ILE H 30 4.76 31.97 20.60
N MET H 31 4.21 31.34 19.57
CA MET H 31 3.22 30.29 19.71
C MET H 31 3.82 28.99 19.20
N LEU H 32 4.15 28.10 20.13
CA LEU H 32 4.66 26.78 19.82
C LEU H 32 3.55 25.75 19.86
N GLY H 33 2.69 25.77 18.83
CA GLY H 33 1.53 24.93 18.80
C GLY H 33 1.70 23.69 17.94
N SER H 34 2.71 22.89 18.26
CA SER H 34 2.98 21.71 17.43
C SER H 34 4.09 20.83 17.99
N ALA H 35 4.36 19.72 17.30
CA ALA H 35 5.51 18.90 17.61
C ALA H 35 6.79 19.62 17.19
N ILE H 36 7.86 19.40 17.95
CA ILE H 36 9.06 20.19 17.79
C ILE H 36 9.96 19.51 16.78
N ASP H 37 9.69 19.78 15.51
CA ASP H 37 10.53 19.38 14.40
C ASP H 37 11.41 20.55 13.99
N ASP H 38 12.47 20.24 13.25
CA ASP H 38 13.41 21.26 12.79
C ASP H 38 12.71 22.36 12.03
N ASN H 39 11.75 22.02 11.17
CA ASN H 39 11.06 23.03 10.38
C ASN H 39 10.21 23.95 11.24
N VAL H 40 10.07 23.64 12.54
CA VAL H 40 9.45 24.56 13.47
C VAL H 40 10.52 25.30 14.27
N ALA H 41 11.49 24.56 14.79
CA ALA H 41 12.60 25.20 15.49
C ALA H 41 13.39 26.10 14.55
N ASN H 42 13.40 25.76 13.27
CA ASN H 42 13.99 26.63 12.26
C ASN H 42 13.30 27.99 12.24
N SER H 43 12.04 28.04 12.70
CA SER H 43 11.29 29.28 12.69
C SER H 43 11.22 29.89 14.08
N ILE H 44 10.94 29.07 15.09
CA ILE H 44 10.74 29.57 16.45
C ILE H 44 11.96 30.33 16.91
N VAL H 45 13.13 29.79 16.65
CA VAL H 45 14.36 30.48 16.98
C VAL H 45 14.47 31.74 16.14
N SER H 46 14.14 31.65 14.86
CA SER H 46 14.18 32.82 14.00
C SER H 46 13.20 33.88 14.47
N GLN H 47 12.12 33.47 15.14
CA GLN H 47 11.15 34.43 15.64
C GLN H 47 11.73 35.18 16.82
N LEU H 48 12.42 34.47 17.70
CA LEU H 48 13.02 35.11 18.86
C LEU H 48 14.08 36.12 18.44
N LEU H 49 14.84 35.79 17.41
CA LEU H 49 15.93 36.67 16.99
C LEU H 49 15.38 37.96 16.41
N PHE H 50 14.24 37.88 15.75
CA PHE H 50 13.56 39.10 15.35
C PHE H 50 13.14 39.89 16.58
N LEU H 51 12.89 39.18 17.68
CA LEU H 51 12.34 39.81 18.87
C LEU H 51 13.43 40.32 19.79
N ASP H 52 14.60 39.67 19.77
CA ASP H 52 15.74 40.20 20.49
C ASP H 52 16.28 41.45 19.81
N ALA H 53 16.06 41.58 18.50
CA ALA H 53 16.44 42.78 17.79
C ALA H 53 15.42 43.89 17.99
N GLN H 54 14.14 43.54 17.80
CA GLN H 54 13.07 44.52 17.87
C GLN H 54 13.03 45.22 19.21
N ASP H 55 13.01 44.47 20.29
CA ASP H 55 13.28 45.02 21.62
C ASP H 55 13.84 43.93 22.52
N PRO H 56 15.14 43.95 22.85
CA PRO H 56 15.67 42.92 23.75
C PRO H 56 15.31 43.11 25.21
N GLU H 57 14.46 44.10 25.55
CA GLU H 57 14.13 44.37 26.94
C GLU H 57 12.68 44.07 27.30
N LYS H 58 11.72 44.33 26.42
CA LYS H 58 10.37 43.84 26.67
C LYS H 58 10.36 42.32 26.60
N ASP H 59 9.71 41.70 27.58
CA ASP H 59 9.74 40.25 27.71
C ASP H 59 9.10 39.58 26.51
N ILE H 60 9.33 38.28 26.43
CA ILE H 60 8.64 37.39 25.53
C ILE H 60 7.68 36.54 26.34
N PHE H 61 6.56 36.20 25.75
CA PHE H 61 5.53 35.41 26.40
C PHE H 61 5.32 34.20 25.51
N LEU H 62 6.16 33.19 25.74
CA LEU H 62 6.22 32.01 24.88
C LEU H 62 5.12 31.05 25.25
N TYR H 63 4.24 30.79 24.29
CA TYR H 63 3.04 30.02 24.55
C TYR H 63 3.23 28.62 24.02
N ILE H 64 3.51 27.69 24.91
CA ILE H 64 3.77 26.32 24.53
C ILE H 64 2.45 25.57 24.46
N ASN H 65 2.29 24.78 23.40
CA ASN H 65 1.41 23.62 23.41
C ASN H 65 2.08 22.62 22.48
N SER H 66 2.91 21.75 23.05
CA SER H 66 3.70 20.80 22.29
C SER H 66 3.60 19.44 22.94
N PRO H 67 3.60 18.35 22.17
CA PRO H 67 3.72 17.01 22.75
C PRO H 67 5.14 16.48 22.81
N GLY H 68 6.13 17.27 22.41
CA GLY H 68 7.52 16.92 22.61
C GLY H 68 8.17 16.33 21.39
N GLY H 69 8.92 17.16 20.68
CA GLY H 69 9.64 16.73 19.50
C GLY H 69 11.06 16.33 19.85
N SER H 70 11.94 16.47 18.87
CA SER H 70 13.32 16.05 19.06
C SER H 70 14.02 16.94 20.06
N ILE H 71 15.06 16.38 20.70
CA ILE H 71 15.97 17.18 21.49
C ILE H 71 17.00 17.84 20.59
N SER H 72 17.32 17.17 19.48
CA SER H 72 18.30 17.66 18.53
C SER H 72 17.96 19.04 18.00
N ALA H 73 16.67 19.39 17.94
CA ALA H 73 16.23 20.72 17.55
C ALA H 73 15.83 21.53 18.78
N GLY H 74 15.25 20.86 19.77
CA GLY H 74 14.73 21.58 20.92
C GLY H 74 15.81 22.27 21.70
N MET H 75 16.98 21.64 21.81
CA MET H 75 18.05 22.26 22.58
C MET H 75 18.56 23.54 21.91
N ALA H 76 18.41 23.63 20.59
CA ALA H 76 18.64 24.89 19.91
C ALA H 76 17.80 25.99 20.53
N ILE H 77 16.51 25.70 20.71
CA ILE H 77 15.60 26.68 21.27
C ILE H 77 16.00 27.03 22.69
N TYR H 78 16.59 26.08 23.40
CA TYR H 78 16.92 26.33 24.79
C TYR H 78 18.05 27.33 24.91
N ASP H 79 19.22 26.95 24.40
CA ASP H 79 20.37 27.83 24.43
C ASP H 79 20.09 29.15 23.71
N THR H 80 19.20 29.13 22.73
CA THR H 80 18.72 30.37 22.14
C THR H 80 18.03 31.24 23.17
N MET H 81 17.07 30.67 23.91
CA MET H 81 16.31 31.45 24.88
C MET H 81 17.21 32.11 25.89
N ASN H 82 18.25 31.41 26.33
CA ASN H 82 19.17 32.00 27.27
C ASN H 82 20.08 33.00 26.60
N PHE H 83 20.29 32.86 25.30
CA PHE H 83 21.32 33.66 24.63
C PHE H 83 20.85 35.09 24.42
N VAL H 84 19.57 35.29 24.09
CA VAL H 84 19.07 36.64 23.90
C VAL H 84 19.29 37.44 25.17
N LYS H 85 19.45 38.75 25.00
CA LYS H 85 19.44 39.64 26.14
C LYS H 85 18.10 39.58 26.87
N ALA H 86 17.05 39.16 26.18
CA ALA H 86 15.74 39.10 26.76
C ALA H 86 15.66 38.01 27.82
N ASP H 87 14.55 38.02 28.53
CA ASP H 87 14.14 36.93 29.42
C ASP H 87 12.71 36.56 29.05
N VAL H 88 12.50 35.31 28.68
CA VAL H 88 11.22 34.87 28.16
C VAL H 88 10.38 34.37 29.32
N GLN H 89 9.12 34.77 29.32
CA GLN H 89 8.11 34.08 30.09
C GLN H 89 7.50 32.97 29.24
N THR H 90 7.17 31.87 29.89
CA THR H 90 6.77 30.65 29.22
C THR H 90 5.47 30.13 29.78
N ILE H 91 4.59 29.69 28.89
CA ILE H 91 3.24 29.33 29.23
C ILE H 91 2.92 27.98 28.61
N GLY H 92 2.50 27.04 29.45
CA GLY H 92 2.18 25.72 28.99
C GLY H 92 0.69 25.55 28.78
N MET H 93 0.26 25.62 27.52
CA MET H 93 -1.15 25.54 27.21
C MET H 93 -1.55 24.08 27.06
N GLY H 94 -2.05 23.53 28.16
CA GLY H 94 -2.67 22.22 28.14
C GLY H 94 -1.69 21.09 28.31
N MET H 95 -0.76 20.97 27.37
CA MET H 95 0.15 19.83 27.35
C MET H 95 1.57 20.27 26.99
N ALA H 96 2.51 19.80 27.79
CA ALA H 96 3.92 19.90 27.48
C ALA H 96 4.58 18.59 27.85
N ALA H 97 5.66 18.26 27.16
CA ALA H 97 6.25 16.94 27.18
C ALA H 97 7.76 17.06 27.18
N ALA H 98 8.44 15.97 26.80
CA ALA H 98 9.88 15.75 26.91
C ALA H 98 10.69 17.00 26.66
N MET H 99 10.42 17.63 25.53
CA MET H 99 10.99 18.94 25.27
C MET H 99 10.11 20.04 25.81
N GLY H 100 8.80 19.81 25.87
CA GLY H 100 7.90 20.86 26.33
C GLY H 100 8.19 21.26 27.75
N SER H 101 8.20 20.29 28.66
CA SER H 101 8.55 20.56 30.06
C SER H 101 9.99 21.03 30.19
N PHE H 102 10.79 20.91 29.12
CA PHE H 102 12.10 21.53 29.09
C PHE H 102 11.98 23.02 28.85
N LEU H 103 11.29 23.39 27.77
CA LEU H 103 11.27 24.79 27.35
C LEU H 103 10.49 25.64 28.33
N LEU H 104 9.35 25.13 28.77
CA LEU H 104 8.66 25.76 29.89
C LEU H 104 9.60 25.92 31.07
N THR H 105 10.30 24.84 31.40
CA THR H 105 11.25 24.90 32.49
C THR H 105 12.41 25.81 32.15
N ALA H 106 12.68 26.00 30.86
CA ALA H 106 13.79 26.83 30.44
C ALA H 106 13.55 28.31 30.67
N GLY H 107 12.37 28.71 31.09
CA GLY H 107 12.05 30.12 31.18
C GLY H 107 12.88 30.81 32.23
N ALA H 108 12.87 32.13 32.22
CA ALA H 108 13.59 32.88 33.23
C ALA H 108 12.91 32.69 34.57
N ASN H 109 13.72 32.64 35.63
CA ASN H 109 13.18 32.39 36.96
C ASN H 109 12.21 33.48 37.34
N GLY H 110 11.13 33.07 38.00
CA GLY H 110 9.97 33.90 38.20
C GLY H 110 9.06 34.06 37.00
N LYS H 111 9.49 33.60 35.81
CA LYS H 111 8.75 33.83 34.58
C LYS H 111 8.14 32.56 34.00
N ARG H 112 8.07 31.48 34.76
CA ARG H 112 7.64 30.19 34.26
C ARG H 112 6.25 29.87 34.78
N PHE H 113 5.28 29.86 33.88
CA PHE H 113 3.90 29.65 34.29
C PHE H 113 3.21 28.68 33.35
N ALA H 114 1.97 28.39 33.69
CA ALA H 114 1.17 27.40 33.00
C ALA H 114 -0.25 27.44 33.57
N LEU H 115 -1.10 26.60 33.01
CA LEU H 115 -2.52 26.71 33.28
C LEU H 115 -2.94 25.78 34.40
N PRO H 116 -4.12 26.00 35.00
CA PRO H 116 -4.53 25.14 36.12
C PRO H 116 -4.82 23.70 35.73
N ASN H 117 -5.66 23.48 34.71
CA ASN H 117 -6.09 22.14 34.37
C ASN H 117 -5.11 21.43 33.44
N ALA H 118 -4.12 22.15 32.92
CA ALA H 118 -3.15 21.53 32.04
C ALA H 118 -2.34 20.48 32.78
N GLU H 119 -1.59 19.70 32.02
CA GLU H 119 -0.73 18.66 32.53
C GLU H 119 0.58 18.70 31.79
N ILE H 120 1.65 18.39 32.50
CA ILE H 120 3.01 18.65 32.05
C ILE H 120 3.83 17.44 32.42
N MET H 121 4.63 16.97 31.47
CA MET H 121 5.21 15.64 31.51
C MET H 121 6.72 15.73 31.46
N ILE H 122 7.38 15.20 32.48
CA ILE H 122 8.82 15.03 32.47
C ILE H 122 9.10 13.70 31.80
N HIS H 123 10.18 13.63 31.06
CA HIS H 123 10.43 12.51 30.18
C HIS H 123 11.90 12.39 29.91
N GLN H 124 12.44 11.20 30.08
CA GLN H 124 13.75 10.95 29.56
C GLN H 124 13.66 10.85 28.04
N PRO H 125 14.83 10.72 27.35
CA PRO H 125 15.02 10.84 25.87
C PRO H 125 14.49 9.60 25.17
N LEU H 126 13.45 9.77 24.38
CA LEU H 126 12.96 8.64 23.57
C LEU H 126 13.96 8.48 22.44
N GLY H 127 14.66 7.34 22.38
CA GLY H 127 15.73 7.20 21.38
C GLY H 127 15.47 6.08 20.39
N GLY H 128 16.55 5.55 19.83
CA GLY H 128 16.56 4.76 18.63
C GLY H 128 17.97 4.59 18.15
N ALA H 129 18.27 3.38 17.67
CA ALA H 129 19.62 3.08 17.25
C ALA H 129 19.59 1.88 16.31
N GLN H 130 20.67 1.73 15.56
CA GLN H 130 20.73 0.72 14.52
C GLN H 130 22.17 0.39 14.21
N GLY H 131 22.45 -0.90 14.09
CA GLY H 131 23.70 -1.37 13.53
C GLY H 131 24.57 -2.11 14.51
N GLN H 132 25.87 -2.09 14.24
CA GLN H 132 26.81 -2.84 15.04
C GLN H 132 26.91 -2.24 16.44
N ALA H 133 27.30 -3.10 17.38
CA ALA H 133 27.14 -2.78 18.79
C ALA H 133 27.90 -1.52 19.18
N THR H 134 29.10 -1.34 18.65
CA THR H 134 29.87 -0.15 18.98
C THR H 134 29.24 1.09 18.38
N GLU H 135 28.55 0.95 17.26
CA GLU H 135 27.73 2.04 16.76
C GLU H 135 26.54 2.26 17.66
N ILE H 136 26.01 1.19 18.25
CA ILE H 136 24.93 1.33 19.21
C ILE H 136 25.45 2.01 20.46
N GLU H 137 26.55 1.48 21.01
CA GLU H 137 27.08 1.96 22.27
C GLU H 137 27.38 3.45 22.23
N ILE H 138 28.04 3.91 21.17
CA ILE H 138 28.24 5.34 20.98
C ILE H 138 26.91 6.06 20.92
N ALA H 139 26.07 5.65 19.98
CA ALA H 139 24.77 6.29 19.82
C ALA H 139 23.84 5.95 20.97
N ALA H 140 24.26 5.07 21.87
CA ALA H 140 23.60 4.93 23.16
C ALA H 140 24.20 5.87 24.18
N ARG H 141 25.52 5.78 24.34
CA ARG H 141 26.23 6.62 25.30
C ARG H 141 26.03 8.08 24.98
N HIS H 142 26.03 8.42 23.69
CA HIS H 142 25.74 9.78 23.29
C HIS H 142 24.37 10.21 23.76
N ILE H 143 23.42 9.28 23.73
CA ILE H 143 22.07 9.60 24.19
C ILE H 143 22.06 9.76 25.69
N LEU H 144 22.90 8.99 26.37
CA LEU H 144 23.02 9.12 27.82
C LEU H 144 23.38 10.54 28.22
N LYS H 145 24.47 11.07 27.65
CA LYS H 145 24.88 12.43 27.94
C LYS H 145 23.81 13.42 27.58
N ILE H 146 23.06 13.15 26.51
CA ILE H 146 21.97 14.05 26.13
C ILE H 146 20.94 14.09 27.24
N LYS H 147 20.53 12.93 27.71
CA LYS H 147 19.69 12.84 28.88
C LYS H 147 20.36 13.52 30.06
N GLU H 148 21.66 13.32 30.18
CA GLU H 148 22.35 13.73 31.39
C GLU H 148 22.32 15.23 31.55
N ARG H 149 22.79 15.96 30.55
CA ARG H 149 22.64 17.40 30.55
C ARG H 149 21.18 17.79 30.63
N MET H 150 20.33 17.10 29.86
CA MET H 150 18.92 17.43 29.82
C MET H 150 18.30 17.34 31.21
N ASN H 151 18.72 16.35 31.98
CA ASN H 151 18.24 16.26 33.36
C ASN H 151 18.91 17.31 34.23
N THR H 152 20.13 17.70 33.89
CA THR H 152 20.84 18.67 34.69
C THR H 152 20.12 20.00 34.68
N ILE H 153 19.57 20.36 33.52
CA ILE H 153 18.80 21.60 33.44
C ILE H 153 17.55 21.47 34.27
N MET H 154 16.90 20.32 34.19
CA MET H 154 15.73 20.07 35.00
C MET H 154 16.08 20.06 36.47
N ALA H 155 17.35 19.78 36.80
CA ALA H 155 17.78 19.87 38.18
C ALA H 155 17.98 21.33 38.59
N GLU H 156 18.36 22.17 37.64
CA GLU H 156 18.78 23.53 37.99
C GLU H 156 17.60 24.47 38.07
N LYS H 157 16.77 24.49 37.02
CA LYS H 157 15.65 25.43 37.00
C LYS H 157 14.69 25.17 38.14
N THR H 158 14.64 23.93 38.63
CA THR H 158 13.96 23.61 39.87
C THR H 158 14.84 23.84 41.07
N GLY H 159 16.14 23.66 40.92
CA GLY H 159 17.04 23.61 42.05
C GLY H 159 17.01 22.29 42.76
N GLN H 160 16.24 21.33 42.27
CA GLN H 160 16.18 20.03 42.87
C GLN H 160 17.52 19.34 42.78
N PRO H 161 17.75 18.32 43.60
CA PRO H 161 18.88 17.43 43.35
C PRO H 161 18.69 16.68 42.04
N TYR H 162 19.76 16.04 41.59
CA TYR H 162 19.76 15.48 40.25
C TYR H 162 19.13 14.10 40.22
N GLU H 163 19.54 13.25 41.17
CA GLU H 163 19.09 11.87 41.21
C GLU H 163 17.58 11.76 41.22
N VAL H 164 16.90 12.63 41.98
CA VAL H 164 15.45 12.58 42.08
C VAL H 164 14.82 12.91 40.73
N ILE H 165 15.43 13.83 39.99
CA ILE H 165 14.93 14.17 38.67
C ILE H 165 15.31 13.08 37.69
N ALA H 166 16.55 12.61 37.78
CA ALA H 166 16.94 11.44 37.03
C ALA H 166 16.12 10.23 37.45
N ARG H 167 15.61 10.23 38.69
CA ARG H 167 14.69 9.19 39.10
C ARG H 167 13.32 9.38 38.46
N ASP H 168 12.73 10.56 38.62
CA ASP H 168 11.35 10.74 38.23
C ASP H 168 11.17 10.71 36.72
N THR H 169 12.22 11.01 35.96
CA THR H 169 12.17 10.84 34.52
C THR H 169 12.56 9.44 34.09
N ASP H 170 12.68 8.50 35.02
CA ASP H 170 12.71 7.09 34.67
C ASP H 170 11.51 6.73 33.83
N ARG H 171 10.37 7.36 34.11
CA ARG H 171 9.13 7.16 33.40
C ARG H 171 8.73 8.42 32.65
N ASP H 172 7.52 8.39 32.11
CA ASP H 172 6.84 9.57 31.59
C ASP H 172 5.84 10.03 32.64
N ASN H 173 6.35 10.71 33.67
CA ASN H 173 5.51 11.13 34.79
C ASN H 173 4.73 12.35 34.41
N PHE H 174 3.44 12.34 34.73
CA PHE H 174 2.55 13.41 34.36
C PHE H 174 2.28 14.31 35.55
N MET H 175 2.65 15.57 35.41
CA MET H 175 2.65 16.52 36.51
C MET H 175 1.68 17.64 36.21
N THR H 176 0.73 17.83 37.12
CA THR H 176 -0.06 19.03 37.11
C THR H 176 0.85 20.23 37.38
N ALA H 177 0.30 21.40 37.11
CA ALA H 177 0.95 22.63 37.55
C ALA H 177 1.16 22.62 39.05
N GLN H 178 0.13 22.21 39.78
CA GLN H 178 0.18 22.24 41.23
C GLN H 178 1.21 21.25 41.74
N GLU H 179 1.41 20.17 40.99
CA GLU H 179 2.56 19.32 41.23
C GLU H 179 3.84 20.03 40.83
N ALA H 180 3.81 20.74 39.72
CA ALA H 180 5.00 21.45 39.27
C ALA H 180 5.38 22.56 40.23
N LYS H 181 4.39 23.13 40.93
CA LYS H 181 4.63 24.30 41.76
C LYS H 181 5.60 23.98 42.88
N ASP H 182 5.30 22.95 43.67
CA ASP H 182 6.28 22.42 44.60
C ASP H 182 7.56 22.01 43.90
N TYR H 183 7.41 21.46 42.70
CA TYR H 183 8.50 20.86 41.96
C TYR H 183 9.24 21.89 41.11
N GLY H 184 8.74 23.13 41.07
CA GLY H 184 9.57 24.26 40.68
C GLY H 184 9.79 24.44 39.20
N LEU H 185 9.01 23.75 38.36
CA LEU H 185 9.11 23.98 36.93
C LEU H 185 8.44 25.29 36.55
N ILE H 186 7.34 25.61 37.21
CA ILE H 186 6.62 26.86 37.00
C ILE H 186 6.71 27.69 38.26
N ASP H 187 6.92 28.98 38.07
CA ASP H 187 7.00 29.88 39.21
C ASP H 187 5.62 30.23 39.73
N ASP H 188 4.58 30.05 38.92
CA ASP H 188 3.21 30.21 39.39
C ASP H 188 2.26 29.70 38.33
N ILE H 189 0.98 29.76 38.66
CA ILE H 189 -0.10 29.26 37.81
C ILE H 189 -0.91 30.45 37.33
N ILE H 190 -1.40 30.36 36.10
CA ILE H 190 -2.14 31.42 35.46
C ILE H 190 -3.62 31.23 35.69
N ILE H 191 -4.22 32.11 36.48
CA ILE H 191 -5.67 32.13 36.65
C ILE H 191 -6.23 33.43 36.10
N ASN H 192 -5.51 34.53 36.29
CA ASN H 192 -6.10 35.83 36.01
C ASN H 192 -4.99 36.85 35.79
N LYS H 193 -5.42 38.04 35.42
CA LYS H 193 -4.55 39.21 35.41
C LYS H 193 -4.69 39.91 36.74
N SER H 194 -4.48 39.16 37.84
CA SER H 194 -4.46 39.69 39.20
C SER H 194 -5.66 40.59 39.52
N GLY H 195 -6.81 40.33 38.91
CA GLY H 195 -7.98 41.17 39.10
C GLY H 195 -8.02 42.44 38.28
N LEU H 196 -6.99 42.70 37.48
CA LEU H 196 -6.98 43.88 36.63
C LEU H 196 -8.10 43.72 35.59
N LYS H 197 -8.79 44.81 35.27
CA LYS H 197 -10.00 44.67 34.44
C LYS H 197 -9.72 44.62 32.95
N GLY H 198 -8.55 45.06 32.51
CA GLY H 198 -8.25 45.19 31.09
C GLY H 198 -7.63 43.92 30.56
N MET I 1 -0.23 22.84 4.30
CA MET I 1 1.09 22.76 5.00
C MET I 1 1.16 23.84 6.08
N ASN I 2 2.07 23.68 7.05
CA ASN I 2 2.16 24.64 8.15
C ASN I 2 2.60 26.00 7.65
N LEU I 3 2.51 27.00 8.52
CA LEU I 3 2.67 28.38 8.13
C LEU I 3 4.06 28.90 8.49
N ILE I 4 4.56 29.79 7.65
CA ILE I 4 5.74 30.62 7.96
C ILE I 4 5.23 32.02 8.29
N PRO I 5 5.51 32.57 9.47
CA PRO I 5 4.83 33.81 9.87
C PRO I 5 5.32 35.02 9.08
N THR I 6 4.62 36.14 9.30
CA THR I 6 4.95 37.44 8.74
C THR I 6 5.41 38.39 9.83
N VAL I 7 6.02 39.51 9.40
CA VAL I 7 6.45 40.55 10.32
C VAL I 7 6.24 41.91 9.65
N ILE I 8 6.47 42.96 10.43
CA ILE I 8 5.90 44.27 10.15
C ILE I 8 6.90 45.41 10.27
N GLU I 9 8.18 45.13 10.50
CA GLU I 9 9.10 46.20 10.91
C GLU I 9 9.32 47.21 9.78
N GLN I 10 9.68 46.73 8.58
CA GLN I 10 9.90 47.62 7.45
C GLN I 10 8.62 48.37 7.06
N THR I 11 7.45 47.87 7.46
CA THR I 11 6.22 48.65 7.31
C THR I 11 6.32 49.92 8.11
N SER I 12 6.65 49.79 9.40
CA SER I 12 6.88 50.92 10.27
C SER I 12 8.03 51.79 9.77
N ARG I 13 8.99 51.21 9.05
CA ARG I 13 9.99 52.02 8.37
C ARG I 13 9.41 52.77 7.18
N GLY I 14 8.26 52.31 6.67
CA GLY I 14 7.60 52.93 5.54
C GLY I 14 7.97 52.20 4.27
N GLU I 15 8.23 50.88 4.41
CA GLU I 15 8.83 50.10 3.33
C GLU I 15 8.24 48.69 3.17
N ARG I 16 7.14 48.36 3.85
CA ARG I 16 6.42 47.09 3.69
C ARG I 16 7.19 45.80 4.00
N ALA I 17 7.38 45.52 5.29
CA ALA I 17 7.96 44.25 5.75
C ALA I 17 7.08 43.08 5.32
N TYR I 18 7.56 41.87 5.61
CA TYR I 18 7.17 40.68 4.87
C TYR I 18 7.46 39.47 5.75
N ASP I 19 7.59 38.30 5.12
CA ASP I 19 7.86 37.04 5.82
C ASP I 19 9.12 37.13 6.67
N ILE I 20 9.31 36.08 7.47
CA ILE I 20 10.34 36.11 8.51
C ILE I 20 11.70 35.72 7.95
N TYR I 21 11.76 34.65 7.15
CA TYR I 21 13.05 34.19 6.64
C TYR I 21 13.67 35.26 5.77
N SER I 22 12.87 35.90 4.94
CA SER I 22 13.37 36.97 4.10
C SER I 22 13.72 38.19 4.93
N ARG I 23 13.08 38.36 6.09
CA ARG I 23 13.50 39.41 7.00
C ARG I 23 14.90 39.15 7.48
N LEU I 24 15.20 37.88 7.75
CA LEU I 24 16.53 37.51 8.16
C LEU I 24 17.48 37.48 6.99
N LEU I 25 16.97 37.26 5.79
CA LEU I 25 17.81 37.45 4.63
C LEU I 25 18.31 38.87 4.54
N LYS I 26 17.42 39.85 4.78
CA LYS I 26 17.83 41.25 4.75
C LYS I 26 18.95 41.50 5.73
N ASP I 27 19.00 40.74 6.82
CA ASP I 27 20.10 40.79 7.76
C ASP I 27 21.23 39.82 7.42
N ARG I 28 21.26 39.31 6.19
CA ARG I 28 22.37 38.53 5.66
C ARG I 28 22.55 37.18 6.37
N ILE I 29 21.61 36.79 7.22
CA ILE I 29 21.66 35.50 7.88
C ILE I 29 20.68 34.58 7.18
N ILE I 30 21.09 33.33 6.99
CA ILE I 30 20.34 32.35 6.24
C ILE I 30 20.19 31.12 7.10
N MET I 31 19.04 30.47 6.99
CA MET I 31 18.68 29.35 7.83
C MET I 31 18.89 28.05 7.07
N LEU I 32 19.81 27.23 7.57
CA LEU I 32 19.95 25.85 7.12
C LEU I 32 19.21 24.94 8.11
N GLY I 33 17.93 25.23 8.27
CA GLY I 33 17.10 24.51 9.22
C GLY I 33 16.34 23.39 8.57
N SER I 34 17.05 22.63 7.73
CA SER I 34 16.44 21.53 7.01
C SER I 34 17.47 20.45 6.77
N ALA I 35 16.99 19.26 6.47
CA ALA I 35 17.87 18.21 6.00
C ALA I 35 18.46 18.61 4.66
N ILE I 36 19.78 18.55 4.56
CA ILE I 36 20.45 19.18 3.44
C ILE I 36 20.32 18.30 2.21
N ASP I 37 19.26 18.50 1.47
CA ASP I 37 19.08 17.82 0.21
C ASP I 37 19.65 18.68 -0.91
N ASP I 38 19.55 18.17 -2.14
CA ASP I 38 20.12 18.91 -3.26
C ASP I 38 19.31 20.16 -3.58
N ASN I 39 17.99 20.07 -3.52
CA ASN I 39 17.17 21.18 -3.98
C ASN I 39 17.22 22.35 -3.00
N VAL I 40 17.57 22.09 -1.74
CA VAL I 40 17.71 23.18 -0.78
C VAL I 40 19.05 23.87 -0.94
N ALA I 41 20.12 23.10 -1.14
CA ALA I 41 21.44 23.69 -1.30
C ALA I 41 21.45 24.63 -2.49
N ASN I 42 20.71 24.27 -3.54
CA ASN I 42 20.60 25.12 -4.69
C ASN I 42 19.95 26.46 -4.31
N SER I 43 19.09 26.46 -3.30
CA SER I 43 18.50 27.71 -2.84
C SER I 43 19.49 28.48 -1.99
N ILE I 44 20.18 27.77 -1.10
CA ILE I 44 21.21 28.38 -0.29
C ILE I 44 22.26 29.03 -1.17
N VAL I 45 22.74 28.28 -2.18
CA VAL I 45 23.72 28.82 -3.11
C VAL I 45 23.17 30.06 -3.79
N SER I 46 21.88 30.06 -4.09
CA SER I 46 21.27 31.29 -4.60
C SER I 46 21.33 32.38 -3.57
N GLN I 47 21.07 32.03 -2.31
CA GLN I 47 21.10 33.04 -1.27
C GLN I 47 22.50 33.58 -1.05
N LEU I 48 23.51 32.76 -1.33
CA LEU I 48 24.89 33.21 -1.16
C LEU I 48 25.37 33.97 -2.38
N LEU I 49 24.99 33.51 -3.56
CA LEU I 49 25.29 34.27 -4.77
C LEU I 49 24.46 35.55 -4.82
N PHE I 50 23.41 35.63 -4.02
CA PHE I 50 22.66 36.86 -3.88
C PHE I 50 23.42 37.86 -3.03
N LEU I 51 23.78 37.45 -1.82
CA LEU I 51 24.63 38.29 -0.97
C LEU I 51 25.98 38.55 -1.60
N ASP I 52 26.35 37.77 -2.62
CA ASP I 52 27.53 38.10 -3.41
C ASP I 52 27.32 39.41 -4.16
N ALA I 53 26.09 39.69 -4.56
CA ALA I 53 25.80 40.83 -5.43
C ALA I 53 25.23 42.01 -4.66
N GLN I 54 24.80 41.80 -3.41
CA GLN I 54 24.32 42.92 -2.61
C GLN I 54 25.49 43.66 -1.98
N ASP I 55 26.29 42.98 -1.20
CA ASP I 55 27.46 43.57 -0.58
C ASP I 55 28.44 42.46 -0.21
N PRO I 56 29.39 42.16 -1.08
CA PRO I 56 30.38 41.12 -0.74
C PRO I 56 31.37 41.51 0.35
N GLU I 57 31.23 42.69 0.94
CA GLU I 57 32.02 43.11 2.09
C GLU I 57 31.27 42.99 3.39
N LYS I 58 29.95 43.08 3.36
CA LYS I 58 29.16 42.88 4.56
C LYS I 58 29.02 41.39 4.82
N ASP I 59 29.35 40.98 6.04
CA ASP I 59 29.60 39.58 6.34
C ASP I 59 28.33 38.76 6.22
N ILE I 60 28.49 37.46 6.44
CA ILE I 60 27.40 36.51 6.54
C ILE I 60 27.40 35.92 7.94
N PHE I 61 26.20 35.77 8.49
CA PHE I 61 25.94 34.80 9.53
C PHE I 61 25.27 33.63 8.85
N LEU I 62 25.55 32.42 9.30
CA LEU I 62 24.92 31.23 8.75
C LEU I 62 24.51 30.35 9.90
N TYR I 63 23.37 29.69 9.73
CA TYR I 63 22.76 28.94 10.81
C TYR I 63 22.61 27.49 10.39
N ILE I 64 23.36 26.63 11.07
CA ILE I 64 23.32 25.21 10.84
C ILE I 64 22.47 24.60 11.95
N ASN I 65 21.36 24.00 11.55
CA ASN I 65 20.46 23.29 12.43
C ASN I 65 20.06 22.02 11.70
N SER I 66 21.03 21.41 11.02
CA SER I 66 20.79 20.32 10.09
C SER I 66 21.18 18.99 10.71
N PRO I 67 20.33 17.98 10.66
CA PRO I 67 20.77 16.62 10.94
C PRO I 67 21.45 15.93 9.77
N GLY I 68 21.81 16.68 8.75
CA GLY I 68 22.63 16.14 7.69
C GLY I 68 21.87 15.83 6.43
N GLY I 69 22.65 15.60 5.38
CA GLY I 69 22.09 15.21 4.11
C GLY I 69 23.13 14.78 3.11
N SER I 70 22.86 15.06 1.84
CA SER I 70 23.68 14.55 0.75
C SER I 70 25.05 15.19 0.73
N ILE I 71 26.02 14.45 0.17
CA ILE I 71 27.38 14.95 0.09
C ILE I 71 27.48 16.03 -0.97
N SER I 72 26.78 15.83 -2.09
CA SER I 72 26.88 16.74 -3.22
C SER I 72 26.46 18.15 -2.87
N ALA I 73 25.61 18.29 -1.84
CA ALA I 73 25.32 19.61 -1.30
C ALA I 73 26.49 20.14 -0.49
N GLY I 74 27.09 19.29 0.33
CA GLY I 74 28.21 19.70 1.14
C GLY I 74 29.39 20.17 0.31
N MET I 75 29.45 19.75 -0.96
CA MET I 75 30.47 20.28 -1.84
C MET I 75 30.14 21.70 -2.27
N ALA I 76 28.96 21.90 -2.87
CA ALA I 76 28.65 23.17 -3.49
C ALA I 76 28.62 24.28 -2.46
N ILE I 77 27.99 24.03 -1.33
CA ILE I 77 27.96 25.04 -0.28
C ILE I 77 29.36 25.29 0.24
N TYR I 78 30.19 24.25 0.30
CA TYR I 78 31.56 24.46 0.71
C TYR I 78 32.33 25.23 -0.36
N ASP I 79 32.21 24.78 -1.60
CA ASP I 79 32.96 25.40 -2.68
C ASP I 79 32.51 26.83 -2.92
N THR I 80 31.23 27.12 -2.71
CA THR I 80 30.76 28.47 -3.00
C THR I 80 31.21 29.45 -1.92
N MET I 81 31.36 28.96 -0.69
CA MET I 81 31.99 29.76 0.35
C MET I 81 33.34 30.27 -0.12
N ASN I 82 34.19 29.37 -0.62
CA ASN I 82 35.43 29.77 -1.23
C ASN I 82 35.20 30.73 -2.39
N PHE I 83 34.11 30.53 -3.12
CA PHE I 83 33.81 31.42 -4.24
C PHE I 83 33.40 32.80 -3.75
N VAL I 84 32.76 32.87 -2.59
CA VAL I 84 32.09 34.10 -2.19
C VAL I 84 33.11 35.11 -1.70
N LYS I 85 32.95 36.35 -2.16
CA LYS I 85 33.91 37.39 -1.85
C LYS I 85 33.95 37.73 -0.36
N ALA I 86 32.85 37.48 0.35
CA ALA I 86 32.78 37.79 1.77
C ALA I 86 33.31 36.64 2.63
N ASP I 87 33.29 36.89 3.94
CA ASP I 87 33.56 35.87 4.93
C ASP I 87 32.26 35.21 5.34
N VAL I 88 32.32 34.39 6.38
CA VAL I 88 31.15 33.73 6.92
C VAL I 88 31.32 33.56 8.43
N GLN I 89 30.25 33.84 9.16
CA GLN I 89 30.06 33.24 10.47
C GLN I 89 29.08 32.09 10.34
N THR I 90 29.34 31.01 11.06
CA THR I 90 28.45 29.87 11.11
C THR I 90 28.26 29.45 12.56
N ILE I 91 27.01 29.32 12.96
CA ILE I 91 26.64 29.03 14.33
C ILE I 91 25.95 27.68 14.33
N GLY I 92 26.50 26.74 15.10
CA GLY I 92 25.88 25.45 15.26
C GLY I 92 24.89 25.49 16.39
N MET I 93 23.61 25.36 16.07
CA MET I 93 22.55 25.25 17.07
C MET I 93 21.80 23.95 16.86
N GLY I 94 21.25 23.44 17.95
CA GLY I 94 20.62 22.14 17.89
C GLY I 94 21.61 21.08 17.46
N MET I 95 21.45 20.61 16.24
CA MET I 95 22.21 19.50 15.71
C MET I 95 22.96 19.90 14.46
N ALA I 96 24.16 19.37 14.32
CA ALA I 96 24.93 19.43 13.10
C ALA I 96 25.47 18.05 12.84
N ALA I 97 25.44 17.64 11.57
CA ALA I 97 25.74 16.28 11.19
C ALA I 97 26.83 16.29 10.15
N ALA I 98 27.08 15.11 9.57
CA ALA I 98 28.19 14.83 8.66
C ALA I 98 28.43 15.91 7.63
N MET I 99 27.35 16.46 7.09
CA MET I 99 27.45 17.64 6.24
C MET I 99 27.24 18.91 7.03
N GLY I 100 26.51 18.85 8.13
CA GLY I 100 26.37 20.01 8.98
C GLY I 100 27.71 20.47 9.53
N SER I 101 28.44 19.55 10.15
CA SER I 101 29.76 19.89 10.67
C SER I 101 30.71 20.23 9.54
N PHE I 102 30.48 19.65 8.37
CA PHE I 102 31.40 19.82 7.25
C PHE I 102 31.47 21.28 6.83
N LEU I 103 30.34 21.97 6.89
CA LEU I 103 30.32 23.39 6.54
C LEU I 103 30.58 24.27 7.73
N LEU I 104 30.08 23.89 8.90
CA LEU I 104 30.34 24.66 10.11
C LEU I 104 31.83 24.80 10.34
N THR I 105 32.58 23.73 10.08
CA THR I 105 34.02 23.80 10.20
C THR I 105 34.65 24.53 9.03
N ALA I 106 33.99 24.50 7.87
CA ALA I 106 34.52 25.22 6.73
C ALA I 106 34.24 26.72 6.77
N GLY I 107 33.70 27.22 7.87
CA GLY I 107 33.50 28.64 7.99
C GLY I 107 34.80 29.41 8.00
N ALA I 108 34.67 30.73 8.12
CA ALA I 108 35.86 31.57 8.14
C ALA I 108 36.58 31.41 9.46
N ASN I 109 37.89 31.20 9.37
CA ASN I 109 38.70 30.91 10.55
C ASN I 109 38.54 31.98 11.61
N GLY I 110 38.09 31.56 12.79
CA GLY I 110 37.75 32.45 13.86
C GLY I 110 36.28 32.80 13.96
N LYS I 111 35.48 32.37 12.98
CA LYS I 111 34.06 32.70 12.93
C LYS I 111 33.17 31.46 12.97
N ARG I 112 33.74 30.32 13.33
CA ARG I 112 32.99 29.09 13.49
C ARG I 112 32.54 28.99 14.94
N PHE I 113 31.27 29.31 15.20
CA PHE I 113 30.76 29.30 16.57
C PHE I 113 29.62 28.31 16.68
N ALA I 114 29.09 28.21 17.89
CA ALA I 114 28.01 27.28 18.19
C ALA I 114 27.54 27.52 19.61
N LEU I 115 26.58 26.70 20.02
CA LEU I 115 26.00 26.79 21.34
C LEU I 115 26.57 25.72 22.26
N PRO I 116 26.38 25.86 23.56
CA PRO I 116 26.82 24.80 24.47
C PRO I 116 26.13 23.47 24.24
N ASN I 117 24.80 23.44 24.31
CA ASN I 117 24.08 22.19 24.18
C ASN I 117 23.97 21.74 22.74
N ALA I 118 24.40 22.56 21.79
CA ALA I 118 24.31 22.17 20.40
C ALA I 118 25.24 20.99 20.13
N GLU I 119 24.84 20.17 19.18
CA GLU I 119 25.44 18.87 18.99
C GLU I 119 26.12 18.82 17.64
N ILE I 120 27.25 18.12 17.61
CA ILE I 120 28.10 18.05 16.43
C ILE I 120 28.40 16.58 16.18
N MET I 121 27.84 16.04 15.11
CA MET I 121 27.99 14.65 14.73
C MET I 121 28.80 14.64 13.46
N ILE I 122 29.84 13.82 13.43
CA ILE I 122 30.72 13.70 12.29
C ILE I 122 30.96 12.24 12.01
N HIS I 123 31.19 11.94 10.73
CA HIS I 123 31.62 10.61 10.33
C HIS I 123 31.92 10.63 8.84
N GLN I 124 32.55 9.56 8.40
CA GLN I 124 32.73 9.35 6.99
C GLN I 124 31.35 9.20 6.34
N PRO I 125 31.22 9.55 5.08
CA PRO I 125 29.91 9.54 4.46
C PRO I 125 29.38 8.13 4.25
N LEU I 126 28.07 8.01 4.36
CA LEU I 126 27.37 6.84 3.89
C LEU I 126 27.30 6.87 2.37
N GLY I 127 26.83 5.78 1.81
CA GLY I 127 26.69 5.66 0.38
C GLY I 127 26.57 4.21 -0.03
N GLY I 128 27.00 3.91 -1.25
CA GLY I 128 27.02 2.55 -1.72
C GLY I 128 26.65 2.47 -3.18
N ALA I 129 26.47 1.24 -3.63
CA ALA I 129 26.07 0.97 -5.00
C ALA I 129 25.60 -0.46 -5.09
N GLN I 130 25.12 -0.83 -6.27
CA GLN I 130 24.57 -2.15 -6.46
C GLN I 130 24.80 -2.60 -7.90
N GLY I 131 24.98 -3.91 -8.05
CA GLY I 131 25.02 -4.56 -9.34
C GLY I 131 26.35 -5.22 -9.67
N GLN I 132 26.87 -4.89 -10.85
CA GLN I 132 28.08 -5.50 -11.35
C GLN I 132 29.26 -5.13 -10.46
N ALA I 133 30.36 -5.87 -10.63
CA ALA I 133 31.50 -5.66 -9.75
C ALA I 133 32.20 -4.35 -10.05
N THR I 134 32.68 -4.21 -11.28
CA THR I 134 33.53 -3.07 -11.63
C THR I 134 32.84 -1.75 -11.39
N GLU I 135 31.52 -1.69 -11.58
CA GLU I 135 30.79 -0.48 -11.28
C GLU I 135 30.63 -0.26 -9.79
N ILE I 136 30.87 -1.28 -8.97
CA ILE I 136 30.90 -1.09 -7.53
C ILE I 136 32.31 -0.73 -7.09
N GLU I 137 33.30 -1.43 -7.63
CA GLU I 137 34.69 -1.07 -7.37
C GLU I 137 34.97 0.36 -7.81
N ILE I 138 34.40 0.75 -8.96
CA ILE I 138 34.37 2.15 -9.34
C ILE I 138 33.75 2.97 -8.24
N ALA I 139 32.49 2.68 -7.91
CA ALA I 139 31.78 3.47 -6.92
C ALA I 139 32.38 3.32 -5.55
N ALA I 140 33.17 2.27 -5.33
CA ALA I 140 33.98 2.18 -4.14
C ALA I 140 35.15 3.14 -4.19
N ARG I 141 35.67 3.37 -5.38
CA ARG I 141 36.84 4.22 -5.50
C ARG I 141 36.44 5.69 -5.50
N HIS I 142 35.20 5.99 -5.87
CA HIS I 142 34.75 7.37 -5.88
C HIS I 142 34.45 7.85 -4.47
N ILE I 143 33.65 7.09 -3.75
CA ILE I 143 33.31 7.38 -2.36
C ILE I 143 34.56 7.62 -1.53
N LEU I 144 35.60 6.82 -1.73
CA LEU I 144 36.75 6.94 -0.86
C LEU I 144 37.50 8.24 -1.11
N LYS I 145 37.54 8.68 -2.36
CA LYS I 145 38.10 9.99 -2.67
C LYS I 145 37.39 11.08 -1.91
N ILE I 146 36.12 10.86 -1.59
CA ILE I 146 35.32 11.93 -0.99
C ILE I 146 35.63 12.05 0.48
N LYS I 147 35.60 10.93 1.21
CA LYS I 147 36.04 10.98 2.60
C LYS I 147 37.50 11.39 2.67
N GLU I 148 38.29 10.96 1.69
CA GLU I 148 39.68 11.39 1.60
C GLU I 148 39.74 12.91 1.55
N ARG I 149 39.06 13.49 0.57
CA ARG I 149 39.00 14.94 0.47
C ARG I 149 38.35 15.53 1.69
N MET I 150 37.23 14.97 2.11
CA MET I 150 36.45 15.55 3.19
C MET I 150 37.22 15.52 4.50
N ASN I 151 37.93 14.43 4.77
CA ASN I 151 38.78 14.39 5.95
C ASN I 151 40.04 15.21 5.72
N THR I 152 40.55 15.22 4.49
CA THR I 152 41.66 16.09 4.17
C THR I 152 41.28 17.55 4.39
N ILE I 153 40.07 17.91 4.00
CA ILE I 153 39.55 19.24 4.23
C ILE I 153 39.62 19.58 5.71
N MET I 154 38.92 18.80 6.52
CA MET I 154 38.75 19.16 7.93
C MET I 154 40.04 18.95 8.71
N ALA I 155 41.08 18.42 8.07
CA ALA I 155 42.43 18.60 8.57
C ALA I 155 42.83 20.06 8.49
N GLU I 156 42.55 20.68 7.35
CA GLU I 156 42.98 22.06 7.14
C GLU I 156 42.18 23.01 8.01
N LYS I 157 40.87 22.86 8.02
CA LYS I 157 40.02 23.73 8.82
C LYS I 157 40.06 23.39 10.30
N THR I 158 40.92 22.47 10.73
CA THR I 158 41.11 22.17 12.14
C THR I 158 42.55 22.15 12.57
N GLY I 159 43.50 21.92 11.67
CA GLY I 159 44.89 21.80 12.05
C GLY I 159 45.26 20.46 12.64
N GLN I 160 44.28 19.60 12.93
CA GLN I 160 44.59 18.26 13.39
C GLN I 160 45.23 17.52 12.24
N PRO I 161 45.97 16.44 12.52
CA PRO I 161 46.55 15.68 11.42
C PRO I 161 45.47 14.90 10.71
N TYR I 162 45.77 14.51 9.47
CA TYR I 162 44.80 13.77 8.67
C TYR I 162 44.40 12.47 9.33
N GLU I 163 45.38 11.69 9.81
CA GLU I 163 45.11 10.37 10.36
C GLU I 163 44.11 10.40 11.49
N VAL I 164 44.29 11.31 12.44
CA VAL I 164 43.45 11.30 13.63
C VAL I 164 42.01 11.59 13.27
N ILE I 165 41.81 12.47 12.29
CA ILE I 165 40.45 12.73 11.83
C ILE I 165 39.87 11.48 11.22
N ALA I 166 40.61 10.86 10.31
CA ALA I 166 40.14 9.63 9.66
C ALA I 166 39.78 8.57 10.67
N ARG I 167 40.65 8.35 11.64
CA ARG I 167 40.31 7.52 12.78
C ARG I 167 39.05 8.04 13.48
N ASP I 168 38.99 9.34 13.71
CA ASP I 168 37.87 9.94 14.40
C ASP I 168 36.64 10.09 13.51
N THR I 169 36.71 9.66 12.26
CA THR I 169 35.53 9.48 11.43
C THR I 169 35.33 8.03 11.03
N ASP I 170 35.98 7.10 11.74
CA ASP I 170 35.60 5.71 11.64
C ASP I 170 34.13 5.51 11.95
N ARG I 171 33.62 6.24 12.93
CA ARG I 171 32.30 6.04 13.47
C ARG I 171 31.60 7.39 13.53
N ASP I 172 30.40 7.39 14.09
CA ASP I 172 29.70 8.64 14.41
C ASP I 172 30.33 9.20 15.67
N ASN I 173 31.51 9.78 15.49
CA ASN I 173 32.27 10.38 16.59
C ASN I 173 31.56 11.68 16.95
N PHE I 174 30.48 11.53 17.72
CA PHE I 174 29.69 12.66 18.14
C PHE I 174 30.54 13.64 18.92
N MET I 175 30.11 14.90 18.92
CA MET I 175 30.77 15.95 19.69
C MET I 175 29.73 16.97 20.10
N THR I 176 29.78 17.38 21.35
CA THR I 176 29.25 18.66 21.73
C THR I 176 30.32 19.72 21.50
N ALA I 177 29.91 20.98 21.57
CA ALA I 177 30.68 22.04 20.95
C ALA I 177 32.02 22.26 21.64
N GLN I 178 32.01 22.35 22.97
CA GLN I 178 33.21 22.67 23.71
C GLN I 178 34.28 21.61 23.46
N GLU I 179 33.85 20.36 23.37
CA GLU I 179 34.75 19.31 22.92
C GLU I 179 35.18 19.57 21.50
N ALA I 180 34.22 19.93 20.65
CA ALA I 180 34.54 20.17 19.25
C ALA I 180 35.38 21.42 19.09
N LYS I 181 35.28 22.34 20.04
CA LYS I 181 36.14 23.51 20.05
C LYS I 181 37.57 23.11 20.30
N ASP I 182 37.78 22.17 21.21
CA ASP I 182 39.13 21.68 21.47
C ASP I 182 39.63 20.88 20.28
N TYR I 183 38.72 20.18 19.61
CA TYR I 183 39.06 19.50 18.38
C TYR I 183 39.28 20.46 17.24
N GLY I 184 38.90 21.72 17.39
CA GLY I 184 39.14 22.71 16.38
C GLY I 184 38.06 22.80 15.33
N LEU I 185 36.91 22.16 15.57
CA LEU I 185 35.82 22.31 14.64
C LEU I 185 35.27 23.72 14.67
N ILE I 186 35.18 24.30 15.85
CA ILE I 186 34.65 25.63 16.05
C ILE I 186 35.72 26.50 16.68
N ASP I 187 35.32 27.73 16.98
CA ASP I 187 36.22 28.72 17.52
C ASP I 187 35.73 29.32 18.83
N ASP I 188 34.44 29.19 19.14
CA ASP I 188 33.90 29.75 20.38
C ASP I 188 32.47 29.29 20.57
N ILE I 189 32.09 29.15 21.83
CA ILE I 189 30.71 28.90 22.22
C ILE I 189 30.07 30.25 22.52
N ILE I 190 29.13 30.66 21.68
CA ILE I 190 28.52 31.96 21.87
C ILE I 190 27.55 31.88 23.04
N ILE I 191 27.61 32.89 23.90
CA ILE I 191 26.95 32.85 25.20
C ILE I 191 25.90 33.96 25.29
N ASN I 192 26.38 35.19 25.27
CA ASN I 192 25.58 36.39 25.45
C ASN I 192 26.57 37.55 25.43
N LYS I 193 26.06 38.75 25.14
CA LYS I 193 26.88 39.96 25.18
C LYS I 193 26.03 41.06 25.79
N SER I 194 26.68 41.96 26.54
CA SER I 194 25.92 42.97 27.28
C SER I 194 25.69 44.22 26.44
N GLY I 195 26.62 44.54 25.55
CA GLY I 195 26.56 45.75 24.75
C GLY I 195 25.23 46.03 24.07
N LEU I 196 24.49 44.98 23.72
CA LEU I 196 23.14 45.14 23.20
C LEU I 196 22.21 45.46 24.37
N LYS I 197 22.22 46.73 24.76
CA LYS I 197 21.28 47.30 25.73
C LYS I 197 21.50 46.78 27.15
N GLY I 198 22.69 46.27 27.45
CA GLY I 198 23.07 45.95 28.82
C GLY I 198 22.35 44.76 29.43
N MET J 1 4.45 23.36 0.19
CA MET J 1 5.07 24.51 0.90
C MET J 1 6.48 24.12 1.36
N ASN J 2 7.43 25.03 1.18
CA ASN J 2 8.83 24.76 1.48
C ASN J 2 9.58 26.08 1.60
N LEU J 3 10.88 26.00 1.85
CA LEU J 3 11.70 27.18 2.11
C LEU J 3 12.06 27.85 0.79
N ILE J 4 11.40 28.97 0.52
CA ILE J 4 11.80 29.89 -0.54
C ILE J 4 11.58 31.30 0.00
N PRO J 5 12.62 32.04 0.37
CA PRO J 5 12.41 33.41 0.85
C PRO J 5 12.26 34.39 -0.30
N THR J 6 11.72 35.55 0.06
CA THR J 6 11.68 36.70 -0.83
C THR J 6 12.97 37.49 -0.66
N VAL J 7 13.03 38.72 -1.15
CA VAL J 7 14.26 39.50 -1.20
C VAL J 7 14.03 40.89 -0.65
N ILE J 8 15.12 41.66 -0.57
CA ILE J 8 15.05 43.02 -0.04
C ILE J 8 14.50 43.97 -1.08
N GLU J 9 14.83 43.75 -2.35
CA GLU J 9 14.51 44.75 -3.38
C GLU J 9 13.02 44.92 -3.60
N ARG J 16 8.68 46.06 -6.94
CA ARG J 16 9.25 44.73 -6.92
C ARG J 16 8.55 43.84 -5.90
N ALA J 17 8.34 42.58 -6.28
CA ALA J 17 7.78 41.56 -5.42
C ALA J 17 8.44 40.20 -5.64
N TYR J 18 9.77 40.14 -5.67
CA TYR J 18 10.50 39.02 -6.21
C TYR J 18 10.73 37.92 -5.19
N ASP J 19 10.83 36.69 -5.69
CA ASP J 19 11.34 35.56 -4.94
C ASP J 19 12.82 35.35 -5.24
N ILE J 20 13.42 34.41 -4.52
CA ILE J 20 14.88 34.37 -4.42
C ILE J 20 15.51 33.91 -5.74
N TYR J 21 15.00 32.83 -6.32
CA TYR J 21 15.53 32.40 -7.61
C TYR J 21 15.21 33.44 -8.68
N SER J 22 14.08 34.10 -8.53
CA SER J 22 13.66 35.08 -9.52
C SER J 22 14.59 36.26 -9.56
N ARG J 23 15.13 36.65 -8.41
CA ARG J 23 15.99 37.81 -8.38
C ARG J 23 17.30 37.54 -9.08
N LEU J 24 17.80 36.31 -8.99
CA LEU J 24 19.03 35.99 -9.68
C LEU J 24 18.84 35.98 -11.17
N LEU J 25 17.62 35.71 -11.63
CA LEU J 25 17.34 35.84 -13.05
C LEU J 25 17.59 37.25 -13.52
N LYS J 26 17.31 38.23 -12.65
CA LYS J 26 17.60 39.62 -13.00
C LYS J 26 19.09 39.82 -13.19
N ASP J 27 19.91 39.09 -12.43
CA ASP J 27 21.35 39.08 -12.65
C ASP J 27 21.77 38.13 -13.77
N ARG J 28 20.82 37.62 -14.55
CA ARG J 28 21.09 36.66 -15.60
C ARG J 28 21.69 35.37 -15.07
N ILE J 29 21.23 34.92 -13.91
CA ILE J 29 21.72 33.72 -13.26
C ILE J 29 20.58 32.72 -13.18
N ILE J 30 20.86 31.48 -13.56
CA ILE J 30 19.92 30.38 -13.46
C ILE J 30 20.44 29.38 -12.45
N MET J 31 19.52 28.84 -11.66
CA MET J 31 19.80 27.78 -10.70
C MET J 31 19.16 26.52 -11.24
N LEU J 32 20.00 25.53 -11.57
CA LEU J 32 19.55 24.21 -11.98
C LEU J 32 19.90 23.22 -10.87
N GLY J 33 18.98 23.09 -9.92
CA GLY J 33 19.23 22.43 -8.67
C GLY J 33 18.79 20.99 -8.60
N SER J 34 18.28 20.42 -9.68
CA SER J 34 17.67 19.11 -9.60
C SER J 34 17.66 18.48 -10.99
N ALA J 35 16.87 17.43 -11.15
CA ALA J 35 16.92 16.58 -12.31
C ALA J 35 16.57 17.34 -13.58
N ILE J 36 17.01 16.78 -14.70
CA ILE J 36 16.58 17.22 -16.01
C ILE J 36 15.33 16.43 -16.37
N ASP J 37 14.21 16.86 -15.83
CA ASP J 37 12.92 16.38 -16.27
C ASP J 37 12.39 17.32 -17.34
N ASP J 38 11.42 16.82 -18.10
CA ASP J 38 10.76 17.65 -19.09
C ASP J 38 10.15 18.89 -18.47
N ASN J 39 9.67 18.79 -17.23
CA ASN J 39 9.13 19.96 -16.56
C ASN J 39 10.19 21.05 -16.41
N VAL J 40 11.24 20.76 -15.63
CA VAL J 40 12.27 21.76 -15.36
C VAL J 40 12.90 22.20 -16.66
N ALA J 41 13.09 21.28 -17.60
CA ALA J 41 13.65 21.66 -18.89
C ALA J 41 12.69 22.52 -19.69
N ASN J 42 11.45 22.69 -19.20
CA ASN J 42 10.52 23.62 -19.81
C ASN J 42 10.37 24.91 -19.02
N SER J 43 10.90 24.95 -17.80
CA SER J 43 11.09 26.22 -17.11
C SER J 43 12.44 26.83 -17.48
N ILE J 44 13.49 26.02 -17.43
CA ILE J 44 14.84 26.48 -17.70
C ILE J 44 14.97 27.03 -19.10
N VAL J 45 14.41 26.32 -20.07
CA VAL J 45 14.48 26.78 -21.45
C VAL J 45 13.83 28.15 -21.58
N SER J 46 12.73 28.35 -20.85
CA SER J 46 12.03 29.61 -20.93
C SER J 46 12.90 30.74 -20.44
N GLN J 47 13.60 30.50 -19.34
CA GLN J 47 14.42 31.53 -18.75
C GLN J 47 15.57 31.93 -19.67
N LEU J 48 16.04 30.99 -20.49
CA LEU J 48 17.17 31.26 -21.36
C LEU J 48 16.74 32.04 -22.58
N LEU J 49 15.66 31.60 -23.21
CA LEU J 49 15.10 32.35 -24.32
C LEU J 49 14.68 33.73 -23.86
N PHE J 50 14.13 33.80 -22.65
CA PHE J 50 13.81 35.07 -22.05
C PHE J 50 15.04 35.95 -21.97
N LEU J 51 16.06 35.50 -21.24
CA LEU J 51 17.27 36.28 -21.06
C LEU J 51 18.01 36.53 -22.36
N ASP J 52 17.78 35.70 -23.37
CA ASP J 52 18.35 36.00 -24.67
C ASP J 52 17.86 37.36 -25.17
N ALA J 53 16.58 37.63 -25.00
CA ALA J 53 16.03 38.87 -25.54
C ALA J 53 16.35 40.06 -24.64
N GLN J 54 16.40 39.85 -23.33
CA GLN J 54 16.68 40.96 -22.43
C GLN J 54 18.08 41.50 -22.62
N ASP J 55 19.01 40.68 -23.04
CA ASP J 55 20.33 41.16 -23.34
C ASP J 55 21.02 40.14 -24.25
N PRO J 56 20.76 40.21 -25.57
CA PRO J 56 21.34 39.20 -26.47
C PRO J 56 22.87 39.15 -26.50
N GLU J 57 23.57 40.03 -25.80
CA GLU J 57 25.04 40.06 -25.81
C GLU J 57 25.62 39.74 -24.44
N LYS J 58 24.97 40.23 -23.38
CA LYS J 58 25.53 40.14 -22.05
C LYS J 58 25.41 38.72 -21.51
N ASP J 59 26.43 38.30 -20.77
CA ASP J 59 26.60 36.89 -20.43
C ASP J 59 25.51 36.39 -19.50
N ILE J 60 25.36 35.06 -19.48
CA ILE J 60 24.40 34.35 -18.65
C ILE J 60 25.16 33.27 -17.91
N PHE J 61 24.75 32.98 -16.69
CA PHE J 61 25.57 32.29 -15.72
C PHE J 61 24.74 31.12 -15.19
N LEU J 62 24.90 29.99 -15.85
CA LEU J 62 24.05 28.81 -15.69
C LEU J 62 24.69 27.84 -14.72
N TYR J 63 24.14 27.75 -13.53
CA TYR J 63 24.73 26.95 -12.48
C TYR J 63 24.10 25.57 -12.45
N ILE J 64 24.93 24.55 -12.62
CA ILE J 64 24.49 23.16 -12.57
C ILE J 64 24.81 22.58 -11.22
N ASN J 65 23.79 22.00 -10.60
CA ASN J 65 23.95 21.01 -9.54
C ASN J 65 22.83 20.00 -9.73
N SER J 66 23.07 19.01 -10.58
CA SER J 66 22.07 18.01 -10.90
C SER J 66 22.67 16.61 -10.86
N PRO J 67 21.87 15.59 -10.57
CA PRO J 67 22.28 14.22 -10.84
C PRO J 67 21.89 13.70 -12.21
N GLY J 68 21.38 14.55 -13.08
CA GLY J 68 21.09 14.17 -14.45
C GLY J 68 19.62 13.92 -14.68
N GLY J 69 19.33 13.50 -15.90
CA GLY J 69 17.96 13.20 -16.28
C GLY J 69 17.86 12.84 -17.74
N SER J 70 16.68 13.08 -18.29
CA SER J 70 16.40 12.71 -19.66
C SER J 70 17.35 13.39 -20.63
N ILE J 71 18.16 12.57 -21.29
CA ILE J 71 18.96 13.01 -22.42
C ILE J 71 18.11 13.72 -23.47
N SER J 72 16.84 13.33 -23.59
CA SER J 72 15.95 14.02 -24.51
C SER J 72 15.86 15.49 -24.16
N ALA J 73 15.64 15.79 -22.89
CA ALA J 73 15.64 17.18 -22.46
C ALA J 73 17.04 17.76 -22.46
N GLY J 74 18.05 16.89 -22.35
CA GLY J 74 19.42 17.37 -22.41
C GLY J 74 19.74 18.08 -23.70
N MET J 75 19.18 17.59 -24.80
CA MET J 75 19.45 18.20 -26.09
C MET J 75 18.64 19.46 -26.30
N ALA J 76 17.45 19.55 -25.70
CA ALA J 76 16.71 20.80 -25.70
C ALA J 76 17.51 21.90 -25.07
N ILE J 77 17.95 21.69 -23.84
CA ILE J 77 18.73 22.69 -23.12
C ILE J 77 20.04 22.93 -23.83
N TYR J 78 20.62 21.89 -24.40
CA TYR J 78 21.88 22.04 -25.11
C TYR J 78 21.67 22.80 -26.42
N ASP J 79 20.71 22.35 -27.23
CA ASP J 79 20.39 23.09 -28.45
C ASP J 79 19.96 24.51 -28.13
N THR J 80 19.26 24.70 -27.01
CA THR J 80 18.82 26.03 -26.62
C THR J 80 19.99 26.97 -26.45
N MET J 81 20.98 26.58 -25.65
CA MET J 81 22.17 27.38 -25.51
C MET J 81 22.91 27.54 -26.83
N ASN J 82 22.73 26.61 -27.75
CA ASN J 82 23.24 26.73 -29.10
C ASN J 82 22.27 27.42 -30.05
N PHE J 83 21.12 27.85 -29.53
CA PHE J 83 20.13 28.60 -30.29
C PHE J 83 20.09 30.07 -29.86
N VAL J 84 20.24 30.36 -28.57
CA VAL J 84 20.32 31.75 -28.16
C VAL J 84 21.62 32.33 -28.68
N LYS J 85 21.58 33.60 -29.06
CA LYS J 85 22.79 34.26 -29.48
C LYS J 85 23.65 34.71 -28.31
N ALA J 86 23.22 34.47 -27.08
CA ALA J 86 24.03 34.84 -25.94
C ALA J 86 25.27 33.97 -25.85
N ASP J 87 26.09 34.29 -24.86
CA ASP J 87 27.23 33.49 -24.47
C ASP J 87 27.05 33.12 -23.01
N VAL J 88 27.43 31.88 -22.66
CA VAL J 88 26.97 31.23 -21.43
C VAL J 88 28.18 30.83 -20.62
N GLN J 89 28.12 31.09 -19.32
CA GLN J 89 29.23 30.86 -18.40
C GLN J 89 28.74 29.86 -17.37
N THR J 90 28.92 28.58 -17.66
CA THR J 90 28.27 27.49 -16.96
C THR J 90 29.17 26.96 -15.86
N ILE J 91 28.54 26.56 -14.76
CA ILE J 91 29.25 26.27 -13.52
C ILE J 91 28.82 24.89 -13.03
N GLY J 92 29.77 23.97 -12.98
CA GLY J 92 29.52 22.70 -12.34
C GLY J 92 29.91 22.79 -10.88
N MET J 93 28.91 22.76 -10.01
CA MET J 93 29.13 22.71 -8.58
C MET J 93 28.54 21.41 -8.06
N GLY J 94 28.89 21.07 -6.83
CA GLY J 94 28.39 19.87 -6.20
C GLY J 94 28.69 18.64 -7.03
N MET J 95 27.66 18.11 -7.67
CA MET J 95 27.83 17.11 -8.71
C MET J 95 27.00 17.52 -9.92
N ALA J 96 27.50 17.14 -11.09
CA ALA J 96 26.79 17.34 -12.36
C ALA J 96 26.81 15.99 -13.06
N ALA J 97 25.85 15.14 -12.73
CA ALA J 97 25.95 13.72 -13.02
C ALA J 97 25.19 13.36 -14.29
N ALA J 98 25.95 13.06 -15.34
CA ALA J 98 25.49 12.31 -16.50
C ALA J 98 24.60 13.09 -17.46
N MET J 99 24.05 14.21 -17.01
CA MET J 99 23.61 15.26 -17.92
C MET J 99 24.20 16.58 -17.52
N GLY J 100 24.25 16.83 -16.22
CA GLY J 100 24.95 17.99 -15.71
C GLY J 100 26.34 18.10 -16.28
N SER J 101 27.08 17.00 -16.27
CA SER J 101 28.40 16.99 -16.89
C SER J 101 28.31 17.38 -18.36
N PHE J 102 27.61 16.58 -19.14
CA PHE J 102 27.56 16.79 -20.58
C PHE J 102 26.94 18.13 -20.92
N LEU J 103 26.04 18.61 -20.07
CA LEU J 103 25.49 19.94 -20.28
C LEU J 103 26.55 21.00 -20.05
N LEU J 104 27.38 20.80 -19.04
CA LEU J 104 28.32 21.83 -18.62
C LEU J 104 29.34 22.11 -19.71
N THR J 105 29.82 21.08 -20.38
CA THR J 105 30.81 21.26 -21.41
C THR J 105 30.27 21.97 -22.64
N ALA J 106 28.96 22.13 -22.75
CA ALA J 106 28.37 22.80 -23.90
C ALA J 106 28.47 24.32 -23.83
N GLY J 107 28.90 24.89 -22.71
CA GLY J 107 28.95 26.32 -22.56
C GLY J 107 30.03 26.98 -23.39
N ALA J 108 30.23 28.27 -23.11
CA ALA J 108 31.18 29.10 -23.85
C ALA J 108 32.58 28.54 -23.76
N ASN J 109 33.16 28.21 -24.91
CA ASN J 109 34.44 27.54 -24.92
C ASN J 109 35.51 28.52 -24.46
N GLY J 110 35.76 28.51 -23.15
CA GLY J 110 36.72 29.38 -22.53
C GLY J 110 36.26 29.84 -21.16
N LYS J 111 34.94 29.77 -20.90
CA LYS J 111 34.40 30.08 -19.58
C LYS J 111 33.40 29.04 -19.14
N ARG J 112 33.62 27.79 -19.53
CA ARG J 112 32.93 26.68 -18.90
C ARG J 112 33.54 26.46 -17.53
N PHE J 113 32.81 26.83 -16.49
CA PHE J 113 33.35 26.90 -15.14
C PHE J 113 33.03 25.64 -14.37
N ALA J 114 33.77 25.44 -13.30
CA ALA J 114 33.47 24.40 -12.35
C ALA J 114 34.22 24.66 -11.06
N LEU J 115 33.55 24.51 -10.00
CA LEU J 115 34.22 24.66 -8.74
C LEU J 115 35.18 23.51 -8.51
N PRO J 116 36.24 23.73 -7.74
CA PRO J 116 37.37 22.79 -7.76
C PRO J 116 37.02 21.44 -7.16
N ASN J 117 36.52 21.43 -5.93
CA ASN J 117 36.17 20.19 -5.29
C ASN J 117 34.82 19.67 -5.74
N ALA J 118 34.17 20.34 -6.68
CA ALA J 118 32.89 19.86 -7.18
C ALA J 118 33.11 18.58 -7.95
N GLU J 119 32.03 17.84 -8.17
CA GLU J 119 32.08 16.49 -8.67
C GLU J 119 31.52 16.47 -10.08
N ILE J 120 32.05 15.56 -10.88
CA ILE J 120 31.64 15.39 -12.26
C ILE J 120 31.54 13.90 -12.51
N MET J 121 30.69 13.53 -13.46
CA MET J 121 30.39 12.14 -13.73
C MET J 121 29.89 12.03 -15.15
N ILE J 122 30.61 11.28 -15.97
CA ILE J 122 30.12 10.92 -17.28
C ILE J 122 29.50 9.55 -17.14
N HIS J 123 28.77 9.16 -18.17
CA HIS J 123 27.81 8.09 -18.02
C HIS J 123 27.22 7.83 -19.39
N GLN J 124 26.79 6.61 -19.60
CA GLN J 124 26.04 6.31 -20.79
C GLN J 124 24.64 6.87 -20.64
N PRO J 125 23.92 7.08 -21.74
CA PRO J 125 22.55 7.53 -21.60
C PRO J 125 21.72 6.37 -21.06
N LEU J 126 21.43 6.43 -19.78
CA LEU J 126 20.67 5.36 -19.17
C LEU J 126 19.28 5.32 -19.77
N GLY J 127 18.78 4.12 -19.95
CA GLY J 127 17.50 3.92 -20.55
C GLY J 127 16.99 2.53 -20.27
N GLY J 128 16.43 1.92 -21.29
CA GLY J 128 15.84 0.62 -21.13
C GLY J 128 14.71 0.45 -22.11
N ALA J 129 14.08 -0.71 -22.03
CA ALA J 129 12.95 -1.00 -22.90
C ALA J 129 12.32 -2.30 -22.45
N GLN J 130 11.03 -2.41 -22.72
CA GLN J 130 10.27 -3.62 -22.47
C GLN J 130 9.30 -3.79 -23.63
N GLY J 131 9.37 -4.93 -24.28
CA GLY J 131 8.52 -5.20 -25.41
C GLY J 131 8.98 -6.41 -26.16
N GLN J 132 8.65 -6.42 -27.44
CA GLN J 132 9.03 -7.50 -28.31
C GLN J 132 10.46 -7.31 -28.79
N ALA J 133 10.91 -8.26 -29.61
CA ALA J 133 12.22 -8.15 -30.22
C ALA J 133 12.37 -6.88 -31.03
N THR J 134 11.54 -6.75 -32.08
CA THR J 134 11.60 -5.57 -32.93
C THR J 134 11.30 -4.30 -32.15
N GLU J 135 10.57 -4.40 -31.06
CA GLU J 135 10.38 -3.24 -30.19
C GLU J 135 11.69 -2.80 -29.60
N ILE J 136 12.44 -3.74 -29.04
CA ILE J 136 13.55 -3.38 -28.17
C ILE J 136 14.81 -3.16 -28.99
N GLU J 137 14.94 -3.85 -30.12
CA GLU J 137 16.03 -3.52 -31.03
C GLU J 137 15.92 -2.09 -31.48
N ILE J 138 14.70 -1.61 -31.73
CA ILE J 138 14.52 -0.25 -32.18
C ILE J 138 14.74 0.72 -31.03
N ALA J 139 14.28 0.35 -29.85
CA ALA J 139 14.65 1.11 -28.67
C ALA J 139 16.16 1.10 -28.46
N ALA J 140 16.84 0.09 -29.00
CA ALA J 140 18.28 -0.01 -28.85
C ALA J 140 18.99 0.78 -29.93
N ARG J 141 18.41 0.87 -31.13
CA ARG J 141 19.00 1.70 -32.16
C ARG J 141 19.09 3.14 -31.71
N HIS J 142 17.95 3.71 -31.35
CA HIS J 142 17.87 5.13 -31.05
C HIS J 142 18.72 5.48 -29.84
N ILE J 143 18.56 4.72 -28.75
CA ILE J 143 19.37 4.97 -27.57
C ILE J 143 20.85 4.79 -27.88
N LEU J 144 21.19 3.82 -28.72
CA LEU J 144 22.57 3.71 -29.16
C LEU J 144 22.93 4.91 -30.01
N LYS J 145 22.03 5.27 -30.91
CA LYS J 145 22.22 6.43 -31.77
C LYS J 145 22.45 7.66 -30.92
N ILE J 146 21.78 7.74 -29.78
CA ILE J 146 22.00 8.84 -28.86
C ILE J 146 23.41 8.78 -28.31
N LYS J 147 23.83 7.60 -27.86
CA LYS J 147 25.09 7.49 -27.14
C LYS J 147 26.25 7.76 -28.08
N GLU J 148 26.04 7.52 -29.37
CA GLU J 148 27.02 7.93 -30.35
C GLU J 148 27.17 9.44 -30.36
N ARG J 149 26.10 10.15 -30.74
CA ARG J 149 26.23 11.57 -31.06
C ARG J 149 26.50 12.39 -29.82
N MET J 150 25.95 11.97 -28.68
CA MET J 150 26.32 12.61 -27.43
C MET J 150 27.82 12.54 -27.22
N ASN J 151 28.42 11.41 -27.56
CA ASN J 151 29.82 11.19 -27.24
C ASN J 151 30.72 11.70 -28.34
N THR J 152 30.19 11.89 -29.55
CA THR J 152 30.90 12.72 -30.51
C THR J 152 30.99 14.14 -30.02
N ILE J 153 29.99 14.59 -29.26
CA ILE J 153 29.93 15.99 -28.87
C ILE J 153 30.88 16.26 -27.73
N MET J 154 30.87 15.41 -26.70
CA MET J 154 31.83 15.58 -25.62
C MET J 154 33.25 15.45 -26.13
N ALA J 155 33.44 14.74 -27.25
CA ALA J 155 34.72 14.80 -27.94
C ALA J 155 34.93 16.15 -28.60
N GLU J 156 33.85 16.74 -29.13
CA GLU J 156 33.94 18.07 -29.71
C GLU J 156 34.26 19.10 -28.64
N LYS J 157 33.41 19.18 -27.62
CA LYS J 157 33.50 20.27 -26.66
C LYS J 157 34.80 20.22 -25.88
N THR J 158 35.26 19.02 -25.57
CA THR J 158 36.56 18.85 -24.95
C THR J 158 37.69 18.74 -25.96
N GLY J 159 37.37 18.59 -27.25
CA GLY J 159 38.39 18.37 -28.24
C GLY J 159 39.14 17.08 -28.08
N GLN J 160 38.58 16.12 -27.33
CA GLN J 160 39.22 14.85 -27.14
C GLN J 160 38.72 13.87 -28.20
N PRO J 161 39.38 12.72 -28.36
CA PRO J 161 38.93 11.77 -29.38
C PRO J 161 37.70 11.00 -28.94
N TYR J 162 36.88 10.63 -29.92
CA TYR J 162 35.59 10.01 -29.64
C TYR J 162 35.75 8.66 -28.97
N GLU J 163 36.47 7.76 -29.63
CA GLU J 163 36.77 6.44 -29.06
C GLU J 163 37.32 6.52 -27.65
N VAL J 164 38.09 7.55 -27.34
CA VAL J 164 38.61 7.70 -26.00
C VAL J 164 37.48 8.04 -25.04
N ILE J 165 36.56 8.88 -25.49
CA ILE J 165 35.39 9.20 -24.67
C ILE J 165 34.55 7.95 -24.47
N ALA J 166 34.59 7.03 -25.44
CA ALA J 166 33.77 5.83 -25.36
C ALA J 166 34.12 5.02 -24.14
N ARG J 167 35.40 4.68 -23.99
CA ARG J 167 35.79 3.79 -22.90
C ARG J 167 35.64 4.49 -21.57
N ASP J 168 35.80 5.81 -21.54
CA ASP J 168 35.54 6.56 -20.33
C ASP J 168 34.05 6.62 -20.01
N THR J 169 33.20 6.47 -21.01
CA THR J 169 31.76 6.36 -20.81
C THR J 169 31.29 4.92 -20.64
N ASP J 170 32.16 3.94 -20.84
CA ASP J 170 31.74 2.55 -20.74
C ASP J 170 31.26 2.21 -19.33
N ARG J 171 31.61 3.02 -18.35
CA ARG J 171 31.13 2.84 -17.00
C ARG J 171 30.91 4.21 -16.39
N ASP J 172 30.37 4.21 -15.18
CA ASP J 172 30.48 5.36 -14.32
C ASP J 172 31.93 5.80 -14.24
N ASN J 173 32.17 7.08 -14.41
CA ASN J 173 33.50 7.63 -14.39
C ASN J 173 33.44 8.95 -13.65
N PHE J 174 33.78 8.88 -12.37
CA PHE J 174 33.72 10.03 -11.50
C PHE J 174 35.01 10.80 -11.64
N MET J 175 34.91 12.12 -11.55
CA MET J 175 36.03 13.01 -11.83
C MET J 175 35.93 14.19 -10.89
N THR J 176 37.04 14.87 -10.72
CA THR J 176 37.03 16.17 -10.09
C THR J 176 37.25 17.24 -11.14
N ALA J 177 37.32 18.48 -10.67
CA ALA J 177 37.60 19.59 -11.55
C ALA J 177 38.96 19.44 -12.22
N GLN J 178 39.94 18.90 -11.48
CA GLN J 178 41.33 18.98 -11.91
C GLN J 178 41.55 18.17 -13.17
N GLU J 179 41.36 16.86 -13.09
CA GLU J 179 41.52 16.02 -14.26
C GLU J 179 40.54 16.41 -15.34
N ALA J 180 39.35 16.88 -14.96
CA ALA J 180 38.32 17.21 -15.92
C ALA J 180 38.79 18.30 -16.87
N LYS J 181 39.41 19.34 -16.33
CA LYS J 181 40.00 20.37 -17.18
C LYS J 181 41.15 19.77 -17.98
N ASP J 182 41.99 19.00 -17.31
CA ASP J 182 43.06 18.29 -18.00
C ASP J 182 42.52 17.12 -18.83
N TYR J 183 41.25 16.78 -18.65
CA TYR J 183 40.54 15.91 -19.57
C TYR J 183 39.79 16.71 -20.62
N GLY J 184 39.51 17.97 -20.36
CA GLY J 184 38.95 18.87 -21.33
C GLY J 184 37.51 19.21 -21.11
N LEU J 185 36.89 18.71 -20.03
CA LEU J 185 35.47 18.94 -19.83
C LEU J 185 35.15 20.40 -19.60
N ILE J 186 36.08 21.15 -19.04
CA ILE J 186 35.87 22.57 -18.77
C ILE J 186 37.10 23.36 -19.16
N ASP J 187 37.04 24.65 -18.90
CA ASP J 187 38.12 25.59 -19.16
C ASP J 187 38.82 26.05 -17.89
N ASP J 188 38.06 26.16 -16.81
CA ASP J 188 38.49 26.92 -15.65
C ASP J 188 38.11 26.22 -14.37
N ILE J 189 38.81 26.58 -13.30
CA ILE J 189 38.45 26.22 -11.95
C ILE J 189 38.47 27.51 -11.14
N ILE J 190 37.53 27.64 -10.22
CA ILE J 190 37.05 28.94 -9.82
C ILE J 190 37.32 29.18 -8.34
N ILE J 191 38.22 30.12 -8.10
CA ILE J 191 38.58 30.74 -6.85
C ILE J 191 37.57 31.82 -6.51
N ASN J 192 37.85 32.59 -5.45
CA ASN J 192 36.93 33.53 -4.85
C ASN J 192 36.54 34.61 -5.86
N LYS J 193 35.55 34.26 -6.69
CA LYS J 193 34.83 35.13 -7.61
C LYS J 193 35.64 35.52 -8.86
N SER J 194 36.91 35.18 -8.93
CA SER J 194 37.68 35.49 -10.12
C SER J 194 37.18 34.65 -11.29
N GLY J 195 37.11 35.27 -12.46
CA GLY J 195 36.45 34.69 -13.61
C GLY J 195 34.97 34.99 -13.70
N LEU J 196 34.33 35.34 -12.59
CA LEU J 196 32.96 35.82 -12.56
C LEU J 196 32.90 37.06 -11.69
N LYS J 197 33.80 38.03 -11.95
CA LYS J 197 33.89 39.20 -11.09
C LYS J 197 32.61 40.04 -11.12
N GLY J 198 31.75 39.82 -12.11
CA GLY J 198 30.44 40.45 -12.15
C GLY J 198 29.35 39.57 -11.57
N MET K 1 4.14 24.26 -6.67
CA MET K 1 5.53 24.34 -7.16
C MET K 1 5.93 25.78 -7.48
N ASN K 2 6.40 26.50 -6.46
CA ASN K 2 6.91 27.85 -6.65
C ASN K 2 8.28 27.87 -7.32
N LEU K 3 8.81 26.70 -7.68
CA LEU K 3 9.94 26.60 -8.59
C LEU K 3 9.77 27.48 -9.83
N ILE K 4 8.56 27.53 -10.37
CA ILE K 4 8.33 28.25 -11.61
C ILE K 4 8.55 29.73 -11.33
N PRO K 5 9.65 30.32 -11.79
CA PRO K 5 10.10 31.58 -11.20
C PRO K 5 9.35 32.78 -11.74
N THR K 6 9.26 33.81 -10.90
CA THR K 6 8.78 35.11 -11.34
C THR K 6 9.92 35.84 -12.02
N VAL K 7 9.59 36.86 -12.80
CA VAL K 7 10.45 37.24 -13.92
C VAL K 7 10.88 38.71 -13.90
N ILE K 8 9.96 39.67 -13.84
CA ILE K 8 10.24 41.03 -14.28
C ILE K 8 9.63 42.02 -13.30
N ALA K 17 4.85 42.77 -14.16
CA ALA K 17 5.41 41.68 -13.37
C ALA K 17 4.39 40.56 -13.19
N TYR K 18 4.80 39.36 -13.59
CA TYR K 18 3.98 38.18 -13.44
C TYR K 18 4.88 36.96 -13.67
N ASP K 19 4.28 35.78 -13.82
CA ASP K 19 5.05 34.57 -14.06
C ASP K 19 5.70 34.61 -15.43
N ILE K 20 6.35 33.50 -15.78
CA ILE K 20 7.19 33.47 -16.97
C ILE K 20 6.40 33.02 -18.19
N TYR K 21 5.66 31.91 -18.08
CA TYR K 21 4.90 31.43 -19.23
C TYR K 21 3.84 32.43 -19.65
N SER K 22 3.39 33.24 -18.69
CA SER K 22 2.51 34.33 -19.01
C SER K 22 3.20 35.40 -19.82
N ARG K 23 4.51 35.56 -19.66
CA ARG K 23 5.23 36.51 -20.49
C ARG K 23 5.38 35.96 -21.90
N LEU K 24 5.85 34.72 -22.02
CA LEU K 24 6.01 34.11 -23.33
C LEU K 24 4.67 34.07 -24.05
N LEU K 25 3.60 33.86 -23.29
CA LEU K 25 2.28 34.07 -23.81
C LEU K 25 2.13 35.47 -24.38
N LYS K 26 2.60 36.47 -23.64
CA LYS K 26 2.55 37.84 -24.14
C LYS K 26 3.36 37.99 -25.40
N ASP K 27 4.38 37.16 -25.57
CA ASP K 27 5.20 37.18 -26.76
C ASP K 27 4.68 36.24 -27.84
N ARG K 28 3.43 35.80 -27.73
CA ARG K 28 2.83 34.84 -28.65
C ARG K 28 3.62 33.54 -28.70
N ILE K 29 4.10 33.10 -27.54
CA ILE K 29 4.91 31.91 -27.42
C ILE K 29 4.31 31.04 -26.34
N ILE K 30 4.21 29.75 -26.62
CA ILE K 30 3.62 28.77 -25.71
C ILE K 30 4.61 27.64 -25.50
N MET K 31 4.61 27.09 -24.30
CA MET K 31 5.59 26.11 -23.87
C MET K 31 4.82 24.84 -23.53
N LEU K 32 4.56 24.04 -24.55
CA LEU K 32 3.89 22.75 -24.37
C LEU K 32 4.93 21.74 -23.91
N GLY K 33 5.14 21.70 -22.61
CA GLY K 33 6.14 20.84 -22.05
C GLY K 33 5.63 19.50 -21.59
N SER K 34 4.65 19.55 -20.70
CA SER K 34 4.23 18.34 -20.02
C SER K 34 3.47 17.44 -20.97
N ALA K 35 3.22 16.22 -20.52
CA ALA K 35 2.45 15.29 -21.33
C ALA K 35 1.02 15.79 -21.47
N ILE K 36 0.37 15.32 -22.53
CA ILE K 36 -0.81 15.99 -23.04
C ILE K 36 -2.07 15.42 -22.41
N ASP K 37 -2.43 15.94 -21.25
CA ASP K 37 -3.71 15.63 -20.62
C ASP K 37 -4.78 16.57 -21.15
N ASP K 38 -6.04 16.22 -20.91
CA ASP K 38 -7.15 17.08 -21.30
C ASP K 38 -7.01 18.46 -20.67
N ASN K 39 -6.81 18.49 -19.35
CA ASN K 39 -6.73 19.78 -18.65
C ASN K 39 -5.56 20.61 -19.14
N VAL K 40 -4.52 19.97 -19.63
CA VAL K 40 -3.40 20.71 -20.21
C VAL K 40 -3.84 21.35 -21.52
N ALA K 41 -4.20 20.52 -22.49
CA ALA K 41 -4.65 21.01 -23.78
C ALA K 41 -5.93 21.83 -23.65
N ASN K 42 -6.66 21.64 -22.56
CA ASN K 42 -7.75 22.55 -22.23
C ASN K 42 -7.24 23.98 -22.12
N SER K 43 -5.99 24.15 -21.69
CA SER K 43 -5.43 25.48 -21.49
C SER K 43 -4.74 25.97 -22.75
N ILE K 44 -4.21 25.06 -23.56
CA ILE K 44 -3.53 25.48 -24.78
C ILE K 44 -4.53 26.06 -25.76
N VAL K 45 -5.68 25.42 -25.88
CA VAL K 45 -6.73 25.98 -26.72
C VAL K 45 -7.24 27.27 -26.11
N SER K 46 -7.21 27.36 -24.78
CA SER K 46 -7.51 28.62 -24.12
C SER K 46 -6.45 29.66 -24.45
N GLN K 47 -5.23 29.22 -24.74
CA GLN K 47 -4.14 30.14 -25.02
C GLN K 47 -4.13 30.51 -26.49
N LEU K 48 -4.19 29.51 -27.35
CA LEU K 48 -4.14 29.74 -28.79
C LEU K 48 -5.23 30.69 -29.23
N LEU K 49 -6.38 30.57 -28.62
CA LEU K 49 -7.53 31.34 -29.05
C LEU K 49 -7.48 32.75 -28.51
N PHE K 50 -7.10 32.88 -27.25
CA PHE K 50 -6.73 34.18 -26.71
C PHE K 50 -5.78 34.90 -27.64
N LEU K 51 -4.66 34.25 -27.98
CA LEU K 51 -3.67 34.87 -28.85
C LEU K 51 -4.23 35.14 -30.23
N ASP K 52 -5.11 34.27 -30.71
CA ASP K 52 -5.79 34.55 -31.97
C ASP K 52 -6.60 35.83 -31.88
N ALA K 53 -7.15 36.14 -30.71
CA ALA K 53 -7.97 37.33 -30.56
C ALA K 53 -7.11 38.57 -30.51
N GLN K 54 -6.04 38.54 -29.71
CA GLN K 54 -5.15 39.69 -29.60
C GLN K 54 -4.52 40.05 -30.94
N ASP K 55 -4.33 39.07 -31.81
CA ASP K 55 -3.93 39.33 -33.18
C ASP K 55 -4.30 38.14 -34.04
N PRO K 56 -5.40 38.17 -34.78
CA PRO K 56 -5.70 37.06 -35.69
C PRO K 56 -4.87 37.05 -36.97
N GLU K 57 -3.77 37.81 -37.05
CA GLU K 57 -2.87 37.83 -38.19
C GLU K 57 -1.41 37.65 -37.81
N LYS K 58 -0.98 38.17 -36.67
CA LYS K 58 0.39 38.04 -36.24
C LYS K 58 0.68 36.58 -35.88
N ASP K 59 1.87 36.12 -36.27
CA ASP K 59 2.25 34.73 -36.08
C ASP K 59 2.19 34.34 -34.60
N ILE K 60 2.12 33.03 -34.37
CA ILE K 60 2.19 32.46 -33.04
C ILE K 60 3.26 31.38 -33.03
N PHE K 61 4.00 31.33 -31.93
CA PHE K 61 5.10 30.40 -31.75
C PHE K 61 4.70 29.34 -30.76
N LEU K 62 5.32 28.17 -30.88
CA LEU K 62 4.94 27.00 -30.11
C LEU K 62 6.11 26.05 -29.98
N TYR K 63 6.47 25.71 -28.74
CA TYR K 63 7.63 24.89 -28.44
C TYR K 63 7.16 23.59 -27.84
N ILE K 64 7.32 22.49 -28.57
CA ILE K 64 6.92 21.17 -28.10
C ILE K 64 8.12 20.53 -27.45
N ASN K 65 7.93 20.06 -26.22
CA ASN K 65 8.97 19.43 -25.44
C ASN K 65 8.39 18.25 -24.67
N SER K 66 7.56 17.47 -25.35
CA SER K 66 6.65 16.56 -24.68
C SER K 66 6.92 15.13 -25.13
N PRO K 67 6.51 14.14 -24.33
CA PRO K 67 6.48 12.76 -24.82
C PRO K 67 5.22 12.41 -25.57
N GLY K 68 4.46 13.39 -26.01
CA GLY K 68 3.17 13.07 -26.59
C GLY K 68 2.26 12.53 -25.51
N GLY K 69 1.11 12.00 -25.92
CA GLY K 69 0.17 11.53 -24.95
C GLY K 69 -1.24 11.36 -25.48
N SER K 70 -2.22 11.93 -24.77
CA SER K 70 -3.61 11.66 -25.07
C SER K 70 -3.97 12.19 -26.43
N ILE K 71 -4.18 11.24 -27.35
CA ILE K 71 -4.45 11.56 -28.75
C ILE K 71 -5.68 12.45 -28.87
N SER K 72 -6.70 12.17 -28.06
CA SER K 72 -8.02 12.73 -28.32
C SER K 72 -8.03 14.22 -28.04
N ALA K 73 -7.46 14.64 -26.91
CA ALA K 73 -7.34 16.05 -26.62
C ALA K 73 -6.52 16.76 -27.67
N GLY K 74 -5.40 16.14 -28.08
CA GLY K 74 -4.54 16.74 -29.08
C GLY K 74 -5.27 17.10 -30.36
N MET K 75 -6.20 16.26 -30.80
CA MET K 75 -6.85 16.48 -32.08
C MET K 75 -7.56 17.82 -32.12
N ALA K 76 -8.09 18.26 -30.99
CA ALA K 76 -8.57 19.63 -30.90
C ALA K 76 -7.43 20.59 -31.19
N ILE K 77 -6.24 20.27 -30.70
CA ILE K 77 -5.10 21.15 -30.82
C ILE K 77 -4.57 21.10 -32.24
N TYR K 78 -4.98 20.09 -33.00
CA TYR K 78 -4.89 20.18 -34.44
C TYR K 78 -5.97 21.10 -34.97
N ASP K 79 -7.22 20.87 -34.55
CA ASP K 79 -8.34 21.63 -35.09
C ASP K 79 -8.27 23.09 -34.73
N THR K 80 -7.65 23.40 -33.59
CA THR K 80 -7.49 24.79 -33.20
C THR K 80 -6.68 25.56 -34.23
N MET K 81 -5.49 25.07 -34.55
CA MET K 81 -4.63 25.77 -35.48
C MET K 81 -5.24 25.86 -36.87
N ASN K 82 -6.11 24.92 -37.21
CA ASN K 82 -6.77 24.93 -38.50
C ASN K 82 -7.97 25.86 -38.55
N PHE K 83 -8.50 26.24 -37.38
CA PHE K 83 -9.53 27.26 -37.33
C PHE K 83 -8.92 28.66 -37.30
N VAL K 84 -8.07 28.93 -36.32
CA VAL K 84 -7.40 30.21 -36.29
C VAL K 84 -6.55 30.37 -37.54
N LYS K 85 -6.59 31.56 -38.12
CA LYS K 85 -5.81 31.85 -39.31
C LYS K 85 -4.45 32.43 -38.94
N ALA K 86 -4.17 32.60 -37.65
CA ALA K 86 -2.82 32.89 -37.25
C ALA K 86 -1.90 31.74 -37.64
N ASP K 87 -0.81 32.08 -38.32
CA ASP K 87 0.20 31.10 -38.66
C ASP K 87 0.87 30.66 -37.37
N VAL K 88 0.91 29.35 -37.16
CA VAL K 88 1.40 28.77 -35.92
C VAL K 88 2.70 28.08 -36.23
N GLN K 89 3.80 28.74 -35.90
CA GLN K 89 5.12 28.19 -36.16
C GLN K 89 5.47 27.23 -35.05
N THR K 90 5.69 25.98 -35.42
CA THR K 90 5.83 24.90 -34.46
C THR K 90 7.29 24.54 -34.33
N ILE K 91 7.76 24.45 -33.10
CA ILE K 91 9.11 24.03 -32.79
C ILE K 91 9.04 22.74 -32.01
N GLY K 92 9.66 21.70 -32.56
CA GLY K 92 9.77 20.43 -31.90
C GLY K 92 11.17 20.28 -31.39
N MET K 93 11.34 20.51 -30.10
CA MET K 93 12.65 20.56 -29.48
C MET K 93 12.73 19.56 -28.36
N GLY K 94 13.89 18.92 -28.24
CA GLY K 94 14.11 17.94 -27.20
C GLY K 94 13.42 16.63 -27.46
N MET K 95 12.10 16.66 -27.50
CA MET K 95 11.29 15.46 -27.52
C MET K 95 10.03 15.69 -28.31
N ALA K 96 9.65 14.70 -29.11
CA ALA K 96 8.37 14.69 -29.80
C ALA K 96 8.00 13.24 -30.02
N ALA K 97 6.70 12.97 -30.04
CA ALA K 97 6.22 11.62 -29.94
C ALA K 97 4.82 11.52 -30.53
N ALA K 98 4.13 10.43 -30.15
CA ALA K 98 2.85 9.92 -30.67
C ALA K 98 1.96 11.08 -31.10
N MET K 99 1.76 12.09 -30.26
CA MET K 99 0.92 13.22 -30.63
C MET K 99 1.69 14.51 -30.68
N GLY K 100 2.64 14.67 -29.76
CA GLY K 100 3.50 15.85 -29.80
C GLY K 100 4.16 16.05 -31.14
N SER K 101 4.51 14.94 -31.80
CA SER K 101 5.11 15.04 -33.13
C SER K 101 4.06 15.31 -34.19
N PHE K 102 2.87 14.76 -34.01
CA PHE K 102 1.80 14.99 -34.97
C PHE K 102 1.46 16.46 -35.02
N LEU K 103 1.48 17.13 -33.87
CA LEU K 103 1.25 18.55 -33.82
C LEU K 103 2.28 19.30 -34.62
N LEU K 104 3.55 18.95 -34.42
CA LEU K 104 4.64 19.59 -35.12
C LEU K 104 4.44 19.57 -36.62
N THR K 105 3.99 18.45 -37.15
CA THR K 105 3.71 18.36 -38.57
C THR K 105 2.45 19.12 -38.93
N ALA K 106 1.52 19.27 -38.00
CA ALA K 106 0.32 20.03 -38.30
C ALA K 106 0.61 21.50 -38.54
N GLY K 107 1.73 22.00 -38.02
CA GLY K 107 1.97 23.42 -37.96
C GLY K 107 2.02 24.17 -39.27
N ALA K 108 2.35 25.45 -39.17
CA ALA K 108 2.39 26.31 -40.34
C ALA K 108 3.45 25.87 -41.33
N ASN K 109 3.06 25.83 -42.61
CA ASN K 109 3.89 25.26 -43.65
C ASN K 109 5.16 26.08 -43.82
N GLY K 110 6.29 25.39 -43.81
CA GLY K 110 7.58 26.04 -43.84
C GLY K 110 7.99 26.67 -42.54
N LYS K 111 7.10 26.72 -41.55
CA LYS K 111 7.40 27.24 -40.23
C LYS K 111 7.40 26.14 -39.18
N ARG K 112 7.41 24.89 -39.63
CA ARG K 112 7.59 23.73 -38.76
C ARG K 112 9.06 23.53 -38.52
N PHE K 113 9.48 23.91 -37.33
CA PHE K 113 10.89 24.10 -37.03
C PHE K 113 11.33 23.05 -36.04
N ALA K 114 12.63 23.03 -35.80
CA ALA K 114 13.26 22.02 -34.99
C ALA K 114 14.66 22.43 -34.62
N LEU K 115 15.23 21.66 -33.78
CA LEU K 115 16.62 21.78 -33.41
C LEU K 115 17.36 20.53 -33.91
N PRO K 116 18.68 20.62 -34.07
CA PRO K 116 19.38 19.54 -34.76
C PRO K 116 19.53 18.29 -33.96
N ASN K 117 19.47 18.38 -32.63
CA ASN K 117 19.64 17.22 -31.77
C ASN K 117 18.33 16.68 -31.23
N ALA K 118 17.22 17.38 -31.42
CA ALA K 118 15.95 16.86 -30.96
C ALA K 118 15.57 15.61 -31.74
N GLU K 119 14.61 14.89 -31.18
CA GLU K 119 14.17 13.62 -31.71
C GLU K 119 12.67 13.66 -31.93
N ILE K 120 12.22 12.87 -32.90
CA ILE K 120 10.83 12.84 -33.32
C ILE K 120 10.42 11.39 -33.46
N MET K 121 9.38 11.00 -32.73
CA MET K 121 8.88 9.63 -32.71
C MET K 121 7.51 9.61 -33.35
N ILE K 122 7.18 8.47 -33.92
CA ILE K 122 5.92 8.27 -34.62
C ILE K 122 5.49 6.83 -34.42
N HIS K 123 4.22 6.65 -34.06
CA HIS K 123 3.68 5.30 -34.02
C HIS K 123 2.17 5.33 -34.02
N GLN K 124 1.61 4.16 -34.28
CA GLN K 124 0.19 3.99 -34.16
C GLN K 124 -0.19 4.21 -32.70
N PRO K 125 -1.24 4.99 -32.42
CA PRO K 125 -1.57 5.28 -31.03
C PRO K 125 -1.86 4.07 -30.19
N LEU K 126 -1.82 4.28 -28.89
CA LEU K 126 -1.76 3.25 -27.89
C LEU K 126 -3.01 3.32 -27.03
N GLY K 127 -3.72 2.23 -26.95
CA GLY K 127 -4.92 2.15 -26.12
C GLY K 127 -5.26 0.74 -25.82
N GLY K 128 -6.55 0.47 -25.82
CA GLY K 128 -7.04 -0.85 -25.51
C GLY K 128 -8.39 -0.75 -24.87
N ALA K 129 -8.89 -1.89 -24.45
CA ALA K 129 -10.27 -1.95 -24.01
C ALA K 129 -10.44 -3.11 -23.05
N GLN K 130 -11.56 -3.07 -22.34
CA GLN K 130 -11.97 -4.15 -21.47
C GLN K 130 -13.49 -4.16 -21.39
N GLY K 131 -14.05 -5.33 -21.63
CA GLY K 131 -15.48 -5.49 -21.67
C GLY K 131 -15.82 -6.73 -22.47
N GLN K 132 -17.07 -6.81 -22.90
CA GLN K 132 -17.45 -7.84 -23.84
C GLN K 132 -16.71 -7.65 -25.16
N ALA K 133 -16.82 -8.67 -26.02
CA ALA K 133 -16.04 -8.70 -27.24
C ALA K 133 -16.55 -7.67 -28.23
N THR K 134 -17.83 -7.72 -28.53
CA THR K 134 -18.44 -6.76 -29.43
C THR K 134 -18.50 -5.36 -28.85
N GLU K 135 -18.13 -5.18 -27.59
CA GLU K 135 -17.83 -3.88 -27.02
C GLU K 135 -16.38 -3.51 -27.29
N ILE K 136 -15.46 -4.41 -26.96
CA ILE K 136 -14.05 -4.23 -27.28
C ILE K 136 -13.87 -4.07 -28.78
N GLU K 137 -14.75 -4.70 -29.55
CA GLU K 137 -14.77 -4.51 -30.98
C GLU K 137 -14.87 -3.04 -31.33
N ILE K 138 -15.72 -2.32 -30.60
CA ILE K 138 -16.01 -0.93 -30.95
C ILE K 138 -14.77 -0.08 -30.79
N ALA K 139 -14.06 -0.26 -29.67
CA ALA K 139 -12.84 0.49 -29.47
C ALA K 139 -11.84 0.21 -30.57
N ALA K 140 -11.77 -1.05 -31.02
CA ALA K 140 -10.81 -1.40 -32.05
C ALA K 140 -11.15 -0.72 -33.35
N ARG K 141 -12.45 -0.65 -33.66
CA ARG K 141 -12.87 0.13 -34.80
C ARG K 141 -12.38 1.56 -34.67
N HIS K 142 -12.85 2.24 -33.62
CA HIS K 142 -12.52 3.65 -33.41
C HIS K 142 -11.02 3.85 -33.32
N ILE K 143 -10.36 3.03 -32.51
CA ILE K 143 -8.93 3.18 -32.33
C ILE K 143 -8.22 2.95 -33.64
N LEU K 144 -8.82 2.19 -34.54
CA LEU K 144 -8.31 2.17 -35.90
C LEU K 144 -8.71 3.44 -36.64
N LYS K 145 -9.93 3.95 -36.42
CA LYS K 145 -10.36 5.18 -37.08
C LYS K 145 -9.39 6.31 -36.81
N ILE K 146 -8.78 6.31 -35.63
CA ILE K 146 -7.83 7.35 -35.26
C ILE K 146 -6.66 7.34 -36.22
N LYS K 147 -5.91 6.25 -36.25
CA LYS K 147 -4.75 6.18 -37.13
C LYS K 147 -5.19 6.16 -38.58
N GLU K 148 -6.44 5.77 -38.84
CA GLU K 148 -6.93 5.78 -40.21
C GLU K 148 -6.98 7.20 -40.75
N ARG K 149 -7.26 8.17 -39.87
CA ARG K 149 -7.35 9.57 -40.29
C ARG K 149 -6.12 10.34 -39.87
N MET K 150 -5.57 10.01 -38.70
CA MET K 150 -4.41 10.70 -38.18
C MET K 150 -3.25 10.60 -39.14
N ASN K 151 -2.90 9.37 -39.54
CA ASN K 151 -1.79 9.18 -40.45
C ASN K 151 -2.06 9.84 -41.79
N THR K 152 -3.31 9.84 -42.24
CA THR K 152 -3.65 10.52 -43.48
C THR K 152 -3.33 12.01 -43.36
N ILE K 153 -3.71 12.60 -42.24
CA ILE K 153 -3.38 13.99 -41.99
C ILE K 153 -1.87 14.15 -41.92
N MET K 154 -1.23 13.40 -41.02
CA MET K 154 0.22 13.48 -40.89
C MET K 154 0.91 13.14 -42.20
N ALA K 155 0.29 12.29 -43.01
CA ALA K 155 0.78 12.11 -44.37
C ALA K 155 0.50 13.35 -45.18
N GLU K 156 -0.69 13.90 -45.03
CA GLU K 156 -1.08 15.06 -45.82
C GLU K 156 -0.22 16.26 -45.45
N LYS K 157 -0.04 16.51 -44.16
CA LYS K 157 0.83 17.59 -43.71
C LYS K 157 2.24 17.41 -44.23
N THR K 158 2.68 16.17 -44.39
CA THR K 158 3.97 15.89 -44.99
C THR K 158 3.87 15.76 -46.50
N GLY K 159 2.69 15.43 -47.00
CA GLY K 159 2.53 15.09 -48.38
C GLY K 159 3.01 13.70 -48.74
N GLN K 160 3.60 12.97 -47.81
CA GLN K 160 4.02 11.61 -48.09
C GLN K 160 2.81 10.74 -48.34
N PRO K 161 2.99 9.56 -48.94
CA PRO K 161 1.85 8.64 -49.06
C PRO K 161 1.41 8.12 -47.71
N TYR K 162 0.36 7.31 -47.74
CA TYR K 162 -0.20 6.75 -46.51
C TYR K 162 0.42 5.41 -46.20
N GLU K 163 0.66 4.62 -47.24
CA GLU K 163 1.18 3.27 -47.04
C GLU K 163 2.56 3.26 -46.39
N VAL K 164 3.36 4.29 -46.65
CA VAL K 164 4.73 4.30 -46.17
C VAL K 164 4.81 4.84 -44.77
N ILE K 165 4.05 5.89 -44.47
CA ILE K 165 3.97 6.38 -43.11
C ILE K 165 3.28 5.36 -42.24
N ALA K 166 2.38 4.57 -42.83
CA ALA K 166 1.84 3.42 -42.12
C ALA K 166 2.96 2.49 -41.66
N ARG K 167 3.89 2.17 -42.58
CA ARG K 167 5.04 1.34 -42.21
C ARG K 167 5.86 1.99 -41.13
N ASP K 168 6.08 3.29 -41.24
CA ASP K 168 6.84 3.99 -40.22
C ASP K 168 6.05 4.19 -38.94
N THR K 169 4.73 3.99 -38.99
CA THR K 169 3.90 3.88 -37.80
C THR K 169 3.44 2.47 -37.55
N ASP K 170 3.74 1.53 -38.46
CA ASP K 170 3.44 0.14 -38.23
C ASP K 170 4.15 -0.37 -36.98
N ARG K 171 5.29 0.24 -36.65
CA ARG K 171 6.00 -0.01 -35.41
C ARG K 171 6.53 1.32 -34.92
N ASP K 172 6.89 1.36 -33.65
CA ASP K 172 7.57 2.52 -33.10
C ASP K 172 8.79 2.85 -33.93
N ASN K 173 9.00 4.14 -34.13
CA ASN K 173 10.08 4.63 -34.96
C ASN K 173 10.59 5.92 -34.36
N PHE K 174 11.90 6.08 -34.41
CA PHE K 174 12.56 7.29 -33.97
C PHE K 174 13.26 7.91 -35.16
N MET K 175 13.04 9.21 -35.33
CA MET K 175 13.79 10.02 -36.27
C MET K 175 14.60 11.02 -35.49
N THR K 176 15.83 11.24 -35.93
CA THR K 176 16.55 12.42 -35.50
C THR K 176 16.12 13.60 -36.35
N ALA K 177 16.75 14.73 -36.08
CA ALA K 177 16.32 16.00 -36.67
C ALA K 177 16.40 15.98 -38.18
N GLN K 178 17.58 15.72 -38.73
CA GLN K 178 17.82 15.89 -40.15
C GLN K 178 16.93 14.96 -40.97
N GLU K 179 16.64 13.78 -40.45
CA GLU K 179 15.82 12.85 -41.20
C GLU K 179 14.39 13.33 -41.28
N ALA K 180 13.88 13.88 -40.19
CA ALA K 180 12.51 14.37 -40.16
C ALA K 180 12.27 15.42 -41.23
N LYS K 181 13.15 16.41 -41.29
CA LYS K 181 13.11 17.37 -42.38
C LYS K 181 13.24 16.68 -43.72
N ASP K 182 14.09 15.65 -43.78
CA ASP K 182 14.21 14.89 -45.03
C ASP K 182 12.97 14.05 -45.26
N TYR K 183 12.30 13.66 -44.18
CA TYR K 183 11.01 13.00 -44.31
C TYR K 183 9.91 14.01 -44.59
N GLY K 184 10.09 15.25 -44.16
CA GLY K 184 9.12 16.29 -44.43
C GLY K 184 8.16 16.57 -43.29
N LEU K 185 8.46 16.10 -42.08
CA LEU K 185 7.64 16.43 -40.93
C LEU K 185 7.79 17.90 -40.64
N ILE K 186 9.01 18.31 -40.30
CA ILE K 186 9.39 19.70 -40.13
C ILE K 186 9.80 20.23 -41.49
N ASP K 187 10.01 21.55 -41.58
CA ASP K 187 10.68 22.11 -42.74
C ASP K 187 12.03 22.73 -42.42
N ASP K 188 12.43 22.84 -41.15
CA ASP K 188 13.68 23.58 -40.83
C ASP K 188 14.22 23.22 -39.44
N ILE K 189 15.44 23.63 -39.13
CA ILE K 189 16.15 23.26 -37.87
C ILE K 189 16.83 24.52 -37.32
N ILE K 190 16.09 25.51 -36.79
CA ILE K 190 16.59 26.86 -36.36
C ILE K 190 18.03 26.98 -35.81
N ILE K 191 18.28 26.98 -34.49
CA ILE K 191 19.60 27.28 -33.85
C ILE K 191 20.00 28.74 -34.10
N ASN K 192 21.02 29.28 -33.41
CA ASN K 192 21.39 30.73 -33.38
C ASN K 192 20.87 31.56 -34.55
N LYS K 193 20.25 32.70 -34.28
CA LYS K 193 19.76 33.63 -35.33
C LYS K 193 18.87 32.83 -36.29
N SER K 194 17.97 31.98 -35.77
CA SER K 194 17.02 31.18 -36.58
C SER K 194 17.53 30.93 -38.00
N GLY K 195 18.57 30.13 -38.16
CA GLY K 195 19.23 29.92 -39.43
C GLY K 195 20.74 29.70 -39.40
N LEU K 196 21.39 29.69 -38.23
CA LEU K 196 22.74 29.14 -38.24
C LEU K 196 22.75 27.68 -38.66
N LYS K 197 21.76 26.90 -38.25
CA LYS K 197 21.57 25.57 -38.83
C LYS K 197 20.50 25.61 -39.92
N GLY K 198 19.26 25.90 -39.53
CA GLY K 198 18.13 25.82 -40.43
C GLY K 198 17.97 24.51 -41.19
N MET L 1 -2.12 28.27 -11.02
CA MET L 1 -1.30 27.03 -10.88
C MET L 1 -0.38 26.89 -12.10
N ASN L 2 0.55 25.93 -12.06
CA ASN L 2 1.41 25.68 -13.23
C ASN L 2 0.60 25.32 -14.45
N LEU L 3 -0.57 24.73 -14.25
CA LEU L 3 -1.41 24.27 -15.35
C LEU L 3 -1.96 25.41 -16.17
N ILE L 4 -1.85 26.65 -15.69
CA ILE L 4 -2.48 27.80 -16.36
C ILE L 4 -1.60 29.01 -16.20
N PRO L 5 -1.51 29.85 -17.24
CA PRO L 5 -0.67 31.03 -17.16
C PRO L 5 -1.44 32.22 -16.64
N THR L 6 -0.81 32.96 -15.74
CA THR L 6 -1.42 34.19 -15.26
C THR L 6 -1.34 35.25 -16.33
N VAL L 7 -2.30 35.24 -17.25
CA VAL L 7 -2.38 36.29 -18.26
C VAL L 7 -2.66 37.62 -17.56
N ILE L 8 -2.11 38.70 -18.11
CA ILE L 8 -2.39 40.05 -17.68
C ILE L 8 -2.61 40.87 -18.93
N GLU L 9 -3.43 41.91 -18.83
CA GLU L 9 -3.66 42.80 -19.94
C GLU L 9 -3.69 44.24 -19.45
N GLN L 10 -3.86 45.17 -20.40
CA GLN L 10 -3.35 46.52 -20.26
C GLN L 10 -4.43 47.54 -20.60
N GLU L 15 -7.84 46.56 -19.90
CA GLU L 15 -7.84 45.26 -19.26
C GLU L 15 -6.72 45.16 -18.23
N ARG L 16 -6.81 44.15 -17.38
CA ARG L 16 -6.27 44.21 -16.03
C ARG L 16 -5.69 42.86 -15.67
N ALA L 17 -5.47 42.64 -14.37
CA ALA L 17 -5.03 41.36 -13.85
C ALA L 17 -6.03 40.26 -14.20
N TYR L 18 -5.55 39.01 -14.33
CA TYR L 18 -6.47 37.96 -14.81
C TYR L 18 -5.91 36.54 -14.68
N ASP L 19 -6.58 35.55 -15.29
CA ASP L 19 -6.10 34.14 -15.33
C ASP L 19 -6.64 33.52 -16.63
N ILE L 20 -5.93 32.58 -17.25
CA ILE L 20 -6.31 32.09 -18.61
C ILE L 20 -7.70 31.50 -18.71
N TYR L 21 -8.50 31.54 -17.65
CA TYR L 21 -9.91 31.08 -17.79
C TYR L 21 -10.84 32.29 -17.67
N SER L 22 -10.68 33.06 -16.60
CA SER L 22 -11.42 34.30 -16.44
C SER L 22 -11.33 35.17 -17.68
N ARG L 23 -10.12 35.35 -18.20
CA ARG L 23 -9.93 36.23 -19.36
C ARG L 23 -10.65 35.68 -20.58
N LEU L 24 -11.04 34.41 -20.56
CA LEU L 24 -12.00 33.91 -21.53
C LEU L 24 -13.42 34.14 -21.05
N LEU L 25 -13.62 34.11 -19.74
CA LEU L 25 -14.94 34.46 -19.23
C LEU L 25 -15.26 35.92 -19.51
N LYS L 26 -14.24 36.76 -19.61
CA LYS L 26 -14.43 38.11 -20.13
C LYS L 26 -14.96 38.06 -21.55
N ASP L 27 -14.57 37.03 -22.31
CA ASP L 27 -15.07 36.83 -23.66
C ASP L 27 -16.38 36.06 -23.68
N ARG L 28 -16.93 35.69 -22.52
CA ARG L 28 -18.19 34.95 -22.42
C ARG L 28 -18.03 33.53 -22.95
N ILE L 29 -16.84 32.98 -22.77
CA ILE L 29 -16.58 31.56 -23.00
C ILE L 29 -16.50 30.85 -21.66
N ILE L 30 -16.97 29.62 -21.65
CA ILE L 30 -16.75 28.69 -20.55
C ILE L 30 -15.93 27.53 -21.12
N MET L 31 -15.10 26.92 -20.28
CA MET L 31 -14.30 25.78 -20.65
C MET L 31 -14.76 24.58 -19.83
N LEU L 32 -15.07 23.49 -20.52
CA LEU L 32 -15.46 22.23 -19.89
C LEU L 32 -14.75 21.07 -20.56
N GLY L 33 -13.43 21.18 -20.65
CA GLY L 33 -12.61 20.09 -21.14
C GLY L 33 -12.21 19.11 -20.07
N SER L 34 -12.94 19.10 -18.97
CA SER L 34 -12.67 18.21 -17.85
C SER L 34 -13.84 17.25 -17.71
N ALA L 35 -13.57 16.12 -17.07
CA ALA L 35 -14.62 15.16 -16.78
C ALA L 35 -15.64 15.77 -15.86
N ILE L 36 -16.91 15.46 -16.12
CA ILE L 36 -18.01 16.15 -15.46
C ILE L 36 -18.22 15.51 -14.09
N ASP L 37 -17.48 16.00 -13.11
CA ASP L 37 -17.71 15.65 -11.72
C ASP L 37 -18.60 16.70 -11.06
N ASP L 38 -18.79 16.56 -9.75
CA ASP L 38 -19.83 17.34 -9.08
C ASP L 38 -19.43 18.80 -8.93
N ASN L 39 -18.23 19.06 -8.40
CA ASN L 39 -17.85 20.42 -8.10
C ASN L 39 -17.62 21.25 -9.35
N VAL L 40 -17.38 20.59 -10.48
CA VAL L 40 -17.18 21.32 -11.72
C VAL L 40 -18.52 21.83 -12.24
N ALA L 41 -19.60 21.13 -11.95
CA ALA L 41 -20.92 21.62 -12.29
C ALA L 41 -21.19 22.96 -11.62
N ASN L 42 -20.96 23.02 -10.32
CA ASN L 42 -21.24 24.24 -9.57
C ASN L 42 -20.39 25.39 -10.09
N SER L 43 -19.29 25.08 -10.76
CA SER L 43 -18.51 26.10 -11.46
C SER L 43 -19.10 26.39 -12.82
N ILE L 44 -19.56 25.34 -13.51
CA ILE L 44 -20.14 25.53 -14.83
C ILE L 44 -21.45 26.29 -14.72
N VAL L 45 -22.31 25.85 -13.80
CA VAL L 45 -23.63 26.44 -13.71
C VAL L 45 -23.52 27.87 -13.22
N SER L 46 -22.62 28.12 -12.27
CA SER L 46 -22.43 29.46 -11.74
C SER L 46 -21.91 30.38 -12.82
N GLN L 47 -20.88 29.92 -13.54
CA GLN L 47 -20.38 30.66 -14.69
C GLN L 47 -21.50 30.98 -15.66
N LEU L 48 -22.31 29.99 -15.98
CA LEU L 48 -23.35 30.20 -16.97
C LEU L 48 -24.46 31.05 -16.38
N LEU L 49 -24.86 30.75 -15.15
CA LEU L 49 -25.92 31.51 -14.50
C LEU L 49 -25.50 32.95 -14.31
N PHE L 50 -24.21 33.16 -14.01
CA PHE L 50 -23.67 34.49 -13.96
C PHE L 50 -23.81 35.18 -15.31
N LEU L 51 -23.46 34.49 -16.39
CA LEU L 51 -23.53 35.09 -17.72
C LEU L 51 -24.97 35.22 -18.20
N ASP L 52 -25.94 34.70 -17.44
CA ASP L 52 -27.32 34.89 -17.82
C ASP L 52 -27.82 36.26 -17.37
N ALA L 53 -27.23 36.80 -16.30
CA ALA L 53 -27.64 38.11 -15.78
C ALA L 53 -26.71 39.21 -16.23
N GLN L 54 -25.41 38.90 -16.32
CA GLN L 54 -24.43 39.87 -16.80
C GLN L 54 -24.82 40.39 -18.17
N ASP L 55 -25.26 39.50 -19.04
CA ASP L 55 -26.00 39.88 -20.23
C ASP L 55 -26.85 38.72 -20.72
N PRO L 56 -28.18 38.77 -20.60
CA PRO L 56 -29.00 37.70 -21.17
C PRO L 56 -29.14 37.74 -22.68
N GLU L 57 -28.33 38.53 -23.40
CA GLU L 57 -28.45 38.69 -24.85
C GLU L 57 -27.20 38.24 -25.60
N LYS L 58 -26.02 38.43 -25.02
CA LYS L 58 -24.80 38.01 -25.69
C LYS L 58 -24.57 36.52 -25.43
N ASP L 59 -24.60 35.74 -26.50
CA ASP L 59 -24.54 34.30 -26.41
C ASP L 59 -23.27 33.84 -25.71
N ILE L 60 -23.26 32.57 -25.32
CA ILE L 60 -22.15 31.96 -24.63
C ILE L 60 -21.61 30.83 -25.49
N PHE L 61 -20.29 30.77 -25.60
CA PHE L 61 -19.60 29.81 -26.45
C PHE L 61 -19.00 28.76 -25.53
N LEU L 62 -19.68 27.63 -25.42
CA LEU L 62 -19.39 26.59 -24.44
C LEU L 62 -18.47 25.56 -25.06
N TYR L 63 -17.21 25.57 -24.65
CA TYR L 63 -16.22 24.69 -25.22
C TYR L 63 -16.19 23.39 -24.41
N ILE L 64 -16.13 22.26 -25.11
CA ILE L 64 -16.24 20.95 -24.49
C ILE L 64 -15.19 20.03 -25.09
N ASN L 65 -14.39 19.44 -24.22
CA ASN L 65 -13.30 18.55 -24.57
C ASN L 65 -13.25 17.41 -23.56
N SER L 66 -14.43 16.87 -23.24
CA SER L 66 -14.62 16.11 -22.02
C SER L 66 -14.55 14.61 -22.27
N PRO L 67 -14.20 13.82 -21.26
CA PRO L 67 -14.44 12.38 -21.32
C PRO L 67 -15.75 11.97 -20.67
N GLY L 68 -16.60 12.93 -20.35
CA GLY L 68 -17.88 12.62 -19.74
C GLY L 68 -17.82 12.59 -18.24
N GLY L 69 -18.98 12.30 -17.65
CA GLY L 69 -19.06 12.22 -16.20
C GLY L 69 -20.47 12.04 -15.71
N SER L 70 -20.70 12.50 -14.49
CA SER L 70 -21.92 12.17 -13.77
C SER L 70 -23.14 12.79 -14.42
N ILE L 71 -24.16 11.97 -14.67
CA ILE L 71 -25.43 12.46 -15.16
C ILE L 71 -26.10 13.34 -14.13
N SER L 72 -26.11 12.89 -12.88
CA SER L 72 -26.78 13.62 -11.82
C SER L 72 -26.22 15.02 -11.68
N ALA L 73 -24.90 15.16 -11.79
CA ALA L 73 -24.28 16.47 -11.81
C ALA L 73 -24.30 17.07 -13.21
N GLY L 74 -24.43 16.22 -14.23
CA GLY L 74 -24.49 16.71 -15.60
C GLY L 74 -25.85 17.28 -15.95
N MET L 75 -26.89 16.85 -15.27
CA MET L 75 -28.24 17.22 -15.71
C MET L 75 -28.61 18.63 -15.27
N ALA L 76 -28.24 19.02 -14.05
CA ALA L 76 -28.46 20.39 -13.60
C ALA L 76 -27.91 21.37 -14.62
N ILE L 77 -26.76 21.03 -15.18
CA ILE L 77 -26.16 21.85 -16.22
C ILE L 77 -27.10 21.94 -17.41
N TYR L 78 -27.76 20.85 -17.75
CA TYR L 78 -28.62 20.85 -18.92
C TYR L 78 -29.86 21.69 -18.67
N ASP L 79 -30.57 21.40 -17.59
CA ASP L 79 -31.74 22.18 -17.23
C ASP L 79 -31.40 23.65 -17.12
N THR L 80 -30.26 23.96 -16.50
CA THR L 80 -29.84 25.35 -16.42
C THR L 80 -29.46 25.89 -17.78
N MET L 81 -28.71 25.11 -18.55
CA MET L 81 -28.43 25.52 -19.92
C MET L 81 -29.70 25.71 -20.72
N ASN L 82 -30.77 24.98 -20.38
CA ASN L 82 -32.05 25.21 -21.00
C ASN L 82 -32.74 26.42 -20.41
N PHE L 83 -32.46 26.72 -19.14
CA PHE L 83 -33.16 27.81 -18.48
C PHE L 83 -32.87 29.15 -19.14
N VAL L 84 -31.58 29.41 -19.44
CA VAL L 84 -31.09 30.77 -19.54
C VAL L 84 -31.78 31.55 -20.63
N LYS L 85 -31.89 32.84 -20.39
CA LYS L 85 -32.53 33.76 -21.31
C LYS L 85 -31.65 34.03 -22.50
N ALA L 86 -30.36 33.79 -22.34
CA ALA L 86 -29.46 33.74 -23.46
C ALA L 86 -29.67 32.47 -24.25
N ASP L 87 -28.94 32.36 -25.35
CA ASP L 87 -28.87 31.16 -26.14
C ASP L 87 -27.40 30.78 -26.29
N VAL L 88 -27.08 29.60 -25.86
CA VAL L 88 -25.70 29.14 -25.79
C VAL L 88 -25.28 28.52 -27.11
N GLN L 89 -23.97 28.48 -27.32
CA GLN L 89 -23.35 27.74 -28.39
C GLN L 89 -22.47 26.68 -27.79
N THR L 90 -22.72 25.43 -28.16
CA THR L 90 -21.93 24.30 -27.69
C THR L 90 -20.97 23.87 -28.78
N ILE L 91 -19.76 23.54 -28.36
CA ILE L 91 -18.62 23.40 -29.26
C ILE L 91 -17.87 22.16 -28.80
N GLY L 92 -17.87 21.13 -29.65
CA GLY L 92 -17.23 19.88 -29.31
C GLY L 92 -15.87 19.83 -29.95
N MET L 93 -14.85 19.75 -29.13
CA MET L 93 -13.47 19.68 -29.59
C MET L 93 -12.81 18.47 -28.93
N GLY L 94 -12.28 17.58 -29.75
CA GLY L 94 -11.64 16.40 -29.23
C GLY L 94 -12.62 15.33 -28.81
N MET L 95 -13.30 15.54 -27.69
CA MET L 95 -14.12 14.49 -27.12
C MET L 95 -15.27 15.07 -26.34
N ALA L 96 -16.40 14.37 -26.40
CA ALA L 96 -17.57 14.61 -25.58
C ALA L 96 -18.27 13.26 -25.46
N ALA L 97 -18.31 12.77 -24.22
CA ALA L 97 -18.71 11.42 -23.90
C ALA L 97 -20.09 11.41 -23.25
N ALA L 98 -20.42 10.25 -22.65
CA ALA L 98 -21.74 9.85 -22.16
C ALA L 98 -22.59 11.00 -21.63
N MET L 99 -22.01 11.83 -20.77
CA MET L 99 -22.67 13.06 -20.37
C MET L 99 -22.17 14.24 -21.16
N GLY L 100 -20.91 14.19 -21.61
CA GLY L 100 -20.37 15.30 -22.36
C GLY L 100 -21.11 15.52 -23.66
N SER L 101 -21.21 14.47 -24.48
CA SER L 101 -21.97 14.53 -25.72
C SER L 101 -23.39 15.02 -25.50
N PHE L 102 -23.95 14.72 -24.34
CA PHE L 102 -25.35 15.03 -24.10
C PHE L 102 -25.57 16.53 -24.13
N LEU L 103 -24.71 17.28 -23.47
CA LEU L 103 -24.79 18.73 -23.51
C LEU L 103 -24.62 19.23 -24.93
N LEU L 104 -23.64 18.68 -25.63
CA LEU L 104 -23.42 19.05 -27.02
C LEU L 104 -24.65 18.78 -27.86
N THR L 105 -25.29 17.63 -27.66
CA THR L 105 -26.56 17.39 -28.33
C THR L 105 -27.64 18.30 -27.79
N ALA L 106 -27.53 18.69 -26.53
CA ALA L 106 -28.56 19.50 -25.90
C ALA L 106 -28.48 20.96 -26.27
N GLY L 107 -27.39 21.40 -26.90
CA GLY L 107 -27.22 22.81 -27.18
C GLY L 107 -28.32 23.37 -28.05
N ALA L 108 -28.36 24.68 -28.19
CA ALA L 108 -29.45 25.29 -28.93
C ALA L 108 -29.35 24.94 -30.40
N ASN L 109 -30.49 24.62 -31.00
CA ASN L 109 -30.53 24.28 -32.41
C ASN L 109 -29.98 25.44 -33.23
N GLY L 110 -29.18 25.09 -34.22
CA GLY L 110 -28.40 26.11 -34.90
C GLY L 110 -27.29 26.70 -34.07
N LYS L 111 -27.02 26.15 -32.87
CA LYS L 111 -25.92 26.60 -32.03
C LYS L 111 -25.05 25.46 -31.53
N ARG L 112 -25.33 24.22 -31.94
CA ARG L 112 -24.50 23.07 -31.59
C ARG L 112 -23.50 22.86 -32.70
N PHE L 113 -22.24 23.12 -32.38
CA PHE L 113 -21.18 23.05 -33.38
C PHE L 113 -20.06 22.18 -32.84
N ALA L 114 -19.07 21.93 -33.70
CA ALA L 114 -18.05 20.94 -33.42
C ALA L 114 -16.83 21.17 -34.31
N LEU L 115 -15.78 20.45 -34.01
CA LEU L 115 -14.60 20.45 -34.85
C LEU L 115 -14.52 19.15 -35.63
N PRO L 116 -13.92 19.19 -36.83
CA PRO L 116 -14.07 18.05 -37.74
C PRO L 116 -13.43 16.78 -37.23
N ASN L 117 -12.43 16.91 -36.35
CA ASN L 117 -11.70 15.78 -35.83
C ASN L 117 -12.08 15.47 -34.38
N ALA L 118 -13.08 16.14 -33.84
CA ALA L 118 -13.55 15.79 -32.51
C ALA L 118 -14.34 14.50 -32.57
N GLU L 119 -14.56 13.91 -31.40
CA GLU L 119 -15.22 12.61 -31.29
C GLU L 119 -16.37 12.71 -30.31
N ILE L 120 -17.36 11.87 -30.52
CA ILE L 120 -18.62 11.91 -29.80
C ILE L 120 -18.96 10.48 -29.44
N MET L 121 -18.97 10.19 -28.14
CA MET L 121 -19.32 8.87 -27.65
C MET L 121 -20.76 8.93 -27.16
N ILE L 122 -21.69 8.61 -28.05
CA ILE L 122 -23.02 8.29 -27.59
C ILE L 122 -22.91 7.05 -26.72
N HIS L 123 -23.54 7.09 -25.56
CA HIS L 123 -23.33 6.03 -24.60
C HIS L 123 -24.33 6.09 -23.49
N GLN L 124 -25.01 4.98 -23.26
CA GLN L 124 -26.01 4.94 -22.23
C GLN L 124 -25.31 5.01 -20.89
N PRO L 125 -26.02 5.34 -19.83
CA PRO L 125 -25.33 5.67 -18.60
C PRO L 125 -24.86 4.42 -17.90
N LEU L 126 -23.80 4.60 -17.12
CA LEU L 126 -23.25 3.53 -16.31
C LEU L 126 -23.70 3.69 -14.88
N GLY L 127 -23.88 2.55 -14.22
CA GLY L 127 -24.42 2.54 -12.88
C GLY L 127 -23.71 1.53 -12.02
N GLY L 128 -23.16 2.04 -10.93
CA GLY L 128 -22.78 1.21 -9.80
C GLY L 128 -24.04 0.93 -9.01
N ALA L 129 -24.10 -0.27 -8.44
CA ALA L 129 -25.27 -0.70 -7.72
C ALA L 129 -24.88 -1.86 -6.84
N GLN L 130 -25.25 -1.79 -5.57
CA GLN L 130 -24.81 -2.79 -4.61
C GLN L 130 -25.88 -2.93 -3.54
N GLY L 131 -25.64 -3.87 -2.64
CA GLY L 131 -26.53 -4.10 -1.53
C GLY L 131 -27.53 -5.19 -1.80
N GLN L 132 -28.63 -5.17 -1.08
CA GLN L 132 -29.64 -6.21 -1.18
C GLN L 132 -30.39 -6.09 -2.50
N ALA L 133 -31.39 -6.95 -2.66
CA ALA L 133 -32.07 -7.08 -3.94
C ALA L 133 -32.99 -5.90 -4.18
N THR L 134 -33.79 -5.54 -3.19
CA THR L 134 -34.69 -4.41 -3.33
C THR L 134 -33.95 -3.13 -3.67
N GLU L 135 -32.76 -2.93 -3.13
CA GLU L 135 -32.08 -1.67 -3.31
C GLU L 135 -31.51 -1.55 -4.70
N ILE L 136 -30.81 -2.59 -5.15
CA ILE L 136 -30.38 -2.61 -6.55
C ILE L 136 -31.59 -2.61 -7.46
N GLU L 137 -32.68 -3.24 -7.03
CA GLU L 137 -33.92 -3.17 -7.81
C GLU L 137 -34.40 -1.73 -7.92
N ILE L 138 -34.48 -1.03 -6.78
CA ILE L 138 -34.79 0.40 -6.80
C ILE L 138 -33.77 1.15 -7.64
N ALA L 139 -32.48 0.98 -7.33
CA ALA L 139 -31.43 1.73 -8.00
C ALA L 139 -31.44 1.46 -9.51
N ALA L 140 -31.90 0.28 -9.90
CA ALA L 140 -32.01 0.00 -11.33
C ALA L 140 -33.11 0.83 -11.96
N ARG L 141 -34.26 0.90 -11.29
CA ARG L 141 -35.38 1.67 -11.82
C ARG L 141 -35.00 3.12 -12.04
N HIS L 142 -34.15 3.66 -11.16
CA HIS L 142 -33.72 5.03 -11.32
C HIS L 142 -32.89 5.18 -12.58
N ILE L 143 -31.75 4.49 -12.64
CA ILE L 143 -30.85 4.63 -13.76
C ILE L 143 -31.50 4.16 -15.04
N LEU L 144 -32.47 3.27 -14.92
CA LEU L 144 -33.30 2.91 -16.06
C LEU L 144 -33.96 4.14 -16.64
N LYS L 145 -34.56 4.95 -15.79
CA LYS L 145 -35.25 6.13 -16.27
C LYS L 145 -34.27 7.20 -16.69
N ILE L 146 -33.12 7.24 -16.04
CA ILE L 146 -32.08 8.15 -16.48
C ILE L 146 -31.63 7.81 -17.89
N LYS L 147 -31.66 6.52 -18.23
CA LYS L 147 -31.42 6.16 -19.61
C LYS L 147 -32.55 6.65 -20.48
N GLU L 148 -33.78 6.66 -19.94
CA GLU L 148 -34.90 7.18 -20.70
C GLU L 148 -34.80 8.69 -20.85
N ARG L 149 -34.52 9.40 -19.75
CA ARG L 149 -34.43 10.85 -19.79
C ARG L 149 -33.48 11.31 -20.88
N MET L 150 -32.25 10.80 -20.83
CA MET L 150 -31.27 11.19 -21.82
C MET L 150 -31.66 10.68 -23.19
N ASN L 151 -32.29 9.52 -23.26
CA ASN L 151 -32.86 9.07 -24.52
C ASN L 151 -33.97 9.99 -24.95
N THR L 152 -34.76 10.43 -23.98
CA THR L 152 -35.92 11.25 -24.28
C THR L 152 -35.48 12.61 -24.80
N ILE L 153 -34.33 13.07 -24.33
CA ILE L 153 -33.85 14.40 -24.70
C ILE L 153 -33.02 14.32 -25.96
N MET L 154 -32.28 13.23 -26.14
CA MET L 154 -31.58 13.02 -27.40
C MET L 154 -32.57 12.94 -28.54
N ALA L 155 -33.63 12.15 -28.33
CA ALA L 155 -34.66 11.99 -29.35
C ALA L 155 -35.35 13.32 -29.62
N GLU L 156 -35.57 14.10 -28.56
CA GLU L 156 -36.23 15.39 -28.71
C GLU L 156 -35.28 16.43 -29.32
N LYS L 157 -34.11 16.61 -28.70
CA LYS L 157 -33.17 17.62 -29.18
C LYS L 157 -32.71 17.34 -30.60
N THR L 158 -32.32 16.10 -30.88
CA THR L 158 -32.06 15.70 -32.24
C THR L 158 -33.33 15.55 -33.06
N GLY L 159 -34.49 15.49 -32.40
CA GLY L 159 -35.73 15.29 -33.12
C GLY L 159 -35.80 13.92 -33.74
N GLN L 160 -35.04 12.98 -33.21
CA GLN L 160 -34.87 11.66 -33.77
C GLN L 160 -35.71 10.66 -33.00
N PRO L 161 -35.91 9.46 -33.55
CA PRO L 161 -36.75 8.49 -32.85
C PRO L 161 -36.12 7.99 -31.55
N TYR L 162 -36.98 7.78 -30.56
CA TYR L 162 -36.57 7.23 -29.28
C TYR L 162 -35.84 5.91 -29.44
N GLU L 163 -36.54 4.91 -29.98
CA GLU L 163 -36.00 3.56 -30.10
C GLU L 163 -34.68 3.52 -30.86
N VAL L 164 -34.51 4.43 -31.83
CA VAL L 164 -33.25 4.45 -32.56
C VAL L 164 -32.14 4.89 -31.63
N ILE L 165 -32.44 5.85 -30.77
CA ILE L 165 -31.43 6.40 -29.86
C ILE L 165 -31.04 5.35 -28.82
N ALA L 166 -32.04 4.71 -28.22
CA ALA L 166 -31.77 3.64 -27.28
C ALA L 166 -30.94 2.54 -27.93
N ARG L 167 -31.20 2.27 -29.20
CA ARG L 167 -30.42 1.26 -29.91
C ARG L 167 -28.97 1.68 -30.03
N ASP L 168 -28.71 2.85 -30.62
CA ASP L 168 -27.35 3.27 -30.88
C ASP L 168 -26.58 3.62 -29.60
N THR L 169 -27.26 3.72 -28.47
CA THR L 169 -26.60 4.03 -27.21
C THR L 169 -26.27 2.81 -26.38
N ASP L 170 -26.97 1.70 -26.60
CA ASP L 170 -26.71 0.46 -25.88
C ASP L 170 -25.24 0.10 -25.92
N ARG L 171 -24.71 -0.12 -27.11
CA ARG L 171 -23.28 -0.32 -27.32
C ARG L 171 -22.67 1.05 -27.56
N ASP L 172 -21.80 1.45 -26.64
CA ASP L 172 -21.12 2.74 -26.72
C ASP L 172 -20.44 2.93 -28.06
N ASN L 173 -20.96 3.87 -28.85
CA ASN L 173 -20.53 4.09 -30.21
C ASN L 173 -19.80 5.41 -30.31
N PHE L 174 -18.64 5.38 -30.95
CA PHE L 174 -17.84 6.58 -31.15
C PHE L 174 -18.21 7.21 -32.47
N MET L 175 -18.97 8.28 -32.41
CA MET L 175 -19.36 9.03 -33.59
C MET L 175 -18.41 10.19 -33.77
N THR L 176 -18.09 10.49 -35.02
CA THR L 176 -17.29 11.63 -35.37
C THR L 176 -18.16 12.84 -35.62
N ALA L 177 -17.55 13.88 -36.15
CA ALA L 177 -18.22 15.14 -36.41
C ALA L 177 -19.26 15.02 -37.51
N GLN L 178 -18.86 14.50 -38.67
CA GLN L 178 -19.78 14.41 -39.79
C GLN L 178 -20.97 13.51 -39.45
N GLU L 179 -20.70 12.34 -38.89
CA GLU L 179 -21.77 11.47 -38.42
C GLU L 179 -22.72 12.22 -37.52
N ALA L 180 -22.18 13.02 -36.62
CA ALA L 180 -23.00 13.80 -35.70
C ALA L 180 -23.88 14.77 -36.46
N LYS L 181 -23.27 15.53 -37.36
CA LYS L 181 -24.00 16.52 -38.16
C LYS L 181 -25.09 15.83 -38.98
N ASP L 182 -24.81 14.61 -39.44
CA ASP L 182 -25.81 13.85 -40.17
C ASP L 182 -26.87 13.32 -39.22
N TYR L 183 -26.45 12.85 -38.05
CA TYR L 183 -27.37 12.26 -37.10
C TYR L 183 -28.29 13.28 -36.46
N GLY L 184 -27.94 14.55 -36.54
CA GLY L 184 -28.72 15.59 -35.89
C GLY L 184 -28.26 15.92 -34.50
N LEU L 185 -27.14 15.33 -34.05
CA LEU L 185 -26.54 15.74 -32.79
C LEU L 185 -26.20 17.21 -32.81
N ILE L 186 -25.75 17.72 -33.95
CA ILE L 186 -25.16 19.03 -34.05
C ILE L 186 -25.56 19.66 -35.37
N ASP L 187 -25.04 20.85 -35.60
CA ASP L 187 -25.45 21.70 -36.70
C ASP L 187 -24.36 21.87 -37.74
N ASP L 188 -23.11 21.98 -37.31
CA ASP L 188 -22.06 22.48 -38.18
C ASP L 188 -20.70 22.18 -37.59
N ILE L 189 -19.73 22.03 -38.48
CA ILE L 189 -18.33 21.99 -38.08
C ILE L 189 -17.71 23.35 -38.36
N ILE L 190 -16.97 23.88 -37.40
CA ILE L 190 -16.32 25.17 -37.58
C ILE L 190 -15.06 24.96 -38.40
N ILE L 191 -14.71 25.98 -39.18
CA ILE L 191 -13.77 25.86 -40.28
C ILE L 191 -12.60 26.83 -40.09
N ASN L 192 -12.90 28.11 -40.03
CA ASN L 192 -11.89 29.15 -40.07
C ASN L 192 -12.52 30.47 -39.64
N LYS L 193 -11.70 31.51 -39.58
CA LYS L 193 -12.21 32.88 -39.54
C LYS L 193 -13.16 33.07 -40.72
N SER L 194 -14.10 34.01 -40.60
CA SER L 194 -15.01 34.32 -41.68
C SER L 194 -14.42 35.46 -42.53
N GLY L 195 -15.24 36.01 -43.44
CA GLY L 195 -14.83 37.15 -44.26
C GLY L 195 -13.83 36.78 -45.33
N LEU L 196 -12.84 37.65 -45.48
CA LEU L 196 -11.64 37.41 -46.30
C LEU L 196 -10.81 36.20 -45.87
N LYS L 197 -11.14 35.56 -44.73
CA LYS L 197 -10.36 34.46 -44.19
C LYS L 197 -8.98 34.94 -43.81
N GLY L 198 -8.91 36.08 -43.14
CA GLY L 198 -7.65 36.67 -42.80
C GLY L 198 -7.81 38.15 -42.47
N MET M 1 -5.41 20.94 -8.66
CA MET M 1 -6.83 21.07 -9.11
C MET M 1 -6.99 22.18 -10.14
N ASN M 2 -8.13 22.20 -10.81
CA ASN M 2 -8.50 23.31 -11.68
C ASN M 2 -9.17 24.38 -10.84
N LEU M 3 -8.72 25.62 -11.00
CA LEU M 3 -9.15 26.69 -10.11
C LEU M 3 -10.62 27.02 -10.32
N ILE M 4 -11.14 27.90 -9.45
CA ILE M 4 -12.46 28.47 -9.60
C ILE M 4 -12.30 29.82 -10.29
N PRO M 5 -12.67 29.97 -11.56
CA PRO M 5 -12.39 31.23 -12.25
C PRO M 5 -13.14 32.40 -11.65
N THR M 6 -12.52 33.56 -11.75
CA THR M 6 -13.06 34.80 -11.21
C THR M 6 -13.91 35.51 -12.25
N VAL M 7 -14.52 36.61 -11.83
CA VAL M 7 -15.59 37.27 -12.58
C VAL M 7 -15.21 38.71 -12.87
N ILE M 8 -15.81 39.28 -13.92
CA ILE M 8 -15.37 40.56 -14.47
C ILE M 8 -16.46 41.64 -14.37
N GLU M 9 -17.64 41.30 -13.86
CA GLU M 9 -18.53 42.34 -13.35
C GLU M 9 -17.88 43.11 -12.20
N GLN M 10 -16.89 42.52 -11.55
CA GLN M 10 -16.27 43.04 -10.34
C GLN M 10 -14.77 43.24 -10.50
N GLU M 15 -15.77 46.13 -8.43
CA GLU M 15 -15.12 46.22 -7.13
C GLU M 15 -13.78 45.51 -7.10
N ARG M 16 -13.77 44.18 -7.24
CA ARG M 16 -12.60 43.36 -6.92
C ARG M 16 -12.62 42.07 -7.74
N ALA M 17 -11.52 41.33 -7.62
CA ALA M 17 -11.37 40.05 -8.31
C ALA M 17 -12.03 38.97 -7.45
N TYR M 18 -13.36 38.98 -7.47
CA TYR M 18 -14.13 38.02 -6.68
C TYR M 18 -14.05 36.64 -7.31
N ASP M 19 -13.71 35.65 -6.49
CA ASP M 19 -14.06 34.30 -6.85
C ASP M 19 -15.57 34.18 -6.96
N ILE M 20 -16.01 33.23 -7.77
CA ILE M 20 -17.38 33.23 -8.26
C ILE M 20 -18.36 33.03 -7.13
N TYR M 21 -18.02 32.20 -6.15
CA TYR M 21 -18.97 31.88 -5.10
C TYR M 21 -19.20 33.06 -4.18
N SER M 22 -18.30 34.03 -4.18
CA SER M 22 -18.55 35.28 -3.49
C SER M 22 -19.33 36.23 -4.38
N ARG M 23 -19.13 36.15 -5.69
CA ARG M 23 -19.99 36.91 -6.58
C ARG M 23 -21.41 36.40 -6.50
N LEU M 24 -21.55 35.08 -6.38
CA LEU M 24 -22.86 34.51 -6.09
C LEU M 24 -23.33 34.92 -4.70
N LEU M 25 -22.40 35.04 -3.77
CA LEU M 25 -22.77 35.55 -2.46
C LEU M 25 -23.34 36.95 -2.57
N LYS M 26 -22.71 37.78 -3.40
CA LYS M 26 -23.21 39.13 -3.61
C LYS M 26 -24.59 39.11 -4.25
N ASP M 27 -24.94 38.03 -4.94
CA ASP M 27 -26.31 37.77 -5.33
C ASP M 27 -27.11 37.09 -4.25
N ARG M 28 -26.56 36.95 -3.04
CA ARG M 28 -27.15 36.20 -1.95
C ARG M 28 -27.44 34.76 -2.36
N ILE M 29 -26.55 34.17 -3.14
CA ILE M 29 -26.63 32.78 -3.53
C ILE M 29 -25.56 31.99 -2.79
N ILE M 30 -25.89 30.76 -2.47
CA ILE M 30 -25.01 29.85 -1.76
C ILE M 30 -25.06 28.51 -2.47
N MET M 31 -23.90 27.99 -2.86
CA MET M 31 -23.80 26.75 -3.61
C MET M 31 -23.45 25.63 -2.65
N LEU M 32 -24.47 24.90 -2.23
CA LEU M 32 -24.29 23.68 -1.46
C LEU M 32 -24.27 22.49 -2.40
N GLY M 33 -23.38 22.54 -3.38
CA GLY M 33 -23.22 21.50 -4.36
C GLY M 33 -22.04 20.61 -4.01
N SER M 34 -21.93 20.26 -2.74
CA SER M 34 -20.78 19.54 -2.24
C SER M 34 -21.19 18.52 -1.21
N ALA M 35 -20.24 17.69 -0.82
CA ALA M 35 -20.43 16.79 0.29
C ALA M 35 -20.72 17.57 1.54
N ILE M 36 -21.80 17.17 2.22
CA ILE M 36 -22.25 17.92 3.38
C ILE M 36 -21.49 17.39 4.58
N ASP M 37 -20.28 17.89 4.76
CA ASP M 37 -19.46 17.63 5.92
C ASP M 37 -19.13 18.95 6.62
N ASP M 38 -18.28 18.88 7.63
CA ASP M 38 -18.11 20.00 8.56
C ASP M 38 -17.25 21.11 8.00
N ASN M 39 -16.35 20.82 7.07
CA ASN M 39 -15.64 21.91 6.38
C ASN M 39 -16.62 22.74 5.56
N VAL M 40 -17.79 22.21 5.26
CA VAL M 40 -18.76 22.88 4.40
C VAL M 40 -19.80 23.59 5.25
N ALA M 41 -20.33 22.91 6.25
CA ALA M 41 -21.34 23.51 7.10
C ALA M 41 -20.81 24.77 7.77
N ASN M 42 -19.63 24.68 8.37
CA ASN M 42 -19.07 25.84 9.06
C ASN M 42 -18.70 26.94 8.07
N SER M 43 -18.64 26.61 6.78
CA SER M 43 -18.57 27.64 5.74
C SER M 43 -19.95 28.10 5.36
N ILE M 44 -20.93 27.21 5.45
CA ILE M 44 -22.28 27.52 4.99
C ILE M 44 -23.07 28.19 6.11
N VAL M 45 -23.04 27.58 7.29
CA VAL M 45 -23.61 28.17 8.49
C VAL M 45 -23.17 29.61 8.62
N SER M 46 -21.88 29.84 8.41
CA SER M 46 -21.35 31.18 8.50
C SER M 46 -22.03 32.09 7.50
N GLN M 47 -22.16 31.62 6.26
CA GLN M 47 -22.72 32.43 5.20
C GLN M 47 -24.16 32.82 5.51
N LEU M 48 -24.96 31.87 5.97
CA LEU M 48 -26.34 32.18 6.35
C LEU M 48 -26.38 33.27 7.39
N LEU M 49 -25.68 33.05 8.50
CA LEU M 49 -25.64 34.05 9.55
C LEU M 49 -25.08 35.35 9.04
N PHE M 50 -24.13 35.26 8.11
CA PHE M 50 -23.53 36.44 7.50
C PHE M 50 -24.56 37.22 6.69
N LEU M 51 -25.40 36.52 5.94
CA LEU M 51 -26.36 37.21 5.09
C LEU M 51 -27.56 37.71 5.89
N ASP M 52 -28.00 36.94 6.87
CA ASP M 52 -29.18 37.36 7.62
C ASP M 52 -28.87 38.59 8.45
N ALA M 53 -27.67 38.66 9.02
CA ALA M 53 -27.27 39.85 9.75
C ALA M 53 -26.84 40.96 8.79
N GLN M 54 -26.75 40.66 7.50
CA GLN M 54 -26.59 41.70 6.49
C GLN M 54 -27.95 42.30 6.14
N ASP M 55 -28.84 41.50 5.58
CA ASP M 55 -30.12 41.97 5.06
C ASP M 55 -31.18 40.89 5.21
N PRO M 56 -31.94 40.87 6.31
CA PRO M 56 -32.96 39.84 6.49
C PRO M 56 -34.05 39.82 5.44
N GLU M 57 -34.18 40.84 4.62
CA GLU M 57 -35.37 40.99 3.78
C GLU M 57 -35.32 40.15 2.52
N LYS M 58 -34.26 40.31 1.73
CA LYS M 58 -34.15 39.56 0.49
C LYS M 58 -34.00 38.06 0.77
N ASP M 59 -34.39 37.27 -0.21
CA ASP M 59 -34.38 35.82 -0.05
C ASP M 59 -32.95 35.32 0.09
N ILE M 60 -32.83 34.07 0.50
CA ILE M 60 -31.56 33.36 0.56
C ILE M 60 -31.59 32.23 -0.44
N PHE M 61 -30.71 32.29 -1.41
CA PHE M 61 -30.77 31.42 -2.59
C PHE M 61 -29.82 30.25 -2.40
N LEU M 62 -30.29 29.29 -1.62
CA LEU M 62 -29.50 28.14 -1.19
C LEU M 62 -29.57 27.06 -2.25
N TYR M 63 -28.49 26.88 -2.97
CA TYR M 63 -28.47 26.02 -4.14
C TYR M 63 -27.84 24.70 -3.76
N ILE M 64 -28.51 23.61 -4.08
CA ILE M 64 -28.12 22.28 -3.66
C ILE M 64 -27.83 21.45 -4.91
N ASN M 65 -26.68 20.78 -4.89
CA ASN M 65 -26.36 19.68 -5.78
C ASN M 65 -25.65 18.60 -4.99
N SER M 66 -26.16 18.33 -3.81
CA SER M 66 -25.51 17.48 -2.84
C SER M 66 -25.72 16.02 -3.20
N PRO M 67 -24.67 15.20 -3.24
CA PRO M 67 -24.89 13.75 -3.22
C PRO M 67 -25.00 13.21 -1.80
N GLY M 68 -25.18 14.11 -0.83
CA GLY M 68 -25.45 13.72 0.53
C GLY M 68 -24.27 13.94 1.45
N GLY M 69 -24.56 13.82 2.74
CA GLY M 69 -23.55 13.93 3.75
C GLY M 69 -24.09 13.68 5.13
N SER M 70 -23.32 14.07 6.14
CA SER M 70 -23.64 13.70 7.50
C SER M 70 -24.90 14.38 7.96
N ILE M 71 -25.55 13.78 8.94
CA ILE M 71 -26.89 14.21 9.33
C ILE M 71 -26.81 15.27 10.41
N SER M 72 -25.85 15.13 11.31
CA SER M 72 -25.69 16.12 12.36
C SER M 72 -25.29 17.46 11.79
N ALA M 73 -24.36 17.47 10.83
CA ALA M 73 -23.91 18.72 10.24
C ALA M 73 -25.06 19.50 9.63
N GLY M 74 -25.74 18.90 8.65
CA GLY M 74 -26.84 19.58 8.00
C GLY M 74 -27.97 19.91 8.95
N MET M 75 -28.14 19.13 10.01
CA MET M 75 -29.16 19.47 11.00
C MET M 75 -28.84 20.79 11.66
N ALA M 76 -27.57 21.18 11.67
CA ALA M 76 -27.23 22.56 12.05
C ALA M 76 -27.74 23.52 11.01
N ILE M 77 -27.51 23.20 9.73
CA ILE M 77 -27.95 24.07 8.65
C ILE M 77 -29.45 24.24 8.70
N TYR M 78 -30.16 23.16 8.98
CA TYR M 78 -31.61 23.23 8.98
C TYR M 78 -32.11 24.13 10.09
N ASP M 79 -31.52 23.98 11.27
CA ASP M 79 -31.92 24.80 12.41
C ASP M 79 -31.70 26.28 12.14
N THR M 80 -30.81 26.62 11.22
CA THR M 80 -30.57 28.02 10.89
C THR M 80 -31.67 28.59 10.01
N MET M 81 -32.15 27.80 9.06
CA MET M 81 -33.12 28.31 8.10
C MET M 81 -34.40 28.72 8.80
N ASN M 82 -34.90 27.88 9.70
CA ASN M 82 -36.03 28.28 10.51
C ASN M 82 -35.65 29.43 11.42
N PHE M 83 -34.41 29.45 11.89
CA PHE M 83 -33.98 30.50 12.79
C PHE M 83 -34.01 31.86 12.08
N VAL M 84 -33.16 32.02 11.06
CA VAL M 84 -33.05 33.32 10.41
C VAL M 84 -34.36 33.64 9.71
N LYS M 85 -34.77 34.89 9.81
CA LYS M 85 -36.08 35.29 9.31
C LYS M 85 -36.09 35.56 7.82
N ALA M 86 -34.92 35.60 7.19
CA ALA M 86 -34.88 35.62 5.74
C ALA M 86 -35.49 34.35 5.18
N ASP M 87 -36.04 34.46 3.97
CA ASP M 87 -36.81 33.39 3.36
C ASP M 87 -35.85 32.58 2.52
N VAL M 88 -35.68 31.32 2.89
CA VAL M 88 -34.68 30.45 2.29
C VAL M 88 -35.21 29.85 1.01
N GLN M 89 -34.62 30.25 -0.11
CA GLN M 89 -35.03 29.79 -1.42
C GLN M 89 -34.16 28.59 -1.80
N THR M 90 -34.57 27.42 -1.33
CA THR M 90 -33.84 26.19 -1.59
C THR M 90 -34.16 25.67 -2.98
N ILE M 91 -33.10 25.44 -3.75
CA ILE M 91 -33.18 24.79 -5.06
C ILE M 91 -32.30 23.55 -5.03
N GLY M 92 -32.85 22.45 -5.49
CA GLY M 92 -32.11 21.23 -5.68
C GLY M 92 -31.98 20.96 -7.16
N MET M 93 -30.81 21.24 -7.70
CA MET M 93 -30.55 21.09 -9.12
C MET M 93 -29.75 19.82 -9.34
N GLY M 94 -30.31 18.91 -10.12
CA GLY M 94 -29.58 17.74 -10.57
C GLY M 94 -29.57 16.60 -9.58
N MET M 95 -29.41 16.89 -8.29
CA MET M 95 -29.22 15.82 -7.33
C MET M 95 -29.38 16.36 -5.92
N ALA M 96 -30.16 15.67 -5.11
CA ALA M 96 -30.14 15.82 -3.67
C ALA M 96 -30.24 14.45 -3.05
N ALA M 97 -30.00 14.38 -1.75
CA ALA M 97 -29.84 13.11 -1.08
C ALA M 97 -30.25 13.28 0.38
N ALA M 98 -29.82 12.34 1.22
CA ALA M 98 -30.29 12.12 2.60
C ALA M 98 -30.39 13.47 3.31
N MET M 99 -29.30 14.19 3.50
CA MET M 99 -29.39 15.53 4.03
C MET M 99 -29.67 16.54 2.94
N GLY M 100 -29.38 16.20 1.68
CA GLY M 100 -29.67 17.11 0.61
C GLY M 100 -31.15 17.43 0.49
N SER M 101 -31.96 16.42 0.16
CA SER M 101 -33.39 16.63 0.00
C SER M 101 -34.04 17.10 1.29
N PHE M 102 -33.42 16.81 2.42
CA PHE M 102 -33.94 17.31 3.67
C PHE M 102 -33.98 18.82 3.68
N LEU M 103 -32.87 19.44 3.27
CA LEU M 103 -32.80 20.89 3.25
C LEU M 103 -33.80 21.48 2.29
N LEU M 104 -33.84 20.94 1.08
CA LEU M 104 -34.78 21.40 0.07
C LEU M 104 -36.20 21.32 0.59
N THR M 105 -36.54 20.22 1.27
CA THR M 105 -37.85 20.13 1.89
C THR M 105 -38.00 21.15 3.00
N ALA M 106 -36.96 21.34 3.79
CA ALA M 106 -37.03 22.24 4.93
C ALA M 106 -37.02 23.70 4.53
N GLY M 107 -36.82 24.01 3.25
CA GLY M 107 -36.94 25.38 2.81
C GLY M 107 -38.27 26.00 3.17
N ALA M 108 -38.31 27.32 3.11
CA ALA M 108 -39.51 28.05 3.49
C ALA M 108 -40.65 27.69 2.57
N ASN M 109 -41.84 27.65 3.15
CA ASN M 109 -43.01 27.10 2.46
C ASN M 109 -43.43 27.99 1.30
N GLY M 110 -43.75 27.37 0.17
CA GLY M 110 -43.94 28.08 -1.07
C GLY M 110 -42.68 28.61 -1.70
N LYS M 111 -41.52 28.32 -1.11
CA LYS M 111 -40.25 28.93 -1.49
C LYS M 111 -39.15 27.90 -1.72
N ARG M 112 -39.49 26.62 -1.85
CA ARG M 112 -38.54 25.58 -2.17
C ARG M 112 -38.87 25.04 -3.54
N PHE M 113 -37.85 24.93 -4.39
CA PHE M 113 -38.06 24.70 -5.81
C PHE M 113 -37.07 23.66 -6.31
N ALA M 114 -37.17 23.39 -7.60
CA ALA M 114 -36.34 22.38 -8.24
C ALA M 114 -36.54 22.48 -9.74
N LEU M 115 -35.93 21.54 -10.47
CA LEU M 115 -35.93 21.51 -11.91
C LEU M 115 -36.36 20.13 -12.40
N PRO M 116 -36.78 20.01 -13.66
CA PRO M 116 -37.46 18.78 -14.08
C PRO M 116 -36.56 17.56 -14.16
N ASN M 117 -35.38 17.69 -14.78
CA ASN M 117 -34.42 16.60 -14.82
C ASN M 117 -33.57 16.55 -13.56
N ALA M 118 -33.87 17.37 -12.57
CA ALA M 118 -33.26 17.19 -11.27
C ALA M 118 -33.66 15.83 -10.71
N GLU M 119 -32.84 15.33 -9.80
CA GLU M 119 -33.02 14.01 -9.21
C GLU M 119 -32.92 14.14 -7.71
N ILE M 120 -33.65 13.28 -7.01
CA ILE M 120 -33.82 13.39 -5.58
C ILE M 120 -33.88 12.00 -5.00
N MET M 121 -33.29 11.83 -3.83
CA MET M 121 -33.32 10.60 -3.07
C MET M 121 -33.68 10.95 -1.65
N ILE M 122 -34.44 10.08 -1.00
CA ILE M 122 -34.71 10.20 0.41
C ILE M 122 -34.72 8.82 1.02
N HIS M 123 -33.78 8.59 1.93
CA HIS M 123 -33.75 7.36 2.69
C HIS M 123 -33.54 7.72 4.14
N GLN M 124 -33.72 6.73 4.97
CA GLN M 124 -33.54 6.91 6.38
C GLN M 124 -32.07 7.22 6.65
N PRO M 125 -31.75 7.64 7.86
CA PRO M 125 -30.35 7.95 8.17
C PRO M 125 -29.45 6.75 8.03
N LEU M 126 -28.36 6.96 7.31
CA LEU M 126 -27.34 5.95 7.08
C LEU M 126 -26.20 6.17 8.05
N GLY M 127 -25.71 5.08 8.61
CA GLY M 127 -24.61 5.13 9.54
C GLY M 127 -24.22 3.75 10.02
N GLY M 128 -23.76 3.66 11.26
CA GLY M 128 -23.28 2.39 11.76
C GLY M 128 -22.81 2.50 13.18
N ALA M 129 -22.12 1.46 13.61
CA ALA M 129 -21.64 1.36 14.98
C ALA M 129 -20.68 0.20 15.11
N GLN M 130 -19.86 0.26 16.17
CA GLN M 130 -18.95 -0.81 16.50
C GLN M 130 -18.72 -0.81 18.00
N GLY M 131 -18.40 -1.99 18.51
CA GLY M 131 -18.05 -2.15 19.89
C GLY M 131 -19.00 -3.07 20.62
N GLN M 132 -19.01 -2.95 21.93
CA GLN M 132 -19.86 -3.80 22.75
C GLN M 132 -21.33 -3.46 22.50
N ALA M 133 -22.16 -4.48 22.64
CA ALA M 133 -23.55 -4.38 22.18
C ALA M 133 -24.31 -3.32 22.93
N THR M 134 -24.03 -3.16 24.22
CA THR M 134 -24.58 -2.04 24.96
C THR M 134 -24.17 -0.73 24.34
N GLU M 135 -22.94 -0.67 23.82
CA GLU M 135 -22.47 0.53 23.15
C GLU M 135 -23.00 0.60 21.72
N ILE M 136 -23.53 -0.51 21.22
CA ILE M 136 -24.28 -0.48 19.98
C ILE M 136 -25.71 -0.01 20.24
N GLU M 137 -26.26 -0.41 21.39
CA GLU M 137 -27.64 -0.06 21.73
C GLU M 137 -27.81 1.44 21.75
N ILE M 138 -26.87 2.16 22.37
CA ILE M 138 -26.97 3.60 22.47
C ILE M 138 -26.97 4.21 21.09
N ALA M 139 -26.05 3.77 20.24
CA ALA M 139 -25.99 4.29 18.88
C ALA M 139 -27.27 4.02 18.13
N ALA M 140 -27.83 2.82 18.27
CA ALA M 140 -29.10 2.52 17.62
C ALA M 140 -30.22 3.38 18.19
N ARG M 141 -30.15 3.68 19.48
CA ARG M 141 -31.12 4.60 20.06
C ARG M 141 -30.95 6.00 19.50
N HIS M 142 -29.71 6.48 19.46
CA HIS M 142 -29.45 7.83 18.99
C HIS M 142 -29.85 7.99 17.54
N ILE M 143 -29.34 7.10 16.69
CA ILE M 143 -29.63 7.15 15.26
C ILE M 143 -31.12 6.99 15.01
N LEU M 144 -31.83 6.28 15.89
CA LEU M 144 -33.28 6.21 15.79
C LEU M 144 -33.89 7.60 15.87
N LYS M 145 -33.46 8.38 16.85
CA LYS M 145 -34.02 9.72 17.01
C LYS M 145 -33.76 10.53 15.77
N ILE M 146 -32.60 10.31 15.15
CA ILE M 146 -32.29 10.97 13.89
C ILE M 146 -33.23 10.49 12.81
N LYS M 147 -33.66 9.24 12.90
CA LYS M 147 -34.55 8.71 11.88
C LYS M 147 -35.92 9.34 11.98
N GLU M 148 -36.49 9.38 13.18
CA GLU M 148 -37.85 9.89 13.29
C GLU M 148 -37.91 11.38 12.99
N ARG M 149 -36.93 12.13 13.48
CA ARG M 149 -36.92 13.57 13.27
C ARG M 149 -36.91 13.90 11.80
N MET M 150 -35.90 13.40 11.08
CA MET M 150 -35.84 13.56 9.63
C MET M 150 -37.14 13.15 8.96
N ASN M 151 -37.79 12.13 9.51
CA ASN M 151 -39.07 11.72 8.97
C ASN M 151 -40.18 12.69 9.36
N THR M 152 -40.19 13.15 10.62
CA THR M 152 -41.23 14.09 11.03
C THR M 152 -41.10 15.41 10.29
N ILE M 153 -39.87 15.89 10.16
CA ILE M 153 -39.65 17.12 9.41
C ILE M 153 -40.08 16.94 7.97
N MET M 154 -39.59 15.88 7.33
CA MET M 154 -40.06 15.53 5.99
C MET M 154 -41.58 15.41 5.94
N ALA M 155 -42.19 15.00 7.05
CA ALA M 155 -43.64 14.84 7.09
C ALA M 155 -44.33 16.18 7.25
N GLU M 156 -43.98 16.91 8.30
CA GLU M 156 -44.72 18.13 8.63
C GLU M 156 -44.45 19.24 7.62
N LYS M 157 -43.22 19.34 7.11
CA LYS M 157 -42.94 20.36 6.09
C LYS M 157 -43.74 20.09 4.84
N THR M 158 -43.69 18.85 4.36
CA THR M 158 -44.51 18.43 3.24
C THR M 158 -45.96 18.25 3.63
N GLY M 159 -46.26 18.15 4.92
CA GLY M 159 -47.61 17.90 5.36
C GLY M 159 -48.10 16.50 5.12
N GLN M 160 -47.25 15.62 4.61
CA GLN M 160 -47.63 14.23 4.50
C GLN M 160 -47.51 13.59 5.89
N PRO M 161 -48.12 12.43 6.09
CA PRO M 161 -48.03 11.82 7.41
C PRO M 161 -46.65 11.26 7.71
N TYR M 162 -46.28 11.34 8.99
CA TYR M 162 -45.05 10.72 9.48
C TYR M 162 -45.02 9.24 9.12
N GLU M 163 -46.17 8.58 9.21
CA GLU M 163 -46.24 7.14 8.96
C GLU M 163 -45.79 6.81 7.54
N VAL M 164 -46.00 7.74 6.62
CA VAL M 164 -45.67 7.47 5.23
C VAL M 164 -44.17 7.59 5.01
N ILE M 165 -43.60 8.69 5.46
CA ILE M 165 -42.20 8.98 5.18
C ILE M 165 -41.31 7.94 5.82
N ALA M 166 -41.67 7.48 7.01
CA ALA M 166 -40.93 6.41 7.65
C ALA M 166 -40.98 5.15 6.81
N ARG M 167 -42.04 4.98 6.01
CA ARG M 167 -42.14 3.83 5.14
C ARG M 167 -41.40 4.08 3.82
N ASP M 168 -41.45 5.31 3.32
CA ASP M 168 -40.87 5.59 2.02
C ASP M 168 -39.39 5.87 2.13
N THR M 169 -38.92 6.31 3.29
CA THR M 169 -37.51 6.35 3.60
C THR M 169 -36.97 5.03 4.12
N ASP M 170 -37.75 3.96 3.98
CA ASP M 170 -37.21 2.63 4.17
C ASP M 170 -36.09 2.35 3.17
N ARG M 171 -36.12 3.00 2.01
CA ARG M 171 -35.21 2.78 0.92
C ARG M 171 -34.82 4.10 0.31
N ASP M 172 -34.20 4.03 -0.86
CA ASP M 172 -33.84 5.21 -1.62
C ASP M 172 -34.95 5.59 -2.58
N ASN M 173 -35.93 6.35 -2.12
CA ASN M 173 -36.98 6.78 -3.02
C ASN M 173 -36.42 7.76 -4.02
N PHE M 174 -36.17 7.27 -5.22
CA PHE M 174 -35.59 8.08 -6.27
C PHE M 174 -36.66 8.68 -7.16
N MET M 175 -36.81 9.99 -7.09
CA MET M 175 -37.71 10.71 -7.96
C MET M 175 -36.96 11.82 -8.67
N THR M 176 -37.58 12.32 -9.72
CA THR M 176 -37.35 13.69 -10.12
C THR M 176 -38.25 14.57 -9.26
N ALA M 177 -38.34 15.84 -9.61
CA ALA M 177 -39.05 16.76 -8.74
C ALA M 177 -40.54 16.67 -8.91
N GLN M 178 -41.00 16.26 -10.11
CA GLN M 178 -42.41 16.33 -10.41
C GLN M 178 -43.22 15.42 -9.51
N GLU M 179 -42.82 14.16 -9.42
CA GLU M 179 -43.49 13.27 -8.49
C GLU M 179 -43.28 13.72 -7.07
N ALA M 180 -42.16 14.39 -6.81
CA ALA M 180 -41.85 14.84 -5.46
C ALA M 180 -42.74 16.01 -5.08
N LYS M 181 -43.02 16.89 -6.03
CA LYS M 181 -44.04 17.90 -5.85
C LYS M 181 -45.36 17.25 -5.49
N ASP M 182 -45.78 16.27 -6.28
CA ASP M 182 -47.00 15.54 -5.96
C ASP M 182 -46.83 14.75 -4.67
N TYR M 183 -45.63 14.28 -4.40
CA TYR M 183 -45.29 13.76 -3.09
C TYR M 183 -45.33 14.86 -2.04
N GLY M 184 -45.02 16.08 -2.44
CA GLY M 184 -45.10 17.22 -1.57
C GLY M 184 -43.78 17.67 -0.98
N LEU M 185 -42.66 17.11 -1.44
CA LEU M 185 -41.35 17.54 -0.96
C LEU M 185 -41.14 19.02 -1.17
N ILE M 186 -41.63 19.55 -2.29
CA ILE M 186 -41.33 20.90 -2.71
C ILE M 186 -42.62 21.55 -3.18
N ASP M 187 -42.47 22.78 -3.66
CA ASP M 187 -43.60 23.62 -3.99
C ASP M 187 -43.83 23.70 -5.48
N ASP M 188 -42.76 23.81 -6.27
CA ASP M 188 -42.90 24.07 -7.69
C ASP M 188 -41.59 23.79 -8.40
N ILE M 189 -41.66 23.87 -9.72
CA ILE M 189 -40.49 23.86 -10.59
C ILE M 189 -40.26 25.28 -11.09
N ILE M 190 -38.99 25.63 -11.31
CA ILE M 190 -38.63 26.99 -11.70
C ILE M 190 -37.71 27.01 -12.92
N ILE M 191 -37.85 26.01 -13.79
CA ILE M 191 -37.16 26.05 -15.07
C ILE M 191 -37.69 27.12 -16.00
N ASN M 192 -38.90 27.62 -15.75
CA ASN M 192 -39.73 28.16 -16.82
C ASN M 192 -39.10 29.39 -17.45
N LYS M 193 -39.03 29.36 -18.78
CA LYS M 193 -38.35 30.41 -19.53
C LYS M 193 -39.03 31.77 -19.34
N SER M 194 -40.33 31.77 -19.05
CA SER M 194 -41.02 32.91 -18.44
C SER M 194 -40.93 34.21 -19.23
N GLY M 195 -41.57 34.26 -20.41
CA GLY M 195 -42.07 35.53 -20.95
C GLY M 195 -41.08 36.50 -21.56
N LEU M 196 -40.85 37.62 -20.87
CA LEU M 196 -40.03 38.71 -21.38
C LEU M 196 -38.62 38.56 -20.82
N LYS M 197 -37.67 38.23 -21.70
CA LYS M 197 -36.38 37.71 -21.30
C LYS M 197 -35.38 38.81 -20.90
N GLY M 198 -35.85 40.03 -20.70
CA GLY M 198 -34.97 41.15 -20.39
C GLY M 198 -34.20 40.98 -19.09
N MET N 1 -8.63 22.05 -1.34
CA MET N 1 -9.74 21.99 -0.34
C MET N 1 -10.93 22.82 -0.83
N ASN N 2 -12.03 22.84 -0.09
CA ASN N 2 -13.18 23.66 -0.47
C ASN N 2 -12.80 25.14 -0.40
N LEU N 3 -12.99 25.84 -1.50
CA LEU N 3 -12.63 27.25 -1.57
C LEU N 3 -13.59 28.06 -0.73
N ILE N 4 -13.07 28.66 0.34
CA ILE N 4 -13.89 29.48 1.22
C ILE N 4 -14.07 30.83 0.54
N PRO N 5 -15.30 31.30 0.28
CA PRO N 5 -15.46 32.57 -0.43
C PRO N 5 -15.01 33.76 0.40
N THR N 6 -15.28 34.94 -0.14
CA THR N 6 -14.74 36.20 0.36
C THR N 6 -15.88 37.13 0.73
N VAL N 7 -15.79 37.73 1.91
CA VAL N 7 -16.79 38.66 2.40
C VAL N 7 -16.60 40.02 1.76
N ILE N 8 -17.47 40.32 0.80
CA ILE N 8 -17.43 41.58 0.06
C ILE N 8 -17.55 42.80 0.96
N GLU N 9 -18.15 42.64 2.14
CA GLU N 9 -18.74 43.75 2.88
C GLU N 9 -17.74 44.83 3.28
N GLN N 10 -16.45 44.52 3.35
CA GLN N 10 -15.52 45.51 3.86
C GLN N 10 -15.28 46.64 2.87
N THR N 11 -15.41 46.37 1.57
CA THR N 11 -15.24 47.44 0.59
C THR N 11 -16.41 48.41 0.62
N GLU N 15 -12.36 48.82 2.63
CA GLU N 15 -11.10 48.08 2.74
C GLU N 15 -11.26 46.74 2.04
N ARG N 16 -10.17 45.97 2.01
CA ARG N 16 -10.14 44.74 1.23
C ARG N 16 -11.05 43.70 1.86
N ALA N 17 -12.07 43.32 1.11
CA ALA N 17 -12.95 42.21 1.46
C ALA N 17 -12.15 40.97 1.79
N TYR N 18 -12.35 40.46 3.00
CA TYR N 18 -11.64 39.27 3.49
C TYR N 18 -12.61 38.08 3.50
N ASP N 19 -12.16 36.97 4.07
CA ASP N 19 -12.95 35.75 4.08
C ASP N 19 -13.96 35.73 5.22
N ILE N 20 -14.78 34.69 5.21
CA ILE N 20 -15.95 34.64 6.10
C ILE N 20 -15.51 34.42 7.53
N TYR N 21 -14.60 33.47 7.76
CA TYR N 21 -14.19 33.21 9.14
C TYR N 21 -13.47 34.42 9.72
N SER N 22 -12.83 35.22 8.87
CA SER N 22 -12.28 36.48 9.33
C SER N 22 -13.37 37.47 9.68
N ARG N 23 -14.49 37.44 8.97
CA ARG N 23 -15.60 38.31 9.31
C ARG N 23 -16.18 37.91 10.66
N LEU N 24 -16.46 36.62 10.81
CA LEU N 24 -16.93 36.10 12.08
C LEU N 24 -16.00 36.50 13.19
N LEU N 25 -14.71 36.48 12.92
CA LEU N 25 -13.76 36.93 13.90
C LEU N 25 -13.94 38.41 14.18
N LYS N 26 -14.22 39.18 13.14
CA LYS N 26 -14.37 40.62 13.31
C LYS N 26 -15.56 40.94 14.20
N ASP N 27 -16.58 40.10 14.17
CA ASP N 27 -17.77 40.28 14.98
C ASP N 27 -17.79 39.39 16.21
N ARG N 28 -16.61 38.94 16.65
CA ARG N 28 -16.43 38.19 17.89
C ARG N 28 -17.00 36.80 17.81
N ILE N 29 -16.96 36.20 16.63
CA ILE N 29 -17.40 34.82 16.45
C ILE N 29 -16.18 33.97 16.22
N ILE N 30 -16.17 32.79 16.84
CA ILE N 30 -15.20 31.75 16.58
C ILE N 30 -15.95 30.57 16.01
N MET N 31 -15.37 29.95 14.99
CA MET N 31 -15.97 28.80 14.33
C MET N 31 -15.07 27.61 14.60
N LEU N 32 -15.39 26.88 15.67
CA LEU N 32 -14.67 25.65 16.01
C LEU N 32 -15.20 24.52 15.15
N GLY N 33 -14.93 24.63 13.87
CA GLY N 33 -15.58 23.82 12.87
C GLY N 33 -14.82 22.58 12.48
N SER N 34 -14.33 21.85 13.46
CA SER N 34 -13.63 20.60 13.20
C SER N 34 -13.48 19.89 14.53
N ALA N 35 -12.62 18.87 14.53
CA ALA N 35 -12.25 18.22 15.75
C ALA N 35 -11.22 19.04 16.49
N ILE N 36 -11.07 18.77 17.78
CA ILE N 36 -10.11 19.50 18.59
C ILE N 36 -8.75 18.86 18.31
N ASP N 37 -8.08 19.36 17.28
CA ASP N 37 -6.73 18.99 16.94
C ASP N 37 -5.80 20.08 17.46
N ASP N 38 -4.49 19.83 17.39
CA ASP N 38 -3.56 20.77 17.99
C ASP N 38 -3.45 22.04 17.18
N ASN N 39 -3.13 21.92 15.88
CA ASN N 39 -2.95 23.09 15.04
C ASN N 39 -4.20 23.95 14.98
N VAL N 40 -5.37 23.33 15.12
CA VAL N 40 -6.59 24.09 15.28
C VAL N 40 -6.62 24.78 16.62
N ALA N 41 -6.43 24.01 17.69
CA ALA N 41 -6.61 24.50 19.05
C ALA N 41 -5.77 25.73 19.33
N ASN N 42 -4.62 25.85 18.67
CA ASN N 42 -3.77 27.01 18.90
C ASN N 42 -4.37 28.25 18.26
N SER N 43 -4.83 28.12 17.02
CA SER N 43 -5.51 29.22 16.36
C SER N 43 -6.69 29.69 17.18
N ILE N 44 -7.38 28.77 17.85
CA ILE N 44 -8.50 29.13 18.70
C ILE N 44 -8.00 29.96 19.87
N VAL N 45 -6.98 29.46 20.55
CA VAL N 45 -6.47 30.15 21.72
C VAL N 45 -5.89 31.49 21.30
N SER N 46 -5.31 31.54 20.11
CA SER N 46 -4.81 32.81 19.60
C SER N 46 -5.98 33.70 19.19
N GLN N 47 -6.97 33.11 18.49
CA GLN N 47 -8.20 33.83 18.20
C GLN N 47 -8.87 34.28 19.47
N LEU N 48 -8.82 33.43 20.49
CA LEU N 48 -9.53 33.71 21.72
C LEU N 48 -8.89 34.86 22.47
N LEU N 49 -7.57 34.94 22.41
CA LEU N 49 -6.86 35.92 23.21
C LEU N 49 -6.79 37.26 22.51
N PHE N 50 -6.79 37.25 21.18
CA PHE N 50 -6.86 38.49 20.45
C PHE N 50 -8.14 39.25 20.78
N LEU N 51 -9.27 38.56 20.74
CA LEU N 51 -10.55 39.17 21.06
C LEU N 51 -10.75 39.39 22.55
N ASP N 52 -9.76 39.05 23.38
CA ASP N 52 -9.75 39.54 24.76
C ASP N 52 -9.22 40.95 24.84
N ALA N 53 -8.35 41.34 23.91
CA ALA N 53 -7.72 42.65 23.99
C ALA N 53 -8.61 43.72 23.38
N GLN N 54 -9.22 43.41 22.22
CA GLN N 54 -10.07 44.40 21.56
C GLN N 54 -11.23 44.81 22.43
N ASP N 55 -11.82 43.88 23.17
CA ASP N 55 -12.90 44.20 24.08
C ASP N 55 -13.02 43.13 25.15
N PRO N 56 -12.36 43.30 26.31
CA PRO N 56 -12.55 42.33 27.39
C PRO N 56 -13.90 42.44 28.08
N GLU N 57 -14.81 43.28 27.58
CA GLU N 57 -16.22 43.26 28.01
C GLU N 57 -17.06 42.39 27.09
N LYS N 58 -17.08 42.74 25.80
CA LYS N 58 -17.96 42.07 24.85
C LYS N 58 -17.70 40.57 24.82
N ASP N 59 -18.77 39.81 24.62
CA ASP N 59 -18.65 38.37 24.61
C ASP N 59 -18.02 37.89 23.32
N ILE N 60 -17.66 36.62 23.31
CA ILE N 60 -17.26 35.91 22.10
C ILE N 60 -18.34 34.90 21.80
N PHE N 61 -18.61 34.71 20.52
CA PHE N 61 -19.68 33.85 20.07
C PHE N 61 -19.05 32.57 19.54
N LEU N 62 -18.84 31.63 20.47
CA LEU N 62 -18.21 30.37 20.15
C LEU N 62 -19.22 29.43 19.54
N TYR N 63 -19.05 29.14 18.25
CA TYR N 63 -19.93 28.25 17.52
C TYR N 63 -19.26 26.90 17.39
N ILE N 64 -19.76 25.94 18.16
CA ILE N 64 -19.17 24.62 18.26
C ILE N 64 -19.87 23.70 17.27
N ASN N 65 -19.09 23.13 16.35
CA ASN N 65 -19.49 21.98 15.55
C ASN N 65 -18.26 21.08 15.54
N SER N 66 -18.28 20.07 16.41
CA SER N 66 -17.10 19.27 16.69
C SER N 66 -17.48 17.82 16.91
N PRO N 67 -16.72 16.88 16.39
CA PRO N 67 -16.75 15.52 16.92
C PRO N 67 -15.87 15.34 18.15
N GLY N 68 -15.51 16.43 18.81
CA GLY N 68 -14.59 16.33 19.93
C GLY N 68 -13.20 16.00 19.42
N GLY N 69 -12.31 15.75 20.35
CA GLY N 69 -10.99 15.31 19.98
C GLY N 69 -10.06 15.32 21.17
N SER N 70 -8.87 15.88 20.95
CA SER N 70 -7.82 15.86 21.94
C SER N 70 -8.24 16.57 23.22
N ILE N 71 -8.43 15.79 24.27
CA ILE N 71 -8.91 16.34 25.53
C ILE N 71 -7.91 17.33 26.10
N SER N 72 -6.62 17.07 25.92
CA SER N 72 -5.62 17.95 26.49
C SER N 72 -5.61 19.30 25.80
N ALA N 73 -5.71 19.31 24.47
CA ALA N 73 -5.72 20.57 23.73
C ALA N 73 -6.88 21.46 24.16
N GLY N 74 -8.08 20.90 24.23
CA GLY N 74 -9.21 21.67 24.72
C GLY N 74 -9.02 22.14 26.13
N MET N 75 -8.35 21.34 26.96
CA MET N 75 -8.15 21.70 28.36
C MET N 75 -7.38 23.00 28.49
N ALA N 76 -6.50 23.27 27.53
CA ALA N 76 -5.95 24.62 27.42
C ALA N 76 -7.05 25.62 27.11
N ILE N 77 -7.84 25.34 26.07
CA ILE N 77 -8.89 26.25 25.63
C ILE N 77 -9.86 26.53 26.76
N TYR N 78 -10.19 25.50 27.52
CA TYR N 78 -11.07 25.67 28.67
C TYR N 78 -10.50 26.67 29.65
N ASP N 79 -9.26 26.44 30.07
CA ASP N 79 -8.66 27.25 31.13
C ASP N 79 -8.56 28.71 30.73
N THR N 80 -8.11 28.98 29.51
CA THR N 80 -8.02 30.36 29.07
C THR N 80 -9.38 31.02 29.01
N MET N 81 -10.42 30.26 28.68
CA MET N 81 -11.77 30.80 28.70
C MET N 81 -12.18 31.24 30.08
N ASN N 82 -11.65 30.60 31.11
CA ASN N 82 -11.84 31.08 32.47
C ASN N 82 -10.89 32.23 32.79
N PHE N 83 -9.73 32.25 32.14
CA PHE N 83 -8.77 33.33 32.36
C PHE N 83 -9.32 34.65 31.84
N VAL N 84 -9.66 34.69 30.55
CA VAL N 84 -10.06 35.95 29.95
C VAL N 84 -11.41 36.37 30.51
N LYS N 85 -11.77 37.62 30.20
CA LYS N 85 -12.91 38.28 30.82
C LYS N 85 -14.06 38.51 29.85
N ALA N 86 -13.99 37.97 28.64
CA ALA N 86 -15.15 37.97 27.77
C ALA N 86 -16.32 37.25 28.38
N ASP N 87 -16.06 36.18 29.14
CA ASP N 87 -17.12 35.32 29.66
C ASP N 87 -18.02 34.92 28.50
N VAL N 88 -17.47 34.13 27.57
CA VAL N 88 -18.00 34.03 26.23
C VAL N 88 -19.34 33.30 26.18
N GLN N 89 -19.98 33.37 25.03
CA GLN N 89 -21.11 32.52 24.72
C GLN N 89 -20.64 31.29 23.98
N THR N 90 -21.47 30.26 23.99
CA THR N 90 -21.17 29.00 23.35
C THR N 90 -22.45 28.47 22.74
N ILE N 91 -22.46 28.42 21.42
CA ILE N 91 -23.67 28.29 20.65
C ILE N 91 -23.61 26.92 19.99
N GLY N 92 -24.27 25.96 20.60
CA GLY N 92 -24.25 24.61 20.11
C GLY N 92 -24.95 24.45 18.79
N MET N 93 -24.26 23.87 17.83
CA MET N 93 -24.79 23.66 16.50
C MET N 93 -24.27 22.34 15.94
N GLY N 94 -25.14 21.66 15.20
CA GLY N 94 -24.72 20.47 14.49
C GLY N 94 -24.49 19.31 15.42
N MET N 95 -23.39 19.40 16.17
CA MET N 95 -23.18 18.51 17.29
C MET N 95 -21.98 18.98 18.09
N ALA N 96 -21.88 18.43 19.29
CA ALA N 96 -20.68 18.50 20.09
C ALA N 96 -20.44 17.12 20.66
N ALA N 97 -19.25 16.92 21.21
CA ALA N 97 -18.88 15.60 21.69
C ALA N 97 -17.81 15.71 22.77
N ALA N 98 -17.19 14.57 23.09
CA ALA N 98 -16.53 14.22 24.36
C ALA N 98 -15.85 15.45 24.96
N MET N 99 -15.01 16.16 24.21
CA MET N 99 -14.49 17.44 24.67
C MET N 99 -15.23 18.58 24.00
N GLY N 100 -15.75 18.36 22.80
CA GLY N 100 -16.49 19.39 22.10
C GLY N 100 -17.63 19.94 22.92
N SER N 101 -18.29 19.09 23.70
CA SER N 101 -19.39 19.55 24.53
C SER N 101 -18.89 20.18 25.80
N PHE N 102 -17.76 19.71 26.31
CA PHE N 102 -17.26 20.21 27.57
C PHE N 102 -16.96 21.69 27.50
N LEU N 103 -16.49 22.16 26.34
CA LEU N 103 -16.27 23.60 26.18
C LEU N 103 -17.58 24.33 26.11
N LEU N 104 -18.55 23.75 25.41
CA LEU N 104 -19.88 24.31 25.37
C LEU N 104 -20.44 24.49 26.77
N THR N 105 -20.20 23.51 27.63
CA THR N 105 -20.60 23.65 29.02
C THR N 105 -19.75 24.66 29.76
N ALA N 106 -18.51 24.82 29.34
CA ALA N 106 -17.61 25.78 29.95
C ALA N 106 -17.81 27.18 29.44
N GLY N 107 -18.72 27.39 28.50
CA GLY N 107 -19.18 28.72 28.25
C GLY N 107 -19.66 29.39 29.53
N ALA N 108 -19.46 30.70 29.58
CA ALA N 108 -19.73 31.42 30.81
C ALA N 108 -21.17 31.25 31.24
N ASN N 109 -21.36 31.06 32.53
CA ASN N 109 -22.64 30.59 33.06
C ASN N 109 -23.75 31.57 32.74
N GLY N 110 -24.79 31.07 32.11
CA GLY N 110 -25.88 31.88 31.64
C GLY N 110 -25.75 32.34 30.20
N LYS N 111 -24.77 31.81 29.46
CA LYS N 111 -24.56 32.19 28.06
C LYS N 111 -24.44 31.00 27.13
N ARG N 112 -24.47 29.79 27.65
CA ARG N 112 -24.32 28.60 26.86
C ARG N 112 -25.67 28.26 26.27
N PHE N 113 -25.75 28.26 24.94
CA PHE N 113 -26.98 27.94 24.24
C PHE N 113 -26.68 27.02 23.09
N ALA N 114 -27.74 26.54 22.45
CA ALA N 114 -27.58 25.51 21.45
C ALA N 114 -28.85 25.36 20.65
N LEU N 115 -28.67 25.11 19.37
CA LEU N 115 -29.79 24.85 18.50
C LEU N 115 -30.56 23.61 18.98
N PRO N 116 -31.84 23.50 18.63
CA PRO N 116 -32.66 22.48 19.28
C PRO N 116 -32.29 21.07 18.87
N ASN N 117 -32.14 20.84 17.57
CA ASN N 117 -31.87 19.52 17.05
C ASN N 117 -30.41 19.13 17.20
N ALA N 118 -29.58 19.98 17.78
CA ALA N 118 -28.17 19.63 17.94
C ALA N 118 -28.04 18.47 18.89
N GLU N 119 -26.98 17.70 18.70
CA GLU N 119 -26.76 16.44 19.40
C GLU N 119 -25.48 16.54 20.20
N ILE N 120 -25.55 16.12 21.45
CA ILE N 120 -24.47 16.30 22.40
C ILE N 120 -24.10 14.93 22.93
N MET N 121 -22.81 14.61 22.84
CA MET N 121 -22.27 13.30 23.20
C MET N 121 -21.34 13.50 24.39
N ILE N 122 -21.89 13.48 25.59
CA ILE N 122 -21.05 13.44 26.76
C ILE N 122 -20.41 12.06 26.81
N HIS N 123 -19.23 11.99 27.39
CA HIS N 123 -18.40 10.82 27.17
C HIS N 123 -17.25 10.83 28.16
N GLN N 124 -16.84 9.63 28.55
CA GLN N 124 -15.55 9.49 29.16
C GLN N 124 -14.49 9.84 28.13
N PRO N 125 -13.28 10.12 28.58
CA PRO N 125 -12.25 10.54 27.63
C PRO N 125 -11.90 9.45 26.64
N LEU N 126 -11.64 9.89 25.42
CA LEU N 126 -10.88 9.07 24.48
C LEU N 126 -9.61 8.63 25.18
N GLY N 127 -9.21 7.39 24.94
CA GLY N 127 -8.13 6.80 25.70
C GLY N 127 -7.28 5.89 24.85
N GLY N 128 -5.98 5.97 25.09
CA GLY N 128 -5.03 5.09 24.45
C GLY N 128 -3.78 5.02 25.28
N ALA N 129 -3.38 3.80 25.61
CA ALA N 129 -2.19 3.58 26.41
C ALA N 129 -1.58 2.24 26.07
N GLN N 130 -0.29 2.27 25.77
CA GLN N 130 0.48 1.10 25.42
C GLN N 130 1.75 1.11 26.26
N GLY N 131 2.56 0.09 26.08
CA GLY N 131 3.84 0.01 26.72
C GLY N 131 3.87 -1.10 27.74
N GLN N 132 4.85 -1.04 28.62
CA GLN N 132 4.93 -1.98 29.71
C GLN N 132 3.87 -1.69 30.75
N ALA N 133 3.62 -2.68 31.61
CA ALA N 133 2.46 -2.62 32.48
C ALA N 133 2.60 -1.50 33.49
N THR N 134 3.79 -1.34 34.05
CA THR N 134 3.99 -0.24 34.98
C THR N 134 3.85 1.10 34.27
N GLU N 135 4.15 1.14 32.97
CA GLU N 135 4.01 2.38 32.23
C GLU N 135 2.59 2.56 31.74
N ILE N 136 1.79 1.48 31.76
CA ILE N 136 0.36 1.62 31.52
C ILE N 136 -0.36 1.97 32.80
N GLU N 137 0.09 1.42 33.92
CA GLU N 137 -0.44 1.84 35.22
C GLU N 137 -0.22 3.33 35.42
N ILE N 138 0.86 3.85 34.86
CA ILE N 138 1.11 5.29 34.88
C ILE N 138 0.06 6.01 34.04
N ALA N 139 0.02 5.72 32.74
CA ALA N 139 -0.90 6.39 31.84
C ALA N 139 -2.34 6.16 32.25
N ALA N 140 -2.61 5.05 32.92
CA ALA N 140 -3.92 4.83 33.51
C ALA N 140 -4.28 5.96 34.44
N ARG N 141 -3.41 6.24 35.40
CA ARG N 141 -3.67 7.27 36.40
C ARG N 141 -3.85 8.63 35.75
N HIS N 142 -3.08 8.89 34.69
CA HIS N 142 -3.18 10.17 34.02
C HIS N 142 -4.54 10.34 33.36
N ILE N 143 -4.97 9.32 32.61
CA ILE N 143 -6.31 9.37 32.03
C ILE N 143 -7.35 9.35 33.13
N LEU N 144 -7.08 8.62 34.20
CA LEU N 144 -8.03 8.56 35.29
C LEU N 144 -8.08 9.90 36.01
N LYS N 145 -6.92 10.52 36.23
CA LYS N 145 -6.89 11.86 36.79
C LYS N 145 -7.57 12.85 35.84
N ILE N 146 -7.50 12.60 34.55
CA ILE N 146 -8.11 13.50 33.59
C ILE N 146 -9.62 13.39 33.67
N LYS N 147 -10.13 12.18 33.47
CA LYS N 147 -11.55 11.91 33.66
C LYS N 147 -12.01 12.36 35.04
N GLU N 148 -11.13 12.25 36.03
CA GLU N 148 -11.44 12.77 37.35
C GLU N 148 -11.67 14.27 37.30
N ARG N 149 -10.62 15.02 36.97
CA ARG N 149 -10.70 16.46 37.06
C ARG N 149 -11.66 17.02 36.01
N MET N 150 -11.79 16.33 34.89
CA MET N 150 -12.71 16.76 33.85
C MET N 150 -14.14 16.63 34.32
N ASN N 151 -14.57 15.40 34.63
CA ASN N 151 -15.95 15.17 35.03
C ASN N 151 -16.27 15.94 36.31
N THR N 152 -15.30 16.06 37.20
CA THR N 152 -15.48 16.86 38.39
C THR N 152 -15.83 18.29 38.04
N ILE N 153 -15.35 18.76 36.90
CA ILE N 153 -15.64 20.13 36.48
C ILE N 153 -16.97 20.18 35.74
N MET N 154 -17.20 19.19 34.88
CA MET N 154 -18.47 19.14 34.16
C MET N 154 -19.64 19.04 35.12
N ALA N 155 -19.40 18.48 36.31
CA ALA N 155 -20.38 18.51 37.38
C ALA N 155 -20.77 19.94 37.71
N GLU N 156 -19.79 20.84 37.70
CA GLU N 156 -20.00 22.18 38.18
C GLU N 156 -20.64 23.04 37.11
N LYS N 157 -20.12 22.97 35.89
CA LYS N 157 -20.60 23.82 34.82
C LYS N 157 -22.05 23.52 34.49
N THR N 158 -22.50 22.31 34.79
CA THR N 158 -23.93 22.00 34.81
C THR N 158 -24.51 22.13 36.20
N GLY N 159 -23.70 21.97 37.24
CA GLY N 159 -24.15 22.08 38.60
C GLY N 159 -24.86 20.82 39.06
N GLN N 160 -24.39 19.67 38.60
CA GLN N 160 -24.84 18.38 39.07
C GLN N 160 -23.83 17.82 40.05
N PRO N 161 -24.18 16.77 40.77
CA PRO N 161 -23.17 16.06 41.55
C PRO N 161 -22.17 15.36 40.66
N TYR N 162 -21.21 14.69 41.29
CA TYR N 162 -20.09 14.11 40.55
C TYR N 162 -20.41 12.70 40.06
N GLU N 163 -21.31 12.01 40.76
CA GLU N 163 -21.52 10.59 40.49
C GLU N 163 -22.63 10.39 39.48
N VAL N 164 -23.61 11.29 39.45
CA VAL N 164 -24.65 11.22 38.44
C VAL N 164 -24.04 11.37 37.06
N ILE N 165 -22.94 12.12 36.96
CA ILE N 165 -22.44 12.55 35.67
C ILE N 165 -21.39 11.59 35.16
N ALA N 166 -20.53 11.11 36.05
CA ALA N 166 -19.62 10.04 35.70
C ALA N 166 -20.40 8.81 35.27
N ARG N 167 -21.48 8.54 36.00
CA ARG N 167 -22.39 7.45 35.67
C ARG N 167 -22.87 7.55 34.23
N ASP N 168 -23.50 8.65 33.86
CA ASP N 168 -24.07 8.77 32.54
C ASP N 168 -23.02 8.96 31.46
N THR N 169 -21.78 9.27 31.82
CA THR N 169 -20.69 9.32 30.87
C THR N 169 -19.88 8.03 30.82
N ASP N 170 -20.26 7.03 31.61
CA ASP N 170 -19.57 5.74 31.55
C ASP N 170 -19.58 5.19 30.13
N ARG N 171 -20.65 5.44 29.40
CA ARG N 171 -20.69 5.31 27.96
C ARG N 171 -21.02 6.66 27.36
N ASP N 172 -20.82 6.76 26.05
CA ASP N 172 -21.32 7.92 25.33
C ASP N 172 -22.82 8.01 25.49
N ASN N 173 -23.27 9.18 25.93
CA ASN N 173 -24.70 9.43 26.12
C ASN N 173 -25.09 10.56 25.19
N PHE N 174 -26.10 10.30 24.36
CA PHE N 174 -26.48 11.20 23.29
C PHE N 174 -27.75 11.94 23.69
N MET N 175 -27.66 13.25 23.74
CA MET N 175 -28.73 14.09 24.22
C MET N 175 -28.89 15.29 23.30
N THR N 176 -30.14 15.67 23.07
CA THR N 176 -30.38 16.90 22.34
C THR N 176 -30.06 18.09 23.23
N ALA N 177 -30.26 19.28 22.67
CA ALA N 177 -30.06 20.48 23.45
C ALA N 177 -31.06 20.57 24.58
N GLN N 178 -32.32 20.24 24.30
CA GLN N 178 -33.38 20.39 25.28
C GLN N 178 -33.14 19.51 26.49
N GLU N 179 -32.94 18.22 26.24
CA GLU N 179 -32.66 17.30 27.32
C GLU N 179 -31.35 17.62 28.01
N ALA N 180 -30.40 18.19 27.25
CA ALA N 180 -29.15 18.62 27.85
C ALA N 180 -29.35 19.92 28.61
N LYS N 181 -30.23 20.78 28.09
CA LYS N 181 -30.61 21.97 28.82
C LYS N 181 -31.38 21.60 30.08
N ASP N 182 -32.14 20.52 30.01
CA ASP N 182 -32.81 20.01 31.20
C ASP N 182 -31.80 19.43 32.19
N TYR N 183 -30.79 18.74 31.67
CA TYR N 183 -29.67 18.32 32.50
C TYR N 183 -28.85 19.50 32.99
N GLY N 184 -29.00 20.66 32.35
CA GLY N 184 -28.31 21.85 32.76
C GLY N 184 -27.00 22.08 32.06
N LEU N 185 -26.74 21.38 30.96
CA LEU N 185 -25.51 21.57 30.23
C LEU N 185 -25.45 22.94 29.59
N ILE N 186 -26.61 23.48 29.22
CA ILE N 186 -26.69 24.81 28.65
C ILE N 186 -27.76 25.57 29.42
N ASP N 187 -28.04 26.78 28.94
CA ASP N 187 -28.99 27.66 29.60
C ASP N 187 -30.26 27.83 28.78
N ASP N 188 -30.18 27.71 27.46
CA ASP N 188 -31.38 27.84 26.66
C ASP N 188 -31.15 27.38 25.23
N ILE N 189 -32.26 27.03 24.59
CA ILE N 189 -32.29 26.83 23.14
C ILE N 189 -32.48 28.17 22.45
N ILE N 190 -31.94 28.26 21.23
CA ILE N 190 -32.28 29.34 20.31
C ILE N 190 -33.40 28.84 19.40
N ILE N 191 -34.29 29.74 19.04
CA ILE N 191 -35.52 29.40 18.33
C ILE N 191 -35.65 30.23 17.05
N ASN N 192 -35.55 31.54 17.19
CA ASN N 192 -35.63 32.43 16.04
C ASN N 192 -34.94 33.73 16.42
N LYS N 193 -34.86 34.65 15.46
CA LYS N 193 -33.87 35.73 15.55
C LYS N 193 -34.23 36.73 16.64
N SER N 194 -33.20 37.12 17.39
CA SER N 194 -33.19 38.38 18.09
C SER N 194 -33.59 39.52 17.15
N GLY N 195 -34.17 40.60 17.67
CA GLY N 195 -34.43 41.78 16.80
C GLY N 195 -35.90 42.19 16.83
N LEU N 196 -36.49 42.56 15.69
CA LEU N 196 -37.95 42.86 15.66
C LEU N 196 -38.43 43.22 14.25
N LYS N 197 -39.65 42.80 13.88
CA LYS N 197 -40.24 43.11 12.55
C LYS N 197 -39.42 42.46 11.42
N GLY N 198 -39.53 41.14 11.24
CA GLY N 198 -38.76 40.43 10.22
C GLY N 198 -37.55 39.72 10.82
#